data_6KEZ
#
_entry.id   6KEZ
#
_cell.length_a   92.813
_cell.length_b   204.734
_cell.length_c   157.036
_cell.angle_alpha   90.000
_cell.angle_beta   106.880
_cell.angle_gamma   90.000
#
_symmetry.space_group_name_H-M   'P 1 21 1'
#
loop_
_entity.id
_entity.type
_entity.pdbx_description
1 polymer 'Glyceraldehyde-3-phosphate dehydrogenase GAPA1'
2 polymer Phosphoribulokinase
3 polymer 'Calvin cycle protein CP12-2'
4 non-polymer NICOTINAMIDE-ADENINE-DINUCLEOTIDE
5 water water
#
loop_
_entity_poly.entity_id
_entity_poly.type
_entity_poly.pdbx_seq_one_letter_code
_entity_poly.pdbx_strand_id
1 'polypeptide(L)'
;SNAKLKVAINGFGRIGRNFLRCWHGRKDSPLDIIAINDTGGVKQASHLLKYDSTLGIFDADVKPSGETAISVDGKIIQVV
SNRNPSLLPWKELGIDIVIEGTGVFVDREGAGKHIEAGAKKVIITAPGKGDIPTYVVGVNADAYSHDEPIISNASCTTNC
LAPFVKVLDQKFGIIKGTMTTTHSYTGDQRLLDASHRDLRRARAAALNIVPTSTGAAKAVALVLPNLKGKLNGIALRVPT
PNVSVVDLVVQVSKKTFAEEVNAAFRDSAEKELKGILDVCDEPLVSVDFRCSDFSTTIDSSLTMVMGDDMVKVIAWYDNE
WGYSQRVVDLADIVANNWK
;
A,B,C,D,E,F,G,H
2 'polypeptide(L)'
;SNAAQETIVIGLAADSGCGKSTFMRRLTSVFGGAAKPPKGGNPDSNTLISDTTTVICLDDYHSLDRYGRKEQKVTALDPR
ANDFDLMYEQVKALKNGIAVEKPIYNHVTGLLDPPELIQPPKILVIEGLHPMFDERVRDLLDFSIYLDISNEVKFAWKIQ
RDMAERGHSLESIKASIEARKPDFDAFIDPQKQYADAVIEVLPTTLIPDDNEGKVLRVRLIMKEGVKYFSPVYLFDEGST
ISWIPCGRKLTCSYPGIKFNYEPDSYFDHEVSVLEMDGQFDRLDELIYVESHLSNLSTKFYGEVTQQMLKHADFPGSNNG
TGLFQTIVGLKIRDLYEQLIANKATARAEAKA
;
I,K,J,L
3 'polypeptide(L)' SNAAPEGGISDVVEKSIKEAQETCAGDPVSGECVAAWDEVEELSAAASHARDKKKADGSDPLEEYCKDNPETNECRTYDN M,N,O,P
#
loop_
_chem_comp.id
_chem_comp.type
_chem_comp.name
_chem_comp.formula
NAD non-polymer NICOTINAMIDE-ADENINE-DINUCLEOTIDE 'C21 H27 N7 O14 P2'
#
# COMPACT_ATOMS: atom_id res chain seq x y z
N LYS A 4 50.98 -6.25 -18.91
CA LYS A 4 52.25 -6.84 -18.49
C LYS A 4 52.46 -6.64 -16.99
N LEU A 5 51.41 -6.86 -16.22
CA LEU A 5 51.45 -6.58 -14.79
C LEU A 5 52.11 -7.71 -14.02
N LYS A 6 53.00 -7.35 -13.11
CA LYS A 6 53.68 -8.31 -12.24
C LYS A 6 52.80 -8.58 -11.04
N VAL A 7 52.17 -9.76 -11.01
CA VAL A 7 51.25 -10.14 -9.95
C VAL A 7 51.94 -11.12 -9.01
N ALA A 8 51.67 -10.99 -7.72
CA ALA A 8 52.21 -11.88 -6.71
C ALA A 8 51.09 -12.68 -6.04
N ILE A 9 51.48 -13.78 -5.40
CA ILE A 9 50.57 -14.65 -4.67
C ILE A 9 51.14 -14.81 -3.27
N ASN A 10 50.42 -14.30 -2.27
CA ASN A 10 50.89 -14.40 -0.89
C ASN A 10 50.40 -15.64 -0.18
N GLY A 11 49.23 -16.16 -0.54
CA GLY A 11 48.75 -17.38 0.07
C GLY A 11 48.69 -18.54 -0.90
N PHE A 12 49.62 -19.50 -0.76
CA PHE A 12 49.65 -20.66 -1.65
C PHE A 12 48.91 -21.84 -1.01
N GLY A 13 47.65 -21.60 -0.71
CA GLY A 13 46.75 -22.59 -0.17
C GLY A 13 45.93 -23.25 -1.26
N ARG A 14 44.66 -23.51 -0.95
CA ARG A 14 43.77 -24.12 -1.94
C ARG A 14 43.44 -23.14 -3.07
N ILE A 15 43.14 -21.88 -2.71
CA ILE A 15 42.78 -20.91 -3.73
C ILE A 15 44.00 -20.41 -4.48
N GLY A 16 45.12 -20.23 -3.77
CA GLY A 16 46.33 -19.75 -4.43
C GLY A 16 46.82 -20.67 -5.52
N ARG A 17 46.75 -21.98 -5.29
CA ARG A 17 47.18 -22.93 -6.31
C ARG A 17 46.21 -22.98 -7.48
N ASN A 18 44.90 -22.84 -7.19
CA ASN A 18 43.93 -22.77 -8.28
C ASN A 18 44.12 -21.50 -9.10
N PHE A 19 44.46 -20.39 -8.43
CA PHE A 19 44.74 -19.15 -9.15
C PHE A 19 45.90 -19.33 -10.13
N LEU A 20 46.91 -20.09 -9.73
CA LEU A 20 48.00 -20.40 -10.65
C LEU A 20 47.52 -21.31 -11.78
N ARG A 21 46.68 -22.29 -11.45
CA ARG A 21 46.13 -23.16 -12.50
C ARG A 21 45.16 -22.40 -13.39
N CYS A 22 44.41 -21.45 -12.85
CA CYS A 22 43.47 -20.69 -13.66
C CYS A 22 44.19 -19.68 -14.54
N TRP A 23 45.21 -19.02 -14.00
CA TRP A 23 45.98 -18.07 -14.81
C TRP A 23 46.74 -18.78 -15.92
N HIS A 24 47.26 -19.97 -15.65
CA HIS A 24 48.01 -20.71 -16.66
C HIS A 24 47.12 -21.14 -17.82
N GLY A 25 45.92 -21.66 -17.50
CA GLY A 25 45.03 -22.12 -18.55
C GLY A 25 44.47 -21.00 -19.41
N ARG A 26 44.40 -19.79 -18.87
CA ARG A 26 43.88 -18.67 -19.64
C ARG A 26 44.86 -18.24 -20.72
N LYS A 27 44.32 -17.64 -21.78
CA LYS A 27 45.10 -17.05 -22.85
C LYS A 27 44.78 -15.57 -22.92
N ASP A 28 45.80 -14.76 -23.23
CA ASP A 28 45.69 -13.30 -23.31
C ASP A 28 45.23 -12.72 -21.96
N SER A 29 46.06 -12.93 -20.94
CA SER A 29 45.85 -12.37 -19.63
C SER A 29 46.97 -11.39 -19.31
N PRO A 30 46.66 -10.20 -18.81
CA PRO A 30 47.70 -9.21 -18.52
C PRO A 30 48.50 -9.47 -17.25
N LEU A 31 48.41 -10.67 -16.68
CA LEU A 31 49.06 -11.01 -15.43
C LEU A 31 50.26 -11.90 -15.69
N ASP A 32 51.38 -11.58 -15.05
CA ASP A 32 52.60 -12.39 -15.11
C ASP A 32 52.98 -12.73 -13.68
N ILE A 33 52.68 -13.96 -13.25
CA ILE A 33 52.96 -14.39 -11.88
C ILE A 33 54.46 -14.61 -11.72
N ILE A 34 55.08 -13.82 -10.84
CA ILE A 34 56.52 -13.90 -10.61
C ILE A 34 56.87 -14.13 -9.15
N ALA A 35 55.89 -14.24 -8.26
CA ALA A 35 56.18 -14.31 -6.84
C ALA A 35 55.16 -15.19 -6.11
N ILE A 36 55.65 -16.01 -5.19
CA ILE A 36 54.84 -16.91 -4.37
C ILE A 36 55.39 -16.87 -2.95
N ASN A 37 54.49 -16.90 -1.96
CA ASN A 37 54.87 -16.88 -0.54
C ASN A 37 54.20 -18.03 0.18
N ASP A 38 54.83 -19.20 0.20
CA ASP A 38 54.35 -20.33 0.98
C ASP A 38 55.28 -20.55 2.17
N THR A 39 54.68 -20.73 3.35
CA THR A 39 55.47 -21.02 4.54
C THR A 39 56.17 -22.38 4.47
N GLY A 40 55.69 -23.28 3.62
CA GLY A 40 56.31 -24.58 3.51
C GLY A 40 57.65 -24.56 2.79
N GLY A 41 57.79 -23.69 1.80
CA GLY A 41 59.02 -23.56 1.04
C GLY A 41 58.87 -24.05 -0.39
N VAL A 42 59.98 -23.98 -1.11
CA VAL A 42 59.99 -24.28 -2.54
C VAL A 42 59.68 -25.75 -2.79
N LYS A 43 60.15 -26.63 -1.92
CA LYS A 43 59.98 -28.07 -2.12
C LYS A 43 58.50 -28.46 -2.15
N GLN A 44 57.70 -27.91 -1.25
CA GLN A 44 56.28 -28.24 -1.20
C GLN A 44 55.52 -27.57 -2.33
N ALA A 45 55.74 -26.27 -2.54
CA ALA A 45 54.99 -25.52 -3.56
C ALA A 45 55.23 -26.09 -4.95
N SER A 46 56.39 -26.68 -5.19
CA SER A 46 56.62 -27.39 -6.44
C SER A 46 55.77 -28.65 -6.52
N HIS A 47 55.57 -29.33 -5.38
CA HIS A 47 54.92 -30.63 -5.38
C HIS A 47 53.39 -30.52 -5.41
N LEU A 48 52.83 -29.77 -4.46
CA LEU A 48 51.37 -29.68 -4.35
C LEU A 48 50.74 -28.96 -5.54
N LEU A 49 51.50 -28.13 -6.25
CA LEU A 49 50.99 -27.56 -7.49
C LEU A 49 50.97 -28.61 -8.60
N LYS A 50 51.97 -29.48 -8.63
CA LYS A 50 52.06 -30.49 -9.68
C LYS A 50 50.93 -31.51 -9.55
N TYR A 51 50.75 -32.06 -8.36
CA TYR A 51 49.72 -33.05 -8.11
C TYR A 51 48.70 -32.48 -7.14
N ASP A 52 47.41 -32.58 -7.50
CA ASP A 52 46.32 -32.16 -6.63
C ASP A 52 45.30 -33.28 -6.55
N SER A 53 44.68 -33.41 -5.37
CA SER A 53 43.74 -34.50 -5.15
C SER A 53 42.40 -34.26 -5.84
N THR A 54 41.94 -33.02 -5.85
CA THR A 54 40.63 -32.71 -6.40
C THR A 54 40.68 -32.27 -7.86
N LEU A 55 41.81 -31.75 -8.34
CA LEU A 55 41.94 -31.30 -9.71
C LEU A 55 42.78 -32.21 -10.60
N GLY A 56 43.55 -33.11 -10.02
CA GLY A 56 44.42 -33.97 -10.81
C GLY A 56 45.78 -33.35 -11.04
N ILE A 57 46.57 -34.05 -11.87
CA ILE A 57 47.93 -33.62 -12.15
C ILE A 57 47.91 -32.42 -13.08
N PHE A 58 48.76 -31.44 -12.77
CA PHE A 58 48.92 -30.27 -13.63
C PHE A 58 49.61 -30.69 -14.93
N ASP A 59 49.04 -30.30 -16.06
CA ASP A 59 49.59 -30.60 -17.38
C ASP A 59 50.68 -29.59 -17.74
N ALA A 60 51.74 -29.60 -16.95
CA ALA A 60 52.84 -28.66 -17.11
C ALA A 60 54.07 -29.20 -16.40
N ASP A 61 55.24 -28.97 -16.99
CA ASP A 61 56.51 -29.44 -16.41
C ASP A 61 56.85 -28.53 -15.22
N VAL A 62 56.26 -28.87 -14.08
CA VAL A 62 56.50 -28.13 -12.83
C VAL A 62 57.66 -28.80 -12.10
N LYS A 63 58.78 -28.09 -11.98
CA LYS A 63 59.96 -28.59 -11.32
C LYS A 63 60.67 -27.42 -10.66
N PRO A 64 61.37 -27.64 -9.55
CA PRO A 64 62.08 -26.53 -8.90
C PRO A 64 63.28 -26.08 -9.71
N SER A 65 63.64 -24.81 -9.50
CA SER A 65 64.82 -24.20 -10.13
C SER A 65 65.58 -23.46 -9.02
N GLY A 66 66.50 -24.16 -8.37
CA GLY A 66 67.18 -23.61 -7.22
C GLY A 66 66.31 -23.67 -5.98
N GLU A 67 66.87 -23.19 -4.87
CA GLU A 67 66.18 -23.17 -3.60
C GLU A 67 65.40 -21.89 -3.36
N THR A 68 65.22 -21.07 -4.40
CA THR A 68 64.48 -19.81 -4.30
C THR A 68 63.30 -19.74 -5.26
N ALA A 69 63.33 -20.44 -6.38
CA ALA A 69 62.31 -20.29 -7.40
C ALA A 69 61.90 -21.64 -7.96
N ILE A 70 60.72 -21.66 -8.61
CA ILE A 70 60.24 -22.82 -9.33
C ILE A 70 60.02 -22.43 -10.78
N SER A 71 59.99 -23.43 -11.65
CA SER A 71 59.80 -23.24 -13.09
C SER A 71 58.56 -23.99 -13.53
N VAL A 72 57.60 -23.28 -14.13
CA VAL A 72 56.45 -23.90 -14.77
C VAL A 72 56.53 -23.61 -16.26
N ASP A 73 56.52 -24.68 -17.07
CA ASP A 73 56.60 -24.65 -18.54
C ASP A 73 57.61 -23.63 -19.07
N GLY A 74 58.79 -23.56 -18.43
CA GLY A 74 59.81 -22.62 -18.79
C GLY A 74 59.77 -21.30 -18.05
N LYS A 75 58.63 -20.92 -17.49
CA LYS A 75 58.50 -19.66 -16.78
C LYS A 75 58.91 -19.82 -15.33
N ILE A 76 59.76 -18.90 -14.85
CA ILE A 76 60.31 -18.96 -13.50
C ILE A 76 59.44 -18.15 -12.57
N ILE A 77 59.05 -18.75 -11.44
CA ILE A 77 58.30 -18.06 -10.39
C ILE A 77 59.10 -18.19 -9.09
N GLN A 78 59.22 -17.07 -8.37
CA GLN A 78 60.03 -17.01 -7.16
C GLN A 78 59.24 -17.44 -5.93
N VAL A 79 59.88 -18.23 -5.07
CA VAL A 79 59.27 -18.72 -3.83
C VAL A 79 60.04 -18.12 -2.66
N VAL A 80 59.41 -17.22 -1.92
CA VAL A 80 59.97 -16.63 -0.72
C VAL A 80 59.08 -16.98 0.45
N SER A 81 59.66 -17.48 1.54
CA SER A 81 58.91 -17.94 2.69
C SER A 81 59.10 -16.93 3.83
N ASN A 82 58.03 -16.21 4.18
CA ASN A 82 58.09 -15.25 5.27
C ASN A 82 56.69 -15.05 5.82
N ARG A 83 56.52 -15.30 7.13
CA ARG A 83 55.20 -15.21 7.74
C ARG A 83 54.74 -13.76 7.85
N ASN A 84 55.63 -12.86 8.23
CA ASN A 84 55.30 -11.44 8.35
C ASN A 84 55.41 -10.78 6.98
N PRO A 85 54.31 -10.29 6.40
CA PRO A 85 54.37 -9.79 5.01
C PRO A 85 55.16 -8.50 4.83
N SER A 86 55.41 -7.75 5.91
CA SER A 86 56.11 -6.47 5.77
C SER A 86 57.56 -6.63 5.31
N LEU A 87 58.17 -7.78 5.57
CA LEU A 87 59.56 -8.03 5.24
C LEU A 87 59.74 -8.65 3.85
N LEU A 88 58.66 -8.77 3.07
CA LEU A 88 58.75 -9.39 1.77
C LEU A 88 59.40 -8.44 0.77
N PRO A 89 60.20 -8.95 -0.17
CA PRO A 89 60.83 -8.10 -1.19
C PRO A 89 59.92 -7.81 -2.37
N TRP A 90 58.75 -7.23 -2.07
CA TRP A 90 57.81 -6.88 -3.14
C TRP A 90 58.34 -5.73 -3.97
N LYS A 91 59.05 -4.80 -3.35
CA LYS A 91 59.61 -3.67 -4.10
C LYS A 91 60.79 -4.11 -4.96
N GLU A 92 61.58 -5.06 -4.47
CA GLU A 92 62.68 -5.60 -5.26
C GLU A 92 62.18 -6.26 -6.53
N LEU A 93 61.16 -7.12 -6.41
CA LEU A 93 60.55 -7.71 -7.59
C LEU A 93 59.73 -6.69 -8.37
N GLY A 94 59.22 -5.67 -7.68
CA GLY A 94 58.40 -4.68 -8.34
C GLY A 94 57.01 -5.15 -8.68
N ILE A 95 56.45 -6.07 -7.89
CA ILE A 95 55.14 -6.62 -8.18
C ILE A 95 54.07 -5.54 -8.08
N ASP A 96 53.09 -5.61 -8.97
CA ASP A 96 52.03 -4.61 -9.03
C ASP A 96 50.86 -4.98 -8.13
N ILE A 97 50.34 -6.20 -8.27
CA ILE A 97 49.20 -6.65 -7.47
C ILE A 97 49.64 -7.81 -6.58
N VAL A 98 48.99 -7.93 -5.43
CA VAL A 98 49.16 -9.08 -4.53
C VAL A 98 47.83 -9.79 -4.43
N ILE A 99 47.83 -11.09 -4.72
CA ILE A 99 46.66 -11.93 -4.50
C ILE A 99 46.79 -12.47 -3.08
N GLU A 100 46.14 -11.79 -2.14
CA GLU A 100 46.18 -12.19 -0.74
C GLU A 100 45.22 -13.37 -0.56
N GLY A 101 45.78 -14.59 -0.58
CA GLY A 101 45.01 -15.79 -0.36
C GLY A 101 45.29 -16.49 0.95
N THR A 102 45.95 -15.83 1.90
CA THR A 102 46.29 -16.47 3.15
C THR A 102 45.05 -16.70 4.01
N GLY A 103 44.23 -15.67 4.20
CA GLY A 103 43.00 -15.79 4.94
C GLY A 103 43.01 -15.20 6.33
N VAL A 104 44.09 -14.56 6.76
CA VAL A 104 44.13 -13.83 8.01
C VAL A 104 44.12 -12.33 7.79
N PHE A 105 44.87 -11.85 6.80
CA PHE A 105 45.00 -10.41 6.55
C PHE A 105 43.78 -9.92 5.78
N VAL A 106 42.64 -9.93 6.49
CA VAL A 106 41.37 -9.51 5.91
C VAL A 106 40.98 -8.11 6.36
N ASP A 107 41.82 -7.44 7.14
CA ASP A 107 41.58 -6.08 7.60
C ASP A 107 42.47 -5.11 6.84
N ARG A 108 42.14 -3.81 6.97
CA ARG A 108 42.91 -2.78 6.28
C ARG A 108 44.34 -2.69 6.82
N GLU A 109 44.51 -2.88 8.13
CA GLU A 109 45.83 -2.76 8.74
C GLU A 109 46.73 -3.92 8.33
N GLY A 110 46.17 -5.14 8.29
CA GLY A 110 46.98 -6.30 7.95
C GLY A 110 47.38 -6.34 6.48
N ALA A 111 46.41 -6.11 5.59
CA ALA A 111 46.70 -6.17 4.16
C ALA A 111 47.58 -5.02 3.71
N GLY A 112 47.56 -3.89 4.44
CA GLY A 112 48.41 -2.76 4.10
C GLY A 112 49.88 -3.02 4.30
N LYS A 113 50.24 -4.08 5.04
CA LYS A 113 51.64 -4.45 5.17
C LYS A 113 52.24 -4.87 3.83
N HIS A 114 51.41 -5.36 2.91
CA HIS A 114 51.85 -5.55 1.55
C HIS A 114 52.13 -4.21 0.86
N ILE A 115 51.28 -3.21 1.10
CA ILE A 115 51.48 -1.89 0.52
C ILE A 115 52.77 -1.28 1.07
N GLU A 116 53.08 -1.55 2.33
CA GLU A 116 54.35 -1.10 2.90
C GLU A 116 55.55 -1.79 2.27
N ALA A 117 55.35 -2.97 1.68
CA ALA A 117 56.43 -3.70 1.03
C ALA A 117 56.63 -3.30 -0.42
N GLY A 118 55.85 -2.35 -0.93
CA GLY A 118 55.98 -1.90 -2.28
C GLY A 118 54.94 -2.42 -3.25
N ALA A 119 53.83 -2.95 -2.76
CA ALA A 119 52.77 -3.44 -3.64
C ALA A 119 51.86 -2.30 -4.04
N LYS A 120 51.57 -2.19 -5.34
CA LYS A 120 50.67 -1.15 -5.81
C LYS A 120 49.22 -1.43 -5.42
N LYS A 121 48.83 -2.70 -5.34
CA LYS A 121 47.46 -3.06 -5.03
C LYS A 121 47.43 -4.44 -4.40
N VAL A 122 46.37 -4.72 -3.65
CA VAL A 122 46.16 -5.99 -2.98
C VAL A 122 44.72 -6.44 -3.20
N ILE A 123 44.55 -7.67 -3.63
CA ILE A 123 43.24 -8.30 -3.75
C ILE A 123 43.12 -9.34 -2.64
N ILE A 124 42.06 -9.22 -1.83
CA ILE A 124 41.81 -10.15 -0.74
C ILE A 124 40.79 -11.17 -1.22
N THR A 125 41.16 -12.46 -1.16
CA THR A 125 40.27 -13.52 -1.59
C THR A 125 39.14 -13.80 -0.61
N ALA A 126 39.21 -13.24 0.59
CA ALA A 126 38.17 -13.39 1.61
C ALA A 126 37.30 -12.13 1.65
N PRO A 127 36.07 -12.22 2.16
CA PRO A 127 35.25 -11.02 2.34
C PRO A 127 35.89 -10.09 3.36
N GLY A 128 36.19 -8.87 2.92
CA GLY A 128 37.02 -7.98 3.71
C GLY A 128 36.36 -7.54 5.00
N LYS A 129 37.14 -7.50 6.07
CA LYS A 129 36.67 -7.05 7.38
C LYS A 129 36.79 -5.53 7.47
N GLY A 130 35.72 -4.89 7.92
CA GLY A 130 35.70 -3.45 8.02
C GLY A 130 35.30 -2.78 6.73
N ASP A 131 35.64 -1.49 6.63
CA ASP A 131 35.28 -0.68 5.46
C ASP A 131 36.26 -0.92 4.31
N ILE A 132 36.26 -2.15 3.83
CA ILE A 132 37.06 -2.57 2.68
C ILE A 132 36.11 -2.72 1.50
N PRO A 133 36.36 -2.06 0.37
CA PRO A 133 35.43 -2.14 -0.77
C PRO A 133 35.36 -3.55 -1.34
N THR A 134 34.15 -4.10 -1.36
CA THR A 134 33.91 -5.46 -1.83
C THR A 134 33.32 -5.40 -3.24
N TYR A 135 34.04 -6.00 -4.19
CA TYR A 135 33.59 -6.08 -5.57
C TYR A 135 33.48 -7.54 -5.98
N VAL A 136 32.33 -7.92 -6.52
CA VAL A 136 32.10 -9.25 -7.06
C VAL A 136 31.95 -9.13 -8.57
N VAL A 137 32.55 -10.08 -9.30
CA VAL A 137 32.51 -10.03 -10.76
C VAL A 137 31.12 -10.44 -11.24
N GLY A 138 30.54 -9.62 -12.10
CA GLY A 138 29.23 -9.88 -12.65
C GLY A 138 28.11 -9.04 -12.07
N VAL A 139 28.35 -8.32 -10.97
CA VAL A 139 27.29 -7.53 -10.35
C VAL A 139 27.69 -6.06 -10.29
N ASN A 140 28.73 -5.73 -9.55
CA ASN A 140 29.18 -4.35 -9.43
C ASN A 140 30.61 -4.17 -9.96
N ALA A 141 30.96 -4.95 -10.98
CA ALA A 141 32.33 -4.96 -11.47
C ALA A 141 32.77 -3.59 -11.98
N ASP A 142 31.84 -2.85 -12.61
CA ASP A 142 32.18 -1.54 -13.15
C ASP A 142 32.28 -0.46 -12.08
N ALA A 143 31.87 -0.74 -10.84
CA ALA A 143 32.02 0.22 -9.76
C ALA A 143 33.48 0.40 -9.34
N TYR A 144 34.37 -0.48 -9.77
CA TYR A 144 35.77 -0.40 -9.37
C TYR A 144 36.45 0.80 -10.00
N SER A 145 37.22 1.53 -9.19
CA SER A 145 38.12 2.56 -9.67
C SER A 145 39.52 2.27 -9.14
N HIS A 146 40.54 2.77 -9.86
CA HIS A 146 41.92 2.51 -9.49
C HIS A 146 42.31 3.17 -8.17
N ASP A 147 41.50 4.11 -7.67
CA ASP A 147 41.87 4.88 -6.49
C ASP A 147 42.02 4.00 -5.25
N GLU A 148 41.22 2.95 -5.14
CA GLU A 148 41.26 2.11 -3.94
C GLU A 148 42.51 1.23 -3.96
N PRO A 149 43.31 1.24 -2.88
CA PRO A 149 44.51 0.40 -2.84
C PRO A 149 44.23 -1.05 -2.48
N ILE A 150 43.22 -1.27 -1.63
CA ILE A 150 42.87 -2.60 -1.15
C ILE A 150 41.42 -2.87 -1.53
N ILE A 151 41.19 -4.01 -2.19
CA ILE A 151 39.85 -4.44 -2.58
C ILE A 151 39.66 -5.88 -2.12
N SER A 152 38.41 -6.25 -1.90
CA SER A 152 38.05 -7.58 -1.46
C SER A 152 37.09 -8.22 -2.45
N ASN A 153 37.41 -9.42 -2.90
CA ASN A 153 36.46 -10.25 -3.63
C ASN A 153 35.76 -11.14 -2.61
N ALA A 154 34.43 -11.19 -2.70
CA ALA A 154 33.61 -11.71 -1.61
C ALA A 154 33.69 -13.25 -1.57
N SER A 155 32.82 -13.85 -0.77
CA SER A 155 32.85 -15.28 -0.52
C SER A 155 32.33 -16.06 -1.71
N CYS A 156 32.72 -17.34 -1.78
CA CYS A 156 32.25 -18.21 -2.85
C CYS A 156 30.73 -18.39 -2.79
N THR A 157 30.17 -18.41 -1.58
CA THR A 157 28.73 -18.34 -1.42
C THR A 157 28.18 -17.05 -2.02
N THR A 158 28.73 -15.90 -1.62
CA THR A 158 28.27 -14.61 -2.14
C THR A 158 28.54 -14.49 -3.64
N ASN A 159 29.69 -14.98 -4.09
CA ASN A 159 29.98 -14.97 -5.53
C ASN A 159 29.00 -15.82 -6.31
N CYS A 160 28.41 -16.82 -5.67
CA CYS A 160 27.32 -17.60 -6.26
C CYS A 160 25.96 -16.99 -5.95
N LEU A 161 25.80 -16.37 -4.79
CA LEU A 161 24.50 -15.85 -4.39
C LEU A 161 24.14 -14.56 -5.13
N ALA A 162 25.12 -13.65 -5.27
CA ALA A 162 24.84 -12.34 -5.85
C ALA A 162 24.33 -12.36 -7.29
N PRO A 163 24.85 -13.17 -8.23
CA PRO A 163 24.38 -13.04 -9.63
C PRO A 163 22.90 -13.37 -9.81
N PHE A 164 22.43 -14.52 -9.34
CA PHE A 164 21.04 -14.88 -9.55
C PHE A 164 20.10 -14.16 -8.60
N VAL A 165 20.61 -13.58 -7.50
CA VAL A 165 19.79 -12.67 -6.70
C VAL A 165 19.57 -11.36 -7.45
N LYS A 166 20.60 -10.88 -8.15
CA LYS A 166 20.45 -9.70 -9.00
C LYS A 166 19.37 -9.92 -10.05
N VAL A 167 19.28 -11.14 -10.59
CA VAL A 167 18.22 -11.45 -11.55
C VAL A 167 16.87 -11.50 -10.84
N LEU A 168 16.83 -12.04 -9.61
CA LEU A 168 15.57 -12.14 -8.89
C LEU A 168 15.07 -10.78 -8.42
N ASP A 169 15.98 -9.92 -7.94
CA ASP A 169 15.58 -8.63 -7.41
C ASP A 169 15.04 -7.72 -8.49
N GLN A 170 15.69 -7.72 -9.66
CA GLN A 170 15.33 -6.76 -10.71
C GLN A 170 14.07 -7.17 -11.45
N LYS A 171 14.02 -8.40 -11.96
CA LYS A 171 12.91 -8.82 -12.82
C LYS A 171 11.65 -9.14 -12.02
N PHE A 172 11.80 -9.60 -10.77
CA PHE A 172 10.67 -10.07 -9.98
C PHE A 172 10.35 -9.16 -8.81
N GLY A 173 11.37 -8.67 -8.10
CA GLY A 173 11.14 -7.80 -6.96
C GLY A 173 11.08 -8.59 -5.67
N ILE A 174 12.11 -8.47 -4.84
CA ILE A 174 12.27 -9.31 -3.66
C ILE A 174 11.96 -8.50 -2.41
N ILE A 175 11.36 -9.16 -1.42
CA ILE A 175 10.96 -8.52 -0.16
C ILE A 175 11.84 -8.99 1.00
N LYS A 176 11.97 -10.30 1.17
CA LYS A 176 12.77 -10.86 2.25
C LYS A 176 13.10 -12.31 1.90
N GLY A 177 14.30 -12.73 2.24
CA GLY A 177 14.77 -14.04 1.83
C GLY A 177 15.64 -14.70 2.88
N THR A 178 15.60 -16.03 2.89
CA THR A 178 16.42 -16.85 3.76
C THR A 178 17.24 -17.82 2.91
N MET A 179 18.49 -18.02 3.29
CA MET A 179 19.44 -18.78 2.50
C MET A 179 20.05 -19.90 3.33
N THR A 180 20.29 -21.04 2.68
CA THR A 180 21.06 -22.14 3.25
C THR A 180 22.05 -22.62 2.21
N THR A 181 23.30 -22.86 2.62
CA THR A 181 24.31 -23.36 1.71
C THR A 181 24.89 -24.66 2.26
N THR A 182 24.78 -25.72 1.48
CA THR A 182 25.41 -27.00 1.79
C THR A 182 26.81 -26.95 1.18
N HIS A 183 27.80 -26.66 2.02
CA HIS A 183 29.15 -26.39 1.53
C HIS A 183 30.05 -27.60 1.74
N SER A 184 31.04 -27.71 0.86
CA SER A 184 32.12 -28.66 1.04
C SER A 184 32.96 -28.28 2.26
N TYR A 185 33.63 -29.27 2.85
CA TYR A 185 34.50 -28.94 3.98
C TYR A 185 35.73 -28.20 3.49
N THR A 186 36.31 -27.40 4.38
CA THR A 186 37.42 -26.51 4.06
C THR A 186 38.56 -26.76 5.04
N GLY A 187 39.68 -26.06 4.81
CA GLY A 187 40.88 -26.28 5.60
C GLY A 187 40.76 -25.90 7.05
N ASP A 188 39.79 -25.05 7.39
CA ASP A 188 39.62 -24.62 8.78
C ASP A 188 39.21 -25.77 9.69
N GLN A 189 38.42 -26.71 9.18
CA GLN A 189 37.91 -27.79 10.02
C GLN A 189 39.02 -28.77 10.38
N ARG A 190 38.95 -29.31 11.59
CA ARG A 190 39.89 -30.33 12.01
C ARG A 190 39.52 -31.68 11.41
N LEU A 191 40.55 -32.47 11.12
CA LEU A 191 40.32 -33.80 10.55
C LEU A 191 39.75 -34.75 11.60
N LEU A 192 40.37 -34.79 12.77
CA LEU A 192 39.81 -35.48 13.93
C LEU A 192 39.52 -34.46 15.02
N ASP A 193 38.67 -34.86 15.96
CA ASP A 193 38.20 -33.95 17.00
C ASP A 193 39.36 -33.43 17.84
N ALA A 194 39.53 -32.11 17.81
CA ALA A 194 40.55 -31.45 18.62
C ALA A 194 40.10 -30.00 18.82
N SER A 195 40.86 -29.27 19.62
CA SER A 195 40.47 -27.92 20.01
C SER A 195 40.43 -26.98 18.82
N HIS A 196 39.43 -26.11 18.80
CA HIS A 196 39.25 -25.09 17.79
C HIS A 196 38.45 -23.95 18.40
N ARG A 197 38.57 -22.75 17.82
CA ARG A 197 37.84 -21.60 18.32
C ARG A 197 36.33 -21.84 18.27
N ASP A 198 35.84 -22.39 17.17
CA ASP A 198 34.45 -22.80 17.04
C ASP A 198 34.33 -24.26 17.42
N LEU A 199 33.42 -24.55 18.37
CA LEU A 199 33.22 -25.92 18.78
C LEU A 199 32.55 -26.75 17.69
N ARG A 200 31.74 -26.11 16.83
CA ARG A 200 31.12 -26.82 15.73
C ARG A 200 32.15 -27.23 14.68
N ARG A 201 33.07 -26.32 14.34
CA ARG A 201 34.13 -26.66 13.40
C ARG A 201 35.10 -27.68 13.98
N ALA A 202 35.23 -27.71 15.31
CA ALA A 202 36.22 -28.58 15.95
C ALA A 202 35.94 -30.06 15.71
N ARG A 203 34.69 -30.41 15.44
CA ARG A 203 34.34 -31.80 15.19
C ARG A 203 34.85 -32.25 13.82
N ALA A 204 35.01 -33.56 13.67
CA ALA A 204 35.64 -34.13 12.49
C ALA A 204 34.83 -33.82 11.23
N ALA A 205 35.50 -33.27 10.22
CA ALA A 205 34.82 -32.83 9.02
C ALA A 205 34.39 -34.01 8.14
N ALA A 206 35.16 -35.09 8.13
CA ALA A 206 34.90 -36.19 7.20
C ALA A 206 33.71 -37.03 7.60
N LEU A 207 33.31 -36.99 8.88
CA LEU A 207 32.29 -37.88 9.39
C LEU A 207 30.99 -37.19 9.75
N ASN A 208 30.92 -35.86 9.64
CA ASN A 208 29.85 -35.10 10.26
C ASN A 208 29.29 -34.04 9.32
N ILE A 209 28.02 -33.70 9.54
CA ILE A 209 27.42 -32.50 8.98
C ILE A 209 27.63 -31.38 9.98
N VAL A 210 28.52 -30.44 9.64
CA VAL A 210 28.92 -29.38 10.56
C VAL A 210 28.15 -28.11 10.16
N PRO A 211 27.20 -27.64 10.99
CA PRO A 211 26.66 -26.30 10.78
C PRO A 211 27.70 -25.26 11.13
N THR A 212 27.60 -24.10 10.49
CA THR A 212 28.57 -23.05 10.76
C THR A 212 27.93 -21.69 10.48
N SER A 213 28.59 -20.65 10.99
CA SER A 213 28.16 -19.28 10.79
C SER A 213 28.82 -18.71 9.54
N THR A 214 28.03 -18.10 8.67
CA THR A 214 28.54 -17.39 7.51
C THR A 214 27.85 -16.04 7.41
N GLY A 215 28.60 -15.05 6.92
CA GLY A 215 28.05 -13.73 6.72
C GLY A 215 27.69 -13.50 5.27
N ALA A 216 27.55 -14.60 4.52
CA ALA A 216 27.36 -14.53 3.08
C ALA A 216 26.11 -13.76 2.70
N ALA A 217 24.96 -14.15 3.26
CA ALA A 217 23.71 -13.47 2.93
C ALA A 217 23.72 -12.02 3.40
N LYS A 218 24.40 -11.73 4.52
CA LYS A 218 24.57 -10.34 4.93
C LYS A 218 25.56 -9.61 4.05
N ALA A 219 26.48 -10.34 3.41
CA ALA A 219 27.49 -9.72 2.55
C ALA A 219 26.95 -9.38 1.18
N VAL A 220 25.82 -9.97 0.77
CA VAL A 220 25.20 -9.59 -0.50
C VAL A 220 24.67 -8.16 -0.45
N ALA A 221 24.38 -7.65 0.75
CA ALA A 221 23.99 -6.25 0.90
C ALA A 221 25.07 -5.30 0.42
N LEU A 222 26.34 -5.71 0.53
CA LEU A 222 27.44 -4.84 0.10
C LEU A 222 27.45 -4.68 -1.42
N VAL A 223 27.16 -5.75 -2.16
CA VAL A 223 27.20 -5.68 -3.61
C VAL A 223 25.90 -5.17 -4.19
N LEU A 224 24.78 -5.37 -3.50
CA LEU A 224 23.49 -4.81 -3.89
C LEU A 224 22.92 -4.03 -2.72
N PRO A 225 22.89 -2.70 -2.78
CA PRO A 225 22.44 -1.91 -1.63
C PRO A 225 20.98 -2.10 -1.27
N ASN A 226 20.15 -2.60 -2.19
CA ASN A 226 18.73 -2.76 -1.92
C ASN A 226 18.47 -3.83 -0.86
N LEU A 227 19.31 -4.85 -0.80
CA LEU A 227 19.05 -6.04 0.01
C LEU A 227 19.52 -5.93 1.46
N LYS A 228 19.92 -4.74 1.91
CA LYS A 228 20.39 -4.58 3.27
C LYS A 228 19.27 -4.85 4.26
N GLY A 229 19.50 -5.81 5.16
CA GLY A 229 18.51 -6.19 6.14
C GLY A 229 17.43 -7.11 5.63
N LYS A 230 17.56 -7.63 4.41
CA LYS A 230 16.54 -8.49 3.82
C LYS A 230 16.92 -9.96 3.80
N LEU A 231 18.16 -10.32 4.10
CA LEU A 231 18.62 -11.69 3.97
C LEU A 231 19.47 -12.10 5.16
N ASN A 232 19.51 -13.41 5.40
CA ASN A 232 20.35 -14.01 6.42
C ASN A 232 20.43 -15.50 6.10
N GLY A 233 21.51 -16.14 6.56
CA GLY A 233 21.73 -17.52 6.14
C GLY A 233 22.65 -18.30 7.05
N ILE A 234 22.60 -19.62 6.89
CA ILE A 234 23.45 -20.56 7.60
C ILE A 234 24.17 -21.42 6.55
N ALA A 235 25.15 -22.19 7.01
CA ALA A 235 25.91 -23.08 6.15
C ALA A 235 26.00 -24.47 6.77
N LEU A 236 26.01 -25.48 5.89
CA LEU A 236 26.13 -26.88 6.27
C LEU A 236 27.36 -27.45 5.60
N ARG A 237 28.32 -27.92 6.40
CA ARG A 237 29.59 -28.42 5.89
C ARG A 237 29.51 -29.94 5.83
N VAL A 238 29.31 -30.46 4.62
CA VAL A 238 29.07 -31.89 4.39
C VAL A 238 30.38 -32.57 4.00
N PRO A 239 30.51 -33.89 4.21
CA PRO A 239 31.76 -34.58 3.84
C PRO A 239 31.96 -34.77 2.34
N THR A 240 31.91 -33.67 1.58
CA THR A 240 32.43 -33.64 0.22
C THR A 240 33.57 -32.63 0.18
N PRO A 241 34.63 -32.91 -0.58
CA PRO A 241 35.79 -32.01 -0.54
C PRO A 241 35.66 -30.72 -1.35
N ASN A 242 35.04 -30.76 -2.53
CA ASN A 242 35.19 -29.63 -3.44
C ASN A 242 33.91 -28.93 -3.85
N VAL A 243 32.83 -29.65 -4.13
CA VAL A 243 31.64 -29.03 -4.72
C VAL A 243 30.65 -28.66 -3.63
N SER A 244 30.16 -27.44 -3.67
CA SER A 244 29.21 -26.90 -2.71
C SER A 244 27.94 -26.46 -3.43
N VAL A 245 26.80 -26.62 -2.76
CA VAL A 245 25.51 -26.23 -3.31
C VAL A 245 24.81 -25.30 -2.33
N VAL A 246 24.15 -24.28 -2.85
CA VAL A 246 23.42 -23.31 -2.04
C VAL A 246 21.97 -23.29 -2.52
N ASP A 247 21.05 -23.24 -1.57
CA ASP A 247 19.63 -23.05 -1.86
C ASP A 247 19.15 -21.79 -1.14
N LEU A 248 18.37 -20.98 -1.85
CA LEU A 248 17.91 -19.70 -1.31
C LEU A 248 16.42 -19.57 -1.58
N VAL A 249 15.64 -19.37 -0.52
CA VAL A 249 14.19 -19.21 -0.62
C VAL A 249 13.86 -17.75 -0.29
N VAL A 250 13.15 -17.09 -1.20
CA VAL A 250 12.83 -15.67 -1.07
C VAL A 250 11.32 -15.48 -1.12
N GLN A 251 10.90 -14.27 -0.75
CA GLN A 251 9.52 -13.83 -0.88
C GLN A 251 9.51 -12.68 -1.89
N VAL A 252 9.05 -12.95 -3.11
CA VAL A 252 9.07 -11.95 -4.17
C VAL A 252 7.81 -11.09 -4.11
N SER A 253 7.82 -9.96 -4.82
CA SER A 253 6.66 -9.09 -4.91
C SER A 253 5.73 -9.44 -6.06
N LYS A 254 6.29 -9.94 -7.16
CA LYS A 254 5.51 -10.29 -8.35
C LYS A 254 5.11 -11.75 -8.28
N LYS A 255 3.81 -12.03 -8.27
CA LYS A 255 3.32 -13.39 -8.32
C LYS A 255 3.83 -14.09 -9.57
N THR A 256 4.47 -15.24 -9.38
CA THR A 256 5.03 -16.00 -10.49
C THR A 256 4.91 -17.50 -10.19
N PHE A 257 5.27 -18.30 -11.19
CA PHE A 257 5.34 -19.75 -11.05
C PHE A 257 6.78 -20.21 -11.27
N ALA A 258 6.98 -21.53 -11.25
CA ALA A 258 8.31 -22.09 -11.17
C ALA A 258 9.09 -21.91 -12.47
N GLU A 259 8.51 -22.34 -13.60
CA GLU A 259 9.21 -22.31 -14.87
C GLU A 259 9.48 -20.90 -15.35
N GLU A 260 8.70 -19.90 -14.89
CA GLU A 260 8.99 -18.52 -15.22
C GLU A 260 10.31 -18.07 -14.61
N VAL A 261 10.61 -18.56 -13.40
CA VAL A 261 11.89 -18.24 -12.77
C VAL A 261 13.04 -18.83 -13.56
N ASN A 262 12.86 -20.05 -14.09
CA ASN A 262 13.90 -20.68 -14.90
C ASN A 262 14.11 -19.94 -16.21
N ALA A 263 13.01 -19.58 -16.89
CA ALA A 263 13.12 -18.83 -18.13
C ALA A 263 13.75 -17.46 -17.92
N ALA A 264 13.57 -16.89 -16.73
CA ALA A 264 14.23 -15.62 -16.41
C ALA A 264 15.73 -15.79 -16.20
N PHE A 265 16.18 -17.00 -15.88
CA PHE A 265 17.60 -17.28 -15.71
C PHE A 265 18.27 -17.70 -17.01
N ARG A 266 17.51 -17.97 -18.07
CA ARG A 266 18.09 -18.33 -19.36
C ARG A 266 18.39 -17.10 -20.19
N ASP A 267 17.43 -16.18 -20.33
CA ASP A 267 17.71 -14.94 -21.04
C ASP A 267 18.71 -14.09 -20.29
N SER A 268 18.69 -14.14 -18.96
CA SER A 268 19.71 -13.44 -18.19
C SER A 268 21.09 -14.06 -18.39
N ALA A 269 21.14 -15.37 -18.62
CA ALA A 269 22.43 -16.03 -18.88
C ALA A 269 23.03 -15.54 -20.19
N GLU A 270 22.25 -15.57 -21.27
CA GLU A 270 22.81 -15.24 -22.59
C GLU A 270 23.06 -13.75 -22.75
N LYS A 271 22.29 -12.90 -22.07
CA LYS A 271 22.34 -11.46 -22.34
C LYS A 271 23.37 -10.72 -21.49
N GLU A 272 23.30 -10.87 -20.17
CA GLU A 272 24.08 -10.02 -19.27
C GLU A 272 25.02 -10.76 -18.34
N LEU A 273 24.92 -12.09 -18.23
CA LEU A 273 25.76 -12.84 -17.30
C LEU A 273 26.44 -14.02 -18.00
N LYS A 274 26.70 -13.89 -19.30
CA LYS A 274 27.32 -14.97 -20.06
C LYS A 274 28.73 -15.24 -19.56
N GLY A 275 28.95 -16.48 -19.09
CA GLY A 275 30.19 -16.84 -18.46
C GLY A 275 30.21 -16.69 -16.97
N ILE A 276 29.11 -16.23 -16.35
CA ILE A 276 29.05 -16.04 -14.91
C ILE A 276 27.94 -16.91 -14.32
N LEU A 277 26.89 -17.14 -15.10
CA LEU A 277 25.71 -17.85 -14.62
C LEU A 277 25.18 -18.78 -15.71
N ASP A 278 24.82 -19.99 -15.31
CA ASP A 278 24.34 -21.02 -16.23
C ASP A 278 23.19 -21.76 -15.56
N VAL A 279 22.43 -22.51 -16.38
CA VAL A 279 21.31 -23.31 -15.91
C VAL A 279 21.44 -24.71 -16.48
N CYS A 280 21.26 -25.72 -15.62
CA CYS A 280 21.40 -27.11 -16.02
C CYS A 280 20.04 -27.80 -15.91
N ASP A 281 19.64 -28.50 -16.98
CA ASP A 281 18.33 -29.11 -17.08
C ASP A 281 18.38 -30.63 -17.00
N GLU A 282 19.54 -31.20 -16.64
CA GLU A 282 19.73 -32.63 -16.57
C GLU A 282 19.95 -33.08 -15.12
N PRO A 283 19.58 -34.32 -14.77
CA PRO A 283 19.76 -34.77 -13.39
C PRO A 283 21.23 -34.97 -13.04
N LEU A 284 21.80 -34.03 -12.28
CA LEU A 284 23.22 -34.01 -12.00
C LEU A 284 23.45 -33.95 -10.50
N VAL A 285 24.67 -34.35 -10.10
CA VAL A 285 25.08 -34.35 -8.71
C VAL A 285 26.34 -33.50 -8.56
N SER A 286 26.90 -33.48 -7.34
CA SER A 286 27.97 -32.53 -7.02
C SER A 286 29.19 -32.72 -7.92
N VAL A 287 29.66 -33.97 -8.08
CA VAL A 287 30.89 -34.24 -8.80
C VAL A 287 30.82 -33.81 -10.26
N ASP A 288 29.62 -33.69 -10.83
CA ASP A 288 29.49 -33.27 -12.22
C ASP A 288 29.93 -31.82 -12.42
N PHE A 289 29.77 -30.97 -11.41
CA PHE A 289 30.06 -29.55 -11.54
C PHE A 289 31.52 -29.20 -11.22
N ARG A 290 32.41 -30.19 -11.22
CA ARG A 290 33.82 -29.92 -10.98
C ARG A 290 34.41 -29.11 -12.13
N CYS A 291 35.18 -28.09 -11.77
CA CYS A 291 35.90 -27.24 -12.73
C CYS A 291 34.95 -26.51 -13.66
N SER A 292 33.80 -26.09 -13.14
CA SER A 292 32.85 -25.29 -13.91
C SER A 292 33.16 -23.82 -13.66
N ASP A 293 33.54 -23.11 -14.72
CA ASP A 293 33.94 -21.71 -14.61
C ASP A 293 32.80 -20.80 -14.18
N PHE A 294 31.55 -21.21 -14.44
CA PHE A 294 30.39 -20.41 -14.03
C PHE A 294 30.34 -20.31 -12.52
N SER A 295 30.32 -19.07 -12.00
CA SER A 295 30.31 -18.86 -10.56
C SER A 295 29.03 -19.36 -9.91
N THR A 296 27.94 -19.47 -10.66
CA THR A 296 26.69 -20.03 -10.16
C THR A 296 26.01 -20.81 -11.27
N THR A 297 25.58 -22.03 -10.96
CA THR A 297 24.92 -22.90 -11.94
C THR A 297 23.60 -23.36 -11.34
N ILE A 298 22.49 -22.87 -11.88
CA ILE A 298 21.16 -23.18 -11.36
C ILE A 298 20.77 -24.58 -11.78
N ASP A 299 20.04 -25.28 -10.91
CA ASP A 299 19.47 -26.59 -11.20
C ASP A 299 18.01 -26.39 -11.59
N SER A 300 17.68 -26.64 -12.86
CA SER A 300 16.37 -26.31 -13.37
C SER A 300 15.27 -27.19 -12.79
N SER A 301 15.58 -28.45 -12.48
CA SER A 301 14.55 -29.38 -12.05
C SER A 301 14.03 -29.05 -10.65
N LEU A 302 14.90 -28.55 -9.78
CA LEU A 302 14.60 -28.52 -8.35
C LEU A 302 13.91 -27.25 -7.89
N THR A 303 13.94 -26.18 -8.68
CA THR A 303 13.30 -24.94 -8.27
C THR A 303 11.79 -25.10 -8.27
N MET A 304 11.15 -24.58 -7.23
CA MET A 304 9.71 -24.64 -7.07
C MET A 304 9.27 -23.46 -6.22
N VAL A 305 8.09 -22.95 -6.51
CA VAL A 305 7.52 -21.82 -5.79
C VAL A 305 6.28 -22.31 -5.05
N MET A 306 6.26 -22.12 -3.74
CA MET A 306 5.09 -22.43 -2.95
C MET A 306 4.28 -21.17 -2.74
N GLY A 307 2.96 -21.33 -2.65
CA GLY A 307 2.08 -20.18 -2.70
C GLY A 307 2.11 -19.60 -4.09
N ASP A 308 2.35 -18.30 -4.18
CA ASP A 308 2.60 -17.66 -5.47
C ASP A 308 3.75 -16.66 -5.44
N ASP A 309 4.26 -16.28 -4.27
CA ASP A 309 5.33 -15.30 -4.18
C ASP A 309 6.48 -15.74 -3.28
N MET A 310 6.55 -17.02 -2.92
CA MET A 310 7.67 -17.55 -2.14
C MET A 310 8.45 -18.52 -3.01
N VAL A 311 9.62 -18.08 -3.47
CA VAL A 311 10.39 -18.77 -4.50
C VAL A 311 11.61 -19.43 -3.87
N LYS A 312 11.75 -20.74 -4.07
CA LYS A 312 12.96 -21.47 -3.71
C LYS A 312 13.70 -21.85 -4.98
N VAL A 313 14.96 -21.43 -5.08
CA VAL A 313 15.83 -21.78 -6.20
C VAL A 313 17.16 -22.22 -5.63
N ILE A 314 17.65 -23.38 -6.08
CA ILE A 314 18.91 -23.93 -5.60
C ILE A 314 19.88 -23.99 -6.77
N ALA A 315 21.18 -23.87 -6.45
CA ALA A 315 22.20 -23.70 -7.48
C ALA A 315 23.50 -24.37 -7.05
N TRP A 316 24.19 -24.99 -8.00
CA TRP A 316 25.47 -25.61 -7.77
C TRP A 316 26.59 -24.64 -8.15
N TYR A 317 27.75 -24.81 -7.50
CA TYR A 317 28.91 -23.97 -7.79
C TYR A 317 30.15 -24.64 -7.24
N ASP A 318 31.28 -24.39 -7.90
CA ASP A 318 32.58 -24.86 -7.43
C ASP A 318 33.16 -23.82 -6.49
N ASN A 319 33.46 -24.22 -5.25
CA ASN A 319 33.90 -23.25 -4.25
C ASN A 319 35.33 -22.78 -4.52
N GLU A 320 36.22 -23.70 -4.89
CA GLU A 320 37.59 -23.32 -5.18
C GLU A 320 37.74 -22.80 -6.61
N TRP A 321 37.47 -23.67 -7.58
CA TRP A 321 37.78 -23.35 -8.98
C TRP A 321 36.87 -22.23 -9.50
N GLY A 322 35.56 -22.34 -9.26
CA GLY A 322 34.65 -21.32 -9.77
C GLY A 322 34.91 -19.96 -9.17
N TYR A 323 35.34 -19.91 -7.91
CA TYR A 323 35.68 -18.64 -7.28
C TYR A 323 37.08 -18.18 -7.65
N SER A 324 38.00 -19.12 -7.89
CA SER A 324 39.36 -18.73 -8.28
C SER A 324 39.36 -18.03 -9.62
N GLN A 325 38.51 -18.48 -10.54
CA GLN A 325 38.39 -17.82 -11.84
C GLN A 325 37.90 -16.38 -11.71
N ARG A 326 36.95 -16.15 -10.81
CA ARG A 326 36.43 -14.80 -10.60
C ARG A 326 37.50 -13.86 -10.07
N VAL A 327 38.43 -14.38 -9.26
CA VAL A 327 39.58 -13.59 -8.82
C VAL A 327 40.44 -13.20 -10.02
N VAL A 328 40.64 -14.15 -10.95
CA VAL A 328 41.39 -13.84 -12.16
C VAL A 328 40.66 -12.81 -13.00
N ASP A 329 39.33 -12.95 -13.12
CA ASP A 329 38.53 -11.96 -13.83
C ASP A 329 38.63 -10.59 -13.17
N LEU A 330 38.58 -10.55 -11.84
CA LEU A 330 38.68 -9.29 -11.11
C LEU A 330 40.06 -8.67 -11.30
N ALA A 331 41.12 -9.47 -11.23
CA ALA A 331 42.46 -8.95 -11.46
C ALA A 331 42.64 -8.50 -12.91
N ASP A 332 41.94 -9.12 -13.85
CA ASP A 332 41.93 -8.64 -15.22
C ASP A 332 41.30 -7.26 -15.31
N ILE A 333 40.21 -7.04 -14.57
CA ILE A 333 39.57 -5.73 -14.52
C ILE A 333 40.52 -4.70 -13.91
N VAL A 334 41.26 -5.10 -12.88
CA VAL A 334 42.25 -4.22 -12.28
C VAL A 334 43.35 -3.89 -13.29
N ALA A 335 43.84 -4.91 -14.01
CA ALA A 335 44.87 -4.67 -15.01
C ALA A 335 44.35 -3.86 -16.19
N ASN A 336 43.04 -3.92 -16.46
CA ASN A 336 42.48 -3.14 -17.56
C ASN A 336 42.47 -1.64 -17.23
N ASN A 337 42.24 -1.30 -15.97
CA ASN A 337 42.20 0.09 -15.52
C ASN A 337 43.44 0.32 -14.65
N TRP A 338 44.54 0.71 -15.29
CA TRP A 338 45.80 0.96 -14.59
C TRP A 338 46.21 2.41 -14.80
N LYS A 339 46.38 3.15 -13.70
CA LYS A 339 46.79 4.55 -13.67
C LYS A 339 45.82 5.47 -14.41
N LYS B 4 37.17 -50.63 -38.38
CA LYS B 4 37.28 -51.60 -39.47
C LYS B 4 36.72 -52.96 -39.03
N LEU B 5 36.81 -53.25 -37.74
CA LEU B 5 36.31 -54.49 -37.16
C LEU B 5 35.14 -54.15 -36.24
N LYS B 6 33.97 -54.69 -36.56
CA LYS B 6 32.75 -54.37 -35.81
C LYS B 6 32.81 -54.95 -34.41
N VAL B 7 32.49 -54.11 -33.42
CA VAL B 7 32.68 -54.42 -32.00
C VAL B 7 31.38 -54.15 -31.25
N ALA B 8 31.02 -55.05 -30.34
CA ALA B 8 29.88 -54.87 -29.46
C ALA B 8 30.31 -55.05 -28.01
N ILE B 9 29.60 -54.36 -27.11
CA ILE B 9 29.87 -54.42 -25.67
C ILE B 9 28.62 -54.92 -24.98
N ASN B 10 28.72 -56.04 -24.27
CA ASN B 10 27.62 -56.58 -23.49
C ASN B 10 27.85 -56.27 -22.02
N GLY B 11 26.98 -55.45 -21.44
CA GLY B 11 27.11 -55.04 -20.07
C GLY B 11 27.79 -53.69 -19.96
N PHE B 12 27.02 -52.65 -19.72
CA PHE B 12 27.56 -51.29 -19.65
C PHE B 12 27.85 -50.91 -18.21
N GLY B 13 28.68 -51.72 -17.56
CA GLY B 13 29.12 -51.46 -16.21
C GLY B 13 30.25 -50.47 -16.20
N ARG B 14 31.02 -50.48 -15.11
CA ARG B 14 32.14 -49.55 -14.97
C ARG B 14 33.27 -49.88 -15.94
N ILE B 15 33.48 -51.16 -16.23
CA ILE B 15 34.55 -51.53 -17.15
C ILE B 15 34.10 -51.37 -18.60
N GLY B 16 32.86 -51.76 -18.89
CA GLY B 16 32.33 -51.53 -20.23
C GLY B 16 32.23 -50.06 -20.58
N ARG B 17 31.98 -49.21 -19.58
CA ARG B 17 31.94 -47.77 -19.83
C ARG B 17 33.34 -47.21 -20.03
N ASN B 18 34.30 -47.64 -19.21
CA ASN B 18 35.69 -47.19 -19.38
C ASN B 18 36.27 -47.69 -20.70
N PHE B 19 35.85 -48.87 -21.16
CA PHE B 19 36.33 -49.38 -22.44
C PHE B 19 35.97 -48.44 -23.58
N LEU B 20 34.74 -47.90 -23.56
CA LEU B 20 34.33 -46.96 -24.60
C LEU B 20 35.15 -45.69 -24.54
N ARG B 21 35.40 -45.16 -23.34
CA ARG B 21 36.20 -43.95 -23.20
C ARG B 21 37.68 -44.20 -23.45
N CYS B 22 38.14 -45.44 -23.33
CA CYS B 22 39.51 -45.76 -23.69
C CYS B 22 39.66 -45.92 -25.20
N TRP B 23 38.68 -46.58 -25.85
CA TRP B 23 38.75 -46.77 -27.30
C TRP B 23 38.65 -45.45 -28.04
N HIS B 24 37.87 -44.51 -27.52
CA HIS B 24 37.78 -43.19 -28.13
C HIS B 24 39.09 -42.41 -28.02
N GLY B 25 39.96 -42.77 -27.07
CA GLY B 25 41.21 -42.06 -26.90
C GLY B 25 42.27 -42.43 -27.91
N ARG B 26 42.22 -43.64 -28.45
CA ARG B 26 43.25 -44.10 -29.37
C ARG B 26 43.17 -43.34 -30.69
N LYS B 27 44.34 -43.07 -31.28
CA LYS B 27 44.38 -42.33 -32.53
C LYS B 27 43.94 -43.20 -33.71
N ASP B 28 44.54 -44.38 -33.84
CA ASP B 28 44.25 -45.31 -34.94
C ASP B 28 44.05 -46.70 -34.33
N SER B 29 42.79 -47.11 -34.21
CA SER B 29 42.45 -48.42 -33.67
C SER B 29 41.75 -49.26 -34.73
N PRO B 30 41.97 -50.59 -34.73
CA PRO B 30 41.35 -51.43 -35.76
C PRO B 30 39.90 -51.78 -35.46
N LEU B 31 39.26 -51.06 -34.53
CA LEU B 31 37.93 -51.41 -34.06
C LEU B 31 36.97 -50.25 -34.29
N ASP B 32 35.70 -50.60 -34.54
CA ASP B 32 34.61 -49.64 -34.61
C ASP B 32 33.49 -50.16 -33.71
N ILE B 33 33.34 -49.56 -32.53
CA ILE B 33 32.30 -49.95 -31.58
C ILE B 33 30.95 -49.59 -32.19
N ILE B 34 30.17 -50.60 -32.57
CA ILE B 34 28.96 -50.39 -33.34
C ILE B 34 27.69 -50.76 -32.58
N ALA B 35 27.79 -51.40 -31.43
CA ALA B 35 26.61 -51.74 -30.64
C ALA B 35 27.00 -51.93 -29.19
N ILE B 36 26.07 -51.62 -28.28
CA ILE B 36 26.24 -51.89 -26.86
C ILE B 36 24.94 -52.50 -26.33
N ASN B 37 25.05 -53.29 -25.27
CA ASN B 37 23.90 -53.95 -24.66
C ASN B 37 23.99 -53.83 -23.16
N ASP B 38 22.87 -53.47 -22.52
CA ASP B 38 22.84 -53.33 -21.08
C ASP B 38 21.41 -53.53 -20.58
N THR B 39 21.29 -53.73 -19.27
CA THR B 39 20.00 -53.73 -18.58
C THR B 39 19.54 -52.30 -18.32
N GLY B 40 19.38 -51.55 -19.41
CA GLY B 40 19.05 -50.14 -19.31
C GLY B 40 18.68 -49.59 -20.66
N GLY B 41 18.17 -48.37 -20.64
CA GLY B 41 17.72 -47.70 -21.84
C GLY B 41 18.76 -46.74 -22.39
N VAL B 42 18.35 -46.01 -23.44
CA VAL B 42 19.17 -44.95 -23.98
C VAL B 42 19.35 -43.85 -22.95
N LYS B 43 18.32 -43.56 -22.17
CA LYS B 43 18.41 -42.53 -21.14
C LYS B 43 19.37 -42.92 -20.03
N GLN B 44 19.50 -44.22 -19.75
CA GLN B 44 20.47 -44.69 -18.77
C GLN B 44 21.88 -44.68 -19.35
N ALA B 45 22.03 -45.22 -20.57
CA ALA B 45 23.36 -45.40 -21.16
C ALA B 45 23.98 -44.07 -21.57
N SER B 46 23.17 -43.17 -22.14
CA SER B 46 23.70 -41.87 -22.57
C SER B 46 24.18 -41.04 -21.39
N HIS B 47 23.43 -41.03 -20.30
CA HIS B 47 23.75 -40.17 -19.17
C HIS B 47 24.93 -40.72 -18.35
N LEU B 48 24.99 -42.03 -18.17
CA LEU B 48 26.09 -42.63 -17.42
C LEU B 48 27.41 -42.50 -18.16
N LEU B 49 27.38 -42.53 -19.50
CA LEU B 49 28.61 -42.35 -20.27
C LEU B 49 29.09 -40.91 -20.23
N LYS B 50 28.18 -39.95 -20.33
CA LYS B 50 28.57 -38.55 -20.39
C LYS B 50 29.19 -38.09 -19.07
N TYR B 51 28.55 -38.41 -17.95
CA TYR B 51 29.00 -38.00 -16.63
C TYR B 51 29.39 -39.23 -15.82
N ASP B 52 30.61 -39.24 -15.32
CA ASP B 52 31.07 -40.32 -14.45
C ASP B 52 31.71 -39.71 -13.20
N SER B 53 31.42 -40.33 -12.05
CA SER B 53 31.89 -39.77 -10.78
C SER B 53 33.41 -39.82 -10.67
N THR B 54 34.01 -40.94 -11.04
CA THR B 54 35.47 -41.04 -10.94
C THR B 54 36.19 -40.47 -12.16
N LEU B 55 35.71 -40.78 -13.36
CA LEU B 55 36.42 -40.36 -14.56
C LEU B 55 36.20 -38.89 -14.90
N GLY B 56 35.04 -38.35 -14.60
CA GLY B 56 34.72 -37.00 -15.02
C GLY B 56 33.99 -36.97 -16.34
N ILE B 57 33.60 -35.75 -16.72
CA ILE B 57 32.74 -35.55 -17.89
C ILE B 57 33.46 -35.98 -19.15
N PHE B 58 32.77 -36.79 -19.96
CA PHE B 58 33.30 -37.27 -21.23
C PHE B 58 33.48 -36.10 -22.20
N ASP B 59 34.69 -35.95 -22.73
CA ASP B 59 34.97 -34.93 -23.74
C ASP B 59 34.53 -35.47 -25.09
N ALA B 60 33.22 -35.42 -25.32
CA ALA B 60 32.64 -35.85 -26.58
C ALA B 60 31.23 -35.28 -26.68
N ASP B 61 30.84 -34.96 -27.91
CA ASP B 61 29.45 -34.60 -28.19
C ASP B 61 28.61 -35.86 -28.03
N VAL B 62 27.91 -35.96 -26.90
CA VAL B 62 27.17 -37.17 -26.55
C VAL B 62 25.70 -36.79 -26.39
N LYS B 63 24.84 -37.44 -27.17
CA LYS B 63 23.39 -37.25 -27.07
C LYS B 63 22.72 -38.41 -27.78
N PRO B 64 21.53 -38.82 -27.34
CA PRO B 64 20.83 -39.92 -28.02
C PRO B 64 20.33 -39.48 -29.39
N SER B 65 20.70 -40.25 -30.42
CA SER B 65 20.23 -40.04 -31.78
C SER B 65 19.55 -41.31 -32.25
N GLY B 66 18.34 -41.17 -32.79
CA GLY B 66 17.52 -42.31 -33.12
C GLY B 66 16.70 -42.77 -31.92
N GLU B 67 15.75 -43.66 -32.19
CA GLU B 67 14.84 -44.10 -31.14
C GLU B 67 15.58 -44.89 -30.07
N THR B 68 16.41 -45.85 -30.48
CA THR B 68 17.29 -46.58 -29.56
C THR B 68 18.71 -46.58 -30.12
N ALA B 69 19.45 -45.50 -29.87
CA ALA B 69 20.86 -45.36 -30.25
C ALA B 69 21.37 -44.05 -29.67
N ILE B 70 22.68 -43.90 -29.63
CA ILE B 70 23.33 -42.69 -29.17
C ILE B 70 24.30 -42.20 -30.24
N SER B 71 24.70 -40.94 -30.10
CA SER B 71 25.63 -40.29 -31.04
C SER B 71 26.83 -39.79 -30.25
N VAL B 72 27.91 -40.56 -30.26
CA VAL B 72 29.15 -40.20 -29.59
C VAL B 72 30.09 -39.61 -30.65
N ASP B 73 30.22 -38.28 -30.62
CA ASP B 73 31.06 -37.54 -31.58
C ASP B 73 30.68 -37.84 -33.02
N GLY B 74 29.37 -37.99 -33.28
CA GLY B 74 28.87 -38.26 -34.61
C GLY B 74 28.78 -39.73 -34.99
N LYS B 75 29.27 -40.63 -34.13
CA LYS B 75 29.19 -42.07 -34.40
C LYS B 75 27.90 -42.63 -33.81
N ILE B 76 27.17 -43.41 -34.61
CA ILE B 76 25.90 -43.99 -34.19
C ILE B 76 26.17 -45.39 -33.63
N ILE B 77 25.66 -45.64 -32.43
CA ILE B 77 25.84 -46.92 -31.76
C ILE B 77 24.48 -47.43 -31.31
N GLN B 78 24.07 -48.57 -31.85
CA GLN B 78 22.83 -49.20 -31.43
C GLN B 78 22.93 -49.65 -29.98
N VAL B 79 21.88 -49.40 -29.21
CA VAL B 79 21.79 -49.85 -27.82
C VAL B 79 20.59 -50.78 -27.71
N VAL B 80 20.85 -52.05 -27.42
CA VAL B 80 19.80 -53.03 -27.22
C VAL B 80 19.72 -53.34 -25.73
N SER B 81 18.63 -53.99 -25.33
CA SER B 81 18.38 -54.30 -23.92
C SER B 81 17.74 -55.69 -23.83
N ASN B 82 18.59 -56.70 -23.61
CA ASN B 82 18.10 -58.05 -23.35
C ASN B 82 19.13 -58.77 -22.49
N ARG B 83 18.66 -59.43 -21.43
CA ARG B 83 19.57 -60.14 -20.54
C ARG B 83 20.05 -61.44 -21.17
N ASN B 84 19.18 -62.13 -21.91
CA ASN B 84 19.50 -63.41 -22.51
C ASN B 84 20.25 -63.22 -23.82
N PRO B 85 21.53 -63.61 -23.88
CA PRO B 85 22.33 -63.30 -25.09
C PRO B 85 21.89 -64.04 -26.33
N SER B 86 21.07 -65.10 -26.21
CA SER B 86 20.61 -65.81 -27.40
C SER B 86 19.68 -64.96 -28.25
N LEU B 87 18.93 -64.04 -27.63
CA LEU B 87 18.01 -63.17 -28.33
C LEU B 87 18.66 -61.87 -28.80
N LEU B 88 20.01 -61.86 -28.96
CA LEU B 88 20.70 -60.64 -29.32
C LEU B 88 20.90 -60.53 -30.83
N PRO B 89 20.95 -59.29 -31.36
CA PRO B 89 20.96 -59.11 -32.81
C PRO B 89 22.34 -59.17 -33.45
N TRP B 90 23.33 -59.77 -32.77
CA TRP B 90 24.69 -59.81 -33.31
C TRP B 90 24.78 -60.46 -34.68
N LYS B 91 23.80 -61.28 -35.06
CA LYS B 91 23.78 -61.83 -36.41
C LYS B 91 23.46 -60.74 -37.43
N GLU B 92 22.46 -59.92 -37.16
CA GLU B 92 22.02 -58.89 -38.11
C GLU B 92 23.07 -57.79 -38.25
N LEU B 93 23.76 -57.45 -37.18
CA LEU B 93 24.71 -56.34 -37.19
C LEU B 93 26.10 -56.72 -37.68
N GLY B 94 26.36 -58.01 -37.93
CA GLY B 94 27.67 -58.43 -38.37
C GLY B 94 28.73 -58.33 -37.29
N ILE B 95 28.35 -58.57 -36.04
CA ILE B 95 29.28 -58.42 -34.92
C ILE B 95 30.33 -59.52 -34.97
N ASP B 96 31.58 -59.13 -34.72
CA ASP B 96 32.72 -60.05 -34.70
C ASP B 96 33.26 -60.29 -33.30
N ILE B 97 33.58 -59.21 -32.56
CA ILE B 97 34.04 -59.31 -31.19
C ILE B 97 32.92 -58.86 -30.27
N VAL B 98 32.90 -59.44 -29.07
CA VAL B 98 31.95 -59.06 -28.03
C VAL B 98 32.71 -58.88 -26.73
N ILE B 99 32.47 -57.77 -26.05
CA ILE B 99 33.08 -57.47 -24.76
C ILE B 99 32.11 -57.87 -23.67
N GLU B 100 32.53 -58.80 -22.81
CA GLU B 100 31.66 -59.35 -21.77
C GLU B 100 31.91 -58.60 -20.46
N GLY B 101 31.35 -57.39 -20.38
CA GLY B 101 31.38 -56.60 -19.18
C GLY B 101 30.26 -56.89 -18.21
N THR B 102 29.48 -57.95 -18.45
CA THR B 102 28.35 -58.27 -17.59
C THR B 102 28.81 -58.72 -16.21
N GLY B 103 29.76 -59.65 -16.17
CA GLY B 103 30.17 -60.26 -14.93
C GLY B 103 29.36 -61.47 -14.52
N VAL B 104 28.37 -61.87 -15.32
CA VAL B 104 27.58 -63.06 -15.02
C VAL B 104 27.83 -64.18 -16.02
N PHE B 105 28.33 -63.88 -17.22
CA PHE B 105 28.67 -64.90 -18.21
C PHE B 105 30.19 -65.02 -18.25
N VAL B 106 30.75 -65.82 -17.34
CA VAL B 106 32.17 -66.08 -17.33
C VAL B 106 32.49 -67.53 -17.68
N ASP B 107 31.55 -68.45 -17.51
CA ASP B 107 31.76 -69.83 -17.93
C ASP B 107 31.67 -69.94 -19.44
N ARG B 108 32.01 -71.12 -19.96
CA ARG B 108 31.96 -71.33 -21.41
C ARG B 108 30.53 -71.34 -21.92
N GLU B 109 29.58 -71.84 -21.14
CA GLU B 109 28.19 -71.88 -21.58
C GLU B 109 27.58 -70.49 -21.62
N GLY B 110 27.82 -69.68 -20.59
CA GLY B 110 27.28 -68.34 -20.53
C GLY B 110 27.83 -67.41 -21.60
N ALA B 111 29.15 -67.26 -21.65
CA ALA B 111 29.76 -66.39 -22.65
C ALA B 111 29.61 -66.96 -24.05
N GLY B 112 29.56 -68.29 -24.18
CA GLY B 112 29.42 -68.93 -25.47
C GLY B 112 28.08 -68.73 -26.14
N LYS B 113 27.09 -68.19 -25.41
CA LYS B 113 25.81 -67.88 -26.04
C LYS B 113 25.90 -66.73 -27.02
N HIS B 114 26.96 -65.91 -26.94
CA HIS B 114 27.13 -64.83 -27.90
C HIS B 114 27.41 -65.36 -29.29
N ILE B 115 28.27 -66.39 -29.40
CA ILE B 115 28.59 -66.93 -30.71
C ILE B 115 27.39 -67.66 -31.32
N GLU B 116 26.43 -68.09 -30.50
CA GLU B 116 25.19 -68.62 -31.03
C GLU B 116 24.35 -67.51 -31.67
N ALA B 117 24.34 -66.32 -31.06
CA ALA B 117 23.56 -65.20 -31.56
C ALA B 117 24.16 -64.55 -32.80
N GLY B 118 25.34 -64.98 -33.23
CA GLY B 118 25.94 -64.42 -34.43
C GLY B 118 27.23 -63.67 -34.18
N ALA B 119 27.98 -64.09 -33.17
CA ALA B 119 29.28 -63.49 -32.87
C ALA B 119 30.39 -64.47 -33.23
N LYS B 120 31.56 -63.92 -33.54
CA LYS B 120 32.71 -64.74 -33.90
C LYS B 120 33.64 -65.00 -32.73
N LYS B 121 33.94 -63.98 -31.92
CA LYS B 121 34.75 -64.14 -30.72
C LYS B 121 34.17 -63.28 -29.60
N VAL B 122 34.42 -63.71 -28.36
CA VAL B 122 34.06 -62.91 -27.19
C VAL B 122 35.30 -62.75 -26.32
N ILE B 123 35.38 -61.63 -25.63
CA ILE B 123 36.45 -61.34 -24.69
C ILE B 123 35.82 -61.17 -23.32
N ILE B 124 36.14 -62.07 -22.40
CA ILE B 124 35.62 -61.99 -21.04
C ILE B 124 36.51 -61.03 -20.24
N THR B 125 35.87 -60.06 -19.59
CA THR B 125 36.58 -59.05 -18.81
C THR B 125 36.97 -59.54 -17.42
N ALA B 126 36.82 -60.83 -17.15
CA ALA B 126 36.98 -61.38 -15.81
C ALA B 126 37.71 -62.72 -15.89
N PRO B 127 38.16 -63.28 -14.78
CA PRO B 127 38.70 -64.65 -14.82
C PRO B 127 37.63 -65.63 -15.29
N GLY B 128 38.02 -66.49 -16.23
CA GLY B 128 37.09 -67.44 -16.82
C GLY B 128 37.06 -68.75 -16.06
N LYS B 129 35.86 -69.31 -15.93
CA LYS B 129 35.66 -70.59 -15.24
C LYS B 129 35.76 -71.73 -16.24
N GLY B 130 36.60 -72.71 -15.93
CA GLY B 130 36.80 -73.85 -16.80
C GLY B 130 38.04 -73.70 -17.67
N ASP B 131 38.02 -74.42 -18.80
CA ASP B 131 39.11 -74.38 -19.76
C ASP B 131 38.92 -73.17 -20.66
N ILE B 132 39.42 -72.02 -20.19
CA ILE B 132 39.35 -70.78 -20.96
C ILE B 132 40.75 -70.18 -21.04
N PRO B 133 41.25 -69.84 -22.22
CA PRO B 133 42.54 -69.15 -22.32
C PRO B 133 42.49 -67.78 -21.65
N THR B 134 43.46 -67.53 -20.77
CA THR B 134 43.58 -66.27 -20.05
C THR B 134 44.86 -65.59 -20.49
N TYR B 135 44.75 -64.36 -21.01
CA TYR B 135 45.88 -63.64 -21.57
C TYR B 135 46.00 -62.29 -20.90
N VAL B 136 47.17 -62.02 -20.32
CA VAL B 136 47.50 -60.71 -19.75
C VAL B 136 48.49 -60.05 -20.69
N VAL B 137 48.16 -58.85 -21.15
CA VAL B 137 49.00 -58.14 -22.11
C VAL B 137 50.33 -57.80 -21.47
N GLY B 138 51.42 -58.24 -22.10
CA GLY B 138 52.75 -58.01 -21.60
C GLY B 138 53.42 -59.22 -20.99
N VAL B 139 52.71 -60.34 -20.85
CA VAL B 139 53.32 -61.56 -20.33
C VAL B 139 53.16 -62.70 -21.34
N ASN B 140 51.92 -63.08 -21.63
CA ASN B 140 51.65 -64.22 -22.49
C ASN B 140 50.61 -63.92 -23.57
N ALA B 141 50.34 -62.63 -23.82
CA ALA B 141 49.37 -62.27 -24.85
C ALA B 141 49.85 -62.64 -26.25
N ASP B 142 51.15 -62.90 -26.42
CA ASP B 142 51.67 -63.32 -27.72
C ASP B 142 51.11 -64.69 -28.11
N ALA B 143 51.05 -65.63 -27.16
CA ALA B 143 50.63 -66.99 -27.45
C ALA B 143 49.09 -67.08 -27.51
N TYR B 144 48.54 -66.35 -28.47
CA TYR B 144 47.10 -66.35 -28.74
C TYR B 144 46.89 -66.83 -30.16
N SER B 145 46.09 -67.88 -30.32
CA SER B 145 45.75 -68.42 -31.63
C SER B 145 44.33 -68.03 -32.00
N HIS B 146 44.11 -67.71 -33.27
CA HIS B 146 42.80 -67.25 -33.73
C HIS B 146 41.72 -68.31 -33.58
N ASP B 147 42.09 -69.60 -33.56
CA ASP B 147 41.09 -70.66 -33.42
C ASP B 147 40.47 -70.70 -32.04
N GLU B 148 41.03 -69.98 -31.07
CA GLU B 148 40.45 -69.92 -29.73
C GLU B 148 39.16 -69.12 -29.75
N PRO B 149 38.00 -69.73 -29.50
CA PRO B 149 36.75 -68.96 -29.61
C PRO B 149 36.53 -68.01 -28.44
N ILE B 150 36.91 -68.41 -27.23
CA ILE B 150 36.66 -67.63 -26.02
C ILE B 150 38.00 -67.41 -25.33
N ILE B 151 38.31 -66.14 -25.04
CA ILE B 151 39.47 -65.77 -24.25
C ILE B 151 38.97 -64.93 -23.08
N SER B 152 39.82 -64.80 -22.07
CA SER B 152 39.45 -64.03 -20.88
C SER B 152 40.65 -63.20 -20.44
N ASN B 153 40.50 -61.88 -20.45
CA ASN B 153 41.43 -61.05 -19.70
C ASN B 153 41.24 -61.32 -18.21
N ALA B 154 42.34 -61.23 -17.47
CA ALA B 154 42.34 -61.63 -16.06
C ALA B 154 41.71 -60.59 -15.17
N SER B 155 41.91 -60.70 -13.86
CA SER B 155 41.39 -59.72 -12.93
C SER B 155 42.18 -58.42 -13.01
N CYS B 156 41.66 -57.38 -12.35
CA CYS B 156 42.41 -56.13 -12.25
C CYS B 156 43.69 -56.33 -11.46
N THR B 157 43.60 -57.03 -10.34
CA THR B 157 44.78 -57.32 -9.53
C THR B 157 45.78 -58.18 -10.30
N THR B 158 45.27 -59.15 -11.07
CA THR B 158 46.15 -60.05 -11.81
C THR B 158 46.92 -59.31 -12.90
N ASN B 159 46.21 -58.45 -13.66
CA ASN B 159 46.85 -57.71 -14.74
C ASN B 159 47.90 -56.73 -14.22
N CYS B 160 47.70 -56.21 -13.01
CA CYS B 160 48.75 -55.42 -12.38
C CYS B 160 49.90 -56.30 -11.91
N LEU B 161 49.58 -57.48 -11.38
CA LEU B 161 50.56 -58.33 -10.74
C LEU B 161 51.35 -59.20 -11.72
N ALA B 162 50.79 -59.47 -12.91
CA ALA B 162 51.46 -60.42 -13.80
C ALA B 162 52.78 -59.88 -14.36
N PRO B 163 52.87 -58.67 -14.93
CA PRO B 163 54.19 -58.16 -15.31
C PRO B 163 55.05 -57.83 -14.09
N PHE B 164 54.38 -57.52 -12.97
CA PHE B 164 55.08 -57.23 -11.71
C PHE B 164 55.95 -58.40 -11.28
N VAL B 165 55.42 -59.61 -11.34
CA VAL B 165 56.16 -60.79 -10.89
C VAL B 165 57.01 -61.40 -12.01
N LYS B 166 56.59 -61.24 -13.27
CA LYS B 166 57.28 -61.90 -14.38
C LYS B 166 58.75 -61.49 -14.45
N VAL B 167 59.03 -60.19 -14.35
CA VAL B 167 60.42 -59.76 -14.38
C VAL B 167 61.11 -60.12 -13.08
N LEU B 168 60.35 -60.25 -11.98
CA LEU B 168 60.96 -60.62 -10.72
C LEU B 168 61.47 -62.06 -10.75
N ASP B 169 60.73 -62.95 -11.41
CA ASP B 169 61.06 -64.38 -11.37
C ASP B 169 62.31 -64.71 -12.17
N GLN B 170 62.48 -64.10 -13.34
CA GLN B 170 63.57 -64.48 -14.22
C GLN B 170 64.92 -63.97 -13.69
N LYS B 171 64.94 -62.77 -13.12
CA LYS B 171 66.19 -62.21 -12.62
C LYS B 171 66.59 -62.85 -11.30
N PHE B 172 65.63 -63.02 -10.39
CA PHE B 172 65.87 -63.69 -9.12
C PHE B 172 64.83 -64.79 -8.97
N GLY B 173 65.28 -66.01 -8.72
CA GLY B 173 64.35 -67.12 -8.63
C GLY B 173 63.36 -66.91 -7.49
N ILE B 174 62.12 -67.30 -7.73
CA ILE B 174 61.04 -67.17 -6.77
C ILE B 174 60.69 -68.54 -6.22
N ILE B 175 60.72 -68.68 -4.90
CA ILE B 175 60.47 -69.96 -4.24
C ILE B 175 59.07 -69.95 -3.65
N LYS B 176 58.80 -69.00 -2.75
CA LYS B 176 57.51 -68.91 -2.08
C LYS B 176 57.24 -67.45 -1.78
N GLY B 177 56.05 -66.99 -2.15
CA GLY B 177 55.69 -65.60 -1.96
C GLY B 177 54.26 -65.45 -1.50
N THR B 178 54.01 -64.35 -0.80
CA THR B 178 52.67 -64.01 -0.36
C THR B 178 52.33 -62.62 -0.86
N MET B 179 51.03 -62.31 -0.85
CA MET B 179 50.54 -61.09 -1.47
C MET B 179 49.38 -60.53 -0.65
N THR B 180 49.31 -59.21 -0.58
CA THR B 180 48.15 -58.52 -0.03
C THR B 180 47.87 -57.33 -0.93
N THR B 181 46.63 -57.23 -1.41
CA THR B 181 46.22 -56.13 -2.28
C THR B 181 45.18 -55.29 -1.56
N THR B 182 45.54 -54.04 -1.28
CA THR B 182 44.61 -53.06 -0.73
C THR B 182 43.82 -52.50 -1.90
N HIS B 183 42.65 -53.08 -2.13
CA HIS B 183 41.83 -52.77 -3.30
C HIS B 183 40.79 -51.72 -2.97
N SER B 184 40.43 -50.92 -3.96
CA SER B 184 39.31 -50.00 -3.83
C SER B 184 38.00 -50.78 -3.89
N TYR B 185 36.95 -50.23 -3.29
CA TYR B 185 35.68 -50.96 -3.25
C TYR B 185 35.05 -51.01 -4.63
N THR B 186 34.37 -52.11 -4.90
CA THR B 186 33.74 -52.38 -6.19
C THR B 186 32.24 -52.51 -6.04
N GLY B 187 31.56 -52.73 -7.16
CA GLY B 187 30.11 -52.86 -7.17
C GLY B 187 29.57 -54.07 -6.44
N ASP B 188 30.42 -55.04 -6.10
CA ASP B 188 29.96 -56.22 -5.38
C ASP B 188 29.50 -55.88 -3.98
N GLN B 189 30.17 -54.92 -3.33
CA GLN B 189 29.91 -54.63 -1.93
C GLN B 189 28.61 -53.83 -1.78
N ARG B 190 28.22 -53.65 -0.52
CA ARG B 190 26.99 -52.97 -0.16
C ARG B 190 27.30 -51.57 0.36
N LEU B 191 26.43 -50.61 0.02
CA LEU B 191 26.57 -49.26 0.56
C LEU B 191 26.36 -49.25 2.06
N LEU B 192 25.23 -49.79 2.52
CA LEU B 192 24.98 -50.04 3.93
C LEU B 192 24.71 -51.53 4.10
N ASP B 193 24.71 -51.98 5.36
CA ASP B 193 24.63 -53.40 5.67
C ASP B 193 23.35 -54.01 5.13
N ALA B 194 23.49 -55.03 4.28
CA ALA B 194 22.35 -55.74 3.71
C ALA B 194 22.82 -57.13 3.30
N SER B 195 21.91 -57.87 2.66
CA SER B 195 22.18 -59.26 2.31
C SER B 195 23.28 -59.36 1.26
N HIS B 196 24.22 -60.29 1.48
CA HIS B 196 25.25 -60.62 0.50
C HIS B 196 25.86 -61.96 0.89
N ARG B 197 26.30 -62.71 -0.14
CA ARG B 197 26.85 -64.03 0.10
C ARG B 197 28.09 -63.98 0.98
N ASP B 198 29.07 -63.16 0.60
CA ASP B 198 30.23 -62.92 1.45
C ASP B 198 29.80 -62.01 2.60
N LEU B 199 29.82 -62.55 3.82
CA LEU B 199 29.41 -61.76 4.98
C LEU B 199 30.36 -60.61 5.29
N ARG B 200 31.58 -60.65 4.76
CA ARG B 200 32.49 -59.51 4.92
C ARG B 200 32.12 -58.38 3.96
N ARG B 201 31.82 -58.72 2.70
CA ARG B 201 31.44 -57.70 1.72
C ARG B 201 30.06 -57.12 2.00
N ALA B 202 29.23 -57.81 2.77
CA ALA B 202 27.89 -57.31 3.08
C ALA B 202 27.92 -56.05 3.93
N ARG B 203 29.02 -55.80 4.65
CA ARG B 203 29.12 -54.64 5.51
C ARG B 203 29.35 -53.38 4.70
N ALA B 204 29.16 -52.23 5.35
CA ALA B 204 29.19 -50.95 4.68
C ALA B 204 30.59 -50.65 4.13
N ALA B 205 30.65 -50.36 2.83
CA ALA B 205 31.93 -50.24 2.15
C ALA B 205 32.63 -48.93 2.50
N ALA B 206 31.89 -47.81 2.52
CA ALA B 206 32.52 -46.52 2.77
C ALA B 206 32.96 -46.34 4.21
N LEU B 207 32.42 -47.13 5.14
CA LEU B 207 32.74 -46.98 6.55
C LEU B 207 33.85 -47.91 7.02
N ASN B 208 34.02 -49.07 6.37
CA ASN B 208 34.77 -50.17 6.95
C ASN B 208 36.00 -50.53 6.12
N ILE B 209 36.94 -51.17 6.80
CA ILE B 209 37.98 -51.97 6.16
C ILE B 209 37.47 -53.40 6.12
N VAL B 210 37.29 -53.94 4.93
CA VAL B 210 36.75 -55.27 4.73
C VAL B 210 37.78 -56.12 3.99
N PRO B 211 38.24 -57.22 4.57
CA PRO B 211 39.04 -58.18 3.81
C PRO B 211 38.16 -59.09 2.98
N THR B 212 38.72 -59.58 1.89
CA THR B 212 37.97 -60.45 0.99
C THR B 212 38.92 -61.46 0.35
N SER B 213 38.32 -62.51 -0.20
CA SER B 213 39.09 -63.51 -0.91
C SER B 213 39.50 -63.00 -2.30
N THR B 214 40.67 -63.43 -2.75
CA THR B 214 41.14 -63.08 -4.08
C THR B 214 41.75 -64.31 -4.74
N GLY B 215 41.43 -64.50 -6.02
CA GLY B 215 42.01 -65.54 -6.83
C GLY B 215 43.18 -65.10 -7.67
N ALA B 216 43.64 -63.85 -7.51
CA ALA B 216 44.76 -63.35 -8.30
C ALA B 216 46.04 -64.14 -8.02
N ALA B 217 46.15 -64.71 -6.82
CA ALA B 217 47.31 -65.54 -6.51
C ALA B 217 47.29 -66.83 -7.31
N LYS B 218 46.10 -67.38 -7.56
CA LYS B 218 45.99 -68.56 -8.41
C LYS B 218 46.04 -68.19 -9.89
N ALA B 219 45.64 -66.97 -10.23
CA ALA B 219 45.52 -66.58 -11.62
C ALA B 219 46.86 -66.46 -12.31
N VAL B 220 47.93 -66.16 -11.57
CA VAL B 220 49.25 -66.05 -12.17
C VAL B 220 49.75 -67.39 -12.68
N ALA B 221 49.23 -68.50 -12.15
CA ALA B 221 49.67 -69.82 -12.59
C ALA B 221 49.29 -70.10 -14.04
N LEU B 222 48.16 -69.55 -14.49
CA LEU B 222 47.72 -69.79 -15.87
C LEU B 222 48.59 -69.03 -16.86
N VAL B 223 48.85 -67.75 -16.58
CA VAL B 223 49.61 -66.92 -17.50
C VAL B 223 51.11 -67.14 -17.33
N LEU B 224 51.58 -67.21 -16.07
CA LEU B 224 52.97 -67.54 -15.78
C LEU B 224 53.02 -69.01 -15.35
N PRO B 225 53.34 -69.95 -16.23
CA PRO B 225 53.23 -71.37 -15.87
C PRO B 225 54.22 -71.82 -14.82
N ASN B 226 55.34 -71.12 -14.64
CA ASN B 226 56.34 -71.54 -13.65
C ASN B 226 55.84 -71.37 -12.23
N LEU B 227 55.00 -70.36 -11.99
CA LEU B 227 54.61 -69.98 -10.63
C LEU B 227 53.37 -70.72 -10.17
N LYS B 228 53.36 -72.04 -10.30
CA LYS B 228 52.21 -72.83 -9.86
C LYS B 228 52.35 -73.15 -8.38
N GLY B 229 51.36 -72.75 -7.59
CA GLY B 229 51.38 -73.00 -6.16
C GLY B 229 52.51 -72.33 -5.41
N LYS B 230 53.06 -71.25 -5.96
CA LYS B 230 54.15 -70.54 -5.31
C LYS B 230 53.70 -69.24 -4.63
N LEU B 231 52.48 -68.79 -4.90
CA LEU B 231 51.97 -67.54 -4.35
C LEU B 231 50.58 -67.74 -3.80
N ASN B 232 50.29 -67.10 -2.65
CA ASN B 232 48.95 -67.02 -2.12
C ASN B 232 48.72 -65.63 -1.56
N GLY B 233 47.48 -65.16 -1.62
CA GLY B 233 47.20 -63.78 -1.25
C GLY B 233 45.79 -63.55 -0.74
N ILE B 234 45.64 -62.45 0.01
CA ILE B 234 44.36 -61.95 0.46
C ILE B 234 44.22 -60.51 -0.03
N ALA B 235 43.00 -59.98 0.07
CA ALA B 235 42.69 -58.63 -0.39
C ALA B 235 42.02 -57.84 0.72
N LEU B 236 42.23 -56.51 0.68
CA LEU B 236 41.62 -55.58 1.63
C LEU B 236 40.94 -54.47 0.85
N ARG B 237 39.68 -54.20 1.19
CA ARG B 237 38.84 -53.28 0.42
C ARG B 237 38.58 -52.03 1.26
N VAL B 238 39.37 -50.99 1.01
CA VAL B 238 39.33 -49.74 1.76
C VAL B 238 38.37 -48.77 1.10
N PRO B 239 37.88 -47.72 1.81
CA PRO B 239 36.91 -46.80 1.18
C PRO B 239 37.53 -45.76 0.26
N THR B 240 38.10 -46.24 -0.85
CA THR B 240 38.46 -45.42 -1.98
C THR B 240 37.76 -45.97 -3.22
N PRO B 241 37.35 -45.11 -4.17
CA PRO B 241 36.57 -45.63 -5.30
C PRO B 241 37.33 -46.39 -6.38
N ASN B 242 38.42 -45.83 -6.92
CA ASN B 242 39.00 -46.38 -8.16
C ASN B 242 40.53 -46.30 -8.16
N VAL B 243 41.16 -46.73 -7.06
CA VAL B 243 42.61 -46.90 -7.09
C VAL B 243 43.03 -47.90 -6.03
N SER B 244 43.85 -48.87 -6.42
CA SER B 244 44.23 -49.98 -5.56
C SER B 244 45.74 -50.12 -5.55
N VAL B 245 46.25 -50.71 -4.47
CA VAL B 245 47.69 -50.91 -4.29
C VAL B 245 47.91 -52.35 -3.82
N VAL B 246 48.89 -53.02 -4.40
CA VAL B 246 49.25 -54.38 -4.05
C VAL B 246 50.67 -54.39 -3.51
N ASP B 247 50.86 -55.01 -2.35
CA ASP B 247 52.19 -55.25 -1.81
C ASP B 247 52.46 -56.74 -1.80
N LEU B 248 53.58 -57.14 -2.40
CA LEU B 248 53.94 -58.54 -2.54
C LEU B 248 55.26 -58.79 -1.83
N VAL B 249 55.30 -59.86 -1.03
CA VAL B 249 56.50 -60.28 -0.32
C VAL B 249 56.88 -61.66 -0.85
N VAL B 250 58.09 -61.78 -1.39
CA VAL B 250 58.57 -63.01 -2.01
C VAL B 250 59.95 -63.34 -1.47
N GLN B 251 60.14 -64.60 -1.09
CA GLN B 251 61.48 -65.12 -0.79
C GLN B 251 62.17 -65.43 -2.12
N VAL B 252 63.22 -64.67 -2.44
CA VAL B 252 63.91 -64.84 -3.71
C VAL B 252 65.02 -65.87 -3.55
N SER B 253 65.46 -66.43 -4.68
CA SER B 253 66.51 -67.43 -4.71
C SER B 253 67.90 -66.85 -4.90
N LYS B 254 68.01 -65.54 -5.11
CA LYS B 254 69.29 -64.87 -5.29
C LYS B 254 69.41 -63.74 -4.28
N LYS B 255 70.53 -63.71 -3.56
CA LYS B 255 70.78 -62.65 -2.59
C LYS B 255 70.83 -61.29 -3.29
N THR B 256 70.15 -60.30 -2.70
CA THR B 256 70.03 -58.98 -3.32
C THR B 256 69.96 -57.90 -2.26
N PHE B 257 69.84 -56.66 -2.73
CA PHE B 257 69.58 -55.50 -1.90
C PHE B 257 68.53 -54.64 -2.63
N ALA B 258 67.96 -53.69 -1.88
CA ALA B 258 66.73 -53.03 -2.34
C ALA B 258 66.95 -52.20 -3.60
N GLU B 259 68.07 -51.48 -3.68
CA GLU B 259 68.32 -50.62 -4.83
C GLU B 259 68.56 -51.43 -6.10
N GLU B 260 69.15 -52.62 -5.97
CA GLU B 260 69.38 -53.48 -7.14
C GLU B 260 68.06 -53.96 -7.72
N VAL B 261 67.09 -54.27 -6.86
CA VAL B 261 65.79 -54.76 -7.33
C VAL B 261 65.08 -53.69 -8.15
N ASN B 262 65.11 -52.44 -7.68
CA ASN B 262 64.41 -51.36 -8.38
C ASN B 262 65.06 -51.05 -9.72
N ALA B 263 66.37 -51.27 -9.85
CA ALA B 263 67.03 -51.08 -11.14
C ALA B 263 66.51 -52.08 -12.16
N ALA B 264 66.16 -53.29 -11.72
CA ALA B 264 65.63 -54.29 -12.64
C ALA B 264 64.27 -53.86 -13.20
N PHE B 265 63.41 -53.31 -12.34
CA PHE B 265 62.14 -52.75 -12.82
C PHE B 265 62.37 -51.56 -13.73
N ARG B 266 63.39 -50.75 -13.42
CA ARG B 266 63.73 -49.62 -14.29
C ARG B 266 64.22 -50.09 -15.64
N ASP B 267 65.06 -51.13 -15.66
CA ASP B 267 65.48 -51.71 -16.93
C ASP B 267 64.33 -52.38 -17.65
N SER B 268 63.46 -53.07 -16.91
CA SER B 268 62.35 -53.80 -17.53
C SER B 268 61.33 -52.85 -18.13
N ALA B 269 61.10 -51.71 -17.49
CA ALA B 269 60.10 -50.77 -17.98
C ALA B 269 60.50 -50.21 -19.34
N GLU B 270 61.78 -49.92 -19.53
CA GLU B 270 62.26 -49.35 -20.79
C GLU B 270 62.41 -50.41 -21.87
N LYS B 271 62.97 -51.57 -21.52
CA LYS B 271 63.41 -52.51 -22.54
C LYS B 271 62.24 -53.27 -23.17
N GLU B 272 61.49 -54.03 -22.37
CA GLU B 272 60.47 -54.91 -22.93
C GLU B 272 59.09 -54.78 -22.29
N LEU B 273 58.89 -53.87 -21.35
CA LEU B 273 57.58 -53.65 -20.74
C LEU B 273 57.13 -52.20 -20.92
N LYS B 274 57.45 -51.60 -22.08
CA LYS B 274 57.11 -50.21 -22.34
C LYS B 274 55.60 -50.04 -22.42
N GLY B 275 55.06 -49.19 -21.54
CA GLY B 275 53.64 -48.96 -21.48
C GLY B 275 52.85 -49.96 -20.67
N ILE B 276 53.51 -50.95 -20.06
CA ILE B 276 52.82 -51.93 -19.23
C ILE B 276 53.32 -51.82 -17.79
N LEU B 277 54.58 -51.46 -17.62
CA LEU B 277 55.20 -51.30 -16.32
C LEU B 277 55.92 -49.96 -16.24
N ASP B 278 55.77 -49.28 -15.11
CA ASP B 278 56.44 -48.00 -14.89
C ASP B 278 56.98 -47.96 -13.47
N VAL B 279 58.15 -47.35 -13.30
CA VAL B 279 58.75 -47.13 -12.00
C VAL B 279 58.60 -45.65 -11.67
N CYS B 280 58.16 -45.36 -10.44
CA CYS B 280 57.99 -43.98 -10.00
C CYS B 280 58.93 -43.69 -8.84
N ASP B 281 59.29 -42.41 -8.72
CA ASP B 281 60.25 -41.98 -7.71
C ASP B 281 59.72 -40.90 -6.78
N GLU B 282 58.97 -39.92 -7.30
CA GLU B 282 58.44 -38.88 -6.44
C GLU B 282 57.30 -39.44 -5.60
N PRO B 283 57.25 -39.13 -4.29
CA PRO B 283 56.24 -39.71 -3.41
C PRO B 283 54.85 -39.17 -3.71
N LEU B 284 53.92 -40.09 -4.02
CA LEU B 284 52.54 -39.70 -4.30
C LEU B 284 51.55 -40.50 -3.47
N VAL B 285 50.26 -40.34 -3.79
CA VAL B 285 49.19 -41.10 -3.17
C VAL B 285 48.24 -41.57 -4.27
N SER B 286 47.10 -42.12 -3.86
CA SER B 286 46.22 -42.89 -4.74
C SER B 286 45.73 -42.06 -5.93
N VAL B 287 45.06 -40.93 -5.65
CA VAL B 287 44.40 -40.15 -6.70
C VAL B 287 45.36 -39.65 -7.76
N ASP B 288 46.67 -39.65 -7.47
CA ASP B 288 47.65 -39.24 -8.46
C ASP B 288 47.85 -40.29 -9.56
N PHE B 289 47.39 -41.52 -9.34
CA PHE B 289 47.51 -42.58 -10.33
C PHE B 289 46.22 -42.80 -11.11
N ARG B 290 45.24 -41.91 -10.97
CA ARG B 290 44.01 -42.02 -11.75
C ARG B 290 44.30 -41.89 -13.23
N CYS B 291 43.56 -42.66 -14.04
CA CYS B 291 43.66 -42.64 -15.50
C CYS B 291 45.06 -42.97 -15.99
N SER B 292 45.84 -43.72 -15.21
CA SER B 292 47.18 -44.09 -15.64
C SER B 292 47.10 -45.28 -16.59
N ASP B 293 47.74 -45.16 -17.75
CA ASP B 293 47.71 -46.22 -18.74
C ASP B 293 48.47 -47.46 -18.29
N PHE B 294 49.44 -47.30 -17.40
CA PHE B 294 50.25 -48.43 -16.97
C PHE B 294 49.42 -49.37 -16.09
N SER B 295 49.47 -50.66 -16.42
CA SER B 295 48.75 -51.66 -15.63
C SER B 295 49.34 -51.79 -14.22
N THR B 296 50.57 -51.35 -14.01
CA THR B 296 51.20 -51.38 -12.70
C THR B 296 52.30 -50.34 -12.64
N THR B 297 52.35 -49.60 -11.53
CA THR B 297 53.38 -48.60 -11.29
C THR B 297 54.07 -48.90 -9.98
N ILE B 298 55.40 -48.99 -10.01
CA ILE B 298 56.19 -49.38 -8.85
C ILE B 298 56.54 -48.14 -8.05
N ASP B 299 56.43 -48.25 -6.72
CA ASP B 299 56.88 -47.21 -5.80
C ASP B 299 58.31 -47.55 -5.41
N SER B 300 59.28 -46.87 -6.02
CA SER B 300 60.68 -47.19 -5.76
C SER B 300 61.10 -46.83 -4.35
N SER B 301 60.46 -45.84 -3.73
CA SER B 301 60.79 -45.44 -2.37
C SER B 301 60.34 -46.46 -1.33
N LEU B 302 59.45 -47.38 -1.71
CA LEU B 302 58.86 -48.31 -0.75
C LEU B 302 59.44 -49.72 -0.84
N THR B 303 60.35 -49.97 -1.76
CA THR B 303 60.93 -51.31 -1.88
C THR B 303 61.85 -51.61 -0.70
N MET B 304 61.73 -52.82 -0.17
CA MET B 304 62.54 -53.27 0.96
C MET B 304 63.01 -54.69 0.74
N VAL B 305 64.21 -54.98 1.22
CA VAL B 305 64.76 -56.34 1.24
C VAL B 305 65.24 -56.62 2.66
N MET B 306 64.73 -57.69 3.27
CA MET B 306 65.08 -58.07 4.62
C MET B 306 65.72 -59.46 4.61
N GLY B 307 66.84 -59.59 5.33
CA GLY B 307 67.55 -60.86 5.38
C GLY B 307 68.22 -61.27 4.09
N ASP B 308 68.33 -60.35 3.13
CA ASP B 308 69.02 -60.51 1.84
C ASP B 308 68.33 -61.46 0.88
N ASP B 309 67.22 -62.11 1.25
CA ASP B 309 66.51 -62.96 0.31
C ASP B 309 65.00 -62.79 0.36
N MET B 310 64.48 -61.82 1.10
CA MET B 310 63.05 -61.55 1.19
C MET B 310 62.78 -60.14 0.68
N VAL B 311 62.02 -60.05 -0.41
CA VAL B 311 61.83 -58.80 -1.12
C VAL B 311 60.35 -58.39 -1.02
N LYS B 312 60.11 -57.14 -0.61
CA LYS B 312 58.78 -56.54 -0.63
C LYS B 312 58.77 -55.41 -1.64
N VAL B 313 57.84 -55.47 -2.59
CA VAL B 313 57.68 -54.44 -3.61
C VAL B 313 56.23 -53.98 -3.62
N ILE B 314 56.04 -52.67 -3.73
CA ILE B 314 54.72 -52.04 -3.67
C ILE B 314 54.37 -51.52 -5.07
N ALA B 315 53.16 -51.83 -5.54
CA ALA B 315 52.72 -51.47 -6.88
C ALA B 315 51.38 -50.75 -6.85
N TRP B 316 51.28 -49.68 -7.62
CA TRP B 316 50.04 -48.92 -7.78
C TRP B 316 49.39 -49.30 -9.10
N TYR B 317 48.05 -49.30 -9.11
CA TYR B 317 47.34 -49.63 -10.34
C TYR B 317 45.92 -49.10 -10.28
N ASP B 318 45.47 -48.53 -11.39
CA ASP B 318 44.07 -48.14 -11.58
C ASP B 318 43.28 -49.36 -12.02
N ASN B 319 42.32 -49.78 -11.20
CA ASN B 319 41.60 -51.02 -11.47
C ASN B 319 40.57 -50.86 -12.59
N GLU B 320 39.81 -49.76 -12.59
CA GLU B 320 38.77 -49.62 -13.59
C GLU B 320 39.32 -49.13 -14.93
N TRP B 321 40.27 -48.21 -14.90
CA TRP B 321 40.76 -47.60 -16.14
C TRP B 321 41.97 -48.32 -16.72
N GLY B 322 43.03 -48.46 -15.91
CA GLY B 322 44.26 -49.05 -16.42
C GLY B 322 44.08 -50.47 -16.91
N TYR B 323 43.20 -51.23 -16.24
CA TYR B 323 42.85 -52.56 -16.73
C TYR B 323 42.05 -52.48 -18.03
N SER B 324 41.22 -51.45 -18.18
CA SER B 324 40.44 -51.32 -19.41
C SER B 324 41.33 -51.07 -20.61
N GLN B 325 42.45 -50.37 -20.42
CA GLN B 325 43.41 -50.16 -21.51
C GLN B 325 43.96 -51.49 -22.01
N ARG B 326 44.16 -52.45 -21.11
CA ARG B 326 44.63 -53.77 -21.52
C ARG B 326 43.59 -54.50 -22.35
N VAL B 327 42.31 -54.26 -22.07
CA VAL B 327 41.25 -54.89 -22.86
C VAL B 327 41.25 -54.35 -24.27
N VAL B 328 41.48 -53.03 -24.42
CA VAL B 328 41.63 -52.46 -25.75
C VAL B 328 42.90 -52.99 -26.41
N ASP B 329 43.97 -53.17 -25.62
CA ASP B 329 45.18 -53.79 -26.15
C ASP B 329 44.92 -55.23 -26.55
N LEU B 330 44.19 -55.97 -25.73
CA LEU B 330 43.93 -57.37 -26.03
C LEU B 330 43.02 -57.52 -27.24
N ALA B 331 42.05 -56.61 -27.40
CA ALA B 331 41.17 -56.65 -28.57
C ALA B 331 41.95 -56.29 -29.84
N ASP B 332 42.88 -55.35 -29.74
CA ASP B 332 43.71 -55.02 -30.90
C ASP B 332 44.68 -56.14 -31.23
N ILE B 333 45.12 -56.90 -30.23
CA ILE B 333 45.94 -58.09 -30.50
C ILE B 333 45.12 -59.13 -31.26
N VAL B 334 43.86 -59.30 -30.86
CA VAL B 334 42.96 -60.20 -31.58
C VAL B 334 42.73 -59.70 -33.01
N ALA B 335 42.60 -58.38 -33.18
CA ALA B 335 42.28 -57.82 -34.49
C ALA B 335 43.42 -58.03 -35.48
N ASN B 336 44.66 -57.81 -35.05
CA ASN B 336 45.80 -57.96 -35.94
C ASN B 336 46.18 -59.41 -36.19
N ASN B 337 45.51 -60.36 -35.53
CA ASN B 337 45.68 -61.78 -35.79
C ASN B 337 44.40 -62.39 -36.39
N TRP B 338 43.69 -61.61 -37.20
CA TRP B 338 42.41 -62.05 -37.76
C TRP B 338 42.68 -62.78 -39.08
N LYS B 339 43.07 -64.04 -38.96
CA LYS B 339 43.34 -64.88 -40.12
C LYS B 339 42.06 -65.50 -40.65
N LYS C 4 3.16 -60.36 24.27
CA LYS C 4 1.77 -60.79 24.35
C LYS C 4 1.16 -60.90 22.96
N LEU C 5 1.33 -59.85 22.17
CA LEU C 5 0.81 -59.81 20.80
C LEU C 5 1.85 -60.41 19.86
N LYS C 6 1.42 -61.41 19.08
CA LYS C 6 2.30 -62.05 18.11
C LYS C 6 2.58 -61.09 16.96
N VAL C 7 3.85 -60.73 16.78
CA VAL C 7 4.25 -59.77 15.77
C VAL C 7 5.37 -60.36 14.92
N ALA C 8 5.28 -60.20 13.61
CA ALA C 8 6.29 -60.66 12.67
C ALA C 8 6.84 -59.48 11.88
N ILE C 9 8.04 -59.66 11.35
CA ILE C 9 8.74 -58.63 10.58
C ILE C 9 8.96 -59.17 9.18
N ASN C 10 8.46 -58.45 8.17
CA ASN C 10 8.72 -58.77 6.78
C ASN C 10 9.72 -57.76 6.25
N GLY C 11 10.96 -58.21 6.03
CA GLY C 11 12.01 -57.36 5.54
C GLY C 11 12.96 -56.94 6.64
N PHE C 12 14.11 -57.63 6.71
CA PHE C 12 15.10 -57.36 7.76
C PHE C 12 16.16 -56.40 7.22
N GLY C 13 15.72 -55.19 6.91
CA GLY C 13 16.58 -54.13 6.46
C GLY C 13 17.13 -53.32 7.60
N ARG C 14 17.54 -52.09 7.28
CA ARG C 14 18.00 -51.17 8.33
C ARG C 14 16.88 -50.85 9.30
N ILE C 15 15.67 -50.65 8.79
CA ILE C 15 14.52 -50.45 9.68
C ILE C 15 14.18 -51.74 10.41
N GLY C 16 14.25 -52.87 9.71
CA GLY C 16 13.95 -54.14 10.34
C GLY C 16 14.92 -54.51 11.44
N ARG C 17 16.22 -54.26 11.21
CA ARG C 17 17.20 -54.53 12.25
C ARG C 17 17.10 -53.55 13.40
N ASN C 18 16.86 -52.27 13.10
CA ASN C 18 16.70 -51.28 14.15
C ASN C 18 15.42 -51.51 14.96
N PHE C 19 14.38 -52.07 14.32
CA PHE C 19 13.15 -52.34 15.05
C PHE C 19 13.38 -53.37 16.15
N LEU C 20 14.11 -54.45 15.83
CA LEU C 20 14.29 -55.52 16.80
C LEU C 20 15.11 -55.04 17.99
N ARG C 21 16.12 -54.21 17.75
CA ARG C 21 16.95 -53.73 18.85
C ARG C 21 16.27 -52.65 19.67
N CYS C 22 15.43 -51.82 19.05
CA CYS C 22 14.63 -50.88 19.82
C CYS C 22 13.56 -51.58 20.64
N TRP C 23 12.94 -52.61 20.07
CA TRP C 23 11.97 -53.41 20.82
C TRP C 23 12.65 -54.18 21.95
N HIS C 24 13.90 -54.62 21.74
CA HIS C 24 14.61 -55.38 22.76
C HIS C 24 14.89 -54.54 23.99
N GLY C 25 15.23 -53.26 23.81
CA GLY C 25 15.50 -52.38 24.93
C GLY C 25 14.28 -51.91 25.69
N ARG C 26 13.08 -52.08 25.14
CA ARG C 26 11.88 -51.63 25.80
C ARG C 26 11.60 -52.47 27.05
N LYS C 27 10.72 -51.94 27.90
CA LYS C 27 10.35 -52.58 29.16
C LYS C 27 8.85 -52.85 29.15
N ASP C 28 8.47 -54.11 29.34
CA ASP C 28 7.08 -54.55 29.37
C ASP C 28 6.34 -54.19 28.07
N SER C 29 7.06 -54.19 26.96
CA SER C 29 6.42 -53.97 25.67
C SER C 29 5.49 -55.13 25.36
N PRO C 30 4.23 -54.86 24.99
CA PRO C 30 3.28 -55.96 24.73
C PRO C 30 3.69 -56.87 23.59
N LEU C 31 4.46 -56.37 22.63
CA LEU C 31 4.79 -57.16 21.45
C LEU C 31 5.82 -58.25 21.78
N ASP C 32 5.63 -59.41 21.16
CA ASP C 32 6.60 -60.50 21.24
C ASP C 32 6.91 -60.93 19.81
N ILE C 33 8.13 -60.67 19.35
CA ILE C 33 8.51 -60.95 17.97
C ILE C 33 8.65 -62.46 17.77
N ILE C 34 7.89 -63.01 16.83
CA ILE C 34 7.92 -64.44 16.60
C ILE C 34 8.47 -64.82 15.22
N ALA C 35 8.43 -63.95 14.22
CA ALA C 35 8.87 -64.34 12.89
C ALA C 35 9.61 -63.21 12.20
N ILE C 36 10.42 -63.60 11.20
CA ILE C 36 11.19 -62.69 10.36
C ILE C 36 11.10 -63.20 8.93
N ASN C 37 10.93 -62.28 7.97
CA ASN C 37 10.91 -62.63 6.54
C ASN C 37 11.97 -61.81 5.81
N ASP C 38 13.15 -62.40 5.65
CA ASP C 38 14.25 -61.80 4.89
C ASP C 38 14.77 -62.83 3.90
N THR C 39 14.92 -62.43 2.64
CA THR C 39 15.45 -63.32 1.61
C THR C 39 16.92 -63.65 1.79
N GLY C 40 17.61 -63.06 2.78
CA GLY C 40 19.03 -63.29 2.94
C GLY C 40 19.36 -64.65 3.53
N GLY C 41 18.56 -65.10 4.48
CA GLY C 41 18.77 -66.38 5.13
C GLY C 41 19.16 -66.22 6.59
N VAL C 42 19.22 -67.36 7.27
CA VAL C 42 19.42 -67.37 8.72
C VAL C 42 20.85 -66.96 9.07
N LYS C 43 21.83 -67.38 8.27
CA LYS C 43 23.22 -67.07 8.60
C LYS C 43 23.49 -65.57 8.52
N GLN C 44 22.87 -64.89 7.56
CA GLN C 44 23.09 -63.45 7.41
C GLN C 44 22.26 -62.67 8.43
N ALA C 45 21.01 -63.06 8.63
CA ALA C 45 20.15 -62.36 9.58
C ALA C 45 20.67 -62.46 11.00
N SER C 46 21.15 -63.65 11.38
CA SER C 46 21.72 -63.81 12.72
C SER C 46 23.01 -63.01 12.87
N HIS C 47 23.85 -62.99 11.83
CA HIS C 47 25.12 -62.28 11.90
C HIS C 47 24.92 -60.77 11.83
N LEU C 48 24.13 -60.30 10.87
CA LEU C 48 23.94 -58.86 10.69
C LEU C 48 23.16 -58.24 11.85
N LEU C 49 22.33 -59.03 12.54
CA LEU C 49 21.66 -58.53 13.73
C LEU C 49 22.68 -58.25 14.83
N LYS C 50 23.57 -59.22 15.09
CA LYS C 50 24.58 -59.04 16.11
C LYS C 50 25.53 -57.90 15.77
N TYR C 51 26.14 -57.95 14.58
CA TYR C 51 27.11 -56.95 14.15
C TYR C 51 26.43 -55.97 13.19
N ASP C 52 26.15 -54.77 13.68
CA ASP C 52 25.70 -53.68 12.86
C ASP C 52 26.84 -52.68 12.71
N SER C 53 27.11 -52.25 11.48
CA SER C 53 28.20 -51.31 11.25
C SER C 53 27.86 -49.92 11.78
N THR C 54 26.58 -49.53 11.70
CA THR C 54 26.18 -48.20 12.14
C THR C 54 25.93 -48.16 13.64
N LEU C 55 25.26 -49.18 14.18
CA LEU C 55 24.85 -49.18 15.58
C LEU C 55 25.81 -49.92 16.50
N GLY C 56 26.87 -50.52 15.97
CA GLY C 56 27.78 -51.30 16.79
C GLY C 56 27.25 -52.71 17.01
N ILE C 57 27.96 -53.44 17.87
CA ILE C 57 27.54 -54.81 18.19
C ILE C 57 26.30 -54.79 19.07
N PHE C 58 25.62 -55.92 19.12
CA PHE C 58 24.44 -56.08 19.95
C PHE C 58 24.85 -56.57 21.33
N ASP C 59 24.41 -55.87 22.37
CA ASP C 59 24.69 -56.28 23.75
C ASP C 59 23.70 -57.37 24.19
N ALA C 60 23.78 -58.51 23.49
CA ALA C 60 22.94 -59.66 23.74
C ALA C 60 23.58 -60.87 23.09
N ASP C 61 23.20 -62.05 23.58
CA ASP C 61 23.70 -63.30 23.02
C ASP C 61 22.83 -63.69 21.83
N VAL C 62 23.45 -63.80 20.66
CA VAL C 62 22.75 -64.11 19.41
C VAL C 62 23.41 -65.34 18.82
N LYS C 63 22.67 -66.46 18.80
CA LYS C 63 23.14 -67.72 18.24
C LYS C 63 21.99 -68.40 17.52
N PRO C 64 22.25 -69.06 16.40
CA PRO C 64 21.17 -69.76 15.68
C PRO C 64 20.67 -70.95 16.47
N SER C 65 19.34 -71.09 16.51
CA SER C 65 18.68 -72.21 17.19
C SER C 65 18.17 -73.16 16.11
N GLY C 66 18.77 -74.35 16.04
CA GLY C 66 18.45 -75.24 14.95
C GLY C 66 18.98 -74.67 13.64
N GLU C 67 18.15 -74.71 12.60
CA GLU C 67 18.51 -74.12 11.32
C GLU C 67 17.39 -73.31 10.69
N THR C 68 16.24 -73.17 11.34
CA THR C 68 15.16 -72.33 10.85
C THR C 68 14.86 -71.15 11.77
N ALA C 69 15.62 -70.98 12.85
CA ALA C 69 15.34 -69.95 13.83
C ALA C 69 16.64 -69.48 14.47
N ILE C 70 16.56 -68.31 15.11
CA ILE C 70 17.68 -67.76 15.88
C ILE C 70 17.21 -67.56 17.32
N SER C 71 18.17 -67.56 18.23
CA SER C 71 17.91 -67.37 19.66
C SER C 71 18.58 -66.07 20.10
N VAL C 72 17.76 -65.09 20.48
CA VAL C 72 18.25 -63.78 20.92
C VAL C 72 17.94 -63.66 22.41
N ASP C 73 19.00 -63.72 23.23
CA ASP C 73 18.92 -63.63 24.69
C ASP C 73 17.92 -64.63 25.26
N GLY C 74 18.07 -65.88 24.87
CA GLY C 74 17.17 -66.95 25.28
C GLY C 74 15.93 -67.08 24.44
N LYS C 75 15.32 -65.96 24.08
CA LYS C 75 14.11 -65.98 23.26
C LYS C 75 14.43 -66.46 21.85
N ILE C 76 13.62 -67.39 21.35
CA ILE C 76 13.81 -68.00 20.04
C ILE C 76 12.84 -67.32 19.06
N ILE C 77 13.35 -67.01 17.87
CA ILE C 77 12.57 -66.31 16.84
C ILE C 77 12.70 -67.09 15.54
N GLN C 78 11.56 -67.59 15.04
CA GLN C 78 11.54 -68.29 13.77
C GLN C 78 11.87 -67.34 12.62
N VAL C 79 12.68 -67.81 11.67
CA VAL C 79 13.12 -67.01 10.54
C VAL C 79 12.78 -67.76 9.26
N VAL C 80 12.04 -67.10 8.37
CA VAL C 80 11.66 -67.68 7.08
C VAL C 80 12.12 -66.72 5.98
N SER C 81 12.28 -67.26 4.78
CA SER C 81 12.79 -66.51 3.63
C SER C 81 11.90 -66.76 2.43
N ASN C 82 11.18 -65.72 1.99
CA ASN C 82 10.29 -65.85 0.83
C ASN C 82 10.02 -64.46 0.26
N ARG C 83 10.02 -64.39 -1.07
CA ARG C 83 9.69 -63.14 -1.76
C ARG C 83 8.18 -62.88 -1.75
N ASN C 84 7.39 -63.93 -1.98
CA ASN C 84 5.94 -63.77 -2.13
C ASN C 84 5.27 -63.87 -0.77
N PRO C 85 4.59 -62.82 -0.30
CA PRO C 85 3.99 -62.87 1.04
C PRO C 85 2.78 -63.79 1.13
N SER C 86 2.12 -64.12 0.01
CA SER C 86 0.98 -65.02 0.08
C SER C 86 1.38 -66.42 0.53
N LEU C 87 2.62 -66.82 0.25
CA LEU C 87 3.12 -68.13 0.67
C LEU C 87 3.62 -68.14 2.10
N LEU C 88 3.75 -66.96 2.74
CA LEU C 88 4.30 -66.89 4.08
C LEU C 88 3.36 -67.57 5.07
N PRO C 89 3.90 -68.25 6.09
CA PRO C 89 3.05 -68.97 7.06
C PRO C 89 2.62 -68.10 8.24
N TRP C 90 1.81 -67.08 7.96
CA TRP C 90 1.19 -66.32 9.04
C TRP C 90 -0.03 -67.01 9.61
N LYS C 91 -0.62 -67.94 8.87
CA LYS C 91 -1.68 -68.79 9.41
C LYS C 91 -1.15 -69.69 10.51
N GLU C 92 -0.05 -70.39 10.23
CA GLU C 92 0.51 -71.35 11.18
C GLU C 92 0.99 -70.66 12.45
N LEU C 93 1.83 -69.63 12.30
CA LEU C 93 2.30 -68.90 13.46
C LEU C 93 1.23 -68.00 14.08
N GLY C 94 0.12 -67.78 13.39
CA GLY C 94 -0.98 -66.99 13.92
C GLY C 94 -0.62 -65.56 14.24
N ILE C 95 0.10 -64.91 13.32
CA ILE C 95 0.65 -63.59 13.58
C ILE C 95 -0.45 -62.54 13.46
N ASP C 96 -0.53 -61.66 14.46
CA ASP C 96 -1.55 -60.62 14.50
C ASP C 96 -1.08 -59.31 13.88
N ILE C 97 0.20 -58.98 13.99
CA ILE C 97 0.74 -57.74 13.42
C ILE C 97 1.97 -58.09 12.59
N VAL C 98 1.93 -57.74 11.30
CA VAL C 98 3.05 -57.95 10.39
C VAL C 98 3.60 -56.58 10.00
N ILE C 99 4.91 -56.43 10.04
CA ILE C 99 5.58 -55.17 9.77
C ILE C 99 6.29 -55.28 8.43
N GLU C 100 6.09 -54.28 7.57
CA GLU C 100 6.60 -54.27 6.21
C GLU C 100 7.82 -53.37 6.15
N GLY C 101 8.99 -53.96 6.35
CA GLY C 101 10.25 -53.27 6.22
C GLY C 101 10.95 -53.46 4.90
N THR C 102 10.36 -54.23 3.98
CA THR C 102 10.97 -54.45 2.68
C THR C 102 11.04 -53.16 1.87
N GLY C 103 10.04 -52.30 2.01
CA GLY C 103 9.91 -51.16 1.14
C GLY C 103 9.38 -51.48 -0.24
N VAL C 104 8.99 -52.73 -0.48
CA VAL C 104 8.45 -53.14 -1.78
C VAL C 104 6.93 -53.05 -1.81
N PHE C 105 6.27 -53.56 -0.77
CA PHE C 105 4.81 -53.62 -0.72
C PHE C 105 4.31 -52.39 0.04
N VAL C 106 3.98 -51.35 -0.71
CA VAL C 106 3.46 -50.12 -0.12
C VAL C 106 2.03 -49.81 -0.59
N ASP C 107 1.58 -50.40 -1.69
CA ASP C 107 0.20 -50.28 -2.12
C ASP C 107 -0.69 -51.19 -1.30
N ARG C 108 -1.96 -50.83 -1.18
CA ARG C 108 -2.91 -51.65 -0.42
C ARG C 108 -3.14 -52.99 -1.08
N GLU C 109 -3.08 -53.05 -2.41
CA GLU C 109 -3.20 -54.33 -3.11
C GLU C 109 -2.01 -55.23 -2.83
N GLY C 110 -0.80 -54.68 -2.89
CA GLY C 110 0.40 -55.49 -2.70
C GLY C 110 0.68 -55.83 -1.26
N ALA C 111 0.52 -54.86 -0.36
CA ALA C 111 0.79 -55.09 1.05
C ALA C 111 -0.36 -55.79 1.77
N GLY C 112 -1.51 -55.95 1.11
CA GLY C 112 -2.60 -56.73 1.67
C GLY C 112 -2.45 -58.22 1.53
N LYS C 113 -1.33 -58.68 0.97
CA LYS C 113 -1.10 -60.11 0.80
C LYS C 113 -0.87 -60.81 2.13
N HIS C 114 -0.41 -60.07 3.14
CA HIS C 114 -0.23 -60.68 4.46
C HIS C 114 -1.57 -61.04 5.08
N ILE C 115 -2.60 -60.20 4.86
CA ILE C 115 -3.94 -60.52 5.36
C ILE C 115 -4.46 -61.79 4.72
N GLU C 116 -4.28 -61.93 3.40
CA GLU C 116 -4.66 -63.16 2.74
C GLU C 116 -3.73 -64.32 3.08
N ALA C 117 -2.52 -64.02 3.56
CA ALA C 117 -1.67 -65.06 4.12
C ALA C 117 -2.12 -65.49 5.51
N GLY C 118 -2.84 -64.64 6.22
CA GLY C 118 -3.37 -64.98 7.53
C GLY C 118 -3.10 -63.96 8.61
N ALA C 119 -2.52 -62.83 8.24
CA ALA C 119 -2.19 -61.79 9.21
C ALA C 119 -3.39 -60.92 9.50
N LYS C 120 -3.57 -60.57 10.78
CA LYS C 120 -4.68 -59.71 11.18
C LYS C 120 -4.49 -58.29 10.64
N LYS C 121 -3.39 -57.64 11.04
CA LYS C 121 -3.15 -56.25 10.71
C LYS C 121 -1.71 -56.08 10.24
N VAL C 122 -1.51 -55.24 9.23
CA VAL C 122 -0.19 -54.94 8.68
C VAL C 122 0.05 -53.45 8.81
N ILE C 123 1.20 -53.07 9.37
CA ILE C 123 1.66 -51.69 9.34
C ILE C 123 2.93 -51.63 8.51
N ILE C 124 3.01 -50.62 7.65
CA ILE C 124 4.12 -50.48 6.73
C ILE C 124 5.00 -49.33 7.21
N THR C 125 6.27 -49.36 6.83
CA THR C 125 7.26 -48.39 7.29
C THR C 125 7.49 -47.26 6.29
N ALA C 126 6.68 -47.16 5.26
CA ALA C 126 6.84 -46.17 4.21
C ALA C 126 5.52 -45.44 3.99
N PRO C 127 5.53 -44.28 3.35
CA PRO C 127 4.27 -43.63 2.96
C PRO C 127 3.52 -44.48 1.96
N GLY C 128 2.28 -44.83 2.29
CA GLY C 128 1.49 -45.69 1.45
C GLY C 128 1.07 -45.02 0.15
N LYS C 129 0.70 -45.84 -0.82
CA LYS C 129 0.21 -45.37 -2.10
C LYS C 129 -1.27 -45.67 -2.22
N GLY C 130 -2.03 -44.69 -2.68
CA GLY C 130 -3.48 -44.79 -2.66
C GLY C 130 -4.03 -44.38 -1.31
N ASP C 131 -5.22 -44.90 -1.02
CA ASP C 131 -5.91 -44.61 0.24
C ASP C 131 -5.34 -45.51 1.32
N ILE C 132 -4.45 -44.95 2.14
CA ILE C 132 -3.88 -45.64 3.30
C ILE C 132 -3.88 -44.66 4.46
N PRO C 133 -4.40 -45.04 5.63
CA PRO C 133 -4.29 -44.16 6.80
C PRO C 133 -2.84 -44.05 7.26
N THR C 134 -2.36 -42.80 7.35
CA THR C 134 -0.99 -42.51 7.73
C THR C 134 -1.00 -41.78 9.06
N TYR C 135 -0.27 -42.32 10.04
CA TYR C 135 -0.25 -41.78 11.39
C TYR C 135 1.16 -41.36 11.78
N VAL C 136 1.23 -40.34 12.64
CA VAL C 136 2.50 -39.88 13.21
C VAL C 136 2.31 -39.77 14.72
N VAL C 137 3.16 -40.45 15.48
CA VAL C 137 3.01 -40.51 16.92
C VAL C 137 3.28 -39.13 17.53
N GLY C 138 2.33 -38.65 18.33
CA GLY C 138 2.39 -37.32 18.88
C GLY C 138 1.64 -36.27 18.10
N VAL C 139 1.18 -36.59 16.89
CA VAL C 139 0.44 -35.64 16.07
C VAL C 139 -0.91 -36.24 15.68
N ASN C 140 -0.90 -37.41 15.06
CA ASN C 140 -2.10 -38.04 14.53
C ASN C 140 -2.38 -39.41 15.13
N ALA C 141 -1.51 -39.92 16.00
CA ALA C 141 -1.68 -41.26 16.54
C ALA C 141 -2.83 -41.37 17.54
N ASP C 142 -3.43 -40.25 17.93
CA ASP C 142 -4.52 -40.25 18.89
C ASP C 142 -5.89 -40.35 18.21
N ALA C 143 -5.93 -40.59 16.91
CA ALA C 143 -7.15 -40.72 16.13
C ALA C 143 -7.13 -42.00 15.30
N TYR C 144 -6.76 -43.10 15.94
CA TYR C 144 -6.63 -44.39 15.29
C TYR C 144 -7.83 -45.27 15.62
N SER C 145 -8.45 -45.83 14.59
CA SER C 145 -9.56 -46.76 14.73
C SER C 145 -9.09 -48.16 14.40
N HIS C 146 -9.43 -49.13 15.27
CA HIS C 146 -8.94 -50.49 15.11
C HIS C 146 -9.44 -51.15 13.84
N ASP C 147 -10.57 -50.69 13.29
CA ASP C 147 -11.16 -51.32 12.12
C ASP C 147 -10.24 -51.28 10.91
N GLU C 148 -9.43 -50.24 10.78
CA GLU C 148 -8.52 -50.11 9.65
C GLU C 148 -7.39 -51.12 9.77
N PRO C 149 -7.26 -52.07 8.83
CA PRO C 149 -6.29 -53.15 8.98
C PRO C 149 -4.93 -52.91 8.34
N ILE C 150 -4.75 -51.82 7.60
CA ILE C 150 -3.47 -51.49 6.98
C ILE C 150 -3.14 -50.05 7.30
N ILE C 151 -2.02 -49.82 7.99
CA ILE C 151 -1.64 -48.49 8.46
C ILE C 151 -0.22 -48.20 8.02
N SER C 152 0.17 -46.93 8.12
CA SER C 152 1.50 -46.49 7.74
C SER C 152 2.04 -45.51 8.76
N ASN C 153 3.29 -45.72 9.17
CA ASN C 153 4.05 -44.70 9.87
C ASN C 153 4.84 -43.95 8.81
N ALA C 154 4.62 -42.65 8.71
CA ALA C 154 5.19 -41.86 7.64
C ALA C 154 6.72 -41.86 7.68
N SER C 155 7.32 -41.26 6.66
CA SER C 155 8.74 -41.41 6.42
C SER C 155 9.60 -40.78 7.52
N CYS C 156 10.90 -41.02 7.42
CA CYS C 156 11.84 -40.53 8.43
C CYS C 156 11.81 -39.01 8.54
N THR C 157 11.59 -38.32 7.42
CA THR C 157 11.46 -36.87 7.44
C THR C 157 10.06 -36.45 7.90
N THR C 158 9.03 -37.11 7.37
CA THR C 158 7.66 -36.77 7.73
C THR C 158 7.39 -36.99 9.21
N ASN C 159 8.00 -38.01 9.80
CA ASN C 159 7.86 -38.22 11.23
C ASN C 159 8.61 -37.15 12.02
N CYS C 160 9.68 -36.60 11.46
CA CYS C 160 10.40 -35.50 12.10
C CYS C 160 9.73 -34.16 11.86
N LEU C 161 9.09 -33.98 10.70
CA LEU C 161 8.45 -32.71 10.36
C LEU C 161 7.25 -32.44 11.27
N ALA C 162 6.28 -33.35 11.24
CA ALA C 162 4.96 -33.10 11.82
C ALA C 162 4.94 -32.60 13.26
N PRO C 163 5.75 -33.10 14.21
CA PRO C 163 5.64 -32.58 15.59
C PRO C 163 5.98 -31.10 15.72
N PHE C 164 7.14 -30.66 15.23
CA PHE C 164 7.49 -29.24 15.37
C PHE C 164 6.75 -28.38 14.36
N VAL C 165 6.18 -28.96 13.31
CA VAL C 165 5.31 -28.21 12.41
C VAL C 165 3.94 -27.98 13.07
N LYS C 166 3.45 -28.98 13.82
CA LYS C 166 2.17 -28.86 14.50
C LYS C 166 2.17 -27.72 15.51
N VAL C 167 3.29 -27.51 16.20
CA VAL C 167 3.37 -26.44 17.19
C VAL C 167 3.31 -25.08 16.52
N LEU C 168 4.01 -24.92 15.38
CA LEU C 168 4.02 -23.64 14.69
C LEU C 168 2.64 -23.26 14.18
N ASP C 169 1.87 -24.23 13.69
CA ASP C 169 0.53 -23.93 13.20
C ASP C 169 -0.42 -23.61 14.35
N GLN C 170 -0.33 -24.36 15.45
CA GLN C 170 -1.20 -24.12 16.59
C GLN C 170 -0.87 -22.80 17.27
N LYS C 171 0.41 -22.55 17.56
CA LYS C 171 0.80 -21.36 18.29
C LYS C 171 0.81 -20.12 17.40
N PHE C 172 1.36 -20.22 16.19
CA PHE C 172 1.57 -19.07 15.32
C PHE C 172 0.64 -19.02 14.13
N GLY C 173 0.44 -20.14 13.44
CA GLY C 173 -0.37 -20.15 12.23
C GLY C 173 0.46 -19.89 11.00
N ILE C 174 0.50 -20.86 10.09
CA ILE C 174 1.36 -20.82 8.91
C ILE C 174 0.53 -20.50 7.68
N ILE C 175 1.06 -19.66 6.81
CA ILE C 175 0.43 -19.39 5.53
C ILE C 175 0.93 -20.34 4.45
N LYS C 176 2.25 -20.47 4.31
CA LYS C 176 2.85 -21.37 3.34
C LYS C 176 4.32 -21.56 3.71
N GLY C 177 4.85 -22.73 3.39
CA GLY C 177 6.21 -23.06 3.78
C GLY C 177 6.90 -24.03 2.84
N THR C 178 8.23 -24.03 2.89
CA THR C 178 9.06 -24.94 2.13
C THR C 178 10.15 -25.51 3.03
N MET C 179 10.76 -26.60 2.57
CA MET C 179 11.80 -27.28 3.33
C MET C 179 12.79 -27.92 2.36
N THR C 180 13.98 -28.21 2.88
CA THR C 180 14.91 -29.13 2.25
C THR C 180 15.64 -29.90 3.36
N THR C 181 15.77 -31.20 3.15
CA THR C 181 16.35 -32.08 4.17
C THR C 181 17.69 -32.60 3.67
N THR C 182 18.77 -32.17 4.33
CA THR C 182 20.11 -32.66 4.02
C THR C 182 20.24 -34.05 4.63
N HIS C 183 19.73 -35.02 3.88
CA HIS C 183 19.55 -36.39 4.38
C HIS C 183 20.83 -37.18 4.25
N SER C 184 21.02 -38.13 5.17
CA SER C 184 22.06 -39.13 5.02
C SER C 184 21.71 -40.05 3.85
N TYR C 185 22.71 -40.77 3.34
CA TYR C 185 22.41 -41.67 2.23
C TYR C 185 21.78 -42.97 2.74
N THR C 186 21.10 -43.66 1.84
CA THR C 186 20.36 -44.87 2.19
C THR C 186 20.71 -46.01 1.25
N GLY C 187 19.95 -47.11 1.33
CA GLY C 187 20.27 -48.29 0.53
C GLY C 187 19.90 -48.20 -0.93
N ASP C 188 18.98 -47.30 -1.29
CA ASP C 188 18.51 -47.24 -2.68
C ASP C 188 19.57 -46.66 -3.61
N GLN C 189 20.45 -45.80 -3.10
CA GLN C 189 21.48 -45.21 -3.93
C GLN C 189 22.54 -46.25 -4.30
N ARG C 190 23.12 -46.09 -5.49
CA ARG C 190 24.17 -46.98 -5.95
C ARG C 190 25.51 -46.58 -5.34
N LEU C 191 26.31 -47.57 -4.97
CA LEU C 191 27.63 -47.29 -4.40
C LEU C 191 28.55 -46.66 -5.44
N LEU C 192 28.58 -47.24 -6.64
CA LEU C 192 29.26 -46.65 -7.78
C LEU C 192 28.28 -46.54 -8.93
N ASP C 193 28.62 -45.70 -9.90
CA ASP C 193 27.71 -45.35 -10.98
C ASP C 193 27.31 -46.58 -11.79
N ALA C 194 26.02 -46.90 -11.75
CA ALA C 194 25.47 -48.02 -12.50
C ALA C 194 24.00 -47.74 -12.77
N SER C 195 23.40 -48.57 -13.61
CA SER C 195 22.06 -48.29 -14.14
C SER C 195 21.02 -48.17 -13.03
N HIS C 196 20.16 -47.17 -13.16
CA HIS C 196 19.12 -46.89 -12.18
C HIS C 196 18.07 -45.99 -12.83
N ARG C 197 16.80 -46.28 -12.56
CA ARG C 197 15.71 -45.54 -13.19
C ARG C 197 15.74 -44.06 -12.79
N ASP C 198 16.07 -43.78 -11.53
CA ASP C 198 16.28 -42.42 -11.06
C ASP C 198 17.77 -42.12 -11.18
N LEU C 199 18.13 -41.30 -12.17
CA LEU C 199 19.52 -41.14 -12.57
C LEU C 199 20.36 -40.48 -11.48
N ARG C 200 19.76 -39.61 -10.66
CA ARG C 200 20.51 -39.00 -9.57
C ARG C 200 20.83 -39.98 -8.46
N ARG C 201 20.05 -41.06 -8.33
CA ARG C 201 20.40 -42.12 -7.39
C ARG C 201 21.41 -43.09 -7.96
N ALA C 202 21.59 -43.09 -9.29
CA ALA C 202 22.58 -43.96 -9.91
C ALA C 202 24.00 -43.56 -9.53
N ARG C 203 24.21 -42.28 -9.24
CA ARG C 203 25.54 -41.77 -8.95
C ARG C 203 26.05 -42.29 -7.61
N ALA C 204 27.36 -42.25 -7.45
CA ALA C 204 28.00 -42.75 -6.24
C ALA C 204 27.56 -41.94 -5.03
N ALA C 205 26.96 -42.61 -4.05
CA ALA C 205 26.46 -41.92 -2.86
C ALA C 205 27.59 -41.47 -1.94
N ALA C 206 28.74 -42.13 -1.99
CA ALA C 206 29.83 -41.81 -1.07
C ALA C 206 30.56 -40.53 -1.45
N LEU C 207 30.43 -40.07 -2.69
CA LEU C 207 31.20 -38.93 -3.18
C LEU C 207 30.36 -37.77 -3.66
N ASN C 208 29.03 -37.84 -3.56
CA ASN C 208 28.17 -36.87 -4.21
C ASN C 208 27.17 -36.30 -3.20
N ILE C 209 26.60 -35.16 -3.57
CA ILE C 209 25.43 -34.60 -2.90
C ILE C 209 24.23 -34.88 -3.79
N VAL C 210 23.54 -35.98 -3.53
CA VAL C 210 22.45 -36.43 -4.38
C VAL C 210 21.16 -35.69 -4.04
N PRO C 211 20.61 -34.90 -4.96
CA PRO C 211 19.31 -34.26 -4.72
C PRO C 211 18.17 -35.11 -5.24
N THR C 212 17.12 -35.20 -4.43
CA THR C 212 16.03 -36.13 -4.69
C THR C 212 14.70 -35.50 -4.33
N SER C 213 13.69 -35.72 -5.17
CA SER C 213 12.33 -35.36 -4.82
C SER C 213 11.83 -36.21 -3.66
N THR C 214 11.02 -35.61 -2.81
CA THR C 214 10.48 -36.29 -1.63
C THR C 214 8.99 -36.07 -1.54
N GLY C 215 8.31 -37.02 -0.90
CA GLY C 215 6.91 -36.88 -0.58
C GLY C 215 6.64 -36.40 0.82
N ALA C 216 7.68 -36.16 1.61
CA ALA C 216 7.51 -35.90 3.04
C ALA C 216 6.74 -34.61 3.29
N ALA C 217 7.13 -33.52 2.62
CA ALA C 217 6.45 -32.25 2.81
C ALA C 217 5.00 -32.33 2.37
N LYS C 218 4.72 -33.10 1.31
CA LYS C 218 3.34 -33.28 0.87
C LYS C 218 2.59 -34.31 1.71
N ALA C 219 3.32 -35.22 2.39
CA ALA C 219 2.65 -36.27 3.16
C ALA C 219 2.15 -35.76 4.50
N VAL C 220 2.77 -34.71 5.05
CA VAL C 220 2.32 -34.18 6.34
C VAL C 220 0.92 -33.58 6.23
N ALA C 221 0.45 -33.29 5.01
CA ALA C 221 -0.92 -32.84 4.82
C ALA C 221 -1.92 -33.95 5.14
N LEU C 222 -1.51 -35.21 5.01
CA LEU C 222 -2.37 -36.31 5.45
C LEU C 222 -2.48 -36.37 6.97
N VAL C 223 -1.52 -35.80 7.69
CA VAL C 223 -1.49 -35.87 9.14
C VAL C 223 -2.20 -34.68 9.77
N LEU C 224 -1.98 -33.48 9.24
CA LEU C 224 -2.62 -32.26 9.72
C LEU C 224 -3.48 -31.67 8.62
N PRO C 225 -4.81 -31.79 8.71
CA PRO C 225 -5.67 -31.46 7.56
C PRO C 225 -5.63 -30.00 7.13
N ASN C 226 -5.44 -29.07 8.08
CA ASN C 226 -5.43 -27.65 7.72
C ASN C 226 -4.15 -27.23 7.01
N LEU C 227 -3.14 -28.08 6.97
CA LEU C 227 -1.90 -27.81 6.25
C LEU C 227 -1.93 -28.34 4.82
N LYS C 228 -3.12 -28.69 4.31
CA LYS C 228 -3.23 -29.25 2.97
C LYS C 228 -2.87 -28.21 1.91
N GLY C 229 -1.95 -28.57 1.03
CA GLY C 229 -1.57 -27.69 -0.07
C GLY C 229 -0.83 -26.43 0.35
N LYS C 230 -0.04 -26.50 1.41
CA LYS C 230 0.72 -25.34 1.87
C LYS C 230 2.22 -25.60 2.02
N LEU C 231 2.67 -26.85 2.01
CA LEU C 231 4.07 -27.18 2.18
C LEU C 231 4.61 -27.89 0.94
N ASN C 232 5.88 -27.64 0.62
CA ASN C 232 6.58 -28.29 -0.46
C ASN C 232 8.02 -28.49 -0.05
N GLY C 233 8.66 -29.54 -0.58
CA GLY C 233 10.01 -29.87 -0.16
C GLY C 233 10.71 -30.79 -1.13
N ILE C 234 12.04 -30.70 -1.14
CA ILE C 234 12.91 -31.60 -1.88
C ILE C 234 14.05 -32.00 -0.96
N ALA C 235 14.67 -33.14 -1.26
CA ALA C 235 15.67 -33.73 -0.39
C ALA C 235 17.06 -33.61 -1.00
N LEU C 236 18.08 -33.57 -0.13
CA LEU C 236 19.48 -33.51 -0.53
C LEU C 236 20.23 -34.58 0.26
N ARG C 237 20.80 -35.56 -0.44
CA ARG C 237 21.45 -36.68 0.20
C ARG C 237 22.96 -36.53 0.14
N VAL C 238 23.59 -36.47 1.31
CA VAL C 238 25.01 -36.17 1.43
C VAL C 238 25.69 -37.39 2.03
N PRO C 239 27.02 -37.56 1.81
CA PRO C 239 27.69 -38.81 2.24
C PRO C 239 27.96 -38.91 3.73
N THR C 240 26.87 -39.02 4.51
CA THR C 240 26.95 -39.43 5.90
C THR C 240 26.12 -40.69 6.11
N PRO C 241 26.56 -41.61 6.97
CA PRO C 241 25.84 -42.89 7.09
C PRO C 241 24.46 -42.81 7.72
N ASN C 242 24.33 -42.19 8.91
CA ASN C 242 23.10 -42.36 9.70
C ASN C 242 22.30 -41.07 9.88
N VAL C 243 22.90 -40.02 10.46
CA VAL C 243 22.10 -38.90 10.95
C VAL C 243 21.82 -37.93 9.80
N SER C 244 20.72 -37.18 9.95
CA SER C 244 20.29 -36.25 8.91
C SER C 244 19.66 -35.03 9.55
N VAL C 245 19.59 -33.94 8.78
CA VAL C 245 18.96 -32.71 9.22
C VAL C 245 17.84 -32.35 8.27
N VAL C 246 16.94 -31.51 8.76
CA VAL C 246 15.89 -30.88 7.95
C VAL C 246 15.75 -29.44 8.42
N ASP C 247 15.76 -28.50 7.47
CA ASP C 247 15.44 -27.11 7.78
C ASP C 247 14.13 -26.76 7.10
N LEU C 248 13.31 -25.97 7.80
CA LEU C 248 11.98 -25.61 7.34
C LEU C 248 11.84 -24.09 7.39
N VAL C 249 11.37 -23.52 6.27
CA VAL C 249 11.08 -22.10 6.19
C VAL C 249 9.58 -21.96 5.94
N VAL C 250 8.90 -21.23 6.81
CA VAL C 250 7.46 -21.02 6.70
C VAL C 250 7.16 -19.53 6.87
N GLN C 251 6.10 -19.08 6.20
CA GLN C 251 5.59 -17.73 6.38
C GLN C 251 4.42 -17.81 7.36
N VAL C 252 4.67 -17.44 8.61
CA VAL C 252 3.63 -17.45 9.64
C VAL C 252 2.80 -16.18 9.53
N SER C 253 1.69 -16.13 10.24
CA SER C 253 0.85 -14.93 10.27
C SER C 253 1.21 -14.01 11.43
N LYS C 254 1.24 -14.55 12.65
CA LYS C 254 1.58 -13.76 13.83
C LYS C 254 3.04 -13.32 13.77
N LYS C 255 3.26 -12.02 13.94
CA LYS C 255 4.62 -11.50 13.95
C LYS C 255 5.38 -12.01 15.17
N THR C 256 6.60 -12.47 14.94
CA THR C 256 7.42 -13.03 16.01
C THR C 256 8.89 -12.84 15.65
N PHE C 257 9.78 -13.33 16.51
CA PHE C 257 11.21 -13.29 16.25
C PHE C 257 11.81 -14.64 16.62
N ALA C 258 13.14 -14.70 16.63
CA ALA C 258 13.85 -15.97 16.70
C ALA C 258 13.66 -16.65 18.06
N GLU C 259 14.05 -15.97 19.14
CA GLU C 259 14.10 -16.63 20.44
C GLU C 259 12.72 -17.02 20.96
N GLU C 260 11.68 -16.29 20.56
CA GLU C 260 10.33 -16.64 21.00
C GLU C 260 9.89 -17.98 20.45
N VAL C 261 10.29 -18.29 19.20
CA VAL C 261 9.97 -19.59 18.60
C VAL C 261 10.63 -20.71 19.39
N ASN C 262 11.87 -20.50 19.83
CA ASN C 262 12.54 -21.50 20.67
C ASN C 262 11.83 -21.66 22.00
N ALA C 263 11.41 -20.55 22.62
CA ALA C 263 10.66 -20.63 23.86
C ALA C 263 9.35 -21.36 23.67
N ALA C 264 8.71 -21.20 22.51
CA ALA C 264 7.51 -21.95 22.21
C ALA C 264 7.82 -23.43 22.00
N PHE C 265 8.95 -23.73 21.38
CA PHE C 265 9.35 -25.13 21.17
C PHE C 265 9.74 -25.79 22.49
N ARG C 266 10.49 -25.08 23.34
CA ARG C 266 10.88 -25.64 24.63
C ARG C 266 9.67 -25.91 25.52
N ASP C 267 8.72 -24.97 25.54
CA ASP C 267 7.54 -25.15 26.38
C ASP C 267 6.67 -26.30 25.88
N SER C 268 6.50 -26.40 24.56
CA SER C 268 5.72 -27.50 24.00
C SER C 268 6.44 -28.83 24.15
N ALA C 269 7.77 -28.83 24.12
CA ALA C 269 8.53 -30.06 24.27
C ALA C 269 8.36 -30.67 25.66
N GLU C 270 8.16 -29.83 26.68
CA GLU C 270 7.94 -30.33 28.03
C GLU C 270 6.46 -30.61 28.31
N LYS C 271 5.56 -29.89 27.65
CA LYS C 271 4.14 -29.97 27.99
C LYS C 271 3.48 -31.23 27.43
N GLU C 272 3.40 -31.34 26.10
CA GLU C 272 2.66 -32.43 25.48
C GLU C 272 3.45 -33.26 24.47
N LEU C 273 4.62 -32.80 24.04
CA LEU C 273 5.48 -33.58 23.15
C LEU C 273 6.69 -34.12 23.89
N LYS C 274 6.52 -34.44 25.18
CA LYS C 274 7.58 -35.03 25.98
C LYS C 274 8.00 -36.37 25.41
N GLY C 275 9.30 -36.54 25.19
CA GLY C 275 9.83 -37.74 24.57
C GLY C 275 9.70 -37.79 23.06
N ILE C 276 9.08 -36.78 22.45
CA ILE C 276 8.97 -36.69 21.01
C ILE C 276 9.81 -35.54 20.46
N LEU C 277 9.85 -34.42 21.18
CA LEU C 277 10.60 -33.24 20.77
C LEU C 277 11.53 -32.80 21.89
N ASP C 278 12.76 -32.44 21.52
CA ASP C 278 13.74 -31.90 22.45
C ASP C 278 14.42 -30.72 21.77
N VAL C 279 14.77 -29.70 22.55
CA VAL C 279 15.46 -28.52 22.03
C VAL C 279 16.91 -28.58 22.47
N CYS C 280 17.82 -28.45 21.51
CA CYS C 280 19.26 -28.55 21.77
C CYS C 280 19.86 -27.16 21.78
N ASP C 281 20.49 -26.78 22.89
CA ASP C 281 21.06 -25.45 23.06
C ASP C 281 22.58 -25.44 22.91
N GLU C 282 23.19 -26.58 22.70
CA GLU C 282 24.64 -26.61 22.57
C GLU C 282 25.06 -26.68 21.11
N PRO C 283 26.23 -26.11 20.77
CA PRO C 283 26.73 -26.24 19.39
C PRO C 283 27.13 -27.68 19.10
N LEU C 284 26.33 -28.36 18.27
CA LEU C 284 26.50 -29.80 18.12
C LEU C 284 26.69 -30.22 16.67
N VAL C 285 26.65 -31.52 16.43
CA VAL C 285 27.02 -32.10 15.15
C VAL C 285 26.34 -33.47 15.04
N SER C 286 26.31 -34.04 13.83
CA SER C 286 25.38 -35.13 13.50
C SER C 286 25.58 -36.34 14.41
N VAL C 287 26.83 -36.78 14.60
CA VAL C 287 27.10 -38.03 15.32
C VAL C 287 26.64 -37.93 16.78
N ASP C 288 26.60 -36.72 17.33
CA ASP C 288 26.08 -36.54 18.69
C ASP C 288 24.59 -36.82 18.79
N PHE C 289 23.89 -36.96 17.67
CA PHE C 289 22.48 -37.34 17.65
C PHE C 289 22.27 -38.78 17.20
N ARG C 290 23.35 -39.56 17.10
CA ARG C 290 23.22 -40.98 16.83
C ARG C 290 22.44 -41.66 17.96
N CYS C 291 21.48 -42.51 17.57
CA CYS C 291 20.60 -43.21 18.50
C CYS C 291 19.88 -42.23 19.43
N SER C 292 19.18 -41.28 18.80
CA SER C 292 18.36 -40.32 19.50
C SER C 292 16.92 -40.82 19.54
N ASP C 293 16.31 -40.76 20.72
CA ASP C 293 14.96 -41.28 20.89
C ASP C 293 13.88 -40.28 20.50
N PHE C 294 14.22 -39.00 20.33
CA PHE C 294 13.25 -38.01 19.92
C PHE C 294 13.07 -38.03 18.40
N SER C 295 11.83 -37.83 17.95
CA SER C 295 11.57 -37.72 16.53
C SER C 295 12.28 -36.51 15.93
N THR C 296 12.40 -35.43 16.70
CA THR C 296 13.05 -34.21 16.23
C THR C 296 13.77 -33.56 17.39
N THR C 297 14.97 -33.05 17.11
CA THR C 297 15.74 -32.26 18.07
C THR C 297 16.09 -30.93 17.40
N ILE C 298 15.39 -29.87 17.80
CA ILE C 298 15.65 -28.55 17.24
C ILE C 298 17.01 -28.05 17.71
N ASP C 299 17.74 -27.41 16.80
CA ASP C 299 18.98 -26.72 17.15
C ASP C 299 18.62 -25.26 17.41
N SER C 300 18.76 -24.83 18.66
CA SER C 300 18.31 -23.48 19.04
C SER C 300 19.21 -22.40 18.44
N SER C 301 20.48 -22.72 18.20
CA SER C 301 21.42 -21.69 17.73
C SER C 301 21.11 -21.23 16.32
N LEU C 302 20.56 -22.12 15.48
CA LEU C 302 20.36 -21.83 14.07
C LEU C 302 18.96 -21.32 13.73
N THR C 303 18.03 -21.34 14.69
CA THR C 303 16.70 -20.80 14.45
C THR C 303 16.80 -19.30 14.19
N MET C 304 16.13 -18.86 13.13
CA MET C 304 16.40 -17.53 12.57
C MET C 304 15.18 -17.07 11.80
N VAL C 305 14.77 -15.82 12.02
CA VAL C 305 13.63 -15.25 11.32
C VAL C 305 14.10 -14.04 10.52
N MET C 306 13.35 -13.72 9.46
CA MET C 306 13.61 -12.56 8.65
C MET C 306 12.31 -11.80 8.43
N GLY C 307 12.43 -10.50 8.26
CA GLY C 307 11.25 -9.65 8.24
C GLY C 307 10.57 -9.70 9.60
N ASP C 308 9.30 -10.06 9.60
CA ASP C 308 8.55 -10.26 10.83
C ASP C 308 7.77 -11.57 10.89
N ASP C 309 7.61 -12.28 9.76
CA ASP C 309 6.75 -13.45 9.74
C ASP C 309 7.31 -14.61 8.93
N MET C 310 8.58 -14.58 8.54
CA MET C 310 9.23 -15.69 7.85
C MET C 310 10.19 -16.38 8.81
N VAL C 311 9.94 -17.64 9.13
CA VAL C 311 10.63 -18.36 10.18
C VAL C 311 11.38 -19.53 9.56
N LYS C 312 12.68 -19.63 9.86
CA LYS C 312 13.51 -20.76 9.47
C LYS C 312 13.86 -21.57 10.72
N VAL C 313 13.72 -22.89 10.63
CA VAL C 313 13.96 -23.78 11.77
C VAL C 313 14.70 -25.02 11.29
N ILE C 314 15.82 -25.33 11.95
CA ILE C 314 16.66 -26.48 11.62
C ILE C 314 16.42 -27.55 12.67
N ALA C 315 16.22 -28.80 12.22
CA ALA C 315 15.95 -29.91 13.11
C ALA C 315 16.79 -31.12 12.73
N TRP C 316 17.11 -31.93 13.74
CA TRP C 316 17.90 -33.14 13.58
C TRP C 316 17.04 -34.36 13.86
N TYR C 317 17.30 -35.44 13.14
CA TYR C 317 16.59 -36.70 13.36
C TYR C 317 17.52 -37.85 12.99
N ASP C 318 17.45 -38.93 13.77
CA ASP C 318 18.07 -40.19 13.40
C ASP C 318 17.05 -40.94 12.54
N ASN C 319 17.33 -41.03 11.24
CA ASN C 319 16.38 -41.64 10.32
C ASN C 319 16.20 -43.13 10.58
N GLU C 320 17.29 -43.84 10.88
CA GLU C 320 17.19 -45.28 11.12
C GLU C 320 16.60 -45.56 12.50
N TRP C 321 17.23 -45.02 13.55
CA TRP C 321 16.86 -45.40 14.91
C TRP C 321 15.63 -44.63 15.40
N GLY C 322 15.66 -43.30 15.32
CA GLY C 322 14.59 -42.50 15.87
C GLY C 322 13.25 -42.78 15.22
N TYR C 323 13.26 -43.06 13.92
CA TYR C 323 12.03 -43.50 13.27
C TYR C 323 11.63 -44.90 13.73
N SER C 324 12.61 -45.78 13.95
CA SER C 324 12.30 -47.13 14.39
C SER C 324 11.68 -47.16 15.78
N GLN C 325 12.03 -46.20 16.64
CA GLN C 325 11.40 -46.10 17.94
C GLN C 325 9.92 -45.78 17.82
N ARG C 326 9.56 -44.91 16.87
CA ARG C 326 8.17 -44.52 16.70
C ARG C 326 7.33 -45.66 16.10
N VAL C 327 7.96 -46.53 15.31
CA VAL C 327 7.25 -47.71 14.81
C VAL C 327 6.91 -48.64 15.96
N VAL C 328 7.81 -48.77 16.93
CA VAL C 328 7.52 -49.53 18.14
C VAL C 328 6.39 -48.88 18.92
N ASP C 329 6.48 -47.56 19.12
CA ASP C 329 5.46 -46.85 19.89
C ASP C 329 4.11 -46.86 19.20
N LEU C 330 4.09 -46.82 17.85
CA LEU C 330 2.83 -46.94 17.13
C LEU C 330 2.26 -48.35 17.25
N ALA C 331 3.13 -49.36 17.21
CA ALA C 331 2.68 -50.73 17.37
C ALA C 331 2.17 -51.01 18.78
N ASP C 332 2.76 -50.35 19.79
CA ASP C 332 2.22 -50.43 21.14
C ASP C 332 0.84 -49.77 21.21
N ILE C 333 0.64 -48.68 20.46
CA ILE C 333 -0.66 -48.02 20.44
C ILE C 333 -1.73 -48.95 19.86
N VAL C 334 -1.39 -49.65 18.77
CA VAL C 334 -2.33 -50.60 18.18
C VAL C 334 -2.66 -51.71 19.16
N ALA C 335 -1.65 -52.23 19.85
CA ALA C 335 -1.86 -53.34 20.78
C ALA C 335 -2.66 -52.90 22.01
N ASN C 336 -2.61 -51.61 22.37
CA ASN C 336 -3.29 -51.16 23.57
C ASN C 336 -4.81 -51.19 23.40
N ASN C 337 -5.32 -50.59 22.33
CA ASN C 337 -6.74 -50.67 21.99
C ASN C 337 -7.02 -51.76 20.96
N TRP C 338 -6.14 -52.75 20.85
CA TRP C 338 -6.42 -53.94 20.04
C TRP C 338 -7.62 -54.67 20.62
N LYS C 339 -8.68 -54.80 19.83
CA LYS C 339 -9.87 -55.51 20.27
C LYS C 339 -10.42 -56.42 19.19
N LYS D 4 45.78 -44.21 45.10
CA LYS D 4 45.81 -42.77 45.33
C LYS D 4 47.11 -42.15 44.85
N LEU D 5 47.35 -42.20 43.55
CA LEU D 5 48.54 -41.61 42.93
C LEU D 5 48.10 -40.45 42.06
N LYS D 6 48.65 -39.28 42.32
CA LYS D 6 48.21 -38.04 41.68
C LYS D 6 48.85 -37.91 40.30
N VAL D 7 48.05 -38.05 39.25
CA VAL D 7 48.52 -37.99 37.87
C VAL D 7 47.76 -36.90 37.12
N ALA D 8 48.38 -36.42 36.04
CA ALA D 8 47.76 -35.38 35.22
C ALA D 8 48.17 -35.57 33.77
N ILE D 9 47.45 -34.88 32.89
CA ILE D 9 47.58 -35.05 31.44
C ILE D 9 48.13 -33.77 30.83
N ASN D 10 49.10 -33.92 29.93
CA ASN D 10 49.71 -32.79 29.24
C ASN D 10 49.15 -32.56 27.85
N GLY D 11 48.46 -33.53 27.26
CA GLY D 11 47.82 -33.32 25.98
C GLY D 11 46.44 -33.94 25.93
N PHE D 12 45.42 -33.13 25.68
CA PHE D 12 44.03 -33.57 25.74
C PHE D 12 43.48 -33.89 24.35
N GLY D 13 44.31 -34.45 23.47
CA GLY D 13 43.85 -34.86 22.17
C GLY D 13 43.13 -36.18 22.16
N ARG D 14 43.37 -36.99 21.14
CA ARG D 14 42.69 -38.28 21.04
C ARG D 14 43.15 -39.23 22.13
N ILE D 15 44.46 -39.34 22.34
CA ILE D 15 44.96 -40.25 23.36
C ILE D 15 44.74 -39.66 24.75
N GLY D 16 44.70 -38.34 24.87
CA GLY D 16 44.41 -37.74 26.16
C GLY D 16 42.97 -37.98 26.59
N ARG D 17 42.02 -37.76 25.68
CA ARG D 17 40.62 -37.97 26.02
C ARG D 17 40.30 -39.44 26.23
N ASN D 18 40.83 -40.32 25.37
CA ASN D 18 40.60 -41.75 25.52
C ASN D 18 41.19 -42.29 26.80
N PHE D 19 42.31 -41.71 27.25
CA PHE D 19 42.90 -42.11 28.53
C PHE D 19 41.94 -41.87 29.68
N LEU D 20 41.34 -40.67 29.73
CA LEU D 20 40.44 -40.32 30.81
C LEU D 20 39.22 -41.24 30.83
N ARG D 21 38.63 -41.49 29.66
CA ARG D 21 37.45 -42.35 29.60
C ARG D 21 37.81 -43.82 29.81
N CYS D 22 39.04 -44.21 29.48
CA CYS D 22 39.49 -45.55 29.85
C CYS D 22 39.74 -45.66 31.35
N TRP D 23 40.26 -44.60 31.96
CA TRP D 23 40.41 -44.59 33.41
C TRP D 23 39.07 -44.55 34.12
N HIS D 24 38.06 -43.91 33.52
CA HIS D 24 36.74 -43.83 34.13
C HIS D 24 36.04 -45.19 34.15
N GLY D 25 36.34 -46.05 33.17
CA GLY D 25 35.71 -47.36 33.11
C GLY D 25 36.24 -48.35 34.13
N ARG D 26 37.43 -48.12 34.67
CA ARG D 26 38.01 -49.04 35.64
C ARG D 26 37.19 -49.04 36.92
N LYS D 27 37.00 -50.23 37.48
CA LYS D 27 36.17 -50.37 38.67
C LYS D 27 36.89 -49.91 39.93
N ASP D 28 38.20 -50.17 40.04
CA ASP D 28 38.98 -49.72 41.18
C ASP D 28 40.40 -49.46 40.71
N SER D 29 40.79 -48.20 40.69
CA SER D 29 42.08 -47.78 40.16
C SER D 29 42.82 -46.93 41.18
N PRO D 30 44.15 -47.06 41.24
CA PRO D 30 44.95 -46.19 42.12
C PRO D 30 45.32 -44.84 41.52
N LEU D 31 44.75 -44.48 40.37
CA LEU D 31 45.06 -43.21 39.71
C LEU D 31 44.00 -42.17 40.08
N ASP D 32 44.45 -40.95 40.32
CA ASP D 32 43.55 -39.82 40.50
C ASP D 32 44.03 -38.70 39.59
N ILE D 33 43.16 -38.25 38.70
CA ILE D 33 43.47 -37.16 37.79
C ILE D 33 43.05 -35.85 38.45
N ILE D 34 43.91 -34.84 38.38
CA ILE D 34 43.67 -33.56 39.01
C ILE D 34 43.74 -32.41 38.00
N ALA D 35 44.73 -32.42 37.13
CA ALA D 35 44.95 -31.32 36.20
C ALA D 35 44.99 -31.83 34.78
N ILE D 36 44.63 -30.95 33.84
CA ILE D 36 44.76 -31.19 32.41
C ILE D 36 45.44 -29.98 31.81
N ASN D 37 46.56 -30.18 31.13
CA ASN D 37 47.23 -29.14 30.38
C ASN D 37 46.88 -29.31 28.91
N ASP D 38 46.39 -28.23 28.29
CA ASP D 38 46.07 -28.27 26.88
C ASP D 38 45.88 -26.85 26.37
N THR D 39 46.03 -26.69 25.06
CA THR D 39 45.64 -25.46 24.38
C THR D 39 44.12 -25.48 24.19
N GLY D 40 43.42 -25.32 25.30
CA GLY D 40 41.97 -25.42 25.30
C GLY D 40 41.31 -24.80 26.51
N GLY D 41 40.16 -24.16 26.29
CA GLY D 41 39.40 -23.59 27.37
C GLY D 41 38.65 -24.63 28.18
N VAL D 42 37.95 -24.15 29.19
CA VAL D 42 37.16 -25.04 30.04
C VAL D 42 35.95 -25.57 29.29
N LYS D 43 35.18 -24.66 28.68
CA LYS D 43 34.07 -25.08 27.84
C LYS D 43 34.56 -25.87 26.62
N GLN D 44 35.79 -25.59 26.17
CA GLN D 44 36.33 -26.26 25.00
C GLN D 44 36.75 -27.69 25.31
N ALA D 45 37.41 -27.89 26.46
CA ALA D 45 37.85 -29.23 26.82
C ALA D 45 36.68 -30.10 27.27
N SER D 46 35.73 -29.51 27.99
CA SER D 46 34.58 -30.29 28.48
C SER D 46 33.70 -30.77 27.34
N HIS D 47 33.46 -29.91 26.34
CA HIS D 47 32.60 -30.29 25.23
C HIS D 47 33.23 -31.37 24.36
N LEU D 48 34.56 -31.35 24.21
CA LEU D 48 35.22 -32.40 23.44
C LEU D 48 35.27 -33.71 24.20
N LEU D 49 35.22 -33.65 25.54
CA LEU D 49 35.21 -34.88 26.33
C LEU D 49 33.85 -35.57 26.25
N LYS D 50 32.78 -34.81 26.46
CA LYS D 50 31.44 -35.40 26.46
C LYS D 50 31.08 -35.95 25.09
N TYR D 51 31.19 -35.12 24.06
CA TYR D 51 30.81 -35.50 22.71
C TYR D 51 32.05 -35.83 21.90
N ASP D 52 32.07 -37.02 21.31
CA ASP D 52 33.19 -37.47 20.49
C ASP D 52 32.64 -38.10 19.22
N SER D 53 33.20 -37.72 18.07
CA SER D 53 32.69 -38.20 16.79
C SER D 53 32.99 -39.68 16.56
N THR D 54 33.94 -40.24 17.31
CA THR D 54 34.40 -41.61 17.09
C THR D 54 33.77 -42.60 18.07
N LEU D 55 33.88 -42.34 19.37
CA LEU D 55 33.44 -43.28 20.39
C LEU D 55 32.03 -43.02 20.89
N GLY D 56 31.40 -41.92 20.48
CA GLY D 56 30.08 -41.58 20.96
C GLY D 56 30.14 -40.73 22.22
N ILE D 57 28.95 -40.44 22.73
CA ILE D 57 28.82 -39.51 23.85
C ILE D 57 29.28 -40.18 25.14
N PHE D 58 30.13 -39.47 25.88
CA PHE D 58 30.61 -39.97 27.17
C PHE D 58 29.44 -40.11 28.15
N ASP D 59 29.32 -41.30 28.74
CA ASP D 59 28.23 -41.59 29.67
C ASP D 59 28.64 -41.12 31.07
N ALA D 60 28.52 -39.81 31.28
CA ALA D 60 28.83 -39.20 32.57
C ALA D 60 28.07 -37.88 32.65
N ASP D 61 28.32 -37.13 33.71
CA ASP D 61 27.73 -35.81 33.92
C ASP D 61 28.87 -34.80 33.86
N VAL D 62 29.16 -34.32 32.65
CA VAL D 62 30.29 -33.44 32.40
C VAL D 62 29.78 -32.01 32.31
N LYS D 63 30.28 -31.15 33.19
CA LYS D 63 29.92 -29.74 33.25
C LYS D 63 31.09 -28.96 33.80
N PRO D 64 31.19 -27.66 33.50
CA PRO D 64 32.29 -26.86 34.05
C PRO D 64 31.97 -26.39 35.47
N SER D 65 32.96 -26.53 36.36
CA SER D 65 32.89 -26.00 37.72
C SER D 65 33.87 -24.85 37.80
N GLY D 66 33.36 -23.63 37.63
CA GLY D 66 34.22 -22.47 37.59
C GLY D 66 34.80 -22.25 36.21
N GLU D 67 35.74 -21.30 36.14
CA GLU D 67 36.42 -20.97 34.90
C GLU D 67 37.81 -21.59 34.80
N THR D 68 38.16 -22.47 35.75
CA THR D 68 39.45 -23.14 35.72
C THR D 68 39.35 -24.66 35.83
N ALA D 69 38.14 -25.22 35.96
CA ALA D 69 38.00 -26.64 36.22
C ALA D 69 36.67 -27.13 35.64
N ILE D 70 36.57 -28.45 35.50
CA ILE D 70 35.37 -29.11 35.01
C ILE D 70 34.94 -30.16 36.02
N SER D 71 33.66 -30.52 35.98
CA SER D 71 33.10 -31.55 36.83
C SER D 71 32.79 -32.78 35.98
N VAL D 72 33.30 -33.93 36.40
CA VAL D 72 33.12 -35.19 35.68
C VAL D 72 32.61 -36.23 36.67
N ASP D 73 31.31 -36.55 36.58
CA ASP D 73 30.66 -37.55 37.43
C ASP D 73 30.83 -37.24 38.92
N GLY D 74 30.85 -35.95 39.26
CA GLY D 74 31.05 -35.52 40.62
C GLY D 74 32.48 -35.18 40.99
N LYS D 75 33.44 -35.57 40.16
CA LYS D 75 34.85 -35.28 40.41
C LYS D 75 35.28 -34.05 39.61
N ILE D 76 36.07 -33.19 40.23
CA ILE D 76 36.51 -31.93 39.64
C ILE D 76 37.99 -32.03 39.31
N ILE D 77 38.36 -31.57 38.11
CA ILE D 77 39.74 -31.53 37.68
C ILE D 77 40.04 -30.14 37.10
N GLN D 78 41.15 -29.55 37.53
CA GLN D 78 41.53 -28.24 37.04
C GLN D 78 42.04 -28.34 35.60
N VAL D 79 41.84 -27.26 34.84
CA VAL D 79 42.27 -27.20 33.45
C VAL D 79 43.23 -26.03 33.33
N VAL D 80 44.53 -26.32 33.45
CA VAL D 80 45.55 -25.32 33.18
C VAL D 80 45.82 -25.27 31.68
N SER D 81 46.18 -24.10 31.18
CA SER D 81 46.42 -23.91 29.75
C SER D 81 47.70 -23.12 29.56
N ASN D 82 48.80 -23.82 29.29
CA ASN D 82 50.08 -23.18 29.01
C ASN D 82 50.90 -24.12 28.13
N ARG D 83 51.29 -23.65 26.94
CA ARG D 83 52.02 -24.50 26.01
C ARG D 83 53.42 -24.82 26.47
N ASN D 84 54.02 -24.00 27.32
CA ASN D 84 55.36 -24.27 27.83
C ASN D 84 55.26 -25.16 29.06
N PRO D 85 55.88 -26.33 29.07
CA PRO D 85 55.78 -27.20 30.25
C PRO D 85 56.57 -26.70 31.44
N SER D 86 57.69 -26.01 31.22
CA SER D 86 58.52 -25.55 32.32
C SER D 86 57.84 -24.48 33.17
N LEU D 87 56.76 -23.88 32.66
CA LEU D 87 56.02 -22.87 33.40
C LEU D 87 54.69 -23.41 33.94
N LEU D 88 54.56 -24.75 34.05
CA LEU D 88 53.30 -25.35 34.47
C LEU D 88 53.26 -25.52 35.99
N PRO D 89 52.08 -25.39 36.59
CA PRO D 89 51.93 -25.57 38.04
C PRO D 89 51.72 -27.02 38.47
N TRP D 90 52.80 -27.80 38.47
CA TRP D 90 52.70 -29.19 38.88
C TRP D 90 52.98 -29.35 40.37
N LYS D 91 54.03 -28.71 40.88
CA LYS D 91 54.34 -28.77 42.31
C LYS D 91 53.21 -28.17 43.14
N GLU D 92 52.49 -27.19 42.60
CA GLU D 92 51.42 -26.54 43.35
C GLU D 92 50.22 -27.45 43.53
N LEU D 93 49.95 -28.34 42.57
CA LEU D 93 48.85 -29.29 42.70
C LEU D 93 49.30 -30.64 43.25
N GLY D 94 50.59 -30.95 43.19
CA GLY D 94 51.11 -32.17 43.78
C GLY D 94 51.09 -33.36 42.85
N ILE D 95 51.60 -33.18 41.63
CA ILE D 95 51.53 -34.21 40.61
C ILE D 95 52.67 -35.21 40.80
N ASP D 96 52.35 -36.50 40.63
CA ASP D 96 53.37 -37.55 40.68
C ASP D 96 53.89 -37.88 39.27
N ILE D 97 52.99 -38.26 38.36
CA ILE D 97 53.36 -38.52 36.97
C ILE D 97 52.51 -37.66 36.05
N VAL D 98 53.02 -37.49 34.82
CA VAL D 98 52.36 -36.69 33.79
C VAL D 98 52.30 -37.50 32.50
N ILE D 99 51.12 -37.55 31.89
CA ILE D 99 50.95 -38.21 30.61
C ILE D 99 51.33 -37.24 29.50
N GLU D 100 52.34 -37.61 28.71
CA GLU D 100 52.82 -36.75 27.63
C GLU D 100 52.12 -37.16 26.33
N GLY D 101 51.03 -36.47 26.01
CA GLY D 101 50.29 -36.73 24.79
C GLY D 101 50.38 -35.64 23.73
N THR D 102 51.22 -34.63 23.92
CA THR D 102 51.32 -33.56 22.94
C THR D 102 51.96 -34.04 21.65
N GLY D 103 52.96 -34.92 21.76
CA GLY D 103 53.69 -35.38 20.60
C GLY D 103 54.83 -34.49 20.17
N VAL D 104 55.02 -33.35 20.83
CA VAL D 104 56.15 -32.47 20.54
C VAL D 104 57.25 -32.54 21.58
N PHE D 105 57.04 -33.29 22.67
CA PHE D 105 58.06 -33.52 23.69
C PHE D 105 58.24 -35.03 23.83
N VAL D 106 59.09 -35.60 22.97
CA VAL D 106 59.43 -37.01 22.99
C VAL D 106 60.91 -37.23 23.18
N ASP D 107 61.67 -36.16 23.42
CA ASP D 107 63.09 -36.23 23.71
C ASP D 107 63.32 -35.96 25.18
N ARG D 108 64.46 -36.44 25.68
CA ARG D 108 64.79 -36.28 27.11
C ARG D 108 64.96 -34.81 27.47
N GLU D 109 65.49 -34.00 26.55
CA GLU D 109 65.62 -32.57 26.82
C GLU D 109 64.25 -31.92 26.96
N GLY D 110 63.31 -32.27 26.07
CA GLY D 110 62.00 -31.64 26.10
C GLY D 110 61.10 -32.16 27.22
N ALA D 111 60.97 -33.48 27.31
CA ALA D 111 60.09 -34.09 28.30
C ALA D 111 60.58 -33.87 29.73
N GLY D 112 61.82 -33.42 29.92
CA GLY D 112 62.31 -33.07 31.24
C GLY D 112 61.77 -31.77 31.78
N LYS D 113 61.07 -30.97 30.96
CA LYS D 113 60.50 -29.72 31.43
C LYS D 113 59.38 -29.93 32.43
N HIS D 114 58.83 -31.15 32.53
CA HIS D 114 57.82 -31.45 33.53
C HIS D 114 58.45 -31.70 34.90
N ILE D 115 59.44 -32.60 34.95
CA ILE D 115 60.15 -32.85 36.20
C ILE D 115 60.93 -31.61 36.62
N GLU D 116 61.38 -30.81 35.65
CA GLU D 116 61.95 -29.50 35.96
C GLU D 116 60.93 -28.57 36.61
N ALA D 117 59.64 -28.80 36.36
CA ALA D 117 58.58 -27.97 36.89
C ALA D 117 57.88 -28.56 38.11
N GLY D 118 58.22 -29.80 38.50
CA GLY D 118 57.66 -30.36 39.72
C GLY D 118 57.07 -31.75 39.59
N ALA D 119 57.33 -32.42 38.46
CA ALA D 119 56.87 -33.78 38.26
C ALA D 119 57.91 -34.78 38.77
N LYS D 120 57.44 -35.92 39.25
CA LYS D 120 58.32 -36.98 39.72
C LYS D 120 58.54 -38.05 38.66
N LYS D 121 57.73 -38.09 37.61
CA LYS D 121 57.81 -39.06 36.53
C LYS D 121 56.96 -38.54 35.38
N VAL D 122 57.29 -38.97 34.17
CA VAL D 122 56.47 -38.69 33.00
C VAL D 122 56.36 -39.95 32.16
N ILE D 123 55.22 -40.10 31.48
CA ILE D 123 54.97 -41.22 30.58
C ILE D 123 54.77 -40.64 29.19
N ILE D 124 55.69 -40.94 28.28
CA ILE D 124 55.58 -40.49 26.90
C ILE D 124 54.71 -41.46 26.13
N THR D 125 53.71 -40.94 25.43
CA THR D 125 52.79 -41.76 24.65
C THR D 125 53.27 -42.01 23.23
N ALA D 126 54.57 -41.86 22.98
CA ALA D 126 55.15 -42.02 21.65
C ALA D 126 56.47 -42.77 21.78
N PRO D 127 56.97 -43.34 20.69
CA PRO D 127 58.34 -43.84 20.68
C PRO D 127 59.33 -42.71 20.98
N GLY D 128 60.03 -42.83 22.11
CA GLY D 128 60.93 -41.77 22.52
C GLY D 128 62.16 -41.68 21.64
N LYS D 129 62.69 -40.47 21.54
CA LYS D 129 63.87 -40.21 20.73
C LYS D 129 65.13 -40.42 21.57
N GLY D 130 66.06 -41.20 21.05
CA GLY D 130 67.30 -41.46 21.76
C GLY D 130 67.15 -42.56 22.80
N ASP D 131 68.03 -42.50 23.80
CA ASP D 131 68.06 -43.51 24.87
C ASP D 131 66.90 -43.24 25.82
N ILE D 132 65.85 -44.04 25.71
CA ILE D 132 64.69 -43.92 26.59
C ILE D 132 64.10 -45.31 26.77
N PRO D 133 63.52 -45.63 27.94
CA PRO D 133 62.90 -46.93 28.12
C PRO D 133 61.64 -47.07 27.28
N THR D 134 61.55 -48.19 26.56
CA THR D 134 60.39 -48.51 25.73
C THR D 134 59.74 -49.77 26.28
N TYR D 135 58.51 -49.65 26.76
CA TYR D 135 57.83 -50.73 27.47
C TYR D 135 56.49 -51.02 26.81
N VAL D 136 56.19 -52.31 26.66
CA VAL D 136 54.92 -52.78 26.12
C VAL D 136 54.31 -53.74 27.13
N VAL D 137 53.02 -53.53 27.44
CA VAL D 137 52.35 -54.33 28.46
C VAL D 137 52.19 -55.76 27.97
N GLY D 138 52.55 -56.71 28.83
CA GLY D 138 52.50 -58.12 28.50
C GLY D 138 53.76 -58.70 27.91
N VAL D 139 54.68 -57.85 27.45
CA VAL D 139 55.94 -58.27 26.85
C VAL D 139 57.14 -57.72 27.62
N ASN D 140 57.19 -56.41 27.81
CA ASN D 140 58.29 -55.74 28.50
C ASN D 140 57.85 -55.11 29.81
N ALA D 141 56.74 -55.58 30.39
CA ALA D 141 56.21 -54.96 31.60
C ALA D 141 57.08 -55.26 32.82
N ASP D 142 57.75 -56.41 32.84
CA ASP D 142 58.50 -56.81 34.02
C ASP D 142 59.76 -55.97 34.20
N ALA D 143 60.50 -55.76 33.11
CA ALA D 143 61.78 -55.06 33.20
C ALA D 143 61.58 -53.57 33.41
N TYR D 144 61.04 -53.20 34.56
CA TYR D 144 60.79 -51.80 34.90
C TYR D 144 61.14 -51.59 36.36
N SER D 145 61.79 -50.47 36.65
CA SER D 145 62.13 -50.09 38.02
C SER D 145 61.67 -48.66 38.27
N HIS D 146 61.62 -48.31 39.55
CA HIS D 146 61.33 -46.93 39.95
C HIS D 146 62.42 -45.95 39.53
N ASP D 147 63.56 -46.47 39.08
CA ASP D 147 64.71 -45.62 38.75
C ASP D 147 64.44 -44.75 37.53
N GLU D 148 63.73 -45.28 36.54
CA GLU D 148 63.51 -44.55 35.29
C GLU D 148 62.56 -43.38 35.52
N PRO D 149 63.00 -42.13 35.33
CA PRO D 149 62.10 -40.99 35.53
C PRO D 149 61.19 -40.75 34.33
N ILE D 150 61.66 -41.14 33.15
CA ILE D 150 60.92 -40.97 31.90
C ILE D 150 60.79 -42.33 31.24
N ILE D 151 59.56 -42.72 30.91
CA ILE D 151 59.31 -43.98 30.24
C ILE D 151 58.41 -43.71 29.04
N SER D 152 58.54 -44.55 28.02
CA SER D 152 57.82 -44.38 26.76
C SER D 152 57.07 -45.65 26.43
N ASN D 153 55.74 -45.55 26.36
CA ASN D 153 54.93 -46.61 25.77
C ASN D 153 55.03 -46.50 24.26
N ALA D 154 55.26 -47.62 23.59
CA ALA D 154 55.57 -47.63 22.18
C ALA D 154 54.36 -47.18 21.35
N SER D 155 54.55 -47.11 20.03
CA SER D 155 53.53 -46.57 19.14
C SER D 155 52.31 -47.50 19.10
N CYS D 156 51.28 -47.04 18.38
CA CYS D 156 50.00 -47.75 18.37
C CYS D 156 50.15 -49.15 17.80
N THR D 157 50.82 -49.29 16.66
CA THR D 157 50.98 -50.60 16.05
C THR D 157 52.13 -51.41 16.64
N THR D 158 52.95 -50.80 17.51
CA THR D 158 53.97 -51.58 18.20
C THR D 158 53.36 -52.39 19.34
N ASN D 159 52.45 -51.78 20.11
CA ASN D 159 51.73 -52.50 21.15
C ASN D 159 50.85 -53.61 20.58
N CYS D 160 50.58 -53.58 19.28
CA CYS D 160 49.88 -54.67 18.61
C CYS D 160 50.85 -55.71 18.06
N LEU D 161 52.00 -55.28 17.55
CA LEU D 161 52.91 -56.20 16.88
C LEU D 161 53.70 -57.06 17.86
N ALA D 162 54.11 -56.48 18.99
CA ALA D 162 54.90 -57.23 19.96
C ALA D 162 54.18 -58.44 20.58
N PRO D 163 52.90 -58.37 20.98
CA PRO D 163 52.29 -59.55 21.61
C PRO D 163 52.24 -60.79 20.73
N PHE D 164 51.72 -60.69 19.51
CA PHE D 164 51.60 -61.90 18.68
C PHE D 164 52.90 -62.26 17.97
N VAL D 165 53.99 -61.53 18.22
CA VAL D 165 55.31 -61.90 17.77
C VAL D 165 56.10 -62.59 18.87
N LYS D 166 55.96 -62.12 20.11
CA LYS D 166 56.62 -62.73 21.25
C LYS D 166 56.25 -64.20 21.39
N VAL D 167 54.98 -64.54 21.16
CA VAL D 167 54.58 -65.94 21.14
C VAL D 167 55.08 -66.63 19.88
N LEU D 168 55.11 -65.89 18.76
CA LEU D 168 55.58 -66.47 17.51
C LEU D 168 57.08 -66.75 17.54
N ASP D 169 57.85 -65.83 18.13
CA ASP D 169 59.30 -66.00 18.17
C ASP D 169 59.71 -67.12 19.13
N GLN D 170 59.03 -67.25 20.26
CA GLN D 170 59.42 -68.23 21.26
C GLN D 170 59.01 -69.65 20.88
N LYS D 171 57.90 -69.81 20.16
CA LYS D 171 57.39 -71.13 19.84
C LYS D 171 57.74 -71.61 18.44
N PHE D 172 58.17 -70.71 17.54
CA PHE D 172 58.47 -71.11 16.18
C PHE D 172 59.86 -70.62 15.76
N GLY D 173 60.28 -69.48 16.30
CA GLY D 173 61.55 -68.89 15.91
C GLY D 173 61.39 -68.04 14.67
N ILE D 174 61.81 -66.78 14.74
CA ILE D 174 61.65 -65.84 13.63
C ILE D 174 63.01 -65.59 13.02
N ILE D 175 63.21 -66.06 11.79
CA ILE D 175 64.43 -65.77 11.06
C ILE D 175 64.41 -64.35 10.52
N LYS D 176 63.40 -64.04 9.71
CA LYS D 176 63.25 -62.72 9.11
C LYS D 176 61.77 -62.48 8.87
N GLY D 177 61.43 -61.24 8.53
CA GLY D 177 60.05 -60.92 8.23
C GLY D 177 59.89 -59.45 7.97
N THR D 178 58.72 -59.11 7.40
CA THR D 178 58.34 -57.74 7.13
C THR D 178 56.92 -57.53 7.62
N MET D 179 56.44 -56.29 7.51
CA MET D 179 55.17 -55.89 8.08
C MET D 179 54.60 -54.74 7.27
N THR D 180 53.28 -54.70 7.12
CA THR D 180 52.63 -53.55 6.50
C THR D 180 51.25 -53.38 7.14
N THR D 181 51.09 -52.31 7.90
CA THR D 181 49.84 -52.02 8.59
C THR D 181 49.07 -50.95 7.79
N THR D 182 47.87 -51.30 7.36
CA THR D 182 46.99 -50.33 6.73
C THR D 182 46.32 -49.53 7.85
N HIS D 183 46.83 -48.34 8.10
CA HIS D 183 46.47 -47.55 9.27
C HIS D 183 45.35 -46.56 8.94
N SER D 184 44.57 -46.22 9.97
CA SER D 184 43.55 -45.19 9.83
C SER D 184 44.19 -43.82 9.93
N TYR D 185 43.58 -42.83 9.27
CA TYR D 185 44.15 -41.50 9.28
C TYR D 185 44.03 -40.86 10.66
N THR D 186 45.06 -40.11 11.03
CA THR D 186 45.16 -39.47 12.33
C THR D 186 45.19 -37.95 12.15
N GLY D 187 45.35 -37.23 13.26
CA GLY D 187 45.53 -35.80 13.20
C GLY D 187 46.84 -35.36 12.57
N ASP D 188 47.72 -36.29 12.22
CA ASP D 188 48.98 -35.96 11.58
C ASP D 188 48.75 -35.43 10.17
N GLN D 189 47.88 -36.09 9.40
CA GLN D 189 47.64 -35.72 8.01
C GLN D 189 46.76 -34.48 7.94
N ARG D 190 46.58 -33.99 6.71
CA ARG D 190 45.79 -32.79 6.44
C ARG D 190 44.46 -33.18 5.79
N LEU D 191 43.43 -32.39 6.09
CA LEU D 191 42.10 -32.64 5.52
C LEU D 191 42.12 -32.49 4.01
N LEU D 192 42.43 -31.29 3.52
CA LEU D 192 42.73 -31.07 2.12
C LEU D 192 44.23 -30.87 1.95
N ASP D 193 44.68 -30.86 0.69
CA ASP D 193 46.08 -30.67 0.38
C ASP D 193 46.58 -29.34 0.91
N ALA D 194 47.48 -29.38 1.90
CA ALA D 194 48.00 -28.19 2.53
C ALA D 194 49.49 -28.38 2.77
N SER D 195 50.12 -27.35 3.35
CA SER D 195 51.56 -27.39 3.58
C SER D 195 51.89 -28.37 4.70
N HIS D 196 52.81 -29.30 4.41
CA HIS D 196 53.32 -30.22 5.42
C HIS D 196 54.66 -30.75 4.92
N ARG D 197 55.55 -31.04 5.88
CA ARG D 197 56.92 -31.39 5.53
C ARG D 197 57.02 -32.79 4.91
N ASP D 198 56.09 -33.68 5.25
CA ASP D 198 56.03 -35.00 4.63
C ASP D 198 55.13 -34.91 3.40
N LEU D 199 55.74 -34.96 2.21
CA LEU D 199 55.01 -34.72 0.97
C LEU D 199 53.91 -35.74 0.72
N ARG D 200 53.99 -36.92 1.35
CA ARG D 200 52.89 -37.87 1.27
C ARG D 200 51.75 -37.48 2.20
N ARG D 201 52.07 -37.15 3.45
CA ARG D 201 51.04 -36.79 4.43
C ARG D 201 50.44 -35.42 4.14
N ALA D 202 51.10 -34.58 3.34
CA ALA D 202 50.58 -33.26 3.02
C ALA D 202 49.31 -33.31 2.17
N ARG D 203 48.95 -34.47 1.64
CA ARG D 203 47.83 -34.61 0.74
C ARG D 203 46.57 -35.00 1.51
N ALA D 204 45.43 -34.90 0.83
CA ALA D 204 44.13 -35.04 1.48
C ALA D 204 43.96 -36.43 2.09
N ALA D 205 43.66 -36.46 3.38
CA ALA D 205 43.61 -37.72 4.12
C ALA D 205 42.32 -38.49 3.86
N ALA D 206 41.18 -37.79 3.80
CA ALA D 206 39.90 -38.46 3.63
C ALA D 206 39.69 -39.04 2.24
N LEU D 207 40.52 -38.67 1.27
CA LEU D 207 40.26 -39.02 -0.12
C LEU D 207 40.95 -40.31 -0.57
N ASN D 208 42.16 -40.59 -0.07
CA ASN D 208 42.99 -41.58 -0.73
C ASN D 208 43.90 -42.30 0.26
N ILE D 209 44.60 -43.31 -0.24
CA ILE D 209 45.58 -44.06 0.54
C ILE D 209 46.89 -43.30 0.57
N VAL D 210 47.54 -43.25 1.73
CA VAL D 210 48.80 -42.54 1.90
C VAL D 210 49.84 -43.49 2.50
N PRO D 211 50.90 -43.84 1.78
CA PRO D 211 51.99 -44.59 2.42
C PRO D 211 52.79 -43.69 3.35
N THR D 212 53.09 -44.19 4.55
CA THR D 212 53.97 -43.50 5.47
C THR D 212 54.92 -44.51 6.09
N SER D 213 56.14 -44.06 6.35
CA SER D 213 57.10 -44.90 7.05
C SER D 213 56.69 -45.09 8.51
N THR D 214 57.12 -46.21 9.08
CA THR D 214 56.91 -46.46 10.50
C THR D 214 58.18 -47.02 11.09
N GLY D 215 58.43 -46.66 12.35
CA GLY D 215 59.51 -47.23 13.12
C GLY D 215 59.06 -48.35 14.03
N ALA D 216 57.77 -48.70 13.99
CA ALA D 216 57.23 -49.70 14.90
C ALA D 216 57.83 -51.08 14.64
N ALA D 217 58.20 -51.38 13.39
CA ALA D 217 58.79 -52.68 13.11
C ALA D 217 60.19 -52.79 13.70
N LYS D 218 60.95 -51.69 13.69
CA LYS D 218 62.24 -51.69 14.37
C LYS D 218 62.09 -51.60 15.87
N ALA D 219 61.05 -50.91 16.34
CA ALA D 219 60.89 -50.63 17.76
C ALA D 219 60.61 -51.87 18.59
N VAL D 220 60.21 -52.98 17.96
CA VAL D 220 59.98 -54.21 18.72
C VAL D 220 61.28 -54.82 19.22
N ALA D 221 62.42 -54.45 18.62
CA ALA D 221 63.71 -54.89 19.13
C ALA D 221 64.03 -54.27 20.48
N LEU D 222 63.37 -53.16 20.82
CA LEU D 222 63.59 -52.54 22.13
C LEU D 222 62.96 -53.36 23.24
N VAL D 223 61.87 -54.07 22.96
CA VAL D 223 61.18 -54.87 23.98
C VAL D 223 61.55 -56.33 23.81
N LEU D 224 61.88 -56.74 22.59
CA LEU D 224 62.31 -58.11 22.28
C LEU D 224 63.70 -58.02 21.66
N PRO D 225 64.76 -58.02 22.47
CA PRO D 225 66.12 -57.90 21.92
C PRO D 225 66.54 -59.07 21.04
N ASN D 226 65.78 -60.17 21.04
CA ASN D 226 66.08 -61.32 20.18
C ASN D 226 65.77 -61.07 18.72
N LEU D 227 65.27 -59.88 18.36
CA LEU D 227 64.88 -59.57 16.98
C LEU D 227 65.60 -58.35 16.45
N LYS D 228 66.83 -58.12 16.88
CA LYS D 228 67.60 -56.97 16.42
C LYS D 228 67.97 -57.15 14.94
N GLY D 229 67.34 -56.38 14.07
CA GLY D 229 67.69 -56.40 12.66
C GLY D 229 67.04 -57.51 11.86
N LYS D 230 65.82 -57.92 12.22
CA LYS D 230 65.11 -58.96 11.50
C LYS D 230 63.73 -58.55 11.02
N LEU D 231 63.17 -57.45 11.54
CA LEU D 231 61.86 -56.97 11.15
C LEU D 231 61.96 -55.52 10.70
N ASN D 232 61.34 -55.21 9.56
CA ASN D 232 61.17 -53.84 9.13
C ASN D 232 59.93 -53.77 8.24
N GLY D 233 59.30 -52.61 8.20
CA GLY D 233 58.09 -52.48 7.41
C GLY D 233 57.60 -51.06 7.32
N ILE D 234 56.52 -50.89 6.56
CA ILE D 234 55.93 -49.57 6.30
C ILE D 234 54.47 -49.56 6.74
N ALA D 235 53.81 -48.42 6.58
CA ALA D 235 52.41 -48.26 6.93
C ALA D 235 51.68 -47.55 5.81
N LEU D 236 50.38 -47.83 5.69
CA LEU D 236 49.54 -47.23 4.65
C LEU D 236 48.33 -46.59 5.33
N ARG D 237 48.22 -45.26 5.20
CA ARG D 237 47.07 -44.55 5.77
C ARG D 237 45.87 -44.69 4.85
N VAL D 238 44.76 -45.17 5.39
CA VAL D 238 43.54 -45.37 4.60
C VAL D 238 42.44 -44.48 5.15
N PRO D 239 41.43 -44.08 4.34
CA PRO D 239 40.40 -43.13 4.81
C PRO D 239 39.35 -43.75 5.73
N THR D 240 39.80 -44.29 6.85
CA THR D 240 38.89 -44.68 7.92
C THR D 240 39.25 -43.89 9.18
N PRO D 241 38.25 -43.56 10.02
CA PRO D 241 38.54 -42.71 11.18
C PRO D 241 39.40 -43.33 12.27
N ASN D 242 39.04 -44.51 12.79
CA ASN D 242 39.71 -44.99 14.00
C ASN D 242 40.50 -46.28 13.80
N VAL D 243 39.88 -47.39 13.46
CA VAL D 243 40.53 -48.68 13.73
C VAL D 243 41.32 -49.13 12.52
N SER D 244 42.43 -49.81 12.79
CA SER D 244 43.39 -50.22 11.77
C SER D 244 43.65 -51.71 11.89
N VAL D 245 44.46 -52.22 10.96
CA VAL D 245 44.78 -53.65 10.88
C VAL D 245 46.24 -53.78 10.46
N VAL D 246 46.86 -54.88 10.89
CA VAL D 246 48.28 -55.12 10.64
C VAL D 246 48.43 -56.43 9.89
N ASP D 247 49.50 -56.53 9.11
CA ASP D 247 49.79 -57.71 8.29
C ASP D 247 51.26 -58.05 8.44
N LEU D 248 51.55 -59.18 9.09
CA LEU D 248 52.91 -59.63 9.33
C LEU D 248 53.17 -60.92 8.58
N VAL D 249 54.22 -60.93 7.76
CA VAL D 249 54.66 -62.14 7.08
C VAL D 249 56.11 -62.38 7.49
N VAL D 250 56.33 -63.44 8.27
CA VAL D 250 57.65 -63.79 8.77
C VAL D 250 58.04 -65.16 8.23
N GLN D 251 59.35 -65.39 8.15
CA GLN D 251 59.90 -66.67 7.72
C GLN D 251 60.30 -67.42 8.99
N VAL D 252 59.36 -68.20 9.53
CA VAL D 252 59.65 -68.96 10.74
C VAL D 252 60.66 -70.07 10.42
N SER D 253 61.32 -70.55 11.47
CA SER D 253 62.33 -71.59 11.30
C SER D 253 61.74 -72.99 11.36
N LYS D 254 60.99 -73.28 12.42
CA LYS D 254 60.38 -74.60 12.56
C LYS D 254 59.23 -74.77 11.57
N LYS D 255 59.23 -75.90 10.86
CA LYS D 255 58.19 -76.18 9.89
C LYS D 255 56.84 -76.34 10.57
N THR D 256 55.81 -75.72 10.00
CA THR D 256 54.47 -75.76 10.58
C THR D 256 53.45 -75.48 9.49
N PHE D 257 52.19 -75.78 9.82
CA PHE D 257 51.05 -75.51 8.95
C PHE D 257 50.21 -74.38 9.56
N ALA D 258 49.11 -74.04 8.87
CA ALA D 258 48.37 -72.84 9.22
C ALA D 258 47.58 -73.00 10.51
N GLU D 259 46.91 -74.13 10.68
CA GLU D 259 46.04 -74.32 11.84
C GLU D 259 46.84 -74.36 13.14
N GLU D 260 48.10 -74.81 13.08
CA GLU D 260 48.96 -74.79 14.26
C GLU D 260 49.30 -73.38 14.69
N VAL D 261 49.32 -72.43 13.75
CA VAL D 261 49.60 -71.04 14.10
C VAL D 261 48.45 -70.46 14.93
N ASN D 262 47.21 -70.67 14.47
CA ASN D 262 46.06 -70.23 15.23
C ASN D 262 45.95 -70.96 16.56
N ALA D 263 46.36 -72.23 16.60
CA ALA D 263 46.34 -72.98 17.86
C ALA D 263 47.27 -72.36 18.89
N ALA D 264 48.40 -71.83 18.44
CA ALA D 264 49.35 -71.22 19.37
C ALA D 264 48.79 -69.93 19.97
N PHE D 265 48.13 -69.11 19.15
CA PHE D 265 47.53 -67.88 19.67
C PHE D 265 46.34 -68.15 20.57
N ARG D 266 45.58 -69.21 20.30
CA ARG D 266 44.47 -69.57 21.17
C ARG D 266 44.97 -70.00 22.55
N ASP D 267 46.00 -70.83 22.58
CA ASP D 267 46.55 -71.28 23.85
C ASP D 267 47.28 -70.16 24.58
N SER D 268 48.00 -69.32 23.83
CA SER D 268 48.71 -68.20 24.45
C SER D 268 47.76 -67.17 25.02
N ALA D 269 46.61 -66.96 24.39
CA ALA D 269 45.66 -65.96 24.88
C ALA D 269 44.98 -66.41 26.16
N GLU D 270 44.84 -67.72 26.36
CA GLU D 270 44.10 -68.21 27.53
C GLU D 270 44.88 -68.03 28.82
N LYS D 271 46.20 -68.16 28.79
CA LYS D 271 47.00 -68.04 30.01
C LYS D 271 47.96 -66.86 29.99
N GLU D 272 48.84 -66.76 28.99
CA GLU D 272 49.94 -65.81 29.09
C GLU D 272 49.51 -64.39 28.76
N LEU D 273 48.78 -64.21 27.67
CA LEU D 273 48.38 -62.89 27.19
C LEU D 273 46.90 -62.59 27.44
N LYS D 274 46.34 -63.14 28.53
CA LYS D 274 44.94 -62.91 28.85
C LYS D 274 44.70 -61.43 29.13
N GLY D 275 43.94 -60.78 28.25
CA GLY D 275 43.68 -59.36 28.33
C GLY D 275 44.42 -58.54 27.30
N ILE D 276 45.47 -59.10 26.70
CA ILE D 276 46.26 -58.40 25.69
C ILE D 276 45.95 -58.93 24.29
N LEU D 277 46.03 -60.24 24.11
CA LEU D 277 45.82 -60.87 22.81
C LEU D 277 44.53 -61.67 22.83
N ASP D 278 43.82 -61.66 21.70
CA ASP D 278 42.61 -62.43 21.52
C ASP D 278 42.59 -62.96 20.08
N VAL D 279 41.88 -64.06 19.89
CA VAL D 279 41.67 -64.63 18.56
C VAL D 279 40.19 -64.48 18.20
N CYS D 280 39.93 -64.12 16.94
CA CYS D 280 38.58 -63.99 16.43
C CYS D 280 38.39 -64.96 15.27
N ASP D 281 37.22 -65.60 15.25
CA ASP D 281 36.92 -66.63 14.26
C ASP D 281 35.81 -66.25 13.30
N GLU D 282 35.05 -65.21 13.60
CA GLU D 282 33.91 -64.80 12.79
C GLU D 282 34.33 -63.77 11.75
N PRO D 283 33.61 -63.69 10.62
CA PRO D 283 33.98 -62.74 9.56
C PRO D 283 33.57 -61.30 9.85
N LEU D 284 34.41 -60.57 10.58
CA LEU D 284 34.12 -59.20 10.98
C LEU D 284 34.76 -58.20 10.01
N VAL D 285 34.47 -56.92 10.23
CA VAL D 285 35.11 -55.81 9.55
C VAL D 285 35.62 -54.84 10.61
N SER D 286 36.15 -53.70 10.14
CA SER D 286 36.91 -52.80 11.01
C SER D 286 36.05 -52.25 12.15
N VAL D 287 34.87 -51.73 11.83
CA VAL D 287 34.06 -51.01 12.81
C VAL D 287 33.66 -51.86 14.00
N ASP D 288 33.67 -53.19 13.86
CA ASP D 288 33.28 -54.06 14.95
C ASP D 288 34.32 -54.15 16.06
N PHE D 289 35.57 -53.77 15.76
CA PHE D 289 36.64 -53.82 16.75
C PHE D 289 36.82 -52.51 17.49
N ARG D 290 35.87 -51.59 17.40
CA ARG D 290 35.93 -50.36 18.17
C ARG D 290 35.89 -50.65 19.66
N CYS D 291 36.63 -49.83 20.42
CA CYS D 291 36.69 -49.90 21.88
C CYS D 291 37.17 -51.26 22.39
N SER D 292 37.90 -52.01 21.56
CA SER D 292 38.42 -53.31 21.98
C SER D 292 39.59 -53.12 22.93
N ASP D 293 39.54 -53.78 24.08
CA ASP D 293 40.59 -53.66 25.08
C ASP D 293 41.82 -54.49 24.73
N PHE D 294 41.68 -55.50 23.89
CA PHE D 294 42.82 -56.29 23.46
C PHE D 294 43.68 -55.47 22.50
N SER D 295 45.00 -55.49 22.72
CA SER D 295 45.92 -54.80 21.83
C SER D 295 45.98 -55.45 20.45
N THR D 296 45.48 -56.67 20.30
CA THR D 296 45.50 -57.37 19.02
C THR D 296 44.44 -58.46 19.02
N THR D 297 43.64 -58.52 17.96
CA THR D 297 42.64 -59.58 17.77
C THR D 297 42.98 -60.28 16.46
N ILE D 298 43.56 -61.48 16.57
CA ILE D 298 43.99 -62.22 15.39
C ILE D 298 42.76 -62.71 14.62
N ASP D 299 42.74 -62.45 13.32
CA ASP D 299 41.73 -63.01 12.43
C ASP D 299 42.16 -64.44 12.08
N SER D 300 41.42 -65.42 12.59
CA SER D 300 41.85 -66.81 12.45
C SER D 300 41.74 -67.29 11.00
N SER D 301 40.66 -66.92 10.31
CA SER D 301 40.42 -67.43 8.97
C SER D 301 41.31 -66.79 7.91
N LEU D 302 42.11 -65.78 8.26
CA LEU D 302 43.00 -65.14 7.32
C LEU D 302 44.44 -65.63 7.42
N THR D 303 44.78 -66.39 8.46
CA THR D 303 46.14 -66.87 8.65
C THR D 303 46.48 -67.91 7.60
N MET D 304 47.37 -67.56 6.68
CA MET D 304 47.83 -68.48 5.64
C MET D 304 49.28 -68.85 5.88
N VAL D 305 49.69 -69.97 5.30
CA VAL D 305 51.09 -70.40 5.30
C VAL D 305 51.46 -70.78 3.88
N MET D 306 52.60 -70.27 3.42
CA MET D 306 53.12 -70.58 2.09
C MET D 306 54.39 -71.42 2.24
N GLY D 307 54.49 -72.46 1.42
CA GLY D 307 55.51 -73.46 1.64
C GLY D 307 55.24 -74.14 2.97
N ASP D 308 56.22 -74.07 3.87
CA ASP D 308 56.05 -74.56 5.23
C ASP D 308 56.58 -73.61 6.30
N ASP D 309 57.31 -72.56 5.92
CA ASP D 309 58.00 -71.72 6.87
C ASP D 309 57.69 -70.24 6.74
N MET D 310 56.78 -69.85 5.84
CA MET D 310 56.37 -68.46 5.69
C MET D 310 54.94 -68.32 6.19
N VAL D 311 54.75 -67.56 7.26
CA VAL D 311 53.46 -67.40 7.91
C VAL D 311 52.99 -65.97 7.74
N LYS D 312 51.78 -65.79 7.24
CA LYS D 312 51.14 -64.49 7.13
C LYS D 312 49.98 -64.43 8.11
N VAL D 313 50.02 -63.44 9.01
CA VAL D 313 49.01 -63.27 10.06
C VAL D 313 48.44 -61.87 9.95
N ILE D 314 47.13 -61.75 10.19
CA ILE D 314 46.42 -60.47 10.14
C ILE D 314 45.73 -60.27 11.48
N ALA D 315 45.89 -59.08 12.07
CA ALA D 315 45.30 -58.78 13.37
C ALA D 315 44.88 -57.32 13.42
N TRP D 316 43.80 -57.06 14.14
CA TRP D 316 43.20 -55.73 14.25
C TRP D 316 43.53 -55.13 15.61
N TYR D 317 43.34 -53.81 15.72
CA TYR D 317 43.59 -53.10 16.96
C TYR D 317 42.95 -51.72 16.89
N ASP D 318 42.42 -51.25 18.02
CA ASP D 318 41.89 -49.90 18.16
C ASP D 318 43.03 -49.02 18.67
N ASN D 319 43.71 -48.33 17.75
CA ASN D 319 44.87 -47.53 18.11
C ASN D 319 44.52 -46.44 19.12
N GLU D 320 43.32 -45.87 19.02
CA GLU D 320 42.92 -44.86 20.00
C GLU D 320 42.59 -45.52 21.33
N TRP D 321 41.72 -46.53 21.34
CA TRP D 321 41.23 -47.09 22.59
C TRP D 321 42.18 -48.13 23.17
N GLY D 322 42.59 -49.10 22.35
CA GLY D 322 43.40 -50.20 22.86
C GLY D 322 44.75 -49.74 23.35
N TYR D 323 45.38 -48.81 22.64
CA TYR D 323 46.66 -48.28 23.11
C TYR D 323 46.48 -47.41 24.35
N SER D 324 45.37 -46.69 24.45
CA SER D 324 45.10 -45.91 25.67
C SER D 324 44.96 -46.83 26.88
N GLN D 325 44.27 -47.97 26.71
CA GLN D 325 44.16 -48.95 27.79
C GLN D 325 45.52 -49.47 28.20
N ARG D 326 46.46 -49.59 27.26
CA ARG D 326 47.81 -50.01 27.62
C ARG D 326 48.54 -48.93 28.39
N VAL D 327 48.29 -47.65 28.09
CA VAL D 327 48.83 -46.56 28.89
C VAL D 327 48.23 -46.60 30.28
N VAL D 328 46.91 -46.81 30.38
CA VAL D 328 46.27 -46.97 31.68
C VAL D 328 46.82 -48.18 32.40
N ASP D 329 47.01 -49.30 31.69
CA ASP D 329 47.56 -50.50 32.31
C ASP D 329 49.02 -50.30 32.69
N LEU D 330 49.79 -49.59 31.87
CA LEU D 330 51.19 -49.32 32.22
C LEU D 330 51.29 -48.30 33.34
N ALA D 331 50.37 -47.34 33.41
CA ALA D 331 50.36 -46.42 34.53
C ALA D 331 50.04 -47.13 35.84
N ASP D 332 49.25 -48.20 35.78
CA ASP D 332 49.02 -49.01 36.97
C ASP D 332 50.31 -49.69 37.43
N ILE D 333 51.17 -50.07 36.49
CA ILE D 333 52.44 -50.68 36.84
C ILE D 333 53.35 -49.68 37.54
N VAL D 334 53.27 -48.41 37.16
CA VAL D 334 54.05 -47.37 37.83
C VAL D 334 53.56 -47.19 39.26
N ALA D 335 52.25 -47.24 39.47
CA ALA D 335 51.69 -47.04 40.80
C ALA D 335 52.04 -48.19 41.73
N ASN D 336 51.91 -49.43 41.24
CA ASN D 336 52.18 -50.59 42.08
C ASN D 336 53.65 -50.74 42.43
N ASN D 337 54.54 -50.10 41.68
CA ASN D 337 55.98 -50.12 41.96
C ASN D 337 56.48 -48.76 42.42
N TRP D 338 55.68 -48.07 43.24
CA TRP D 338 56.05 -46.75 43.72
C TRP D 338 56.73 -46.82 45.09
N LYS E 4 -36.78 50.76 -47.46
CA LYS E 4 -36.33 50.70 -46.08
C LYS E 4 -34.94 51.31 -45.93
N LEU E 5 -34.84 52.33 -45.09
CA LEU E 5 -33.57 53.00 -44.85
C LEU E 5 -32.64 52.10 -44.05
N LYS E 6 -31.34 52.22 -44.33
CA LYS E 6 -30.34 51.43 -43.62
C LYS E 6 -30.04 52.08 -42.28
N VAL E 7 -30.22 51.33 -41.20
CA VAL E 7 -30.06 51.84 -39.84
C VAL E 7 -28.87 51.13 -39.20
N ALA E 8 -28.14 51.85 -38.35
CA ALA E 8 -26.99 51.31 -37.66
C ALA E 8 -27.02 51.73 -36.21
N ILE E 9 -26.48 50.87 -35.35
CA ILE E 9 -26.46 51.10 -33.90
C ILE E 9 -25.00 51.28 -33.48
N ASN E 10 -24.70 52.40 -32.84
CA ASN E 10 -23.34 52.71 -32.41
C ASN E 10 -23.11 52.44 -30.93
N GLY E 11 -24.18 52.29 -30.14
CA GLY E 11 -24.04 51.95 -28.73
C GLY E 11 -24.10 50.47 -28.45
N PHE E 12 -25.19 49.83 -28.89
CA PHE E 12 -25.49 48.41 -28.63
C PHE E 12 -25.30 48.06 -27.15
N GLY E 13 -25.76 48.95 -26.27
CA GLY E 13 -25.74 48.70 -24.84
C GLY E 13 -27.11 48.24 -24.36
N ARG E 14 -27.57 48.82 -23.25
CA ARG E 14 -28.93 48.53 -22.79
C ARG E 14 -29.96 49.08 -23.77
N ILE E 15 -29.69 50.24 -24.36
CA ILE E 15 -30.63 50.84 -25.31
C ILE E 15 -30.49 50.19 -26.68
N GLY E 16 -29.25 49.91 -27.11
CA GLY E 16 -29.04 49.36 -28.44
C GLY E 16 -29.64 47.99 -28.62
N ARG E 17 -29.49 47.10 -27.64
CA ARG E 17 -30.11 45.79 -27.73
C ARG E 17 -31.62 45.88 -27.64
N ASN E 18 -32.13 46.71 -26.74
CA ASN E 18 -33.57 46.91 -26.63
C ASN E 18 -34.14 47.54 -27.90
N PHE E 19 -33.38 48.42 -28.54
CA PHE E 19 -33.78 48.98 -29.83
C PHE E 19 -34.02 47.89 -30.86
N LEU E 20 -33.06 46.96 -30.98
CA LEU E 20 -33.20 45.87 -31.94
C LEU E 20 -34.34 44.94 -31.55
N ARG E 21 -34.48 44.63 -30.25
CA ARG E 21 -35.58 43.80 -29.81
C ARG E 21 -36.93 44.49 -29.99
N CYS E 22 -36.97 45.82 -29.87
CA CYS E 22 -38.21 46.54 -30.13
C CYS E 22 -38.53 46.59 -31.61
N TRP E 23 -37.53 46.84 -32.45
CA TRP E 23 -37.76 46.89 -33.89
C TRP E 23 -38.16 45.53 -34.44
N HIS E 24 -37.49 44.46 -33.98
CA HIS E 24 -37.80 43.12 -34.46
C HIS E 24 -39.20 42.67 -34.07
N GLY E 25 -39.78 43.23 -33.02
CA GLY E 25 -41.07 42.81 -32.54
C GLY E 25 -42.26 43.44 -33.23
N ARG E 26 -42.05 44.41 -34.11
CA ARG E 26 -43.14 45.06 -34.82
C ARG E 26 -43.19 44.61 -36.27
N LYS E 27 -44.34 44.84 -36.89
CA LYS E 27 -44.66 44.29 -38.20
C LYS E 27 -44.67 45.36 -39.26
N ASP E 28 -44.07 45.05 -40.42
CA ASP E 28 -43.96 45.94 -41.57
C ASP E 28 -43.29 47.27 -41.17
N SER E 29 -42.09 47.14 -40.63
CA SER E 29 -41.34 48.32 -40.20
C SER E 29 -40.64 48.97 -41.39
N PRO E 30 -40.63 50.30 -41.46
CA PRO E 30 -39.96 50.99 -42.56
C PRO E 30 -38.44 51.03 -42.44
N LEU E 31 -37.85 50.25 -41.54
CA LEU E 31 -36.42 50.26 -41.29
C LEU E 31 -35.84 48.86 -41.50
N ASP E 32 -34.53 48.81 -41.65
CA ASP E 32 -33.81 47.54 -41.77
C ASP E 32 -32.39 47.78 -41.28
N ILE E 33 -32.09 47.32 -40.06
CA ILE E 33 -30.77 47.49 -39.48
C ILE E 33 -29.81 46.50 -40.14
N ILE E 34 -28.65 47.00 -40.55
CA ILE E 34 -27.66 46.18 -41.24
C ILE E 34 -26.29 46.24 -40.60
N ALA E 35 -26.10 47.05 -39.57
CA ALA E 35 -24.77 47.22 -38.99
C ALA E 35 -24.88 47.54 -37.51
N ILE E 36 -23.91 47.05 -36.75
CA ILE E 36 -23.81 47.28 -35.31
C ILE E 36 -22.36 47.59 -34.98
N ASN E 37 -22.13 48.62 -34.17
CA ASN E 37 -20.80 48.92 -33.68
C ASN E 37 -20.79 48.89 -32.16
N ASP E 38 -19.88 48.11 -31.60
CA ASP E 38 -19.56 48.16 -30.19
C ASP E 38 -18.18 47.54 -30.02
N THR E 39 -17.55 47.81 -28.88
CA THR E 39 -16.26 47.20 -28.60
C THR E 39 -16.34 45.68 -28.56
N GLY E 40 -17.48 45.15 -28.09
CA GLY E 40 -17.55 43.76 -27.66
C GLY E 40 -17.17 42.76 -28.73
N GLY E 41 -17.65 42.96 -29.95
CA GLY E 41 -17.38 41.99 -31.00
C GLY E 41 -18.46 40.93 -31.08
N VAL E 42 -18.20 39.94 -31.94
CA VAL E 42 -19.22 38.97 -32.31
C VAL E 42 -19.60 38.08 -31.14
N LYS E 43 -18.61 37.61 -30.36
CA LYS E 43 -18.90 36.69 -29.27
C LYS E 43 -19.78 37.34 -28.20
N GLN E 44 -19.51 38.60 -27.87
CA GLN E 44 -20.27 39.27 -26.81
C GLN E 44 -21.57 39.88 -27.32
N ALA E 45 -21.61 40.28 -28.59
CA ALA E 45 -22.85 40.82 -29.14
C ALA E 45 -23.91 39.74 -29.26
N SER E 46 -23.53 38.54 -29.71
CA SER E 46 -24.49 37.46 -29.86
C SER E 46 -25.02 36.98 -28.51
N HIS E 47 -24.17 36.96 -27.49
CA HIS E 47 -24.56 36.41 -26.20
C HIS E 47 -25.49 37.35 -25.43
N LEU E 48 -25.08 38.61 -25.27
CA LEU E 48 -25.89 39.55 -24.49
C LEU E 48 -27.20 39.88 -25.18
N LEU E 49 -27.24 39.83 -26.52
CA LEU E 49 -28.49 40.05 -27.23
C LEU E 49 -29.48 38.92 -26.97
N LYS E 50 -29.01 37.67 -27.06
CA LYS E 50 -29.88 36.52 -26.85
C LYS E 50 -30.34 36.44 -25.39
N TYR E 51 -29.39 36.28 -24.47
CA TYR E 51 -29.69 36.12 -23.05
C TYR E 51 -29.56 37.47 -22.35
N ASP E 52 -30.66 37.95 -21.77
CA ASP E 52 -30.67 39.20 -21.02
C ASP E 52 -31.32 38.95 -19.66
N SER E 53 -30.75 39.58 -18.63
CA SER E 53 -31.23 39.36 -17.28
C SER E 53 -32.57 40.05 -17.02
N THR E 54 -32.82 41.16 -17.68
CA THR E 54 -33.98 41.99 -17.38
C THR E 54 -35.21 41.62 -18.22
N LEU E 55 -35.03 41.49 -19.53
CA LEU E 55 -36.15 41.23 -20.42
C LEU E 55 -36.39 39.75 -20.67
N GLY E 56 -35.37 38.91 -20.49
CA GLY E 56 -35.47 37.51 -20.79
C GLY E 56 -34.78 37.16 -22.10
N ILE E 57 -34.79 35.86 -22.39
CA ILE E 57 -34.14 35.36 -23.60
C ILE E 57 -34.88 35.88 -24.83
N PHE E 58 -34.11 36.43 -25.78
CA PHE E 58 -34.68 36.85 -27.05
C PHE E 58 -35.27 35.64 -27.77
N ASP E 59 -36.53 35.78 -28.22
CA ASP E 59 -37.25 34.66 -28.82
C ASP E 59 -36.99 34.62 -30.32
N ALA E 60 -35.73 34.35 -30.66
CA ALA E 60 -35.30 34.21 -32.05
C ALA E 60 -33.98 33.48 -32.08
N ASP E 61 -33.72 32.79 -33.18
CA ASP E 61 -32.44 32.11 -33.38
C ASP E 61 -31.36 33.16 -33.62
N VAL E 62 -30.43 33.27 -32.69
CA VAL E 62 -29.34 34.24 -32.76
C VAL E 62 -28.03 33.46 -32.79
N LYS E 63 -27.36 33.48 -33.94
CA LYS E 63 -26.12 32.74 -34.14
C LYS E 63 -25.12 33.64 -34.86
N PRO E 64 -23.82 33.46 -34.60
CA PRO E 64 -22.81 34.15 -35.40
C PRO E 64 -22.63 33.48 -36.76
N SER E 65 -22.57 34.32 -37.80
CA SER E 65 -22.36 33.85 -39.16
C SER E 65 -21.14 34.57 -39.74
N GLY E 66 -20.00 33.90 -39.70
CA GLY E 66 -18.77 34.52 -40.16
C GLY E 66 -18.01 35.19 -39.04
N GLU E 67 -16.92 35.86 -39.43
CA GLU E 67 -16.04 36.51 -38.47
C GLU E 67 -16.64 37.78 -37.89
N THR E 68 -17.40 38.53 -38.70
CA THR E 68 -17.86 39.86 -38.31
C THR E 68 -19.37 40.03 -38.45
N ALA E 69 -20.12 38.94 -38.52
CA ALA E 69 -21.56 39.03 -38.74
C ALA E 69 -22.30 38.02 -37.88
N ILE E 70 -23.53 38.39 -37.48
CA ILE E 70 -24.43 37.53 -36.75
C ILE E 70 -25.75 37.47 -37.50
N SER E 71 -26.52 36.41 -37.24
CA SER E 71 -27.78 36.17 -37.91
C SER E 71 -28.92 36.19 -36.89
N VAL E 72 -29.80 37.17 -37.02
CA VAL E 72 -30.99 37.27 -36.18
C VAL E 72 -32.19 36.87 -37.03
N ASP E 73 -32.74 35.68 -36.73
CA ASP E 73 -33.88 35.13 -37.48
C ASP E 73 -33.56 35.00 -38.96
N GLY E 74 -32.35 34.52 -39.26
CA GLY E 74 -31.91 34.37 -40.64
C GLY E 74 -31.44 35.63 -41.32
N LYS E 75 -31.47 36.77 -40.62
CA LYS E 75 -31.02 38.05 -41.19
C LYS E 75 -29.58 38.28 -40.75
N ILE E 76 -28.66 38.25 -41.71
CA ILE E 76 -27.26 38.49 -41.42
C ILE E 76 -27.05 39.98 -41.21
N ILE E 77 -26.41 40.33 -40.09
CA ILE E 77 -26.17 41.72 -39.71
C ILE E 77 -24.68 41.87 -39.40
N GLN E 78 -24.14 43.05 -39.70
CA GLN E 78 -22.71 43.29 -39.54
C GLN E 78 -22.41 43.84 -38.16
N VAL E 79 -21.28 43.42 -37.59
CA VAL E 79 -20.80 43.89 -36.29
C VAL E 79 -19.36 44.36 -36.46
N VAL E 80 -19.11 45.63 -36.11
CA VAL E 80 -17.79 46.23 -36.23
C VAL E 80 -17.37 46.78 -34.87
N SER E 81 -16.10 47.13 -34.75
CA SER E 81 -15.54 47.57 -33.47
C SER E 81 -14.43 48.58 -33.73
N ASN E 82 -14.69 49.85 -33.39
CA ASN E 82 -13.68 50.90 -33.43
C ASN E 82 -14.19 52.05 -32.59
N ARG E 83 -13.41 52.46 -31.59
CA ARG E 83 -13.86 53.43 -30.59
C ARG E 83 -13.86 54.88 -31.10
N ASN E 84 -13.55 55.10 -32.38
CA ASN E 84 -13.61 56.43 -32.97
C ASN E 84 -14.58 56.40 -34.14
N PRO E 85 -15.67 57.17 -34.13
CA PRO E 85 -16.63 57.14 -35.24
C PRO E 85 -16.06 57.67 -36.55
N SER E 86 -14.98 58.46 -36.52
CA SER E 86 -14.46 59.05 -37.73
C SER E 86 -13.88 57.99 -38.67
N LEU E 87 -13.47 56.84 -38.14
CA LEU E 87 -12.87 55.78 -38.92
C LEU E 87 -13.85 54.66 -39.24
N LEU E 88 -15.17 54.96 -39.22
CA LEU E 88 -16.13 53.88 -39.37
C LEU E 88 -16.63 53.79 -40.82
N PRO E 89 -16.90 52.57 -41.29
CA PRO E 89 -17.33 52.37 -42.68
C PRO E 89 -18.84 52.50 -42.87
N TRP E 90 -19.40 53.64 -42.45
CA TRP E 90 -20.79 53.92 -42.78
C TRP E 90 -20.97 54.35 -44.23
N LYS E 91 -19.87 54.60 -44.95
CA LYS E 91 -19.96 54.96 -46.36
C LYS E 91 -20.28 53.76 -47.23
N GLU E 92 -19.48 52.69 -47.09
CA GLU E 92 -19.61 51.54 -47.98
C GLU E 92 -20.89 50.75 -47.73
N LEU E 93 -21.40 50.78 -46.49
CA LEU E 93 -22.59 50.00 -46.16
C LEU E 93 -23.87 50.62 -46.69
N GLY E 94 -23.88 51.93 -46.95
CA GLY E 94 -25.09 52.61 -47.35
C GLY E 94 -25.93 53.10 -46.22
N ILE E 95 -25.33 53.46 -45.09
CA ILE E 95 -26.08 53.84 -43.90
C ILE E 95 -26.77 55.18 -44.13
N ASP E 96 -28.08 55.22 -43.87
CA ASP E 96 -28.86 56.43 -44.03
C ASP E 96 -29.32 57.03 -42.71
N ILE E 97 -29.23 56.27 -41.61
CA ILE E 97 -29.60 56.77 -40.28
C ILE E 97 -28.82 55.96 -39.25
N VAL E 98 -28.15 56.64 -38.34
CA VAL E 98 -27.33 56.01 -37.31
C VAL E 98 -27.90 56.36 -35.94
N ILE E 99 -27.89 55.39 -35.03
CA ILE E 99 -28.39 55.59 -33.68
C ILE E 99 -27.19 55.69 -32.75
N GLU E 100 -27.08 56.82 -32.03
CA GLU E 100 -26.06 56.99 -31.01
C GLU E 100 -26.60 56.46 -29.70
N GLY E 101 -26.07 55.33 -29.25
CA GLY E 101 -26.53 54.72 -28.01
C GLY E 101 -25.48 54.67 -26.92
N THR E 102 -24.26 55.11 -27.26
CA THR E 102 -23.17 55.04 -26.29
C THR E 102 -23.31 56.08 -25.19
N GLY E 103 -23.96 57.20 -25.47
CA GLY E 103 -24.10 58.25 -24.49
C GLY E 103 -22.87 59.11 -24.30
N VAL E 104 -21.86 58.97 -25.16
CA VAL E 104 -20.66 59.78 -25.09
C VAL E 104 -20.59 60.79 -26.23
N PHE E 105 -21.45 60.68 -27.24
CA PHE E 105 -21.51 61.62 -28.36
C PHE E 105 -22.89 62.26 -28.35
N VAL E 106 -23.03 63.32 -27.54
CA VAL E 106 -24.27 64.07 -27.43
C VAL E 106 -24.05 65.56 -27.70
N ASP E 107 -22.93 65.89 -28.32
CA ASP E 107 -22.63 67.24 -28.77
C ASP E 107 -22.50 67.26 -30.29
N ARG E 108 -22.46 68.47 -30.84
CA ARG E 108 -22.43 68.62 -32.30
C ARG E 108 -21.18 68.00 -32.91
N GLU E 109 -20.04 68.14 -32.24
CA GLU E 109 -18.80 67.59 -32.79
C GLU E 109 -18.78 66.07 -32.66
N GLY E 110 -19.27 65.53 -31.55
CA GLY E 110 -19.21 64.10 -31.30
C GLY E 110 -20.06 63.28 -32.25
N ALA E 111 -21.39 63.48 -32.20
CA ALA E 111 -22.28 62.79 -33.13
C ALA E 111 -22.07 63.22 -34.56
N GLY E 112 -21.52 64.43 -34.78
CA GLY E 112 -21.22 64.87 -36.12
C GLY E 112 -20.13 64.08 -36.81
N LYS E 113 -19.31 63.36 -36.04
CA LYS E 113 -18.28 62.51 -36.63
C LYS E 113 -18.88 61.38 -37.46
N HIS E 114 -20.11 60.97 -37.14
CA HIS E 114 -20.77 59.93 -37.92
C HIS E 114 -21.11 60.42 -39.33
N ILE E 115 -21.53 61.69 -39.45
CA ILE E 115 -21.82 62.25 -40.76
C ILE E 115 -20.56 62.31 -41.60
N GLU E 116 -19.42 62.63 -40.98
CA GLU E 116 -18.14 62.67 -41.69
C GLU E 116 -17.71 61.30 -42.18
N ALA E 117 -18.20 60.22 -41.56
CA ALA E 117 -17.88 58.87 -41.97
C ALA E 117 -18.86 58.31 -42.99
N GLY E 118 -19.74 59.14 -43.54
CA GLY E 118 -20.66 58.72 -44.58
C GLY E 118 -22.10 58.57 -44.15
N ALA E 119 -22.40 58.70 -42.86
CA ALA E 119 -23.77 58.58 -42.40
C ALA E 119 -24.56 59.85 -42.72
N LYS E 120 -25.88 59.69 -42.87
CA LYS E 120 -26.75 60.78 -43.25
C LYS E 120 -27.42 61.44 -42.05
N LYS E 121 -28.03 60.66 -41.16
CA LYS E 121 -28.78 61.22 -40.05
C LYS E 121 -28.46 60.47 -38.77
N VAL E 122 -28.50 61.20 -37.64
CA VAL E 122 -28.24 60.64 -36.33
C VAL E 122 -29.50 60.81 -35.47
N ILE E 123 -29.75 59.83 -34.60
CA ILE E 123 -30.77 59.92 -33.56
C ILE E 123 -30.06 59.71 -32.24
N ILE E 124 -29.81 60.80 -31.52
CA ILE E 124 -29.17 60.72 -30.21
C ILE E 124 -30.17 60.20 -29.18
N THR E 125 -29.77 59.17 -28.44
CA THR E 125 -30.63 58.55 -27.45
C THR E 125 -30.46 59.14 -26.05
N ALA E 126 -30.07 60.40 -25.96
CA ALA E 126 -29.86 61.07 -24.69
C ALA E 126 -30.16 62.54 -24.88
N PRO E 127 -30.29 63.29 -23.79
CA PRO E 127 -30.39 64.76 -23.91
C PRO E 127 -29.17 65.33 -24.63
N GLY E 128 -29.44 66.21 -25.60
CA GLY E 128 -28.37 66.80 -26.40
C GLY E 128 -27.81 68.06 -25.77
N LYS E 129 -26.51 68.03 -25.48
CA LYS E 129 -25.84 69.20 -24.92
C LYS E 129 -25.66 70.27 -26.00
N GLY E 130 -25.80 71.52 -25.60
CA GLY E 130 -25.72 72.62 -26.54
C GLY E 130 -27.07 72.92 -27.18
N ASP E 131 -27.14 72.79 -28.51
CA ASP E 131 -28.39 73.05 -29.25
C ASP E 131 -28.58 71.94 -30.27
N ILE E 132 -29.26 70.88 -29.85
CA ILE E 132 -29.66 69.79 -30.74
C ILE E 132 -31.17 69.64 -30.61
N PRO E 133 -31.90 69.46 -31.70
CA PRO E 133 -33.37 69.38 -31.61
C PRO E 133 -33.82 68.20 -30.76
N THR E 134 -34.82 68.46 -29.92
CA THR E 134 -35.37 67.47 -29.01
C THR E 134 -36.81 67.17 -29.41
N TYR E 135 -37.09 65.91 -29.72
CA TYR E 135 -38.40 65.48 -30.19
C TYR E 135 -38.91 64.37 -29.28
N VAL E 136 -39.97 64.65 -28.53
CA VAL E 136 -40.67 63.65 -27.74
C VAL E 136 -41.93 63.27 -28.49
N VAL E 137 -42.08 61.97 -28.78
CA VAL E 137 -43.24 61.51 -29.53
C VAL E 137 -44.49 61.73 -28.70
N GLY E 138 -45.52 62.31 -29.32
CA GLY E 138 -46.79 62.56 -28.67
C GLY E 138 -47.06 64.01 -28.34
N VAL E 139 -46.04 64.88 -28.37
CA VAL E 139 -46.26 66.29 -28.09
C VAL E 139 -45.73 67.16 -29.22
N ASN E 140 -44.46 66.96 -29.61
CA ASN E 140 -43.85 67.77 -30.65
C ASN E 140 -43.23 66.93 -31.76
N ALA E 141 -43.63 65.66 -31.86
CA ALA E 141 -43.13 64.81 -32.94
C ALA E 141 -43.59 65.28 -34.31
N ASP E 142 -44.71 65.97 -34.35
CA ASP E 142 -45.23 66.50 -35.58
C ASP E 142 -44.34 67.61 -36.08
N ALA E 143 -43.66 68.30 -35.19
CA ALA E 143 -42.81 69.41 -35.56
C ALA E 143 -41.42 69.01 -35.91
N TYR E 144 -41.32 68.23 -36.93
CA TYR E 144 -40.10 67.70 -37.36
C TYR E 144 -39.84 68.19 -38.72
N SER E 145 -38.61 68.56 -38.94
CA SER E 145 -38.17 69.01 -40.23
C SER E 145 -37.13 68.03 -40.66
N HIS E 146 -37.16 67.58 -41.90
CA HIS E 146 -36.16 66.64 -42.36
C HIS E 146 -34.74 67.14 -42.42
N ASP E 147 -34.53 68.44 -42.55
CA ASP E 147 -33.22 69.01 -42.74
C ASP E 147 -32.24 68.63 -41.69
N GLU E 148 -32.65 68.60 -40.45
CA GLU E 148 -31.75 68.28 -39.40
C GLU E 148 -31.16 66.92 -39.60
N PRO E 149 -29.85 66.91 -39.47
CA PRO E 149 -29.03 65.72 -39.55
C PRO E 149 -28.90 65.05 -38.25
N ILE E 150 -28.98 65.82 -37.18
CA ILE E 150 -28.85 65.32 -35.86
C ILE E 150 -29.99 65.77 -35.02
N ILE E 151 -30.67 64.86 -34.37
CA ILE E 151 -31.80 65.11 -33.50
C ILE E 151 -31.70 64.20 -32.29
N SER E 152 -32.18 64.68 -31.15
CA SER E 152 -32.00 64.00 -29.87
C SER E 152 -33.36 63.62 -29.30
N ASN E 153 -33.58 62.33 -29.10
CA ASN E 153 -34.64 61.90 -28.21
C ASN E 153 -34.24 62.29 -26.79
N ALA E 154 -35.25 62.54 -25.96
CA ALA E 154 -35.01 63.05 -24.61
C ALA E 154 -34.53 61.92 -23.70
N SER E 155 -34.44 62.19 -22.40
CA SER E 155 -34.03 61.17 -21.45
C SER E 155 -35.18 60.21 -21.20
N CYS E 156 -34.89 59.17 -20.40
CA CYS E 156 -35.94 58.20 -20.04
C CYS E 156 -37.05 58.87 -19.25
N THR E 157 -36.69 59.81 -18.38
CA THR E 157 -37.69 60.48 -17.55
C THR E 157 -38.41 61.59 -18.31
N THR E 158 -37.72 62.25 -19.25
CA THR E 158 -38.35 63.35 -19.98
C THR E 158 -39.42 62.84 -20.93
N ASN E 159 -39.17 61.71 -21.60
CA ASN E 159 -40.20 61.10 -22.45
C ASN E 159 -41.40 60.67 -21.63
N CYS E 160 -41.21 60.40 -20.33
CA CYS E 160 -42.31 60.04 -19.45
C CYS E 160 -43.06 61.28 -18.95
N LEU E 161 -42.32 62.29 -18.50
CA LEU E 161 -42.96 63.42 -17.83
C LEU E 161 -43.74 64.29 -18.81
N ALA E 162 -43.23 64.49 -20.02
CA ALA E 162 -43.81 65.46 -20.93
C ALA E 162 -45.25 65.16 -21.38
N PRO E 163 -45.65 63.92 -21.73
CA PRO E 163 -47.03 63.74 -22.23
C PRO E 163 -48.12 64.06 -21.22
N PHE E 164 -48.06 63.51 -20.02
CA PHE E 164 -49.14 63.79 -19.06
C PHE E 164 -49.02 65.16 -18.43
N VAL E 165 -47.88 65.84 -18.59
CA VAL E 165 -47.81 67.26 -18.26
C VAL E 165 -48.63 68.07 -19.26
N LYS E 166 -48.54 67.70 -20.54
CA LYS E 166 -49.21 68.45 -21.60
C LYS E 166 -50.72 68.43 -21.43
N VAL E 167 -51.29 67.26 -21.13
CA VAL E 167 -52.75 67.17 -20.97
C VAL E 167 -53.19 67.90 -19.71
N LEU E 168 -52.34 67.94 -18.69
CA LEU E 168 -52.65 68.77 -17.52
C LEU E 168 -52.64 70.25 -17.87
N ASP E 169 -51.61 70.69 -18.60
CA ASP E 169 -51.53 72.09 -19.00
C ASP E 169 -52.58 72.44 -20.03
N GLN E 170 -53.01 71.47 -20.85
CA GLN E 170 -53.96 71.76 -21.91
C GLN E 170 -55.35 72.04 -21.35
N LYS E 171 -55.78 71.24 -20.36
CA LYS E 171 -57.12 71.37 -19.79
C LYS E 171 -57.16 72.22 -18.54
N PHE E 172 -56.16 72.11 -17.66
CA PHE E 172 -56.17 72.80 -16.38
C PHE E 172 -55.26 74.03 -16.38
N GLY E 173 -54.03 73.89 -16.87
CA GLY E 173 -53.09 75.00 -16.89
C GLY E 173 -52.20 75.00 -15.67
N ILE E 174 -50.91 74.76 -15.86
CA ILE E 174 -49.96 74.64 -14.76
C ILE E 174 -49.35 76.00 -14.47
N ILE E 175 -49.30 76.38 -13.20
CA ILE E 175 -48.61 77.59 -12.78
C ILE E 175 -47.16 77.31 -12.43
N LYS E 176 -46.93 76.24 -11.67
CA LYS E 176 -45.63 75.84 -11.17
C LYS E 176 -45.78 74.44 -10.58
N GLY E 177 -44.68 73.70 -10.54
CA GLY E 177 -44.77 72.35 -10.02
C GLY E 177 -43.42 71.76 -9.71
N THR E 178 -43.46 70.62 -9.02
CA THR E 178 -42.28 69.93 -8.54
C THR E 178 -42.36 68.46 -8.92
N MET E 179 -41.22 67.89 -9.32
CA MET E 179 -41.14 66.54 -9.84
C MET E 179 -40.21 65.70 -8.97
N THR E 180 -40.42 64.39 -8.99
CA THR E 180 -39.61 63.46 -8.22
C THR E 180 -39.73 62.08 -8.83
N THR E 181 -38.60 61.42 -9.06
CA THR E 181 -38.57 60.07 -9.62
C THR E 181 -38.00 59.10 -8.60
N THR E 182 -38.68 57.98 -8.40
CA THR E 182 -38.12 56.82 -7.69
C THR E 182 -37.61 55.87 -8.76
N HIS E 183 -36.41 56.18 -9.25
CA HIS E 183 -35.89 55.58 -10.48
C HIS E 183 -35.12 54.30 -10.19
N SER E 184 -35.12 53.41 -11.17
CA SER E 184 -34.27 52.23 -11.12
C SER E 184 -32.80 52.61 -11.25
N TYR E 185 -31.93 51.73 -10.80
CA TYR E 185 -30.51 52.00 -10.98
C TYR E 185 -30.09 51.65 -12.41
N THR E 186 -28.96 52.23 -12.83
CA THR E 186 -28.48 52.14 -14.20
C THR E 186 -27.03 51.70 -14.20
N GLY E 187 -26.48 51.52 -15.40
CA GLY E 187 -25.07 51.22 -15.57
C GLY E 187 -24.14 52.37 -15.22
N ASP E 188 -24.69 53.56 -15.00
CA ASP E 188 -23.88 54.69 -14.56
C ASP E 188 -23.28 54.44 -13.18
N GLN E 189 -24.09 53.88 -12.27
CA GLN E 189 -23.68 53.72 -10.88
C GLN E 189 -22.67 52.58 -10.74
N ARG E 190 -22.07 52.52 -9.55
CA ARG E 190 -21.10 51.50 -9.21
C ARG E 190 -21.78 50.40 -8.39
N LEU E 191 -21.29 49.17 -8.57
CA LEU E 191 -21.82 48.05 -7.80
C LEU E 191 -21.33 48.08 -6.36
N LEU E 192 -20.03 48.31 -6.18
CA LEU E 192 -19.45 48.60 -4.88
C LEU E 192 -18.76 49.96 -4.93
N ASP E 193 -18.61 50.57 -3.76
CA ASP E 193 -18.07 51.93 -3.64
C ASP E 193 -16.71 52.06 -4.31
N ALA E 194 -16.64 52.82 -5.39
CA ALA E 194 -15.44 52.91 -6.20
C ALA E 194 -15.38 54.29 -6.84
N SER E 195 -14.56 54.42 -7.87
CA SER E 195 -14.32 55.72 -8.49
C SER E 195 -15.52 56.16 -9.33
N HIS E 196 -16.03 57.36 -9.04
CA HIS E 196 -17.06 58.01 -9.85
C HIS E 196 -17.06 59.48 -9.47
N ARG E 197 -17.15 60.35 -10.49
CA ARG E 197 -17.02 61.78 -10.26
C ARG E 197 -18.15 62.33 -9.39
N ASP E 198 -19.30 61.68 -9.38
CA ASP E 198 -20.43 62.08 -8.55
C ASP E 198 -20.45 61.20 -7.29
N LEU E 199 -20.29 61.84 -6.13
CA LEU E 199 -20.18 61.10 -4.88
C LEU E 199 -21.48 60.39 -4.50
N ARG E 200 -22.62 60.82 -5.05
CA ARG E 200 -23.87 60.12 -4.82
C ARG E 200 -23.85 58.74 -5.45
N ARG E 201 -23.68 58.69 -6.78
CA ARG E 201 -23.71 57.45 -7.54
C ARG E 201 -22.44 56.63 -7.40
N ALA E 202 -21.41 57.14 -6.71
CA ALA E 202 -20.19 56.38 -6.52
C ALA E 202 -20.41 55.20 -5.56
N ARG E 203 -21.34 55.34 -4.63
CA ARG E 203 -21.59 54.29 -3.65
C ARG E 203 -22.43 53.17 -4.27
N ALA E 204 -22.55 52.08 -3.52
CA ALA E 204 -23.15 50.86 -4.03
C ALA E 204 -24.61 51.07 -4.42
N ALA E 205 -24.91 50.82 -5.69
CA ALA E 205 -26.28 50.97 -6.18
C ALA E 205 -27.19 49.85 -5.70
N ALA E 206 -26.62 48.70 -5.32
CA ALA E 206 -27.46 47.58 -4.89
C ALA E 206 -28.04 47.80 -3.50
N LEU E 207 -27.37 48.58 -2.66
CA LEU E 207 -27.69 48.64 -1.25
C LEU E 207 -28.39 49.92 -0.81
N ASN E 208 -28.54 50.90 -1.69
CA ASN E 208 -28.81 52.25 -1.21
C ASN E 208 -29.81 52.99 -2.08
N ILE E 209 -30.59 53.83 -1.42
CA ILE E 209 -31.39 54.87 -2.06
C ILE E 209 -30.48 56.07 -2.24
N VAL E 210 -30.02 56.30 -3.46
CA VAL E 210 -29.04 57.33 -3.76
C VAL E 210 -29.76 58.48 -4.46
N PRO E 211 -29.71 59.70 -3.94
CA PRO E 211 -30.37 60.82 -4.61
C PRO E 211 -29.50 61.38 -5.73
N THR E 212 -30.16 61.76 -6.82
CA THR E 212 -29.50 62.34 -7.98
C THR E 212 -30.35 63.48 -8.53
N SER E 213 -29.67 64.48 -9.08
CA SER E 213 -30.36 65.54 -9.80
C SER E 213 -30.60 65.12 -11.24
N THR E 214 -31.64 65.69 -11.84
CA THR E 214 -31.96 65.42 -13.24
C THR E 214 -32.26 66.74 -13.96
N GLY E 215 -31.96 66.75 -15.24
CA GLY E 215 -32.39 67.82 -16.13
C GLY E 215 -33.67 67.48 -16.87
N ALA E 216 -34.37 66.42 -16.49
CA ALA E 216 -35.56 65.98 -17.21
C ALA E 216 -36.68 67.02 -17.11
N ALA E 217 -36.85 67.62 -15.94
CA ALA E 217 -37.89 68.63 -15.78
C ALA E 217 -37.53 69.91 -16.51
N LYS E 218 -36.24 70.28 -16.52
CA LYS E 218 -35.79 71.40 -17.34
C LYS E 218 -35.92 71.07 -18.83
N ALA E 219 -35.76 69.81 -19.20
CA ALA E 219 -35.84 69.43 -20.61
C ALA E 219 -37.28 69.43 -21.14
N VAL E 220 -38.27 69.43 -20.24
CA VAL E 220 -39.66 69.56 -20.68
C VAL E 220 -39.90 70.91 -21.32
N ALA E 221 -39.16 71.94 -20.87
CA ALA E 221 -39.29 73.27 -21.45
C ALA E 221 -38.88 73.29 -22.92
N LEU E 222 -38.00 72.37 -23.32
CA LEU E 222 -37.60 72.29 -24.72
C LEU E 222 -38.74 71.80 -25.61
N VAL E 223 -39.47 70.78 -25.15
CA VAL E 223 -40.57 70.24 -25.94
C VAL E 223 -41.87 70.99 -25.68
N LEU E 224 -42.04 71.56 -24.48
CA LEU E 224 -43.19 72.42 -24.18
C LEU E 224 -42.66 73.78 -23.74
N PRO E 225 -42.59 74.76 -24.65
CA PRO E 225 -42.01 76.07 -24.27
C PRO E 225 -42.83 76.84 -23.25
N ASN E 226 -44.09 76.47 -23.04
CA ASN E 226 -44.91 77.14 -22.02
C ASN E 226 -44.34 76.90 -20.62
N LEU E 227 -43.88 75.68 -20.35
CA LEU E 227 -43.37 75.28 -19.04
C LEU E 227 -41.98 75.82 -18.74
N LYS E 228 -41.45 76.74 -19.55
CA LYS E 228 -40.11 77.28 -19.31
C LYS E 228 -40.05 78.00 -17.98
N GLY E 229 -39.22 77.49 -17.07
CA GLY E 229 -39.09 78.07 -15.76
C GLY E 229 -40.23 77.79 -14.81
N LYS E 230 -40.98 76.71 -15.04
CA LYS E 230 -42.08 76.35 -14.16
C LYS E 230 -41.86 75.05 -13.39
N LEU E 231 -40.91 74.22 -13.81
CA LEU E 231 -40.74 72.90 -13.22
C LEU E 231 -39.27 72.61 -12.97
N ASN E 232 -39.02 71.84 -11.92
CA ASN E 232 -37.72 71.23 -11.67
C ASN E 232 -37.92 70.11 -10.65
N GLY E 233 -37.00 69.15 -10.66
CA GLY E 233 -37.13 68.02 -9.77
C GLY E 233 -35.83 67.29 -9.59
N ILE E 234 -35.86 66.26 -8.74
CA ILE E 234 -34.71 65.43 -8.45
C ILE E 234 -35.08 63.98 -8.72
N ALA E 235 -34.14 63.07 -8.47
CA ALA E 235 -34.37 61.64 -8.66
C ALA E 235 -33.87 60.88 -7.46
N LEU E 236 -34.50 59.73 -7.19
CA LEU E 236 -34.12 58.84 -6.09
C LEU E 236 -33.91 57.45 -6.69
N ARG E 237 -32.65 57.12 -6.98
CA ARG E 237 -32.35 55.80 -7.54
C ARG E 237 -32.48 54.74 -6.46
N VAL E 238 -33.24 53.69 -6.75
CA VAL E 238 -33.55 52.66 -5.76
C VAL E 238 -33.13 51.29 -6.30
N PRO E 239 -32.81 50.32 -5.44
CA PRO E 239 -32.29 49.03 -5.92
C PRO E 239 -33.32 48.15 -6.63
N THR E 240 -33.87 48.65 -7.72
CA THR E 240 -34.66 47.89 -8.69
C THR E 240 -33.96 47.98 -10.04
N PRO E 241 -33.85 46.87 -10.78
CA PRO E 241 -33.08 46.92 -12.04
C PRO E 241 -33.79 47.62 -13.20
N ASN E 242 -35.12 47.47 -13.33
CA ASN E 242 -35.78 47.84 -14.57
C ASN E 242 -36.73 49.02 -14.43
N VAL E 243 -37.72 48.95 -13.57
CA VAL E 243 -38.87 49.86 -13.64
C VAL E 243 -38.64 51.08 -12.76
N SER E 244 -39.12 52.22 -13.23
CA SER E 244 -39.03 53.48 -12.51
C SER E 244 -40.43 54.09 -12.39
N VAL E 245 -40.56 55.07 -11.50
CA VAL E 245 -41.84 55.71 -11.26
C VAL E 245 -41.58 57.16 -10.90
N VAL E 246 -42.48 58.05 -11.32
CA VAL E 246 -42.39 59.47 -11.01
C VAL E 246 -43.70 59.90 -10.35
N ASP E 247 -43.61 60.82 -9.40
CA ASP E 247 -44.78 61.53 -8.91
C ASP E 247 -44.59 63.02 -9.19
N LEU E 248 -45.62 63.63 -9.76
CA LEU E 248 -45.61 65.04 -10.11
C LEU E 248 -46.56 65.80 -9.20
N VAL E 249 -46.04 66.83 -8.55
CA VAL E 249 -46.85 67.77 -7.78
C VAL E 249 -46.87 69.08 -8.55
N VAL E 250 -48.07 69.54 -8.91
CA VAL E 250 -48.24 70.77 -9.67
C VAL E 250 -49.40 71.56 -9.10
N GLN E 251 -49.26 72.88 -9.07
CA GLN E 251 -50.38 73.77 -8.81
C GLN E 251 -50.99 74.17 -10.16
N VAL E 252 -52.26 73.86 -10.35
CA VAL E 252 -52.95 74.21 -11.57
C VAL E 252 -53.79 75.46 -11.30
N SER E 253 -54.27 76.07 -12.38
CA SER E 253 -55.05 77.31 -12.26
C SER E 253 -56.53 77.02 -12.03
N LYS E 254 -57.14 76.17 -12.85
CA LYS E 254 -58.54 75.83 -12.69
C LYS E 254 -58.70 74.86 -11.52
N LYS E 255 -59.60 75.20 -10.60
CA LYS E 255 -59.92 74.32 -9.48
C LYS E 255 -60.47 73.00 -9.98
N THR E 256 -60.03 71.91 -9.35
CA THR E 256 -60.42 70.57 -9.79
C THR E 256 -60.35 69.60 -8.63
N PHE E 257 -60.92 68.42 -8.84
CA PHE E 257 -60.86 67.31 -7.91
C PHE E 257 -60.22 66.12 -8.59
N ALA E 258 -59.70 65.19 -7.77
CA ALA E 258 -58.92 64.08 -8.30
C ALA E 258 -59.75 63.16 -9.20
N GLU E 259 -61.05 63.05 -8.94
CA GLU E 259 -61.90 62.24 -9.80
C GLU E 259 -62.01 62.80 -11.20
N GLU E 260 -61.95 64.13 -11.34
CA GLU E 260 -61.98 64.75 -12.66
C GLU E 260 -60.64 64.62 -13.37
N VAL E 261 -59.54 64.67 -12.61
CA VAL E 261 -58.21 64.64 -13.20
C VAL E 261 -57.95 63.28 -13.85
N ASN E 262 -58.31 62.20 -13.18
CA ASN E 262 -58.12 60.86 -13.74
C ASN E 262 -59.06 60.62 -14.92
N ALA E 263 -60.20 61.30 -14.96
CA ALA E 263 -61.06 61.24 -16.14
C ALA E 263 -60.41 61.93 -17.33
N ALA E 264 -59.64 63.00 -17.07
CA ALA E 264 -58.99 63.72 -18.17
C ALA E 264 -57.95 62.87 -18.86
N PHE E 265 -57.14 62.13 -18.09
CA PHE E 265 -56.16 61.23 -18.70
C PHE E 265 -56.83 60.10 -19.47
N ARG E 266 -57.99 59.63 -18.99
CA ARG E 266 -58.66 58.49 -19.62
C ARG E 266 -59.08 58.82 -21.05
N ASP E 267 -59.87 59.88 -21.22
CA ASP E 267 -60.36 60.20 -22.56
C ASP E 267 -59.27 60.77 -23.45
N SER E 268 -58.28 61.46 -22.87
CA SER E 268 -57.18 61.99 -23.68
C SER E 268 -56.30 60.86 -24.19
N ALA E 269 -56.08 59.83 -23.37
CA ALA E 269 -55.33 58.67 -23.85
C ALA E 269 -56.12 57.91 -24.91
N GLU E 270 -57.45 57.88 -24.77
CA GLU E 270 -58.27 57.14 -25.73
C GLU E 270 -58.31 57.83 -27.09
N LYS E 271 -58.25 59.17 -27.12
CA LYS E 271 -58.26 59.90 -28.38
C LYS E 271 -56.86 60.27 -28.85
N GLU E 272 -56.15 61.09 -28.08
CA GLU E 272 -54.99 61.84 -28.53
C GLU E 272 -53.66 61.16 -28.25
N LEU E 273 -53.47 60.64 -27.03
CA LEU E 273 -52.21 60.01 -26.64
C LEU E 273 -52.24 58.51 -26.79
N LYS E 274 -52.96 58.00 -27.80
CA LYS E 274 -53.10 56.56 -28.01
C LYS E 274 -51.74 55.90 -28.19
N GLY E 275 -51.52 54.81 -27.45
CA GLY E 275 -50.27 54.09 -27.49
C GLY E 275 -49.13 54.69 -26.70
N ILE E 276 -49.34 55.84 -26.06
CA ILE E 276 -48.32 56.49 -25.26
C ILE E 276 -48.72 56.59 -23.79
N LEU E 277 -49.98 56.91 -23.52
CA LEU E 277 -50.46 57.03 -22.15
C LEU E 277 -51.57 56.01 -21.91
N ASP E 278 -51.51 55.39 -20.74
CA ASP E 278 -52.60 54.55 -20.24
C ASP E 278 -52.82 54.89 -18.77
N VAL E 279 -54.07 54.77 -18.33
CA VAL E 279 -54.43 54.95 -16.93
C VAL E 279 -54.69 53.57 -16.34
N CYS E 280 -53.86 53.18 -15.37
CA CYS E 280 -54.03 51.90 -14.69
C CYS E 280 -54.96 52.07 -13.50
N ASP E 281 -55.96 51.20 -13.40
CA ASP E 281 -56.97 51.29 -12.37
C ASP E 281 -56.81 50.25 -11.26
N GLU E 282 -56.12 49.15 -11.52
CA GLU E 282 -55.92 48.07 -10.57
C GLU E 282 -54.69 48.34 -9.70
N PRO E 283 -54.59 47.69 -8.53
CA PRO E 283 -53.39 47.83 -7.70
C PRO E 283 -52.24 46.98 -8.20
N LEU E 284 -51.20 47.63 -8.71
CA LEU E 284 -50.05 46.94 -9.29
C LEU E 284 -48.75 47.45 -8.67
N VAL E 285 -47.68 46.69 -8.92
CA VAL E 285 -46.33 47.00 -8.46
C VAL E 285 -45.42 47.17 -9.68
N SER E 286 -44.13 47.42 -9.44
CA SER E 286 -43.23 47.88 -10.50
C SER E 286 -43.09 46.84 -11.62
N VAL E 287 -42.84 45.58 -11.28
CA VAL E 287 -42.54 44.58 -12.30
C VAL E 287 -43.75 44.28 -13.19
N ASP E 288 -44.96 44.65 -12.76
CA ASP E 288 -46.11 44.49 -13.62
C ASP E 288 -46.09 45.44 -14.81
N PHE E 289 -45.19 46.41 -14.82
CA PHE E 289 -45.04 47.37 -15.90
C PHE E 289 -43.82 47.08 -16.77
N ARG E 290 -43.17 45.93 -16.56
CA ARG E 290 -42.06 45.54 -17.43
C ARG E 290 -42.55 45.32 -18.85
N CYS E 291 -41.75 45.77 -19.81
CA CYS E 291 -42.07 45.66 -21.24
C CYS E 291 -43.38 46.35 -21.60
N SER E 292 -43.73 47.42 -20.87
CA SER E 292 -44.92 48.19 -21.21
C SER E 292 -44.64 49.03 -22.45
N ASP E 293 -45.61 49.04 -23.37
CA ASP E 293 -45.45 49.78 -24.61
C ASP E 293 -45.64 51.28 -24.41
N PHE E 294 -46.29 51.69 -23.33
CA PHE E 294 -46.61 53.09 -23.12
C PHE E 294 -45.41 53.84 -22.54
N SER E 295 -45.27 55.11 -22.94
CA SER E 295 -44.33 55.99 -22.27
C SER E 295 -44.72 56.23 -20.82
N THR E 296 -46.01 56.16 -20.51
CA THR E 296 -46.51 56.37 -19.16
C THR E 296 -47.75 55.53 -18.94
N THR E 297 -47.74 54.74 -17.86
CA THR E 297 -48.95 54.14 -17.33
C THR E 297 -49.23 54.82 -15.99
N ILE E 298 -50.40 55.43 -15.87
CA ILE E 298 -50.76 56.26 -14.72
C ILE E 298 -51.51 55.41 -13.70
N ASP E 299 -51.06 55.48 -12.44
CA ASP E 299 -51.77 54.83 -11.35
C ASP E 299 -52.87 55.77 -10.88
N SER E 300 -54.11 55.46 -11.26
CA SER E 300 -55.22 56.37 -11.00
C SER E 300 -55.60 56.39 -9.53
N SER E 301 -55.52 55.24 -8.86
CA SER E 301 -55.95 55.13 -7.47
C SER E 301 -55.14 56.04 -6.55
N LEU E 302 -53.88 56.28 -6.88
CA LEU E 302 -52.99 57.07 -6.04
C LEU E 302 -53.10 58.56 -6.28
N THR E 303 -53.80 58.98 -7.34
CA THR E 303 -53.93 60.41 -7.63
C THR E 303 -54.80 61.09 -6.58
N MET E 304 -54.29 62.17 -6.00
CA MET E 304 -55.02 62.96 -5.03
C MET E 304 -54.87 64.43 -5.36
N VAL E 305 -55.73 65.25 -4.76
CA VAL E 305 -55.68 66.70 -4.89
C VAL E 305 -55.85 67.29 -3.50
N MET E 306 -54.88 68.07 -3.06
CA MET E 306 -54.94 68.76 -1.78
C MET E 306 -55.31 70.21 -2.01
N GLY E 307 -56.13 70.76 -1.12
CA GLY E 307 -56.70 72.07 -1.37
C GLY E 307 -57.71 71.97 -2.50
N ASP E 308 -57.54 72.81 -3.52
CA ASP E 308 -58.38 72.73 -4.71
C ASP E 308 -57.61 72.90 -6.01
N ASP E 309 -56.30 73.18 -5.96
CA ASP E 309 -55.55 73.38 -7.19
C ASP E 309 -54.18 72.71 -7.16
N MET E 310 -53.87 71.92 -6.13
CA MET E 310 -52.61 71.19 -6.05
C MET E 310 -52.87 69.75 -6.44
N VAL E 311 -52.44 69.37 -7.65
CA VAL E 311 -52.69 68.03 -8.19
C VAL E 311 -51.42 67.19 -8.01
N LYS E 312 -51.60 65.96 -7.54
CA LYS E 312 -50.50 65.01 -7.37
C LYS E 312 -50.81 63.78 -8.20
N VAL E 313 -49.95 63.46 -9.15
CA VAL E 313 -50.15 62.33 -10.06
C VAL E 313 -48.89 61.48 -10.07
N ILE E 314 -49.08 60.18 -10.29
CA ILE E 314 -48.00 59.19 -10.30
C ILE E 314 -48.06 58.43 -11.61
N ALA E 315 -46.91 58.29 -12.27
CA ALA E 315 -46.81 57.61 -13.56
C ALA E 315 -45.75 56.53 -13.50
N TRP E 316 -46.11 55.33 -13.96
CA TRP E 316 -45.18 54.21 -14.11
C TRP E 316 -44.64 54.18 -15.54
N TYR E 317 -43.41 53.69 -15.68
CA TYR E 317 -42.79 53.62 -16.99
C TYR E 317 -41.55 52.73 -16.93
N ASP E 318 -41.33 51.95 -17.99
CA ASP E 318 -40.09 51.23 -18.18
C ASP E 318 -39.08 52.16 -18.83
N ASN E 319 -37.97 52.42 -18.12
CA ASN E 319 -36.97 53.37 -18.62
C ASN E 319 -36.23 52.82 -19.84
N GLU E 320 -36.09 51.51 -19.94
CA GLU E 320 -35.33 50.90 -21.03
C GLU E 320 -36.24 50.51 -22.20
N TRP E 321 -37.29 49.74 -21.93
CA TRP E 321 -38.15 49.25 -23.00
C TRP E 321 -39.04 50.35 -23.56
N GLY E 322 -39.84 50.98 -22.70
CA GLY E 322 -40.78 51.99 -23.16
C GLY E 322 -40.12 53.16 -23.86
N TYR E 323 -38.92 53.52 -23.43
CA TYR E 323 -38.19 54.61 -24.10
C TYR E 323 -37.65 54.15 -25.44
N SER E 324 -37.16 52.92 -25.53
CA SER E 324 -36.66 52.42 -26.81
C SER E 324 -37.78 52.23 -27.82
N GLN E 325 -39.00 51.98 -27.34
CA GLN E 325 -40.16 51.99 -28.22
C GLN E 325 -40.40 53.39 -28.79
N ARG E 326 -40.07 54.43 -28.02
CA ARG E 326 -40.21 55.79 -28.52
C ARG E 326 -39.09 56.14 -29.50
N VAL E 327 -37.94 55.47 -29.39
CA VAL E 327 -36.84 55.74 -30.31
C VAL E 327 -37.15 55.18 -31.70
N VAL E 328 -37.66 53.94 -31.75
CA VAL E 328 -38.03 53.37 -33.04
C VAL E 328 -39.24 54.08 -33.62
N ASP E 329 -40.14 54.59 -32.78
CA ASP E 329 -41.24 55.41 -33.27
C ASP E 329 -40.75 56.73 -33.84
N LEU E 330 -39.69 57.29 -33.25
CA LEU E 330 -39.07 58.46 -33.84
C LEU E 330 -38.35 58.11 -35.13
N ALA E 331 -37.71 56.94 -35.17
CA ALA E 331 -37.06 56.50 -36.40
C ALA E 331 -38.07 56.18 -37.50
N ASP E 332 -39.27 55.72 -37.12
CA ASP E 332 -40.32 55.51 -38.11
C ASP E 332 -40.85 56.83 -38.66
N ILE E 333 -40.84 57.88 -37.83
CA ILE E 333 -41.30 59.19 -38.30
C ILE E 333 -40.31 59.78 -39.30
N VAL E 334 -39.02 59.56 -39.07
CA VAL E 334 -37.99 59.99 -40.03
C VAL E 334 -38.15 59.28 -41.35
N ALA E 335 -38.69 58.05 -41.33
CA ALA E 335 -38.85 57.27 -42.56
C ALA E 335 -39.83 57.95 -43.52
N ASN E 336 -40.98 58.37 -43.01
CA ASN E 336 -42.00 58.98 -43.87
C ASN E 336 -41.58 60.37 -44.35
N ASN E 337 -40.74 61.07 -43.60
CA ASN E 337 -40.31 62.41 -43.95
C ASN E 337 -38.89 62.47 -44.48
N TRP E 338 -38.30 61.33 -44.83
CA TRP E 338 -36.96 61.33 -45.39
C TRP E 338 -36.98 61.92 -46.80
N LYS E 339 -35.83 62.46 -47.21
CA LYS E 339 -35.70 63.13 -48.51
C LYS E 339 -36.03 62.20 -49.68
N LYS F 4 -61.68 13.13 -19.48
CA LYS F 4 -61.35 14.28 -18.64
C LYS F 4 -61.53 13.94 -17.16
N LEU F 5 -60.61 14.45 -16.34
CA LEU F 5 -60.63 14.24 -14.90
C LEU F 5 -60.72 15.58 -14.19
N LYS F 6 -61.30 15.55 -12.99
CA LYS F 6 -61.52 16.75 -12.19
C LYS F 6 -60.41 16.87 -11.16
N VAL F 7 -59.68 17.98 -11.18
CA VAL F 7 -58.55 18.23 -10.29
C VAL F 7 -58.83 19.48 -9.48
N ALA F 8 -58.60 19.40 -8.17
CA ALA F 8 -58.71 20.54 -7.27
C ALA F 8 -57.34 20.91 -6.74
N ILE F 9 -57.16 22.18 -6.42
CA ILE F 9 -55.90 22.70 -5.88
C ILE F 9 -56.17 23.18 -4.47
N ASN F 10 -55.45 22.61 -3.49
CA ASN F 10 -55.67 22.97 -2.10
C ASN F 10 -54.76 24.09 -1.62
N GLY F 11 -53.59 24.26 -2.22
CA GLY F 11 -52.68 25.33 -1.86
C GLY F 11 -52.44 26.24 -3.06
N PHE F 12 -52.44 27.55 -2.79
CA PHE F 12 -52.34 28.55 -3.85
C PHE F 12 -51.20 29.51 -3.56
N GLY F 13 -50.06 28.97 -3.17
CA GLY F 13 -48.87 29.78 -3.02
C GLY F 13 -48.10 29.89 -4.31
N ARG F 14 -46.79 29.64 -4.26
CA ARG F 14 -46.00 29.60 -5.49
C ARG F 14 -46.39 28.41 -6.35
N ILE F 15 -46.55 27.23 -5.74
CA ILE F 15 -46.81 26.01 -6.50
C ILE F 15 -48.22 26.02 -7.09
N GLY F 16 -49.21 26.47 -6.31
CA GLY F 16 -50.59 26.43 -6.77
C GLY F 16 -50.84 27.31 -7.98
N ARG F 17 -50.22 28.49 -8.01
CA ARG F 17 -50.36 29.37 -9.16
C ARG F 17 -49.50 28.91 -10.33
N ASN F 18 -48.32 28.35 -10.05
CA ASN F 18 -47.51 27.76 -11.10
C ASN F 18 -48.15 26.50 -11.68
N PHE F 19 -49.05 25.87 -10.93
CA PHE F 19 -49.74 24.68 -11.45
C PHE F 19 -50.69 25.05 -12.59
N LEU F 20 -51.44 26.14 -12.44
CA LEU F 20 -52.39 26.53 -13.47
C LEU F 20 -51.68 27.00 -14.73
N ARG F 21 -50.66 27.83 -14.58
CA ARG F 21 -49.94 28.36 -15.73
C ARG F 21 -49.18 27.27 -16.48
N CYS F 22 -48.70 26.25 -15.77
CA CYS F 22 -48.12 25.09 -16.45
C CYS F 22 -49.20 24.28 -17.14
N TRP F 23 -50.29 23.98 -16.44
CA TRP F 23 -51.39 23.23 -17.03
C TRP F 23 -52.04 24.00 -18.18
N HIS F 24 -52.05 25.32 -18.11
CA HIS F 24 -52.63 26.12 -19.19
C HIS F 24 -51.79 26.02 -20.45
N GLY F 25 -50.47 25.92 -20.31
CA GLY F 25 -49.62 25.79 -21.48
C GLY F 25 -49.76 24.47 -22.19
N ARG F 26 -50.17 23.43 -21.46
CA ARG F 26 -50.38 22.11 -22.06
C ARG F 26 -51.61 22.11 -22.95
N LYS F 27 -51.56 21.31 -24.00
CA LYS F 27 -52.71 21.09 -24.89
C LYS F 27 -53.09 19.62 -24.84
N ASP F 28 -54.41 19.37 -24.84
CA ASP F 28 -54.97 18.02 -24.75
C ASP F 28 -54.47 17.28 -23.51
N SER F 29 -54.52 17.98 -22.37
CA SER F 29 -54.17 17.38 -21.09
C SER F 29 -55.37 16.64 -20.49
N PRO F 30 -55.15 15.52 -19.82
CA PRO F 30 -56.27 14.77 -19.23
C PRO F 30 -56.86 15.39 -17.97
N LEU F 31 -56.48 16.61 -17.61
CA LEU F 31 -56.90 17.22 -16.35
C LEU F 31 -57.79 18.43 -16.61
N ASP F 32 -58.78 18.62 -15.74
CA ASP F 32 -59.64 19.79 -15.76
C ASP F 32 -59.72 20.33 -14.34
N ILE F 33 -59.27 21.56 -14.14
CA ILE F 33 -59.25 22.19 -12.83
C ILE F 33 -60.59 22.88 -12.61
N ILE F 34 -61.30 22.47 -11.56
CA ILE F 34 -62.62 23.02 -11.25
C ILE F 34 -62.70 23.64 -9.87
N ALA F 35 -61.65 23.53 -9.05
CA ALA F 35 -61.76 23.98 -7.67
C ALA F 35 -60.41 24.44 -7.15
N ILE F 36 -60.43 25.53 -6.37
CA ILE F 36 -59.24 26.08 -5.72
C ILE F 36 -59.57 26.32 -4.26
N ASN F 37 -58.62 26.02 -3.37
CA ASN F 37 -58.74 26.32 -1.95
C ASN F 37 -57.61 27.26 -1.54
N ASP F 38 -57.98 28.38 -0.92
CA ASP F 38 -57.02 29.36 -0.47
C ASP F 38 -57.59 30.07 0.75
N THR F 39 -56.75 30.26 1.77
CA THR F 39 -57.16 31.07 2.91
C THR F 39 -57.43 32.52 2.51
N GLY F 40 -56.75 33.01 1.48
CA GLY F 40 -57.04 34.31 0.96
C GLY F 40 -58.33 34.34 0.15
N GLY F 41 -58.86 35.53 -0.03
CA GLY F 41 -60.13 35.69 -0.71
C GLY F 41 -60.05 35.43 -2.19
N VAL F 42 -61.23 35.45 -2.82
CA VAL F 42 -61.32 35.27 -4.26
C VAL F 42 -60.70 36.45 -5.00
N LYS F 43 -60.87 37.65 -4.46
CA LYS F 43 -60.35 38.86 -5.12
C LYS F 43 -58.84 38.84 -5.25
N GLN F 44 -58.14 38.26 -4.28
CA GLN F 44 -56.68 38.18 -4.37
C GLN F 44 -56.20 36.90 -5.03
N ALA F 45 -56.92 35.78 -4.85
CA ALA F 45 -56.53 34.54 -5.51
C ALA F 45 -56.54 34.68 -7.02
N SER F 46 -57.44 35.49 -7.56
CA SER F 46 -57.39 35.82 -8.99
C SER F 46 -56.28 36.83 -9.27
N HIS F 47 -56.06 37.77 -8.34
CA HIS F 47 -55.12 38.85 -8.59
C HIS F 47 -53.68 38.35 -8.61
N LEU F 48 -53.29 37.54 -7.61
CA LEU F 48 -51.96 36.96 -7.60
C LEU F 48 -51.75 35.97 -8.75
N LEU F 49 -52.84 35.45 -9.33
CA LEU F 49 -52.74 34.60 -10.50
C LEU F 49 -52.47 35.42 -11.75
N LYS F 50 -53.26 36.46 -11.98
CA LYS F 50 -53.14 37.27 -13.19
C LYS F 50 -51.80 37.99 -13.24
N TYR F 51 -51.42 38.65 -12.16
CA TYR F 51 -50.16 39.37 -12.07
C TYR F 51 -49.20 38.62 -11.18
N ASP F 52 -47.95 38.49 -11.63
CA ASP F 52 -46.92 37.76 -10.90
C ASP F 52 -45.64 38.57 -10.91
N SER F 53 -44.90 38.51 -9.79
CA SER F 53 -43.66 39.24 -9.65
C SER F 53 -42.44 38.43 -10.08
N THR F 54 -42.58 37.12 -10.26
CA THR F 54 -41.47 36.27 -10.67
C THR F 54 -41.69 35.61 -12.02
N LEU F 55 -42.91 35.60 -12.55
CA LEU F 55 -43.20 34.94 -13.81
C LEU F 55 -43.88 35.83 -14.84
N GLY F 56 -44.09 37.11 -14.54
CA GLY F 56 -44.72 38.01 -15.47
C GLY F 56 -46.23 37.86 -15.50
N ILE F 57 -46.88 38.76 -16.24
CA ILE F 57 -48.33 38.79 -16.32
C ILE F 57 -48.83 37.58 -17.09
N PHE F 58 -49.89 36.95 -16.57
CA PHE F 58 -50.48 35.79 -17.22
C PHE F 58 -51.06 36.16 -18.58
N ASP F 59 -50.69 35.39 -19.60
CA ASP F 59 -51.17 35.60 -20.97
C ASP F 59 -52.53 34.92 -21.12
N ALA F 60 -53.53 35.47 -20.43
CA ALA F 60 -54.87 34.93 -20.42
C ALA F 60 -55.80 35.99 -19.87
N ASP F 61 -57.10 35.75 -20.05
CA ASP F 61 -58.13 36.64 -19.50
C ASP F 61 -58.57 36.07 -18.15
N VAL F 62 -58.22 36.79 -17.08
CA VAL F 62 -58.57 36.38 -15.72
C VAL F 62 -59.55 37.41 -15.17
N LYS F 63 -60.82 37.01 -15.07
CA LYS F 63 -61.83 37.84 -14.43
C LYS F 63 -62.62 36.97 -13.46
N PRO F 64 -63.04 37.54 -12.33
CA PRO F 64 -63.90 36.79 -11.40
C PRO F 64 -65.33 36.73 -11.93
N SER F 65 -65.83 35.53 -12.15
CA SER F 65 -67.19 35.31 -12.64
C SER F 65 -68.07 34.90 -11.46
N GLY F 66 -69.07 35.71 -11.16
CA GLY F 66 -69.85 35.50 -9.97
C GLY F 66 -69.10 35.96 -8.73
N GLU F 67 -69.54 35.47 -7.58
CA GLU F 67 -68.93 35.83 -6.30
C GLU F 67 -67.91 34.81 -5.83
N THR F 68 -68.16 33.52 -6.06
CA THR F 68 -67.34 32.44 -5.53
C THR F 68 -66.49 31.76 -6.59
N ALA F 69 -66.42 32.31 -7.79
CA ALA F 69 -65.70 31.65 -8.88
C ALA F 69 -64.93 32.68 -9.70
N ILE F 70 -63.92 32.18 -10.42
CA ILE F 70 -63.13 32.98 -11.35
C ILE F 70 -63.22 32.33 -12.72
N SER F 71 -63.05 33.14 -13.76
CA SER F 71 -63.09 32.67 -15.14
C SER F 71 -61.73 32.89 -15.78
N VAL F 72 -61.12 31.81 -16.27
CA VAL F 72 -59.82 31.86 -16.94
C VAL F 72 -60.05 31.47 -18.39
N ASP F 73 -59.95 32.44 -19.30
CA ASP F 73 -60.19 32.25 -20.73
C ASP F 73 -61.56 31.65 -21.00
N GLY F 74 -62.55 32.03 -20.19
CA GLY F 74 -63.88 31.51 -20.30
C GLY F 74 -64.15 30.27 -19.48
N LYS F 75 -63.14 29.66 -18.87
CA LYS F 75 -63.30 28.47 -18.06
C LYS F 75 -63.50 28.89 -16.61
N ILE F 76 -64.66 28.54 -16.05
CA ILE F 76 -65.04 28.98 -14.72
C ILE F 76 -64.45 28.02 -13.70
N ILE F 77 -63.72 28.56 -12.72
CA ILE F 77 -63.08 27.77 -11.67
C ILE F 77 -63.59 28.27 -10.33
N GLN F 78 -64.09 27.35 -9.51
CA GLN F 78 -64.60 27.70 -8.19
C GLN F 78 -63.45 27.86 -7.20
N VAL F 79 -63.55 28.89 -6.35
CA VAL F 79 -62.57 29.17 -5.32
C VAL F 79 -63.28 29.14 -3.97
N VAL F 80 -62.79 28.31 -3.06
CA VAL F 80 -63.36 28.18 -1.73
C VAL F 80 -62.27 28.44 -0.70
N SER F 81 -62.67 28.95 0.47
CA SER F 81 -61.74 29.30 1.54
C SER F 81 -62.09 28.48 2.77
N ASN F 82 -61.22 27.54 3.14
CA ASN F 82 -61.39 26.81 4.38
C ASN F 82 -60.04 26.28 4.84
N ARG F 83 -59.81 26.34 6.15
CA ARG F 83 -58.54 25.91 6.73
C ARG F 83 -58.49 24.40 6.95
N ASN F 84 -59.64 23.78 7.25
CA ASN F 84 -59.67 22.36 7.57
C ASN F 84 -60.23 21.59 6.38
N PRO F 85 -59.46 20.70 5.75
CA PRO F 85 -59.93 20.03 4.53
C PRO F 85 -61.08 19.06 4.76
N SER F 86 -61.33 18.62 5.99
CA SER F 86 -62.44 17.72 6.24
C SER F 86 -63.79 18.37 5.98
N LEU F 87 -63.84 19.71 5.96
CA LEU F 87 -65.06 20.45 5.67
C LEU F 87 -65.17 20.84 4.20
N LEU F 88 -64.22 20.42 3.36
CA LEU F 88 -64.21 20.87 1.98
C LEU F 88 -65.28 20.15 1.16
N PRO F 89 -65.83 20.83 0.14
CA PRO F 89 -66.88 20.24 -0.70
C PRO F 89 -66.35 19.45 -1.89
N TRP F 90 -65.42 18.52 -1.64
CA TRP F 90 -64.90 17.73 -2.75
C TRP F 90 -65.91 16.69 -3.22
N LYS F 91 -66.71 16.15 -2.32
CA LYS F 91 -67.75 15.20 -2.72
C LYS F 91 -68.83 15.88 -3.56
N GLU F 92 -69.22 17.10 -3.17
CA GLU F 92 -70.24 17.82 -3.92
C GLU F 92 -69.77 18.16 -5.33
N LEU F 93 -68.51 18.60 -5.45
CA LEU F 93 -67.97 18.91 -6.77
C LEU F 93 -67.61 17.65 -7.55
N GLY F 94 -67.32 16.56 -6.85
CA GLY F 94 -66.94 15.32 -7.51
C GLY F 94 -65.48 15.25 -7.89
N ILE F 95 -64.58 15.68 -7.01
CA ILE F 95 -63.16 15.73 -7.33
C ILE F 95 -62.59 14.32 -7.40
N ASP F 96 -61.60 14.14 -8.26
CA ASP F 96 -60.87 12.89 -8.40
C ASP F 96 -59.44 12.98 -7.89
N ILE F 97 -58.75 14.08 -8.18
CA ILE F 97 -57.37 14.31 -7.76
C ILE F 97 -57.29 15.70 -7.14
N VAL F 98 -56.64 15.82 -5.99
CA VAL F 98 -56.36 17.13 -5.43
C VAL F 98 -54.84 17.28 -5.30
N ILE F 99 -54.39 18.53 -5.31
CA ILE F 99 -52.98 18.87 -5.21
C ILE F 99 -52.79 19.63 -3.91
N GLU F 100 -51.90 19.12 -3.05
CA GLU F 100 -51.64 19.71 -1.74
C GLU F 100 -50.48 20.69 -1.89
N GLY F 101 -50.81 21.97 -2.06
CA GLY F 101 -49.82 23.03 -2.14
C GLY F 101 -49.71 23.89 -0.91
N THR F 102 -50.48 23.59 0.14
CA THR F 102 -50.37 24.37 1.37
C THR F 102 -49.07 24.08 2.10
N GLY F 103 -48.57 22.85 2.00
CA GLY F 103 -47.37 22.45 2.70
C GLY F 103 -47.55 22.15 4.17
N VAL F 104 -48.77 22.23 4.70
CA VAL F 104 -49.02 21.92 6.09
C VAL F 104 -49.61 20.53 6.29
N PHE F 105 -50.15 19.91 5.25
CA PHE F 105 -50.65 18.53 5.29
C PHE F 105 -49.71 17.68 4.46
N VAL F 106 -48.67 17.15 5.10
CA VAL F 106 -47.69 16.31 4.44
C VAL F 106 -47.69 14.88 4.97
N ASP F 107 -48.50 14.58 5.97
CA ASP F 107 -48.63 13.24 6.53
C ASP F 107 -49.99 12.66 6.14
N ARG F 108 -50.17 11.37 6.43
CA ARG F 108 -51.39 10.67 6.05
C ARG F 108 -52.61 11.17 6.81
N GLU F 109 -52.43 11.55 8.08
CA GLU F 109 -53.56 12.05 8.86
C GLU F 109 -54.07 13.37 8.31
N GLY F 110 -53.15 14.33 8.06
CA GLY F 110 -53.57 15.61 7.54
C GLY F 110 -54.04 15.54 6.10
N ALA F 111 -53.23 14.92 5.23
CA ALA F 111 -53.60 14.83 3.82
C ALA F 111 -54.76 13.86 3.57
N GLY F 112 -55.01 12.95 4.50
CA GLY F 112 -56.17 12.07 4.38
C GLY F 112 -57.50 12.75 4.58
N LYS F 113 -57.51 13.97 5.12
CA LYS F 113 -58.75 14.73 5.26
C LYS F 113 -59.35 15.05 3.91
N HIS F 114 -58.53 15.14 2.86
CA HIS F 114 -59.06 15.29 1.51
C HIS F 114 -59.88 14.08 1.10
N ILE F 115 -59.41 12.89 1.45
CA ILE F 115 -60.13 11.65 1.11
C ILE F 115 -61.49 11.62 1.80
N GLU F 116 -61.56 12.11 3.04
CA GLU F 116 -62.81 12.06 3.78
C GLU F 116 -63.84 13.05 3.22
N ALA F 117 -63.38 14.10 2.56
CA ALA F 117 -64.28 15.12 2.01
C ALA F 117 -64.75 14.78 0.60
N GLY F 118 -64.38 13.62 0.06
CA GLY F 118 -64.83 13.20 -1.25
C GLY F 118 -63.79 13.17 -2.34
N ALA F 119 -62.51 13.27 -2.00
CA ALA F 119 -61.45 13.18 -2.99
C ALA F 119 -60.95 11.74 -3.07
N LYS F 120 -60.77 11.25 -4.29
CA LYS F 120 -60.34 9.87 -4.47
C LYS F 120 -58.84 9.70 -4.33
N LYS F 121 -58.06 10.72 -4.71
CA LYS F 121 -56.61 10.64 -4.67
C LYS F 121 -56.05 12.05 -4.47
N VAL F 122 -54.94 12.15 -3.73
CA VAL F 122 -54.27 13.42 -3.51
C VAL F 122 -52.82 13.29 -3.92
N ILE F 123 -52.21 14.44 -4.22
CA ILE F 123 -50.80 14.53 -4.58
C ILE F 123 -50.16 15.64 -3.75
N ILE F 124 -49.06 15.30 -3.07
CA ILE F 124 -48.40 16.23 -2.16
C ILE F 124 -47.19 16.84 -2.86
N THR F 125 -47.06 18.16 -2.78
CA THR F 125 -45.97 18.89 -3.41
C THR F 125 -44.72 18.93 -2.54
N ALA F 126 -44.62 18.09 -1.53
CA ALA F 126 -43.51 18.09 -0.59
C ALA F 126 -43.15 16.65 -0.24
N PRO F 127 -41.99 16.39 0.37
CA PRO F 127 -41.72 15.04 0.86
C PRO F 127 -42.71 14.63 1.94
N GLY F 128 -43.06 13.35 1.94
CA GLY F 128 -43.94 12.83 2.97
C GLY F 128 -43.19 12.49 4.23
N LYS F 129 -43.90 12.56 5.36
CA LYS F 129 -43.25 12.37 6.66
C LYS F 129 -43.02 10.90 6.99
N GLY F 130 -44.05 10.07 6.81
CA GLY F 130 -43.99 8.67 7.19
C GLY F 130 -43.72 7.75 6.01
N ASP F 131 -44.23 6.53 6.10
CA ASP F 131 -44.16 5.57 4.99
C ASP F 131 -45.24 5.93 3.99
N ILE F 132 -44.85 6.71 2.99
CA ILE F 132 -45.76 7.23 1.97
C ILE F 132 -45.08 7.08 0.63
N PRO F 133 -45.76 6.58 -0.41
CA PRO F 133 -45.09 6.36 -1.69
C PRO F 133 -44.69 7.65 -2.39
N THR F 134 -43.39 7.90 -2.45
CA THR F 134 -42.83 9.08 -3.11
C THR F 134 -42.37 8.69 -4.51
N TYR F 135 -42.78 9.48 -5.50
CA TYR F 135 -42.45 9.21 -6.89
C TYR F 135 -41.84 10.46 -7.52
N VAL F 136 -40.93 10.23 -8.47
CA VAL F 136 -40.32 11.29 -9.26
C VAL F 136 -40.38 10.89 -10.72
N VAL F 137 -40.76 11.84 -11.58
CA VAL F 137 -40.92 11.54 -13.00
C VAL F 137 -39.58 11.21 -13.63
N GLY F 138 -39.57 10.25 -14.55
CA GLY F 138 -38.40 9.90 -15.30
C GLY F 138 -37.46 8.91 -14.65
N VAL F 139 -37.66 8.57 -13.38
CA VAL F 139 -36.79 7.64 -12.68
C VAL F 139 -37.57 6.46 -12.09
N ASN F 140 -38.64 6.76 -11.34
CA ASN F 140 -39.48 5.70 -10.78
C ASN F 140 -40.96 5.93 -11.08
N ALA F 141 -41.26 6.67 -12.16
CA ALA F 141 -42.66 6.90 -12.53
C ALA F 141 -43.36 5.60 -12.93
N ASP F 142 -42.59 4.62 -13.39
CA ASP F 142 -43.16 3.33 -13.78
C ASP F 142 -43.67 2.52 -12.58
N ALA F 143 -43.18 2.81 -11.38
CA ALA F 143 -43.50 2.04 -10.20
C ALA F 143 -44.77 2.53 -9.49
N TYR F 144 -45.64 3.24 -10.20
CA TYR F 144 -46.83 3.84 -9.60
C TYR F 144 -47.97 2.84 -9.62
N SER F 145 -48.28 2.26 -8.46
CA SER F 145 -49.48 1.46 -8.31
C SER F 145 -50.68 2.38 -8.09
N HIS F 146 -51.80 2.06 -8.76
CA HIS F 146 -52.99 2.88 -8.61
C HIS F 146 -53.65 2.71 -7.25
N ASP F 147 -53.34 1.63 -6.53
CA ASP F 147 -53.99 1.37 -5.25
C ASP F 147 -53.62 2.40 -4.20
N GLU F 148 -52.45 3.00 -4.32
CA GLU F 148 -51.95 3.93 -3.31
C GLU F 148 -52.71 5.25 -3.38
N PRO F 149 -53.39 5.67 -2.31
CA PRO F 149 -54.29 6.83 -2.40
C PRO F 149 -53.58 8.17 -2.29
N ILE F 150 -52.45 8.21 -1.59
CA ILE F 150 -51.70 9.44 -1.38
C ILE F 150 -50.28 9.21 -1.89
N ILE F 151 -49.81 10.13 -2.73
CA ILE F 151 -48.48 10.05 -3.32
C ILE F 151 -47.77 11.39 -3.11
N SER F 152 -46.49 11.42 -3.45
CA SER F 152 -45.68 12.61 -3.30
C SER F 152 -44.71 12.73 -4.46
N ASN F 153 -44.61 13.94 -5.00
CA ASN F 153 -43.52 14.34 -5.87
C ASN F 153 -42.52 15.10 -5.00
N ALA F 154 -41.27 14.65 -5.00
CA ALA F 154 -40.30 15.05 -4.00
C ALA F 154 -39.92 16.53 -4.13
N SER F 155 -39.01 16.98 -3.26
CA SER F 155 -38.58 18.37 -3.24
C SER F 155 -37.98 18.76 -4.59
N CYS F 156 -37.97 20.08 -4.84
CA CYS F 156 -37.36 20.59 -6.06
C CYS F 156 -35.90 20.20 -6.16
N THR F 157 -35.21 20.13 -5.01
CA THR F 157 -33.84 19.64 -5.01
C THR F 157 -33.78 18.16 -5.37
N THR F 158 -34.67 17.35 -4.80
CA THR F 158 -34.67 15.91 -5.09
C THR F 158 -35.12 15.65 -6.53
N ASN F 159 -36.15 16.35 -6.99
CA ASN F 159 -36.63 16.14 -8.35
C ASN F 159 -35.59 16.52 -9.39
N CYS F 160 -34.71 17.46 -9.05
CA CYS F 160 -33.56 17.76 -9.90
C CYS F 160 -32.44 16.75 -9.70
N LEU F 161 -32.23 16.30 -8.46
CA LEU F 161 -31.06 15.47 -8.13
C LEU F 161 -31.19 14.06 -8.68
N ALA F 162 -32.37 13.46 -8.56
CA ALA F 162 -32.54 12.05 -8.88
C ALA F 162 -32.25 11.68 -10.35
N PRO F 163 -32.64 12.49 -11.38
CA PRO F 163 -32.35 12.08 -12.77
C PRO F 163 -30.87 11.87 -13.09
N PHE F 164 -30.02 12.87 -12.86
CA PHE F 164 -28.62 12.72 -13.25
C PHE F 164 -27.83 11.84 -12.30
N VAL F 165 -28.36 11.58 -11.10
CA VAL F 165 -27.77 10.56 -10.24
C VAL F 165 -28.06 9.17 -10.81
N LYS F 166 -29.26 8.97 -11.35
CA LYS F 166 -29.61 7.72 -12.00
C LYS F 166 -28.68 7.42 -13.17
N VAL F 167 -28.32 8.46 -13.94
CA VAL F 167 -27.35 8.27 -15.02
C VAL F 167 -25.97 7.98 -14.44
N LEU F 168 -25.59 8.69 -13.37
CA LEU F 168 -24.28 8.47 -12.76
C LEU F 168 -24.15 7.09 -12.14
N ASP F 169 -25.19 6.64 -11.42
CA ASP F 169 -25.09 5.36 -10.72
C ASP F 169 -25.12 4.20 -11.70
N GLN F 170 -25.93 4.29 -12.75
CA GLN F 170 -26.05 3.20 -13.71
C GLN F 170 -24.79 3.07 -14.57
N LYS F 171 -24.45 4.15 -15.28
CA LYS F 171 -23.37 4.08 -16.26
C LYS F 171 -21.98 4.12 -15.64
N PHE F 172 -21.85 4.68 -14.44
CA PHE F 172 -20.55 4.84 -13.80
C PHE F 172 -20.44 4.05 -12.50
N GLY F 173 -21.37 4.24 -11.56
CA GLY F 173 -21.37 3.48 -10.33
C GLY F 173 -20.97 4.27 -9.10
N ILE F 174 -21.95 4.70 -8.32
CA ILE F 174 -21.73 5.54 -7.15
C ILE F 174 -21.53 4.66 -5.92
N ILE F 175 -20.60 5.06 -5.06
CA ILE F 175 -20.44 4.44 -3.74
C ILE F 175 -20.82 5.40 -2.62
N LYS F 176 -20.41 6.66 -2.73
CA LYS F 176 -20.73 7.67 -1.72
C LYS F 176 -20.53 9.05 -2.34
N GLY F 177 -21.10 10.04 -1.67
CA GLY F 177 -21.02 11.40 -2.16
C GLY F 177 -21.91 12.31 -1.36
N THR F 178 -21.88 13.59 -1.72
CA THR F 178 -22.62 14.58 -0.97
C THR F 178 -23.21 15.61 -1.93
N MET F 179 -23.80 16.66 -1.35
CA MET F 179 -24.61 17.60 -2.12
C MET F 179 -24.63 18.94 -1.39
N THR F 180 -24.72 20.02 -2.17
CA THR F 180 -24.87 21.37 -1.62
C THR F 180 -25.68 22.18 -2.63
N THR F 181 -26.97 22.36 -2.36
CA THR F 181 -27.85 23.09 -3.25
C THR F 181 -27.89 24.56 -2.85
N THR F 182 -27.41 25.43 -3.74
CA THR F 182 -27.51 26.88 -3.55
C THR F 182 -28.89 27.31 -4.03
N HIS F 183 -29.81 27.44 -3.08
CA HIS F 183 -31.23 27.58 -3.38
C HIS F 183 -31.66 29.04 -3.33
N SER F 184 -32.70 29.37 -4.09
CA SER F 184 -33.35 30.66 -3.98
C SER F 184 -34.24 30.66 -2.75
N TYR F 185 -34.44 31.84 -2.16
CA TYR F 185 -35.26 31.92 -0.97
C TYR F 185 -36.73 31.70 -1.33
N THR F 186 -37.47 31.14 -0.37
CA THR F 186 -38.90 30.87 -0.50
C THR F 186 -39.64 31.66 0.58
N GLY F 187 -40.97 31.52 0.58
CA GLY F 187 -41.78 32.08 1.64
C GLY F 187 -41.55 31.47 3.01
N ASP F 188 -40.69 30.45 3.09
CA ASP F 188 -40.31 29.85 4.35
C ASP F 188 -39.63 30.86 5.28
N GLN F 189 -38.53 31.44 4.81
CA GLN F 189 -37.77 32.39 5.61
C GLN F 189 -38.52 33.70 5.77
N ARG F 190 -38.17 34.43 6.83
CA ARG F 190 -38.75 35.74 7.05
C ARG F 190 -38.05 36.78 6.17
N LEU F 191 -38.59 37.99 6.16
CA LEU F 191 -38.03 39.09 5.37
C LEU F 191 -37.10 39.97 6.17
N LEU F 192 -37.56 40.48 7.31
CA LEU F 192 -36.70 41.09 8.31
C LEU F 192 -36.59 40.15 9.50
N ASP F 193 -35.53 40.33 10.29
CA ASP F 193 -35.24 39.44 11.40
C ASP F 193 -36.39 39.41 12.39
N ALA F 194 -37.08 38.27 12.47
CA ALA F 194 -38.21 38.08 13.37
C ALA F 194 -38.19 36.66 13.89
N SER F 195 -39.05 36.39 14.86
CA SER F 195 -39.06 35.09 15.53
C SER F 195 -39.51 33.99 14.57
N HIS F 196 -38.94 32.81 14.77
CA HIS F 196 -39.16 31.66 13.89
C HIS F 196 -38.58 30.43 14.57
N ARG F 197 -39.11 29.26 14.20
CA ARG F 197 -38.70 28.01 14.85
C ARG F 197 -37.22 27.72 14.61
N ASP F 198 -36.79 27.73 13.35
CA ASP F 198 -35.39 27.52 13.00
C ASP F 198 -34.70 28.88 12.98
N LEU F 199 -33.71 29.06 13.87
CA LEU F 199 -33.00 30.32 13.98
C LEU F 199 -32.25 30.68 12.69
N ARG F 200 -31.96 29.70 11.85
CA ARG F 200 -31.39 29.98 10.54
C ARG F 200 -32.38 30.75 9.68
N ARG F 201 -33.57 30.18 9.48
CA ARG F 201 -34.61 30.81 8.66
C ARG F 201 -35.20 32.06 9.29
N ALA F 202 -34.96 32.28 10.59
CA ALA F 202 -35.47 33.47 11.28
C ALA F 202 -34.83 34.75 10.78
N ARG F 203 -33.69 34.66 10.10
CA ARG F 203 -32.96 35.83 9.67
C ARG F 203 -33.51 36.36 8.35
N ALA F 204 -33.06 37.56 7.98
CA ALA F 204 -33.51 38.22 6.76
C ALA F 204 -33.10 37.41 5.54
N ALA F 205 -34.07 37.06 4.71
CA ALA F 205 -33.79 36.26 3.52
C ALA F 205 -33.12 37.06 2.43
N ALA F 206 -33.48 38.34 2.30
CA ALA F 206 -32.92 39.18 1.23
C ALA F 206 -31.50 39.64 1.52
N LEU F 207 -31.06 39.59 2.77
CA LEU F 207 -29.79 40.17 3.17
C LEU F 207 -28.68 39.15 3.39
N ASN F 208 -29.02 37.87 3.50
CA ASN F 208 -28.09 36.89 4.03
C ASN F 208 -27.97 35.67 3.13
N ILE F 209 -26.85 34.98 3.29
CA ILE F 209 -26.72 33.58 2.90
C ILE F 209 -27.01 32.76 4.14
N VAL F 210 -28.13 32.05 4.14
CA VAL F 210 -28.56 31.27 5.30
C VAL F 210 -28.45 29.80 4.95
N PRO F 211 -27.66 29.01 5.67
CA PRO F 211 -27.67 27.57 5.47
C PRO F 211 -28.86 26.93 6.15
N THR F 212 -29.28 25.79 5.59
CA THR F 212 -30.51 25.14 6.01
C THR F 212 -30.37 23.64 5.82
N SER F 213 -30.91 22.88 6.78
CA SER F 213 -30.97 21.44 6.65
C SER F 213 -32.05 21.05 5.65
N THR F 214 -31.71 20.13 4.75
CA THR F 214 -32.67 19.56 3.81
C THR F 214 -32.56 18.04 3.84
N GLY F 215 -33.72 17.37 3.86
CA GLY F 215 -33.77 15.94 3.69
C GLY F 215 -33.78 15.48 2.26
N ALA F 216 -33.49 16.38 1.32
CA ALA F 216 -33.51 16.04 -0.10
C ALA F 216 -32.49 14.96 -0.44
N ALA F 217 -31.35 14.95 0.24
CA ALA F 217 -30.32 13.96 -0.06
C ALA F 217 -30.72 12.58 0.44
N LYS F 218 -31.19 12.49 1.68
CA LYS F 218 -31.65 11.21 2.23
C LYS F 218 -32.92 10.71 1.56
N ALA F 219 -33.59 11.54 0.76
CA ALA F 219 -34.81 11.13 0.08
C ALA F 219 -34.53 10.40 -1.24
N VAL F 220 -33.34 10.57 -1.81
CA VAL F 220 -33.00 9.85 -3.04
C VAL F 220 -32.89 8.36 -2.79
N ALA F 221 -32.74 7.94 -1.53
CA ALA F 221 -32.74 6.52 -1.18
C ALA F 221 -34.10 5.88 -1.42
N LEU F 222 -35.17 6.67 -1.51
CA LEU F 222 -36.51 6.14 -1.72
C LEU F 222 -36.87 6.00 -3.20
N VAL F 223 -36.15 6.67 -4.08
CA VAL F 223 -36.43 6.62 -5.51
C VAL F 223 -35.58 5.58 -6.22
N LEU F 224 -34.32 5.45 -5.82
CA LEU F 224 -33.46 4.34 -6.25
C LEU F 224 -32.86 3.73 -4.98
N PRO F 225 -33.29 2.53 -4.58
CA PRO F 225 -32.81 1.95 -3.32
C PRO F 225 -31.34 1.56 -3.32
N ASN F 226 -30.64 1.70 -4.45
CA ASN F 226 -29.22 1.34 -4.48
C ASN F 226 -28.39 2.27 -3.61
N LEU F 227 -28.84 3.50 -3.38
CA LEU F 227 -28.04 4.51 -2.70
C LEU F 227 -28.56 4.79 -1.29
N LYS F 228 -29.11 3.77 -0.62
CA LYS F 228 -29.62 3.96 0.73
C LYS F 228 -28.46 4.18 1.68
N GLY F 229 -28.38 5.37 2.26
CA GLY F 229 -27.33 5.69 3.21
C GLY F 229 -25.99 6.04 2.60
N LYS F 230 -25.97 6.47 1.34
CA LYS F 230 -24.73 6.81 0.66
C LYS F 230 -24.63 8.27 0.29
N LEU F 231 -25.65 9.09 0.59
CA LEU F 231 -25.65 10.49 0.23
C LEU F 231 -26.19 11.32 1.39
N ASN F 232 -25.62 12.52 1.57
CA ASN F 232 -26.10 13.50 2.51
C ASN F 232 -25.79 14.88 1.95
N GLY F 233 -26.48 15.90 2.44
CA GLY F 233 -26.28 17.22 1.88
C GLY F 233 -26.94 18.31 2.70
N ILE F 234 -26.52 19.54 2.43
CA ILE F 234 -27.05 20.74 3.05
C ILE F 234 -27.48 21.70 1.94
N ALA F 235 -28.13 22.79 2.35
CA ALA F 235 -28.64 23.79 1.42
C ALA F 235 -28.24 25.18 1.86
N LEU F 236 -27.89 26.02 0.89
CA LEU F 236 -27.65 27.44 1.13
C LEU F 236 -28.73 28.23 0.39
N ARG F 237 -29.31 29.21 1.09
CA ARG F 237 -30.37 30.04 0.53
C ARG F 237 -29.78 31.43 0.25
N VAL F 238 -29.64 31.77 -1.03
CA VAL F 238 -29.04 33.03 -1.44
C VAL F 238 -30.13 34.01 -1.85
N PRO F 239 -29.88 35.33 -1.80
CA PRO F 239 -30.93 36.29 -2.16
C PRO F 239 -31.29 36.35 -3.63
N THR F 240 -31.70 35.22 -4.20
CA THR F 240 -32.36 35.25 -5.49
C THR F 240 -33.80 34.77 -5.32
N PRO F 241 -34.74 35.27 -6.11
CA PRO F 241 -36.12 34.82 -5.97
C PRO F 241 -36.43 33.46 -6.58
N ASN F 242 -35.86 33.13 -7.74
CA ASN F 242 -36.39 32.00 -8.51
C ASN F 242 -35.41 30.84 -8.67
N VAL F 243 -34.23 31.03 -9.24
CA VAL F 243 -33.45 29.90 -9.73
C VAL F 243 -32.55 29.37 -8.63
N SER F 244 -32.27 28.07 -8.69
CA SER F 244 -31.42 27.38 -7.73
C SER F 244 -30.46 26.46 -8.47
N VAL F 245 -29.32 26.17 -7.83
CA VAL F 245 -28.32 25.26 -8.37
C VAL F 245 -28.02 24.19 -7.32
N VAL F 246 -27.39 23.11 -7.77
CA VAL F 246 -27.02 22.00 -6.91
C VAL F 246 -25.57 21.60 -7.20
N ASP F 247 -24.79 21.41 -6.13
CA ASP F 247 -23.39 20.99 -6.23
C ASP F 247 -23.29 19.56 -5.71
N LEU F 248 -23.15 18.60 -6.62
CA LEU F 248 -23.05 17.19 -6.26
C LEU F 248 -21.62 16.71 -6.50
N VAL F 249 -20.98 16.20 -5.46
CA VAL F 249 -19.65 15.61 -5.54
C VAL F 249 -19.74 14.19 -5.01
N VAL F 250 -19.47 13.22 -5.88
CA VAL F 250 -19.58 11.81 -5.54
C VAL F 250 -18.28 11.10 -5.88
N GLN F 251 -18.07 9.95 -5.22
CA GLN F 251 -16.98 9.05 -5.55
C GLN F 251 -17.53 7.92 -6.42
N VAL F 252 -16.82 7.62 -7.50
CA VAL F 252 -17.27 6.64 -8.48
C VAL F 252 -16.28 5.49 -8.53
N SER F 253 -16.81 4.28 -8.74
CA SER F 253 -16.00 3.06 -8.80
C SER F 253 -15.42 2.79 -10.18
N LYS F 254 -15.68 3.64 -11.17
CA LYS F 254 -15.08 3.53 -12.50
C LYS F 254 -14.32 4.80 -12.81
N LYS F 255 -13.05 4.66 -13.16
CA LYS F 255 -12.21 5.83 -13.43
C LYS F 255 -12.69 6.57 -14.67
N THR F 256 -12.69 7.90 -14.58
CA THR F 256 -13.21 8.73 -15.66
C THR F 256 -12.61 10.14 -15.53
N PHE F 257 -12.88 10.97 -16.53
CA PHE F 257 -12.45 12.35 -16.56
C PHE F 257 -13.67 13.23 -16.85
N ALA F 258 -13.45 14.54 -16.85
CA ALA F 258 -14.55 15.50 -16.82
C ALA F 258 -15.43 15.41 -18.06
N GLU F 259 -14.81 15.37 -19.24
CA GLU F 259 -15.58 15.41 -20.48
C GLU F 259 -16.35 14.11 -20.72
N GLU F 260 -15.86 12.99 -20.21
CA GLU F 260 -16.57 11.73 -20.36
C GLU F 260 -17.89 11.73 -19.60
N VAL F 261 -17.91 12.40 -18.44
CA VAL F 261 -19.15 12.48 -17.66
C VAL F 261 -20.19 13.33 -18.39
N ASN F 262 -19.76 14.45 -18.97
CA ASN F 262 -20.69 15.30 -19.72
C ASN F 262 -21.20 14.61 -20.98
N ALA F 263 -20.38 13.75 -21.60
CA ALA F 263 -20.84 13.01 -22.77
C ALA F 263 -21.92 12.01 -22.39
N ALA F 264 -21.79 11.38 -21.21
CA ALA F 264 -22.80 10.45 -20.75
C ALA F 264 -24.11 11.17 -20.44
N PHE F 265 -24.03 12.36 -19.84
CA PHE F 265 -25.23 13.12 -19.55
C PHE F 265 -25.94 13.56 -20.84
N ARG F 266 -25.15 13.97 -21.84
CA ARG F 266 -25.74 14.39 -23.10
C ARG F 266 -26.33 13.21 -23.86
N ASP F 267 -25.61 12.08 -23.88
CA ASP F 267 -26.13 10.88 -24.53
C ASP F 267 -27.39 10.39 -23.85
N SER F 268 -27.43 10.46 -22.52
CA SER F 268 -28.65 10.12 -21.80
C SER F 268 -29.78 11.08 -22.16
N ALA F 269 -29.47 12.38 -22.23
CA ALA F 269 -30.49 13.42 -22.39
C ALA F 269 -31.31 13.25 -23.67
N GLU F 270 -30.74 12.65 -24.70
CA GLU F 270 -31.49 12.43 -25.93
C GLU F 270 -32.31 11.14 -25.87
N LYS F 271 -31.71 10.05 -25.38
CA LYS F 271 -32.36 8.76 -25.44
C LYS F 271 -33.49 8.65 -24.42
N GLU F 272 -33.17 8.76 -23.13
CA GLU F 272 -34.16 8.79 -22.07
C GLU F 272 -34.17 10.17 -21.43
N LEU F 273 -35.09 10.37 -20.49
CA LEU F 273 -35.23 11.64 -19.75
C LEU F 273 -35.35 12.84 -20.70
N LYS F 274 -35.89 12.62 -21.90
CA LYS F 274 -36.00 13.68 -22.89
C LYS F 274 -37.05 14.69 -22.43
N GLY F 275 -36.61 15.92 -22.21
CA GLY F 275 -37.42 16.92 -21.53
C GLY F 275 -37.21 16.96 -20.04
N ILE F 276 -36.46 16.01 -19.48
CA ILE F 276 -36.16 15.98 -18.06
C ILE F 276 -34.69 16.29 -17.78
N LEU F 277 -33.78 15.94 -18.68
CA LEU F 277 -32.36 16.21 -18.54
C LEU F 277 -31.88 17.00 -19.74
N ASP F 278 -31.08 18.02 -19.50
CA ASP F 278 -30.49 18.82 -20.57
C ASP F 278 -29.09 19.25 -20.15
N VAL F 279 -28.22 19.41 -21.15
CA VAL F 279 -26.87 19.91 -20.95
C VAL F 279 -26.73 21.23 -21.68
N CYS F 280 -26.32 22.27 -20.96
CA CYS F 280 -26.16 23.60 -21.51
C CYS F 280 -24.68 23.94 -21.55
N ASP F 281 -24.16 24.22 -22.75
CA ASP F 281 -22.74 24.47 -22.95
C ASP F 281 -22.36 25.93 -22.90
N GLU F 282 -23.28 26.82 -23.26
CA GLU F 282 -22.98 28.25 -23.23
C GLU F 282 -22.80 28.73 -21.79
N PRO F 283 -21.92 29.71 -21.58
CA PRO F 283 -21.75 30.26 -20.22
C PRO F 283 -22.94 31.10 -19.80
N LEU F 284 -23.74 30.58 -18.88
CA LEU F 284 -24.99 31.23 -18.47
C LEU F 284 -24.98 31.50 -16.96
N VAL F 285 -26.05 32.16 -16.51
CA VAL F 285 -26.23 32.51 -15.12
C VAL F 285 -27.66 32.17 -14.69
N SER F 286 -28.03 32.59 -13.48
CA SER F 286 -29.26 32.14 -12.83
C SER F 286 -30.50 32.43 -13.67
N VAL F 287 -30.81 33.71 -13.89
CA VAL F 287 -32.09 34.09 -14.48
C VAL F 287 -32.26 33.65 -15.93
N ASP F 288 -31.20 33.15 -16.56
CA ASP F 288 -31.35 32.56 -17.88
C ASP F 288 -32.16 31.27 -17.84
N PHE F 289 -32.25 30.63 -16.67
CA PHE F 289 -32.95 29.37 -16.51
C PHE F 289 -34.38 29.54 -16.01
N ARG F 290 -34.92 30.76 -16.04
CA ARG F 290 -36.29 30.96 -15.61
C ARG F 290 -37.26 30.33 -16.61
N CYS F 291 -38.32 29.71 -16.07
CA CYS F 291 -39.28 28.93 -16.86
C CYS F 291 -38.58 27.81 -17.62
N SER F 292 -37.60 27.18 -16.98
CA SER F 292 -36.96 26.01 -17.55
C SER F 292 -37.90 24.80 -17.38
N ASP F 293 -38.35 24.24 -18.50
CA ASP F 293 -39.24 23.09 -18.44
C ASP F 293 -38.53 21.85 -17.91
N PHE F 294 -37.22 21.77 -18.09
CA PHE F 294 -36.46 20.63 -17.60
C PHE F 294 -36.39 20.67 -16.08
N SER F 295 -36.51 19.49 -15.45
CA SER F 295 -36.35 19.41 -14.01
C SER F 295 -34.90 19.60 -13.58
N THR F 296 -33.96 19.50 -14.51
CA THR F 296 -32.56 19.75 -14.22
C THR F 296 -31.83 20.04 -15.52
N THR F 297 -30.81 20.90 -15.45
CA THR F 297 -30.02 21.29 -16.62
C THR F 297 -28.56 21.33 -16.20
N ILE F 298 -27.77 20.39 -16.74
CA ILE F 298 -26.36 20.29 -16.38
C ILE F 298 -25.58 21.43 -17.00
N ASP F 299 -24.60 21.96 -16.25
CA ASP F 299 -23.69 22.98 -16.75
C ASP F 299 -22.39 22.27 -17.14
N SER F 300 -22.18 22.13 -18.45
CA SER F 300 -21.06 21.33 -18.94
C SER F 300 -19.73 22.00 -18.67
N SER F 301 -19.67 23.33 -18.78
CA SER F 301 -18.41 24.05 -18.62
C SER F 301 -17.88 24.01 -17.19
N LEU F 302 -18.70 23.60 -16.22
CA LEU F 302 -18.29 23.55 -14.83
C LEU F 302 -17.94 22.15 -14.34
N THR F 303 -18.21 21.12 -15.14
CA THR F 303 -17.98 19.75 -14.72
C THR F 303 -16.48 19.48 -14.59
N MET F 304 -16.07 18.94 -13.44
CA MET F 304 -14.66 18.68 -13.15
C MET F 304 -14.54 17.38 -12.38
N VAL F 305 -13.39 16.71 -12.55
CA VAL F 305 -13.13 15.41 -11.95
C VAL F 305 -11.74 15.43 -11.35
N MET F 306 -11.63 14.99 -10.09
CA MET F 306 -10.37 14.98 -9.36
C MET F 306 -10.02 13.55 -8.95
N GLY F 307 -8.74 13.19 -9.10
CA GLY F 307 -8.27 11.89 -8.72
C GLY F 307 -8.84 10.73 -9.49
N ASP F 308 -9.47 11.00 -10.64
CA ASP F 308 -10.03 10.04 -11.59
C ASP F 308 -11.27 9.31 -11.07
N ASP F 309 -11.68 9.54 -9.82
CA ASP F 309 -12.88 8.90 -9.30
C ASP F 309 -13.79 9.84 -8.51
N MET F 310 -13.42 11.11 -8.36
CA MET F 310 -14.29 12.10 -7.73
C MET F 310 -14.91 12.94 -8.84
N VAL F 311 -16.23 12.89 -8.95
CA VAL F 311 -16.97 13.59 -10.00
C VAL F 311 -17.70 14.77 -9.37
N LYS F 312 -17.60 15.93 -10.01
CA LYS F 312 -18.27 17.14 -9.57
C LYS F 312 -19.18 17.63 -10.69
N VAL F 313 -20.47 17.72 -10.40
CA VAL F 313 -21.47 18.10 -11.39
C VAL F 313 -22.32 19.22 -10.83
N ILE F 314 -22.51 20.28 -11.62
CA ILE F 314 -23.36 21.41 -11.27
C ILE F 314 -24.56 21.41 -12.21
N ALA F 315 -25.76 21.56 -11.65
CA ALA F 315 -26.99 21.51 -12.42
C ALA F 315 -27.89 22.66 -12.01
N TRP F 316 -28.42 23.38 -13.02
CA TRP F 316 -29.35 24.47 -12.79
C TRP F 316 -30.78 23.96 -12.92
N TYR F 317 -31.67 24.54 -12.13
CA TYR F 317 -33.06 24.11 -12.16
C TYR F 317 -33.95 25.22 -11.62
N ASP F 318 -35.20 25.24 -12.09
CA ASP F 318 -36.21 26.16 -11.61
C ASP F 318 -37.01 25.48 -10.51
N ASN F 319 -36.96 26.03 -9.30
CA ASN F 319 -37.58 25.38 -8.16
C ASN F 319 -39.10 25.41 -8.21
N GLU F 320 -39.69 26.28 -9.02
CA GLU F 320 -41.14 26.39 -9.14
C GLU F 320 -41.65 25.85 -10.46
N TRP F 321 -41.18 26.42 -11.58
CA TRP F 321 -41.71 26.01 -12.88
C TRP F 321 -41.20 24.63 -13.28
N GLY F 322 -39.91 24.37 -13.05
CA GLY F 322 -39.37 23.05 -13.33
C GLY F 322 -39.99 21.97 -12.48
N TYR F 323 -40.39 22.30 -11.26
CA TYR F 323 -41.01 21.30 -10.40
C TYR F 323 -42.51 21.18 -10.64
N SER F 324 -43.19 22.31 -10.89
CA SER F 324 -44.63 22.26 -11.15
C SER F 324 -44.94 21.53 -12.46
N GLN F 325 -44.01 21.58 -13.43
CA GLN F 325 -44.18 20.80 -14.64
C GLN F 325 -44.16 19.30 -14.33
N ARG F 326 -43.26 18.88 -13.43
CA ARG F 326 -43.23 17.48 -13.03
C ARG F 326 -44.45 17.09 -12.21
N VAL F 327 -45.04 18.06 -11.48
CA VAL F 327 -46.30 17.79 -10.80
C VAL F 327 -47.41 17.56 -11.80
N VAL F 328 -47.44 18.36 -12.87
CA VAL F 328 -48.40 18.12 -13.95
C VAL F 328 -48.11 16.81 -14.65
N ASP F 329 -46.83 16.54 -14.92
CA ASP F 329 -46.44 15.29 -15.57
C ASP F 329 -46.77 14.09 -14.69
N LEU F 330 -46.64 14.24 -13.37
CA LEU F 330 -47.02 13.15 -12.48
C LEU F 330 -48.53 13.00 -12.39
N ALA F 331 -49.25 14.13 -12.35
CA ALA F 331 -50.71 14.06 -12.27
C ALA F 331 -51.33 13.54 -13.56
N ASP F 332 -50.64 13.71 -14.69
CA ASP F 332 -51.12 13.11 -15.93
C ASP F 332 -50.88 11.60 -15.95
N ILE F 333 -49.85 11.13 -15.26
CA ILE F 333 -49.53 9.71 -15.26
C ILE F 333 -50.63 8.92 -14.55
N VAL F 334 -51.07 9.39 -13.39
CA VAL F 334 -52.16 8.74 -12.68
C VAL F 334 -53.44 8.79 -13.51
N ALA F 335 -53.65 9.92 -14.21
CA ALA F 335 -54.80 10.04 -15.09
C ALA F 335 -54.76 9.01 -16.20
N ASN F 336 -53.61 8.87 -16.87
CA ASN F 336 -53.45 7.85 -17.89
C ASN F 336 -53.34 6.44 -17.31
N ASN F 337 -53.12 6.31 -16.00
CA ASN F 337 -53.11 5.02 -15.33
C ASN F 337 -54.33 4.83 -14.44
N TRP F 338 -55.39 5.60 -14.67
CA TRP F 338 -56.59 5.50 -13.86
C TRP F 338 -57.31 4.19 -14.16
N LYS F 339 -57.92 3.62 -13.12
CA LYS F 339 -58.64 2.36 -13.26
C LYS F 339 -60.10 2.53 -12.85
N LYS G 4 -36.31 54.01 40.40
CA LYS G 4 -36.27 53.54 39.03
C LYS G 4 -37.50 52.69 38.70
N LEU G 5 -38.16 53.03 37.60
CA LEU G 5 -39.37 52.34 37.19
C LEU G 5 -39.03 51.00 36.53
N LYS G 6 -39.94 50.04 36.70
CA LYS G 6 -39.79 48.70 36.17
C LYS G 6 -40.69 48.55 34.95
N VAL G 7 -40.11 48.23 33.80
CA VAL G 7 -40.85 48.23 32.55
C VAL G 7 -40.78 46.86 31.89
N ALA G 8 -41.71 46.63 30.97
CA ALA G 8 -41.84 45.39 30.23
C ALA G 8 -42.04 45.70 28.75
N ILE G 9 -41.63 44.76 27.90
CA ILE G 9 -41.80 44.86 26.46
C ILE G 9 -42.74 43.73 26.03
N ASN G 10 -43.87 44.10 25.43
CA ASN G 10 -44.87 43.11 25.05
C ASN G 10 -44.62 42.50 23.68
N GLY G 11 -44.06 43.27 22.74
CA GLY G 11 -43.74 42.73 21.44
C GLY G 11 -42.26 42.80 21.15
N PHE G 12 -41.61 41.64 21.05
CA PHE G 12 -40.17 41.61 20.81
C PHE G 12 -39.86 41.58 19.32
N GLY G 13 -40.42 42.54 18.58
CA GLY G 13 -40.13 42.69 17.17
C GLY G 13 -38.90 43.55 16.94
N ARG G 14 -38.85 44.17 15.76
CA ARG G 14 -37.74 45.05 15.44
C ARG G 14 -37.70 46.24 16.38
N ILE G 15 -38.86 46.83 16.68
CA ILE G 15 -38.90 47.94 17.63
C ILE G 15 -38.62 47.46 19.05
N GLY G 16 -39.16 46.29 19.41
CA GLY G 16 -38.92 45.76 20.74
C GLY G 16 -37.46 45.47 20.99
N ARG G 17 -36.75 44.98 19.97
CA ARG G 17 -35.32 44.72 20.13
C ARG G 17 -34.50 46.00 20.04
N ASN G 18 -34.83 46.88 19.09
CA ASN G 18 -34.10 48.13 18.93
C ASN G 18 -34.24 49.01 20.17
N PHE G 19 -35.43 48.99 20.79
CA PHE G 19 -35.65 49.72 22.03
C PHE G 19 -34.68 49.29 23.12
N LEU G 20 -34.47 47.97 23.25
CA LEU G 20 -33.53 47.46 24.25
C LEU G 20 -32.11 47.92 23.93
N ARG G 21 -31.70 47.83 22.66
CA ARG G 21 -30.35 48.25 22.29
C ARG G 21 -30.16 49.74 22.49
N CYS G 22 -31.19 50.54 22.21
CA CYS G 22 -31.12 51.97 22.48
C CYS G 22 -31.03 52.24 23.97
N TRP G 23 -31.82 51.52 24.77
CA TRP G 23 -31.81 51.72 26.22
C TRP G 23 -30.47 51.32 26.84
N HIS G 24 -29.80 50.30 26.28
CA HIS G 24 -28.51 49.89 26.83
C HIS G 24 -27.46 50.97 26.63
N GLY G 25 -27.52 51.70 25.51
CA GLY G 25 -26.60 52.78 25.27
C GLY G 25 -26.85 54.02 26.11
N ARG G 26 -28.07 54.17 26.63
CA ARG G 26 -28.40 55.32 27.46
C ARG G 26 -27.61 55.28 28.77
N LYS G 27 -27.37 56.46 29.33
CA LYS G 27 -26.62 56.60 30.57
C LYS G 27 -27.55 57.15 31.65
N ASP G 28 -27.72 56.36 32.72
CA ASP G 28 -28.53 56.73 33.87
C ASP G 28 -29.98 56.99 33.47
N SER G 29 -30.59 55.98 32.85
CA SER G 29 -31.98 56.07 32.44
C SER G 29 -32.89 55.77 33.62
N PRO G 30 -34.04 56.44 33.74
CA PRO G 30 -34.92 56.23 34.89
C PRO G 30 -35.73 54.93 34.86
N LEU G 31 -35.44 54.02 33.93
CA LEU G 31 -36.24 52.82 33.74
C LEU G 31 -35.33 51.60 33.74
N ASP G 32 -35.93 50.42 33.87
CA ASP G 32 -35.19 49.17 33.97
C ASP G 32 -36.01 48.06 33.33
N ILE G 33 -35.48 47.46 32.27
CA ILE G 33 -36.14 46.32 31.64
C ILE G 33 -36.07 45.13 32.59
N ILE G 34 -37.23 44.60 32.97
CA ILE G 34 -37.27 43.44 33.86
C ILE G 34 -38.16 42.35 33.29
N ALA G 35 -38.82 42.63 32.17
CA ALA G 35 -39.77 41.67 31.63
C ALA G 35 -39.91 41.83 30.12
N ILE G 36 -40.17 40.71 29.45
CA ILE G 36 -40.34 40.66 28.00
C ILE G 36 -41.36 39.57 27.67
N ASN G 37 -42.33 39.90 26.82
CA ASN G 37 -43.28 38.93 26.31
C ASN G 37 -43.09 38.78 24.80
N ASP G 38 -43.28 37.55 24.32
CA ASP G 38 -43.21 37.23 22.89
C ASP G 38 -43.65 35.79 22.68
N THR G 39 -44.24 35.53 21.51
CA THR G 39 -44.44 34.15 21.07
C THR G 39 -43.07 33.60 20.66
N GLY G 40 -42.48 32.82 21.56
CA GLY G 40 -41.12 32.34 21.37
C GLY G 40 -40.32 32.44 22.65
N GLY G 41 -39.68 31.34 23.05
CA GLY G 41 -38.98 31.29 24.31
C GLY G 41 -37.67 32.05 24.32
N VAL G 42 -36.82 31.76 25.31
CA VAL G 42 -35.51 32.41 25.38
C VAL G 42 -34.61 31.97 24.24
N LYS G 43 -34.95 30.86 23.58
CA LYS G 43 -34.19 30.40 22.42
C LYS G 43 -34.23 31.42 21.30
N GLN G 44 -35.43 31.93 20.99
CA GLN G 44 -35.56 32.92 19.92
C GLN G 44 -35.30 34.33 20.44
N ALA G 45 -35.67 34.62 21.68
CA ALA G 45 -35.54 35.98 22.21
C ALA G 45 -34.09 36.38 22.38
N SER G 46 -33.28 35.52 22.99
CA SER G 46 -31.89 35.86 23.26
C SER G 46 -31.06 35.88 21.98
N HIS G 47 -31.22 34.85 21.14
CA HIS G 47 -30.37 34.72 19.96
C HIS G 47 -30.64 35.84 18.95
N LEU G 48 -31.91 36.20 18.76
CA LEU G 48 -32.23 37.29 17.84
C LEU G 48 -31.82 38.65 18.39
N LEU G 49 -31.72 38.79 19.71
CA LEU G 49 -31.21 40.03 20.28
C LEU G 49 -29.70 40.16 20.05
N LYS G 50 -28.96 39.08 20.30
CA LYS G 50 -27.50 39.12 20.18
C LYS G 50 -27.08 39.34 18.73
N TYR G 51 -27.59 38.53 17.81
CA TYR G 51 -27.23 38.62 16.41
C TYR G 51 -28.36 39.29 15.65
N ASP G 52 -28.06 40.42 15.00
CA ASP G 52 -29.03 41.18 14.23
C ASP G 52 -28.46 41.45 12.86
N SER G 53 -29.32 41.40 11.84
CA SER G 53 -28.86 41.57 10.46
C SER G 53 -28.56 43.02 10.12
N THR G 54 -29.30 43.97 10.70
CA THR G 54 -29.08 45.38 10.44
C THR G 54 -28.26 46.07 11.52
N LEU G 55 -28.52 45.76 12.80
CA LEU G 55 -27.83 46.40 13.90
C LEU G 55 -26.44 45.84 14.15
N GLY G 56 -26.17 44.62 13.68
CA GLY G 56 -24.92 43.97 14.00
C GLY G 56 -24.98 43.32 15.36
N ILE G 57 -23.87 42.67 15.73
CA ILE G 57 -23.80 41.92 16.98
C ILE G 57 -23.86 42.87 18.16
N PHE G 58 -24.68 42.52 19.14
CA PHE G 58 -24.84 43.34 20.34
C PHE G 58 -23.63 43.19 21.24
N ASP G 59 -22.93 44.29 21.49
CA ASP G 59 -21.72 44.29 22.31
C ASP G 59 -22.11 44.15 23.79
N ALA G 60 -22.53 42.95 24.14
CA ALA G 60 -22.92 42.63 25.52
C ALA G 60 -22.99 41.12 25.67
N ASP G 61 -22.76 40.66 26.89
CA ASP G 61 -22.94 39.26 27.23
C ASP G 61 -24.42 38.91 27.13
N VAL G 62 -24.76 37.99 26.23
CA VAL G 62 -26.16 37.59 26.00
C VAL G 62 -26.21 36.08 26.16
N LYS G 63 -26.64 35.62 27.33
CA LYS G 63 -26.79 34.21 27.64
C LYS G 63 -28.13 33.96 28.31
N PRO G 64 -28.70 32.77 28.15
CA PRO G 64 -29.95 32.45 28.86
C PRO G 64 -29.72 32.38 30.36
N SER G 65 -30.75 32.79 31.10
CA SER G 65 -30.73 32.80 32.56
C SER G 65 -31.75 31.80 33.12
N GLY G 66 -31.77 30.62 32.54
CA GLY G 66 -32.78 29.61 32.83
C GLY G 66 -33.78 29.50 31.69
N GLU G 67 -34.74 28.60 31.89
CA GLU G 67 -35.78 28.42 30.89
C GLU G 67 -36.82 29.55 30.89
N THR G 68 -36.67 30.55 31.77
CA THR G 68 -37.67 31.60 31.91
C THR G 68 -37.09 33.01 31.83
N ALA G 69 -35.80 33.15 31.56
CA ALA G 69 -35.18 34.47 31.55
C ALA G 69 -33.88 34.41 30.78
N ILE G 70 -33.35 35.60 30.45
CA ILE G 70 -32.04 35.75 29.83
C ILE G 70 -31.21 36.72 30.66
N SER G 71 -29.91 36.71 30.42
CA SER G 71 -28.96 37.54 31.16
C SER G 71 -28.21 38.43 30.18
N VAL G 72 -28.31 39.74 30.39
CA VAL G 72 -27.66 40.74 29.54
C VAL G 72 -26.68 41.53 30.38
N ASP G 73 -25.38 41.27 30.18
CA ASP G 73 -24.28 41.95 30.90
C ASP G 73 -24.41 41.82 32.41
N GLY G 74 -25.06 40.75 32.88
CA GLY G 74 -25.35 40.57 34.29
C GLY G 74 -26.73 41.02 34.71
N LYS G 75 -27.47 41.72 33.84
CA LYS G 75 -28.83 42.13 34.13
C LYS G 75 -29.79 41.02 33.71
N ILE G 76 -30.63 40.59 34.64
CA ILE G 76 -31.53 39.46 34.43
C ILE G 76 -32.89 40.00 33.98
N ILE G 77 -33.35 39.54 32.82
CA ILE G 77 -34.61 39.98 32.24
C ILE G 77 -35.51 38.77 32.06
N GLN G 78 -36.68 38.80 32.68
CA GLN G 78 -37.63 37.70 32.56
C GLN G 78 -38.27 37.70 31.17
N VAL G 79 -38.45 36.51 30.60
CA VAL G 79 -39.09 36.35 29.31
C VAL G 79 -40.29 35.44 29.49
N VAL G 80 -41.49 36.03 29.39
CA VAL G 80 -42.72 35.27 29.42
C VAL G 80 -43.21 35.09 27.99
N SER G 81 -44.18 34.20 27.79
CA SER G 81 -44.67 33.91 26.45
C SER G 81 -46.16 33.57 26.53
N ASN G 82 -47.00 34.57 26.25
CA ASN G 82 -48.44 34.36 26.13
C ASN G 82 -49.01 35.52 25.33
N ARG G 83 -49.80 35.18 24.30
CA ARG G 83 -50.30 36.21 23.39
C ARG G 83 -51.32 37.11 24.07
N ASN G 84 -52.22 36.53 24.86
CA ASN G 84 -53.27 37.30 25.51
C ASN G 84 -52.68 38.16 26.63
N PRO G 85 -52.84 39.48 26.59
CA PRO G 85 -52.29 40.31 27.67
C PRO G 85 -53.02 40.15 28.99
N SER G 86 -54.30 39.78 28.97
CA SER G 86 -55.06 39.61 30.21
C SER G 86 -54.49 38.51 31.09
N LEU G 87 -53.77 37.55 30.51
CA LEU G 87 -53.16 36.46 31.26
C LEU G 87 -51.68 36.70 31.53
N LEU G 88 -51.24 37.96 31.49
CA LEU G 88 -49.82 38.24 31.67
C LEU G 88 -49.52 38.62 33.11
N PRO G 89 -48.38 38.16 33.64
CA PRO G 89 -48.05 38.41 35.05
C PRO G 89 -47.34 39.75 35.27
N TRP G 90 -48.07 40.84 35.00
CA TRP G 90 -47.51 42.16 35.31
C TRP G 90 -47.71 42.52 36.78
N LYS G 91 -48.73 41.96 37.42
CA LYS G 91 -48.97 42.24 38.84
C LYS G 91 -47.85 41.71 39.70
N GLU G 92 -47.35 40.51 39.39
CA GLU G 92 -46.27 39.91 40.17
C GLU G 92 -44.98 40.72 40.02
N LEU G 93 -44.65 41.12 38.79
CA LEU G 93 -43.42 41.85 38.53
C LEU G 93 -43.52 43.33 38.88
N GLY G 94 -44.70 43.82 39.23
CA GLY G 94 -44.87 45.23 39.58
C GLY G 94 -44.52 46.18 38.46
N ILE G 95 -44.97 45.88 37.24
CA ILE G 95 -44.65 46.72 36.09
C ILE G 95 -45.31 48.08 36.23
N ASP G 96 -44.63 49.12 35.76
CA ASP G 96 -45.17 50.47 35.71
C ASP G 96 -45.51 50.92 34.30
N ILE G 97 -44.63 50.67 33.33
CA ILE G 97 -44.84 51.04 31.93
C ILE G 97 -44.60 49.80 31.08
N VAL G 98 -45.50 49.54 30.13
CA VAL G 98 -45.32 48.49 29.15
C VAL G 98 -45.11 49.11 27.79
N ILE G 99 -44.12 48.63 27.05
CA ILE G 99 -43.90 49.03 25.67
C ILE G 99 -44.65 48.06 24.77
N GLU G 100 -45.49 48.61 23.89
CA GLU G 100 -46.34 47.81 23.02
C GLU G 100 -45.78 47.87 21.61
N GLY G 101 -45.22 46.75 21.15
CA GLY G 101 -44.63 46.67 19.83
C GLY G 101 -45.23 45.56 19.00
N THR G 102 -46.27 44.90 19.52
CA THR G 102 -46.93 43.83 18.77
C THR G 102 -47.64 44.37 17.55
N GLY G 103 -48.22 45.56 17.66
CA GLY G 103 -49.04 46.11 16.59
C GLY G 103 -50.44 45.56 16.53
N VAL G 104 -50.81 44.64 17.41
CA VAL G 104 -52.15 44.07 17.42
C VAL G 104 -53.04 44.63 18.52
N PHE G 105 -52.48 45.41 19.44
CA PHE G 105 -53.23 46.02 20.52
C PHE G 105 -53.17 47.54 20.42
N VAL G 106 -53.35 48.06 19.21
CA VAL G 106 -53.35 49.50 18.99
C VAL G 106 -54.64 50.12 19.51
N ASP G 107 -55.73 49.35 19.58
CA ASP G 107 -57.00 49.87 20.03
C ASP G 107 -56.98 50.13 21.53
N ARG G 108 -57.82 51.08 21.96
CA ARG G 108 -57.90 51.42 23.37
C ARG G 108 -58.42 50.24 24.19
N GLU G 109 -59.33 49.46 23.62
CA GLU G 109 -59.81 48.26 24.29
C GLU G 109 -58.69 47.23 24.44
N GLY G 110 -57.82 47.12 23.44
CA GLY G 110 -56.77 46.11 23.49
C GLY G 110 -55.67 46.47 24.46
N ALA G 111 -55.20 47.71 24.42
CA ALA G 111 -54.14 48.14 25.32
C ALA G 111 -54.62 48.22 26.78
N GLY G 112 -55.92 48.37 27.00
CA GLY G 112 -56.46 48.38 28.35
C GLY G 112 -56.36 47.05 29.06
N LYS G 113 -56.09 45.97 28.32
CA LYS G 113 -55.88 44.68 28.96
C LYS G 113 -54.58 44.63 29.75
N HIS G 114 -53.63 45.51 29.44
CA HIS G 114 -52.39 45.55 30.19
C HIS G 114 -52.59 46.15 31.58
N ILE G 115 -53.38 47.24 31.68
CA ILE G 115 -53.65 47.80 32.99
C ILE G 115 -54.53 46.88 33.81
N GLU G 116 -55.30 46.00 33.16
CA GLU G 116 -56.07 45.00 33.88
C GLU G 116 -55.17 43.96 34.53
N ALA G 117 -54.02 43.68 33.91
CA ALA G 117 -53.08 42.70 34.42
C ALA G 117 -52.09 43.27 35.43
N GLY G 118 -52.20 44.55 35.76
CA GLY G 118 -51.34 45.16 36.77
C GLY G 118 -50.40 46.23 36.26
N ALA G 119 -50.33 46.46 34.96
CA ALA G 119 -49.51 47.56 34.45
C ALA G 119 -50.17 48.89 34.78
N LYS G 120 -49.35 49.86 35.14
CA LYS G 120 -49.88 51.16 35.55
C LYS G 120 -49.94 52.16 34.41
N LYS G 121 -49.33 51.86 33.27
CA LYS G 121 -49.34 52.76 32.12
C LYS G 121 -48.90 51.97 30.88
N VAL G 122 -49.37 52.42 29.71
CA VAL G 122 -49.12 51.73 28.45
C VAL G 122 -48.54 52.73 27.45
N ILE G 123 -47.47 52.36 26.77
CA ILE G 123 -46.94 53.07 25.62
C ILE G 123 -47.06 52.14 24.42
N ILE G 124 -47.75 52.61 23.38
CA ILE G 124 -47.92 51.83 22.15
C ILE G 124 -47.08 52.47 21.06
N THR G 125 -46.33 51.64 20.34
CA THR G 125 -45.43 52.13 19.29
C THR G 125 -46.14 52.15 17.94
N ALA G 126 -47.31 52.76 17.88
CA ALA G 126 -48.14 52.75 16.68
C ALA G 126 -49.23 53.80 16.84
N PRO G 127 -49.82 54.26 15.74
CA PRO G 127 -51.01 55.11 15.86
C PRO G 127 -52.18 54.31 16.41
N GLY G 128 -52.76 54.79 17.51
CA GLY G 128 -53.86 54.10 18.14
C GLY G 128 -55.17 54.30 17.40
N LYS G 129 -56.19 53.58 17.88
CA LYS G 129 -57.55 53.73 17.38
C LYS G 129 -58.42 54.32 18.48
N GLY G 130 -59.20 55.33 18.12
CA GLY G 130 -60.01 56.05 19.09
C GLY G 130 -59.22 57.16 19.78
N ASP G 131 -59.71 57.55 20.95
CA ASP G 131 -59.08 58.60 21.73
C ASP G 131 -57.86 58.03 22.43
N ILE G 132 -56.72 58.08 21.75
CA ILE G 132 -55.42 57.76 22.33
C ILE G 132 -54.55 59.00 22.17
N PRO G 133 -54.02 59.57 23.25
CA PRO G 133 -53.13 60.73 23.13
C PRO G 133 -51.88 60.41 22.29
N THR G 134 -51.76 61.11 21.17
CA THR G 134 -50.62 60.96 20.27
C THR G 134 -49.55 61.98 20.63
N TYR G 135 -48.38 61.51 21.03
CA TYR G 135 -47.30 62.37 21.48
C TYR G 135 -46.05 62.10 20.65
N VAL G 136 -45.53 63.15 20.01
CA VAL G 136 -44.30 63.08 19.24
C VAL G 136 -43.25 63.93 19.96
N VAL G 137 -42.14 63.30 20.33
CA VAL G 137 -41.10 64.00 21.08
C VAL G 137 -40.50 65.10 20.22
N GLY G 138 -40.43 66.30 20.79
CA GLY G 138 -39.94 67.47 20.09
C GLY G 138 -41.03 68.39 19.59
N VAL G 139 -42.28 67.92 19.52
CA VAL G 139 -43.40 68.70 19.03
C VAL G 139 -44.39 69.03 20.15
N ASN G 140 -45.00 68.00 20.75
CA ASN G 140 -46.08 68.23 21.70
C ASN G 140 -45.97 67.36 22.95
N ALA G 141 -44.80 66.75 23.21
CA ALA G 141 -44.62 65.98 24.43
C ALA G 141 -44.71 66.86 25.67
N ASP G 142 -44.56 68.18 25.52
CA ASP G 142 -44.74 69.10 26.62
C ASP G 142 -46.18 69.14 27.12
N ALA G 143 -47.13 68.59 26.35
CA ALA G 143 -48.53 68.55 26.74
C ALA G 143 -48.90 67.21 27.40
N TYR G 144 -47.95 66.56 28.06
CA TYR G 144 -48.21 65.31 28.74
C TYR G 144 -48.72 65.57 30.15
N SER G 145 -49.73 64.80 30.54
CA SER G 145 -50.22 64.78 31.91
C SER G 145 -50.25 63.34 32.40
N HIS G 146 -49.99 63.16 33.70
CA HIS G 146 -49.78 61.83 34.24
C HIS G 146 -51.07 61.01 34.34
N ASP G 147 -52.23 61.65 34.31
CA ASP G 147 -53.49 60.95 34.50
C ASP G 147 -53.97 60.21 33.25
N GLU G 148 -53.12 60.09 32.21
CA GLU G 148 -53.52 59.35 31.01
C GLU G 148 -52.89 57.97 31.01
N PRO G 149 -53.68 56.90 30.89
CA PRO G 149 -53.12 55.55 31.04
C PRO G 149 -52.54 54.97 29.76
N ILE G 150 -52.95 55.50 28.61
CA ILE G 150 -52.50 55.01 27.31
C ILE G 150 -52.10 56.20 26.46
N ILE G 151 -50.86 56.20 25.97
CA ILE G 151 -50.36 57.21 25.06
C ILE G 151 -49.74 56.50 23.86
N SER G 152 -49.69 57.21 22.74
CA SER G 152 -49.14 56.67 21.51
C SER G 152 -48.04 57.58 21.00
N ASN G 153 -46.83 57.02 20.84
CA ASN G 153 -45.76 57.68 20.09
C ASN G 153 -46.00 57.31 18.63
N ALA G 154 -46.54 58.26 17.87
CA ALA G 154 -47.01 58.00 16.51
C ALA G 154 -45.90 57.49 15.61
N SER G 155 -46.30 56.94 14.47
CA SER G 155 -45.46 56.11 13.59
C SER G 155 -44.16 56.75 13.16
N CYS G 156 -43.24 55.93 12.66
CA CYS G 156 -41.91 56.39 12.28
C CYS G 156 -41.97 57.50 11.23
N THR G 157 -42.89 57.39 10.27
CA THR G 157 -43.04 58.45 9.28
C THR G 157 -43.53 59.73 9.93
N THR G 158 -44.37 59.62 10.94
CA THR G 158 -44.87 60.81 11.64
C THR G 158 -43.78 61.46 12.48
N ASN G 159 -42.99 60.65 13.19
CA ASN G 159 -41.93 61.18 14.04
C ASN G 159 -40.83 61.88 13.25
N CYS G 160 -40.68 61.57 11.97
CA CYS G 160 -39.76 62.29 11.11
C CYS G 160 -40.38 63.53 10.49
N LEU G 161 -41.66 63.43 10.09
CA LEU G 161 -42.32 64.51 9.38
C LEU G 161 -42.70 65.66 10.31
N ALA G 162 -43.15 65.34 11.52
CA ALA G 162 -43.65 66.38 12.42
C ALA G 162 -42.62 67.42 12.87
N PRO G 163 -41.36 67.08 13.20
CA PRO G 163 -40.46 68.13 13.72
C PRO G 163 -40.18 69.26 12.74
N PHE G 164 -39.91 68.97 11.46
CA PHE G 164 -39.57 70.05 10.53
C PHE G 164 -40.79 70.66 9.86
N VAL G 165 -41.94 69.98 9.85
CA VAL G 165 -43.18 70.62 9.44
C VAL G 165 -43.60 71.65 10.48
N LYS G 166 -43.36 71.35 11.76
CA LYS G 166 -43.57 72.34 12.82
C LYS G 166 -42.71 73.59 12.58
N VAL G 167 -41.45 73.38 12.20
CA VAL G 167 -40.58 74.52 11.87
C VAL G 167 -41.13 75.26 10.66
N LEU G 168 -41.63 74.52 9.67
CA LEU G 168 -42.14 75.16 8.46
C LEU G 168 -43.38 76.00 8.75
N ASP G 169 -44.30 75.49 9.58
CA ASP G 169 -45.58 76.16 9.80
C ASP G 169 -45.40 77.50 10.53
N GLN G 170 -44.53 77.55 11.53
CA GLN G 170 -44.42 78.80 12.29
C GLN G 170 -43.55 79.84 11.58
N LYS G 171 -42.43 79.41 11.01
CA LYS G 171 -41.53 80.36 10.35
C LYS G 171 -42.02 80.76 8.96
N PHE G 172 -42.96 80.00 8.40
CA PHE G 172 -43.57 80.31 7.10
C PHE G 172 -45.04 79.93 7.17
N GLY G 173 -45.92 80.85 6.80
CA GLY G 173 -47.32 80.52 6.75
C GLY G 173 -47.56 79.34 5.83
N ILE G 174 -48.21 78.28 6.32
CA ILE G 174 -48.40 77.06 5.55
C ILE G 174 -49.86 77.00 5.11
N ILE G 175 -50.06 76.62 3.85
CA ILE G 175 -51.40 76.53 3.28
C ILE G 175 -51.79 75.07 3.05
N LYS G 176 -51.03 74.37 2.22
CA LYS G 176 -51.36 73.00 1.83
C LYS G 176 -50.13 72.37 1.20
N GLY G 177 -50.03 71.06 1.33
CA GLY G 177 -48.93 70.32 0.74
C GLY G 177 -49.20 68.84 0.73
N THR G 178 -48.44 68.13 -0.09
CA THR G 178 -48.51 66.69 -0.20
C THR G 178 -47.21 66.09 0.34
N MET G 179 -47.13 64.76 0.30
CA MET G 179 -45.99 64.07 0.89
C MET G 179 -45.81 62.73 0.19
N THR G 180 -44.56 62.31 0.06
CA THR G 180 -44.21 61.00 -0.47
C THR G 180 -43.01 60.49 0.32
N THR G 181 -43.19 59.40 1.07
CA THR G 181 -42.11 58.80 1.81
C THR G 181 -41.68 57.52 1.11
N THR G 182 -40.41 57.49 0.66
CA THR G 182 -39.81 56.31 0.05
C THR G 182 -39.34 55.38 1.17
N HIS G 183 -40.33 54.74 1.80
CA HIS G 183 -40.08 53.95 2.99
C HIS G 183 -39.44 52.61 2.63
N SER G 184 -38.49 52.19 3.46
CA SER G 184 -37.93 50.85 3.30
C SER G 184 -39.00 49.80 3.62
N TYR G 185 -38.76 48.57 3.18
CA TYR G 185 -39.76 47.55 3.37
C TYR G 185 -39.85 47.12 4.83
N THR G 186 -41.03 46.66 5.23
CA THR G 186 -41.36 46.32 6.60
C THR G 186 -41.77 44.85 6.66
N GLY G 187 -41.80 44.31 7.88
CA GLY G 187 -42.31 42.97 8.09
C GLY G 187 -43.78 42.81 7.77
N ASP G 188 -44.50 43.90 7.47
CA ASP G 188 -45.89 43.80 7.06
C ASP G 188 -46.02 43.15 5.70
N GLN G 189 -45.05 43.39 4.81
CA GLN G 189 -45.14 42.91 3.44
C GLN G 189 -44.76 41.43 3.38
N ARG G 190 -44.72 40.90 2.15
CA ARG G 190 -44.47 39.50 1.90
C ARG G 190 -43.17 39.33 1.14
N LEU G 191 -42.44 38.26 1.46
CA LEU G 191 -41.19 37.95 0.76
C LEU G 191 -41.46 37.67 -0.72
N LEU G 192 -42.19 36.59 -0.99
CA LEU G 192 -42.68 36.28 -2.31
C LEU G 192 -44.20 36.44 -2.32
N ASP G 193 -44.76 36.52 -3.53
CA ASP G 193 -46.19 36.79 -3.70
C ASP G 193 -47.04 35.75 -3.00
N ALA G 194 -47.80 36.19 -2.01
CA ALA G 194 -48.66 35.30 -1.22
C ALA G 194 -49.82 36.11 -0.66
N SER G 195 -50.58 35.49 0.25
CA SER G 195 -51.80 36.10 0.74
C SER G 195 -51.52 37.28 1.65
N HIS G 196 -52.29 38.35 1.47
CA HIS G 196 -52.23 39.56 2.28
C HIS G 196 -53.46 40.40 1.95
N ARG G 197 -53.91 41.20 2.92
CA ARG G 197 -55.10 42.02 2.74
C ARG G 197 -54.89 43.06 1.64
N ASP G 198 -53.77 43.78 1.71
CA ASP G 198 -53.45 44.80 0.71
C ASP G 198 -52.69 44.13 -0.44
N LEU G 199 -53.24 44.23 -1.65
CA LEU G 199 -52.65 43.52 -2.79
C LEU G 199 -51.32 44.12 -3.23
N ARG G 200 -51.02 45.35 -2.82
CA ARG G 200 -49.71 45.93 -3.10
C ARG G 200 -48.64 45.25 -2.25
N ARG G 201 -48.85 45.15 -0.94
CA ARG G 201 -47.87 44.53 -0.05
C ARG G 201 -47.82 43.02 -0.20
N ALA G 202 -48.82 42.42 -0.85
CA ALA G 202 -48.82 40.98 -1.03
C ALA G 202 -47.74 40.53 -2.00
N ARG G 203 -47.39 41.39 -2.96
CA ARG G 203 -46.37 41.07 -3.95
C ARG G 203 -44.99 40.99 -3.29
N ALA G 204 -44.02 40.54 -4.08
CA ALA G 204 -42.65 40.41 -3.59
C ALA G 204 -42.10 41.76 -3.15
N ALA G 205 -41.51 41.81 -1.96
CA ALA G 205 -41.03 43.06 -1.39
C ALA G 205 -39.60 43.38 -1.80
N ALA G 206 -38.73 42.38 -1.85
CA ALA G 206 -37.34 42.62 -2.23
C ALA G 206 -37.18 42.90 -3.72
N LEU G 207 -38.16 42.51 -4.54
CA LEU G 207 -38.04 42.67 -5.99
C LEU G 207 -38.73 43.92 -6.52
N ASN G 208 -39.67 44.49 -5.77
CA ASN G 208 -40.61 45.47 -6.34
C ASN G 208 -40.49 46.82 -5.67
N ILE G 209 -41.18 47.79 -6.28
CA ILE G 209 -41.56 49.05 -5.65
C ILE G 209 -43.04 48.95 -5.32
N VAL G 210 -43.39 49.16 -4.07
CA VAL G 210 -44.75 48.91 -3.60
C VAL G 210 -45.36 50.18 -3.01
N PRO G 211 -46.30 50.81 -3.70
CA PRO G 211 -47.00 51.97 -3.11
C PRO G 211 -48.08 51.49 -2.14
N THR G 212 -48.07 52.05 -0.94
CA THR G 212 -49.05 51.72 0.09
C THR G 212 -49.68 53.00 0.63
N SER G 213 -50.83 52.84 1.27
CA SER G 213 -51.50 53.95 1.93
C SER G 213 -50.85 54.23 3.27
N THR G 214 -50.60 55.51 3.55
CA THR G 214 -50.06 55.93 4.83
C THR G 214 -50.93 57.05 5.39
N GLY G 215 -51.13 57.03 6.70
CA GLY G 215 -51.88 58.06 7.39
C GLY G 215 -51.04 59.06 8.15
N ALA G 216 -49.71 59.02 7.98
CA ALA G 216 -48.84 59.93 8.72
C ALA G 216 -49.09 61.38 8.35
N ALA G 217 -49.48 61.64 7.10
CA ALA G 217 -49.78 63.02 6.69
C ALA G 217 -51.00 63.56 7.41
N LYS G 218 -52.04 62.74 7.56
CA LYS G 218 -53.20 63.12 8.36
C LYS G 218 -52.93 63.02 9.85
N ALA G 219 -51.97 62.19 10.26
CA ALA G 219 -51.65 62.05 11.68
C ALA G 219 -50.90 63.24 12.25
N VAL G 220 -50.33 64.09 11.38
CA VAL G 220 -49.67 65.31 11.85
C VAL G 220 -50.67 66.23 12.53
N ALA G 221 -51.93 66.20 12.09
CA ALA G 221 -52.96 67.04 12.69
C ALA G 221 -53.18 66.71 14.18
N LEU G 222 -52.88 65.47 14.58
CA LEU G 222 -53.07 65.10 15.98
C LEU G 222 -52.07 65.79 16.89
N VAL G 223 -50.85 66.05 16.41
CA VAL G 223 -49.84 66.75 17.20
C VAL G 223 -49.74 68.23 16.83
N LEU G 224 -50.23 68.63 15.66
CA LEU G 224 -50.22 70.02 15.23
C LEU G 224 -51.63 70.40 14.81
N PRO G 225 -52.36 71.15 15.64
CA PRO G 225 -53.77 71.45 15.32
C PRO G 225 -53.95 72.28 14.07
N ASN G 226 -53.08 73.28 13.85
CA ASN G 226 -53.22 74.14 12.69
C ASN G 226 -53.02 73.40 11.36
N LEU G 227 -52.29 72.29 11.38
CA LEU G 227 -52.03 71.50 10.18
C LEU G 227 -53.23 70.66 9.76
N LYS G 228 -54.35 70.72 10.47
CA LYS G 228 -55.49 69.87 10.19
C LYS G 228 -56.09 70.19 8.82
N GLY G 229 -56.34 69.13 8.05
CA GLY G 229 -56.95 69.30 6.74
C GLY G 229 -56.08 70.07 5.77
N LYS G 230 -54.76 69.91 5.87
CA LYS G 230 -53.82 70.60 4.97
C LYS G 230 -52.87 69.67 4.25
N LEU G 231 -52.63 68.46 4.73
CA LEU G 231 -51.65 67.56 4.14
C LEU G 231 -52.26 66.18 3.92
N ASN G 232 -51.92 65.57 2.79
CA ASN G 232 -52.22 64.17 2.50
C ASN G 232 -51.08 63.59 1.68
N GLY G 233 -50.70 62.36 2.00
CA GLY G 233 -49.52 61.78 1.39
C GLY G 233 -49.61 60.28 1.23
N ILE G 234 -48.72 59.75 0.39
CA ILE G 234 -48.63 58.33 0.11
C ILE G 234 -47.23 57.84 0.43
N ALA G 235 -47.01 56.53 0.32
CA ALA G 235 -45.72 55.93 0.64
C ALA G 235 -45.31 54.96 -0.47
N LEU G 236 -44.01 54.75 -0.57
CA LEU G 236 -43.44 53.79 -1.51
C LEU G 236 -42.49 52.85 -0.78
N ARG G 237 -42.60 51.56 -1.07
CA ARG G 237 -41.75 50.54 -0.46
C ARG G 237 -40.64 50.15 -1.43
N VAL G 238 -39.42 50.04 -0.92
CA VAL G 238 -38.23 49.86 -1.74
C VAL G 238 -37.37 48.77 -1.12
N PRO G 239 -36.68 47.94 -1.92
CA PRO G 239 -35.83 46.88 -1.34
C PRO G 239 -34.61 47.38 -0.59
N THR G 240 -34.83 48.09 0.51
CA THR G 240 -33.77 48.46 1.43
C THR G 240 -34.17 48.06 2.84
N PRO G 241 -33.21 47.65 3.67
CA PRO G 241 -33.56 47.19 5.02
C PRO G 241 -34.05 48.26 5.98
N ASN G 242 -33.31 49.36 6.17
CA ASN G 242 -33.58 50.23 7.31
C ASN G 242 -34.00 51.65 6.93
N VAL G 243 -33.19 52.39 6.20
CA VAL G 243 -33.36 53.84 6.13
C VAL G 243 -34.36 54.21 5.05
N SER G 244 -35.01 55.36 5.22
CA SER G 244 -36.06 55.81 4.33
C SER G 244 -35.95 57.32 4.12
N VAL G 245 -36.70 57.83 3.13
CA VAL G 245 -36.63 59.23 2.72
C VAL G 245 -38.04 59.81 2.75
N VAL G 246 -38.15 61.06 3.21
CA VAL G 246 -39.40 61.80 3.20
C VAL G 246 -39.29 62.91 2.16
N ASP G 247 -40.28 63.01 1.29
CA ASP G 247 -40.35 64.04 0.26
C ASP G 247 -41.59 64.89 0.53
N LEU G 248 -41.38 66.14 0.94
CA LEU G 248 -42.46 67.06 1.27
C LEU G 248 -42.45 68.21 0.26
N VAL G 249 -43.57 68.39 -0.43
CA VAL G 249 -43.77 69.53 -1.32
C VAL G 249 -44.97 70.30 -0.80
N VAL G 250 -44.72 71.54 -0.36
CA VAL G 250 -45.71 72.32 0.35
C VAL G 250 -45.73 73.75 -0.20
N GLN G 251 -46.87 74.41 -0.03
CA GLN G 251 -47.10 75.78 -0.49
C GLN G 251 -47.08 76.69 0.73
N VAL G 252 -46.06 77.55 0.82
CA VAL G 252 -45.92 78.45 1.96
C VAL G 252 -46.58 79.79 1.64
N SER G 253 -47.06 80.45 2.69
CA SER G 253 -47.72 81.75 2.60
C SER G 253 -46.75 82.91 2.73
N LYS G 254 -45.45 82.65 2.63
CA LYS G 254 -44.43 83.68 2.71
C LYS G 254 -43.40 83.42 1.61
N LYS G 255 -43.16 84.42 0.76
CA LYS G 255 -42.25 84.22 -0.36
C LYS G 255 -40.82 84.07 0.14
N THR G 256 -40.11 83.08 -0.41
CA THR G 256 -38.79 82.72 0.09
C THR G 256 -38.01 82.02 -1.01
N PHE G 257 -36.73 81.79 -0.73
CA PHE G 257 -35.82 81.08 -1.60
C PHE G 257 -35.23 79.90 -0.85
N ALA G 258 -34.49 79.06 -1.59
CA ALA G 258 -34.11 77.75 -1.07
C ALA G 258 -33.18 77.85 0.13
N GLU G 259 -32.21 78.75 0.09
CA GLU G 259 -31.23 78.84 1.16
C GLU G 259 -31.85 79.37 2.45
N GLU G 260 -32.89 80.20 2.35
CA GLU G 260 -33.54 80.73 3.56
C GLU G 260 -34.25 79.63 4.33
N VAL G 261 -34.81 78.63 3.62
CA VAL G 261 -35.48 77.54 4.30
C VAL G 261 -34.49 76.70 5.09
N ASN G 262 -33.34 76.40 4.48
CA ASN G 262 -32.30 75.64 5.18
C ASN G 262 -31.76 76.40 6.39
N ALA G 263 -31.69 77.73 6.30
CA ALA G 263 -31.26 78.54 7.44
C ALA G 263 -32.21 78.34 8.61
N ALA G 264 -33.52 78.34 8.35
CA ALA G 264 -34.48 78.09 9.41
C ALA G 264 -34.28 76.70 10.02
N PHE G 265 -33.99 75.70 9.19
CA PHE G 265 -33.77 74.35 9.70
C PHE G 265 -32.46 74.27 10.47
N ARG G 266 -31.41 74.95 9.98
CA ARG G 266 -30.15 74.98 10.72
C ARG G 266 -30.33 75.68 12.07
N ASP G 267 -30.98 76.84 12.07
CA ASP G 267 -31.17 77.58 13.31
C ASP G 267 -32.10 76.83 14.26
N SER G 268 -33.17 76.23 13.74
CA SER G 268 -34.08 75.47 14.60
C SER G 268 -33.38 74.27 15.22
N ALA G 269 -32.48 73.63 14.47
CA ALA G 269 -31.77 72.46 14.99
C ALA G 269 -30.91 72.82 16.19
N GLU G 270 -30.28 74.00 16.16
CA GLU G 270 -29.41 74.39 17.27
C GLU G 270 -30.23 74.85 18.47
N LYS G 271 -31.22 75.72 18.26
CA LYS G 271 -31.93 76.39 19.35
C LYS G 271 -32.75 75.45 20.22
N GLU G 272 -33.80 74.83 19.68
CA GLU G 272 -34.70 74.04 20.50
C GLU G 272 -35.04 72.67 19.93
N LEU G 273 -34.47 72.28 18.79
CA LEU G 273 -34.64 70.95 18.24
C LEU G 273 -33.37 70.12 18.36
N LYS G 274 -32.46 70.52 19.24
CA LYS G 274 -31.18 69.84 19.37
C LYS G 274 -31.37 68.44 19.94
N GLY G 275 -30.83 67.44 19.24
CA GLY G 275 -31.01 66.05 19.58
C GLY G 275 -32.10 65.35 18.82
N ILE G 276 -32.94 66.10 18.10
CA ILE G 276 -34.05 65.54 17.35
C ILE G 276 -33.90 65.77 15.84
N LEU G 277 -33.53 66.97 15.45
CA LEU G 277 -33.40 67.35 14.04
C LEU G 277 -31.98 67.78 13.75
N ASP G 278 -31.47 67.36 12.59
CA ASP G 278 -30.18 67.80 12.09
C ASP G 278 -30.27 67.98 10.59
N VAL G 279 -29.39 68.83 10.06
CA VAL G 279 -29.25 69.02 8.62
C VAL G 279 -27.83 68.63 8.23
N CYS G 280 -27.71 67.75 7.24
CA CYS G 280 -26.42 67.26 6.78
C CYS G 280 -26.08 67.89 5.45
N ASP G 281 -24.91 68.51 5.36
CA ASP G 281 -24.43 69.14 4.15
C ASP G 281 -23.56 68.23 3.30
N GLU G 282 -23.31 67.00 3.76
CA GLU G 282 -22.49 66.07 2.99
C GLU G 282 -23.33 65.34 1.94
N PRO G 283 -22.72 64.97 0.81
CA PRO G 283 -23.40 64.13 -0.20
C PRO G 283 -23.49 62.66 0.23
N LEU G 284 -24.48 62.37 1.06
CA LEU G 284 -24.66 61.06 1.68
C LEU G 284 -25.83 60.33 1.04
N VAL G 285 -25.93 59.04 1.40
CA VAL G 285 -26.97 58.14 0.95
C VAL G 285 -27.52 57.38 2.16
N SER G 286 -28.43 56.44 1.90
CA SER G 286 -29.24 55.85 2.96
C SER G 286 -28.40 55.09 3.99
N VAL G 287 -27.47 54.24 3.53
CA VAL G 287 -26.69 53.41 4.44
C VAL G 287 -25.86 54.23 5.42
N ASP G 288 -25.62 55.51 5.11
CA ASP G 288 -24.89 56.40 6.00
C ASP G 288 -25.73 56.91 7.15
N PHE G 289 -27.06 56.72 7.09
CA PHE G 289 -27.96 57.16 8.14
C PHE G 289 -28.46 56.00 8.99
N ARG G 290 -27.79 54.86 8.94
CA ARG G 290 -28.07 53.78 9.87
C ARG G 290 -27.75 54.23 11.29
N CYS G 291 -28.63 53.89 12.22
CA CYS G 291 -28.50 54.25 13.63
C CYS G 291 -28.46 55.76 13.83
N SER G 292 -29.12 56.51 12.95
CA SER G 292 -29.21 57.95 13.10
C SER G 292 -30.07 58.29 14.32
N ASP G 293 -29.46 58.98 15.28
CA ASP G 293 -30.14 59.33 16.52
C ASP G 293 -31.12 60.49 16.34
N PHE G 294 -31.20 61.08 15.15
CA PHE G 294 -32.13 62.17 14.90
C PHE G 294 -33.41 61.63 14.29
N SER G 295 -34.54 62.22 14.70
CA SER G 295 -35.83 61.83 14.13
C SER G 295 -35.90 62.18 12.66
N THR G 296 -35.22 63.25 12.24
CA THR G 296 -35.20 63.66 10.85
C THR G 296 -33.83 64.24 10.53
N THR G 297 -33.40 64.06 9.29
CA THR G 297 -32.12 64.59 8.81
C THR G 297 -32.38 65.30 7.49
N ILE G 298 -32.51 66.63 7.55
CA ILE G 298 -32.81 67.42 6.36
C ILE G 298 -31.62 67.39 5.42
N ASP G 299 -31.87 67.05 4.16
CA ASP G 299 -30.84 67.03 3.13
C ASP G 299 -30.75 68.43 2.54
N SER G 300 -29.64 69.12 2.80
CA SER G 300 -29.51 70.53 2.42
C SER G 300 -29.30 70.71 0.92
N SER G 301 -28.48 69.85 0.31
CA SER G 301 -28.19 69.97 -1.11
C SER G 301 -29.37 69.59 -1.99
N LEU G 302 -30.48 69.12 -1.41
CA LEU G 302 -31.64 68.71 -2.18
C LEU G 302 -32.86 69.61 -1.99
N THR G 303 -32.79 70.59 -1.09
CA THR G 303 -33.92 71.49 -0.90
C THR G 303 -34.13 72.34 -2.15
N MET G 304 -35.39 72.61 -2.46
CA MET G 304 -35.75 73.31 -3.69
C MET G 304 -36.95 74.21 -3.43
N VAL G 305 -36.95 75.38 -4.07
CA VAL G 305 -38.07 76.31 -4.01
C VAL G 305 -38.44 76.70 -5.43
N MET G 306 -39.73 76.57 -5.77
CA MET G 306 -40.23 76.78 -7.12
C MET G 306 -41.31 77.84 -7.10
N GLY G 307 -41.12 78.91 -7.87
CA GLY G 307 -42.12 79.96 -7.94
C GLY G 307 -42.24 80.81 -6.70
N ASP G 308 -41.28 80.71 -5.77
CA ASP G 308 -41.09 81.51 -4.57
C ASP G 308 -42.07 81.21 -3.43
N ASP G 309 -43.04 80.31 -3.61
CA ASP G 309 -43.94 79.96 -2.51
C ASP G 309 -44.17 78.46 -2.40
N MET G 310 -43.49 77.64 -3.22
CA MET G 310 -43.59 76.19 -3.17
C MET G 310 -42.26 75.63 -2.72
N VAL G 311 -42.25 74.99 -1.55
CA VAL G 311 -41.03 74.51 -0.92
C VAL G 311 -40.97 73.00 -1.03
N LYS G 312 -39.80 72.47 -1.39
CA LYS G 312 -39.53 71.04 -1.40
C LYS G 312 -38.40 70.73 -0.43
N VAL G 313 -38.59 69.70 0.39
CA VAL G 313 -37.63 69.32 1.42
C VAL G 313 -37.46 67.82 1.38
N ILE G 314 -36.21 67.36 1.51
CA ILE G 314 -35.87 65.94 1.53
C ILE G 314 -35.24 65.63 2.88
N ALA G 315 -35.79 64.67 3.60
CA ALA G 315 -35.35 64.35 4.95
C ALA G 315 -35.12 62.85 5.10
N TRP G 316 -34.01 62.49 5.73
CA TRP G 316 -33.66 61.11 6.01
C TRP G 316 -34.03 60.74 7.45
N TYR G 317 -34.41 59.48 7.64
CA TYR G 317 -34.78 59.03 8.97
C TYR G 317 -34.63 57.51 9.05
N ASP G 318 -34.12 57.04 10.18
CA ASP G 318 -34.01 55.62 10.47
C ASP G 318 -35.33 55.17 11.10
N ASN G 319 -36.11 54.38 10.36
CA ASN G 319 -37.44 53.99 10.84
C ASN G 319 -37.35 53.06 12.03
N GLU G 320 -36.29 52.26 12.13
CA GLU G 320 -36.13 51.34 13.26
C GLU G 320 -35.42 52.02 14.43
N TRP G 321 -34.20 52.52 14.20
CA TRP G 321 -33.39 53.02 15.30
C TRP G 321 -33.89 54.38 15.78
N GLY G 322 -34.05 55.33 14.86
CA GLY G 322 -34.42 56.68 15.26
C GLY G 322 -35.77 56.74 15.95
N TYR G 323 -36.72 55.92 15.47
CA TYR G 323 -38.01 55.83 16.15
C TYR G 323 -37.85 55.23 17.54
N SER G 324 -37.00 54.20 17.66
CA SER G 324 -36.86 53.51 18.94
C SER G 324 -36.24 54.41 19.99
N GLN G 325 -35.36 55.32 19.59
CA GLN G 325 -34.82 56.29 20.54
C GLN G 325 -35.90 57.26 21.01
N ARG G 326 -36.82 57.64 20.12
CA ARG G 326 -37.91 58.52 20.51
C ARG G 326 -38.86 57.86 21.50
N VAL G 327 -39.00 56.53 21.42
CA VAL G 327 -39.76 55.82 22.43
C VAL G 327 -39.05 55.85 23.77
N VAL G 328 -37.72 55.73 23.76
CA VAL G 328 -36.95 55.81 25.00
C VAL G 328 -37.06 57.20 25.59
N ASP G 329 -36.97 58.24 24.76
CA ASP G 329 -37.12 59.61 25.26
C ASP G 329 -38.52 59.84 25.84
N LEU G 330 -39.55 59.30 25.18
CA LEU G 330 -40.90 59.43 25.71
C LEU G 330 -41.07 58.63 26.99
N ALA G 331 -40.41 57.48 27.09
CA ALA G 331 -40.47 56.68 28.31
C ALA G 331 -39.79 57.42 29.46
N ASP G 332 -38.73 58.17 29.18
CA ASP G 332 -38.11 59.00 30.20
C ASP G 332 -39.03 60.15 30.62
N ILE G 333 -39.75 60.72 29.66
CA ILE G 333 -40.63 61.86 29.96
C ILE G 333 -41.79 61.41 30.85
N VAL G 334 -42.30 60.21 30.63
CA VAL G 334 -43.28 59.64 31.55
C VAL G 334 -42.63 59.36 32.90
N ALA G 335 -41.34 58.98 32.89
CA ALA G 335 -40.67 58.61 34.12
C ALA G 335 -40.39 59.82 35.01
N ASN G 336 -40.10 60.97 34.40
CA ASN G 336 -39.79 62.16 35.18
C ASN G 336 -41.06 62.79 35.75
N ASN G 337 -42.15 62.77 34.99
CA ASN G 337 -43.44 63.28 35.44
C ASN G 337 -44.26 62.22 36.20
N TRP G 338 -43.61 61.17 36.69
CA TRP G 338 -44.29 60.14 37.45
C TRP G 338 -44.81 60.71 38.77
N LYS G 339 -46.08 60.45 39.07
CA LYS G 339 -46.74 61.07 40.20
C LYS G 339 -47.10 60.06 41.28
N LYS H 4 9.04 53.36 12.86
CA LYS H 4 9.72 53.51 11.59
C LYS H 4 8.95 52.78 10.48
N LEU H 5 9.63 52.46 9.39
CA LEU H 5 9.08 51.70 8.26
C LEU H 5 7.85 52.40 7.66
N LYS H 6 8.13 53.53 7.00
CA LYS H 6 7.10 54.21 6.24
C LYS H 6 6.50 53.29 5.17
N VAL H 7 5.18 53.36 5.02
CA VAL H 7 4.41 52.48 4.14
C VAL H 7 3.59 53.32 3.17
N ALA H 8 3.39 52.80 1.96
CA ALA H 8 2.53 53.43 0.97
C ALA H 8 1.47 52.44 0.49
N ILE H 9 0.43 52.99 -0.12
CA ILE H 9 -0.68 52.22 -0.67
C ILE H 9 -0.91 52.63 -2.11
N ASN H 10 -0.94 51.65 -3.01
CA ASN H 10 -1.35 51.88 -4.39
C ASN H 10 -2.60 51.04 -4.67
N GLY H 11 -3.55 51.62 -5.37
CA GLY H 11 -4.81 50.93 -5.61
C GLY H 11 -5.79 51.13 -4.46
N PHE H 12 -6.12 52.38 -4.18
CA PHE H 12 -6.99 52.72 -3.04
C PHE H 12 -8.46 52.45 -3.39
N GLY H 13 -8.75 51.18 -3.63
CA GLY H 13 -10.09 50.75 -3.96
C GLY H 13 -10.86 50.26 -2.75
N ARG H 14 -11.27 48.99 -2.77
CA ARG H 14 -11.96 48.41 -1.62
C ARG H 14 -10.99 47.75 -0.64
N ILE H 15 -9.96 47.08 -1.16
CA ILE H 15 -8.99 46.43 -0.28
C ILE H 15 -8.12 47.46 0.41
N GLY H 16 -7.76 48.54 -0.29
CA GLY H 16 -6.93 49.57 0.32
C GLY H 16 -7.63 50.28 1.47
N ARG H 17 -8.90 50.67 1.26
CA ARG H 17 -9.63 51.34 2.33
C ARG H 17 -9.90 50.40 3.50
N ASN H 18 -10.18 49.13 3.22
CA ASN H 18 -10.30 48.15 4.29
C ASN H 18 -8.98 47.94 5.01
N PHE H 19 -7.87 47.98 4.26
CA PHE H 19 -6.55 47.85 4.86
C PHE H 19 -6.25 49.02 5.79
N LEU H 20 -6.64 50.23 5.39
CA LEU H 20 -6.35 51.42 6.20
C LEU H 20 -7.12 51.38 7.51
N ARG H 21 -8.41 51.05 7.45
CA ARG H 21 -9.20 50.95 8.67
C ARG H 21 -8.79 49.78 9.53
N CYS H 22 -8.30 48.69 8.91
CA CYS H 22 -7.74 47.59 9.69
C CYS H 22 -6.45 48.00 10.38
N TRP H 23 -5.60 48.77 9.69
CA TRP H 23 -4.37 49.26 10.31
C TRP H 23 -4.68 50.26 11.42
N HIS H 24 -5.72 51.08 11.23
CA HIS H 24 -6.09 52.07 12.24
C HIS H 24 -6.52 51.42 13.55
N GLY H 25 -7.17 50.25 13.47
CA GLY H 25 -7.59 49.56 14.67
C GLY H 25 -6.46 48.98 15.48
N ARG H 26 -5.29 48.80 14.87
CA ARG H 26 -4.15 48.23 15.59
C ARG H 26 -3.66 49.18 16.67
N LYS H 27 -3.13 48.60 17.75
CA LYS H 27 -2.74 49.37 18.93
C LYS H 27 -1.25 49.68 18.99
N ASP H 28 -0.41 48.80 18.46
CA ASP H 28 1.04 48.98 18.49
C ASP H 28 1.64 48.62 17.14
N SER H 29 1.01 49.07 16.07
CA SER H 29 1.46 48.72 14.72
C SER H 29 2.77 49.42 14.40
N PRO H 30 3.80 48.69 13.95
CA PRO H 30 5.05 49.34 13.54
C PRO H 30 5.00 49.97 12.16
N LEU H 31 3.92 49.79 11.42
CA LEU H 31 3.77 50.40 10.11
C LEU H 31 3.39 51.88 10.25
N ASP H 32 3.39 52.57 9.11
CA ASP H 32 2.87 53.94 9.05
C ASP H 32 2.55 54.24 7.60
N ILE H 33 1.27 54.44 7.29
CA ILE H 33 0.85 54.79 5.94
C ILE H 33 1.05 56.28 5.75
N ILE H 34 1.82 56.64 4.72
CA ILE H 34 2.06 58.05 4.40
C ILE H 34 1.71 58.42 2.97
N ALA H 35 1.58 57.45 2.05
CA ALA H 35 1.33 57.75 0.65
C ALA H 35 0.24 56.85 0.11
N ILE H 36 -0.67 57.45 -0.66
CA ILE H 36 -1.81 56.74 -1.25
C ILE H 36 -1.91 57.13 -2.71
N ASN H 37 -2.08 56.14 -3.59
CA ASN H 37 -2.20 56.37 -5.03
C ASN H 37 -3.56 55.90 -5.50
N ASP H 38 -4.38 56.83 -5.97
CA ASP H 38 -5.69 56.52 -6.54
C ASP H 38 -6.00 57.55 -7.61
N THR H 39 -6.60 57.10 -8.71
CA THR H 39 -6.92 57.98 -9.83
C THR H 39 -8.08 58.93 -9.53
N GLY H 40 -8.81 58.71 -8.44
CA GLY H 40 -10.01 59.49 -8.20
C GLY H 40 -9.73 60.93 -7.84
N GLY H 41 -8.92 61.15 -6.80
CA GLY H 41 -8.60 62.48 -6.33
C GLY H 41 -8.75 62.59 -4.84
N VAL H 42 -8.48 63.79 -4.33
CA VAL H 42 -8.46 64.00 -2.89
C VAL H 42 -9.87 64.01 -2.31
N LYS H 43 -10.81 64.67 -2.99
CA LYS H 43 -12.19 64.70 -2.50
C LYS H 43 -12.81 63.31 -2.54
N GLN H 44 -12.50 62.53 -3.57
CA GLN H 44 -13.10 61.21 -3.73
C GLN H 44 -12.50 60.19 -2.78
N ALA H 45 -11.18 60.24 -2.57
CA ALA H 45 -10.54 59.27 -1.69
C ALA H 45 -10.89 59.51 -0.22
N SER H 46 -11.05 60.77 0.16
CA SER H 46 -11.41 61.09 1.54
C SER H 46 -12.85 60.70 1.83
N HIS H 47 -13.74 60.84 0.84
CA HIS H 47 -15.16 60.59 1.06
C HIS H 47 -15.44 59.10 1.22
N LEU H 48 -14.88 58.27 0.35
CA LEU H 48 -15.10 56.83 0.44
C LEU H 48 -14.45 56.22 1.67
N LEU H 49 -13.41 56.86 2.21
CA LEU H 49 -12.76 56.36 3.41
C LEU H 49 -13.68 56.49 4.62
N LYS H 50 -14.21 57.70 4.84
CA LYS H 50 -15.05 57.94 6.02
C LYS H 50 -16.42 57.29 5.85
N TYR H 51 -17.07 57.50 4.72
CA TYR H 51 -18.39 56.94 4.45
C TYR H 51 -18.23 55.71 3.56
N ASP H 52 -18.58 54.55 4.10
CA ASP H 52 -18.48 53.29 3.38
C ASP H 52 -19.80 52.53 3.52
N SER H 53 -20.23 51.90 2.42
CA SER H 53 -21.52 51.23 2.40
C SER H 53 -21.51 49.90 3.13
N THR H 54 -20.36 49.22 3.15
CA THR H 54 -20.27 47.87 3.69
C THR H 54 -19.81 47.81 5.13
N LEU H 55 -18.79 48.59 5.49
CA LEU H 55 -18.25 48.57 6.84
C LEU H 55 -19.01 49.50 7.77
N GLY H 56 -19.21 50.75 7.36
CA GLY H 56 -19.86 51.76 8.18
C GLY H 56 -19.03 53.02 8.24
N ILE H 57 -19.55 53.99 9.00
CA ILE H 57 -18.87 55.27 9.14
C ILE H 57 -17.58 55.09 9.93
N PHE H 58 -16.52 55.74 9.48
CA PHE H 58 -15.22 55.63 10.14
C PHE H 58 -15.18 56.54 11.36
N ASP H 59 -14.90 55.97 12.53
CA ASP H 59 -14.84 56.72 13.78
C ASP H 59 -13.50 57.44 13.88
N ALA H 60 -13.35 58.45 13.03
CA ALA H 60 -12.14 59.27 12.97
C ALA H 60 -12.43 60.51 12.13
N ASP H 61 -11.72 61.59 12.43
CA ASP H 61 -11.78 62.79 11.62
C ASP H 61 -11.10 62.54 10.28
N VAL H 62 -11.84 62.72 9.19
CA VAL H 62 -11.32 62.55 7.83
C VAL H 62 -11.62 63.83 7.07
N LYS H 63 -10.60 64.66 6.87
CA LYS H 63 -10.72 65.91 6.14
C LYS H 63 -9.62 66.03 5.09
N PRO H 64 -9.91 66.65 3.95
CA PRO H 64 -8.87 66.91 2.95
C PRO H 64 -7.90 67.96 3.45
N SER H 65 -6.62 67.60 3.54
CA SER H 65 -5.56 68.52 3.95
C SER H 65 -4.88 69.04 2.68
N GLY H 66 -5.50 70.04 2.06
CA GLY H 66 -5.05 70.54 0.79
C GLY H 66 -5.58 69.69 -0.36
N GLU H 67 -4.97 69.90 -1.53
CA GLU H 67 -5.32 69.14 -2.72
C GLU H 67 -4.29 68.05 -3.04
N THR H 68 -3.32 67.84 -2.16
CA THR H 68 -2.30 66.82 -2.35
C THR H 68 -2.30 65.77 -1.24
N ALA H 69 -3.15 65.90 -0.24
CA ALA H 69 -3.11 65.02 0.92
C ALA H 69 -4.48 64.98 1.58
N ILE H 70 -4.61 64.07 2.56
CA ILE H 70 -5.80 63.97 3.40
C ILE H 70 -5.34 63.82 4.85
N SER H 71 -6.25 64.14 5.76
CA SER H 71 -6.00 64.01 7.20
C SER H 71 -6.84 62.88 7.76
N VAL H 72 -6.23 62.02 8.57
CA VAL H 72 -6.90 60.90 9.22
C VAL H 72 -6.68 61.05 10.71
N ASP H 73 -7.66 61.63 11.40
CA ASP H 73 -7.64 61.84 12.86
C ASP H 73 -6.36 62.53 13.30
N GLY H 74 -6.05 63.65 12.66
CA GLY H 74 -4.88 64.43 13.02
C GLY H 74 -3.58 63.97 12.40
N LYS H 75 -3.61 63.00 11.49
CA LYS H 75 -2.43 62.53 10.79
C LYS H 75 -2.67 62.61 9.29
N ILE H 76 -1.62 63.00 8.56
CA ILE H 76 -1.75 63.44 7.17
C ILE H 76 -1.11 62.39 6.26
N ILE H 77 -1.87 61.97 5.25
CA ILE H 77 -1.42 60.99 4.26
C ILE H 77 -1.40 61.67 2.90
N GLN H 78 -0.27 61.54 2.19
CA GLN H 78 -0.12 62.15 0.88
C GLN H 78 -0.86 61.34 -0.18
N VAL H 79 -1.64 62.03 -1.01
CA VAL H 79 -2.42 61.41 -2.07
C VAL H 79 -1.93 61.91 -3.42
N VAL H 80 -1.59 60.98 -4.31
CA VAL H 80 -1.18 61.31 -5.67
C VAL H 80 -2.00 60.46 -6.64
N SER H 81 -2.20 60.98 -7.84
CA SER H 81 -3.01 60.31 -8.86
C SER H 81 -2.20 60.22 -10.15
N ASN H 82 -1.71 59.03 -10.45
CA ASN H 82 -1.00 58.80 -11.71
C ASN H 82 -1.17 57.35 -12.12
N ARG H 83 -1.46 57.14 -13.40
CA ARG H 83 -1.70 55.79 -13.92
C ARG H 83 -0.44 54.93 -13.88
N ASN H 84 0.70 55.50 -14.28
CA ASN H 84 1.93 54.73 -14.43
C ASN H 84 2.69 54.71 -13.11
N PRO H 85 2.98 53.53 -12.55
CA PRO H 85 3.78 53.48 -11.31
C PRO H 85 5.23 53.88 -11.51
N SER H 86 5.72 53.92 -12.75
CA SER H 86 7.12 54.31 -12.98
C SER H 86 7.35 55.76 -12.59
N LEU H 87 6.39 56.64 -12.91
CA LEU H 87 6.50 58.06 -12.59
C LEU H 87 6.21 58.37 -11.12
N LEU H 88 5.77 57.38 -10.35
CA LEU H 88 5.40 57.64 -8.96
C LEU H 88 6.64 57.97 -8.14
N PRO H 89 6.58 59.00 -7.30
CA PRO H 89 7.75 59.40 -6.48
C PRO H 89 7.81 58.68 -5.14
N TRP H 90 8.02 57.36 -5.18
CA TRP H 90 8.20 56.62 -3.95
C TRP H 90 9.56 56.87 -3.31
N LYS H 91 10.56 57.22 -4.11
CA LYS H 91 11.87 57.53 -3.55
C LYS H 91 11.86 58.85 -2.79
N GLU H 92 10.98 59.78 -3.18
CA GLU H 92 10.95 61.09 -2.53
C GLU H 92 10.47 60.98 -1.09
N LEU H 93 9.31 60.35 -0.87
CA LEU H 93 8.77 60.25 0.49
C LEU H 93 9.56 59.25 1.33
N GLY H 94 10.19 58.27 0.69
CA GLY H 94 10.98 57.28 1.43
C GLY H 94 10.19 56.03 1.77
N ILE H 95 9.54 55.45 0.78
CA ILE H 95 8.66 54.30 1.00
C ILE H 95 9.49 53.03 1.02
N ASP H 96 9.24 52.18 2.02
CA ASP H 96 9.91 50.89 2.12
C ASP H 96 9.05 49.72 1.66
N ILE H 97 7.73 49.83 1.75
CA ILE H 97 6.82 48.78 1.28
C ILE H 97 5.62 49.44 0.62
N VAL H 98 5.32 49.02 -0.62
CA VAL H 98 4.14 49.46 -1.36
C VAL H 98 3.15 48.31 -1.39
N ILE H 99 1.92 48.58 -0.96
CA ILE H 99 0.83 47.62 -1.06
C ILE H 99 0.17 47.80 -2.42
N GLU H 100 0.05 46.71 -3.17
CA GLU H 100 -0.52 46.72 -4.51
C GLU H 100 -1.96 46.22 -4.42
N GLY H 101 -2.92 47.14 -4.44
CA GLY H 101 -4.32 46.80 -4.39
C GLY H 101 -5.07 47.25 -5.63
N THR H 102 -4.33 47.55 -6.69
CA THR H 102 -4.95 47.98 -7.94
C THR H 102 -5.69 46.83 -8.61
N GLY H 103 -4.99 45.71 -8.83
CA GLY H 103 -5.57 44.57 -9.52
C GLY H 103 -4.99 44.30 -10.89
N VAL H 104 -4.10 45.14 -11.39
CA VAL H 104 -3.52 44.94 -12.72
C VAL H 104 -2.04 44.59 -12.66
N PHE H 105 -1.32 44.97 -11.61
CA PHE H 105 0.11 44.70 -11.51
C PHE H 105 0.31 43.48 -10.62
N VAL H 106 0.04 42.31 -11.19
CA VAL H 106 0.19 41.05 -10.48
C VAL H 106 1.46 40.35 -10.93
N ASP H 107 1.80 40.51 -12.21
CA ASP H 107 3.04 39.94 -12.73
C ASP H 107 4.24 40.79 -12.32
N ARG H 108 5.42 40.17 -12.40
CA ARG H 108 6.65 40.85 -11.95
C ARG H 108 7.01 42.03 -12.84
N GLU H 109 6.63 41.98 -14.13
CA GLU H 109 6.91 43.11 -15.01
C GLU H 109 6.14 44.35 -14.60
N GLY H 110 4.90 44.18 -14.17
CA GLY H 110 4.10 45.31 -13.73
C GLY H 110 4.38 45.72 -12.31
N ALA H 111 4.53 44.74 -11.41
CA ALA H 111 4.74 45.05 -10.00
C ALA H 111 6.12 45.63 -9.75
N GLY H 112 7.09 45.32 -10.60
CA GLY H 112 8.47 45.78 -10.40
C GLY H 112 8.66 47.27 -10.60
N LYS H 113 7.70 47.95 -11.21
CA LYS H 113 7.83 49.39 -11.45
C LYS H 113 7.85 50.17 -10.15
N HIS H 114 7.35 49.60 -9.04
CA HIS H 114 7.36 50.30 -7.77
C HIS H 114 8.76 50.40 -7.19
N ILE H 115 9.50 49.28 -7.18
CA ILE H 115 10.88 49.34 -6.73
C ILE H 115 11.76 50.08 -7.71
N GLU H 116 11.36 50.13 -8.99
CA GLU H 116 12.02 51.02 -9.94
C GLU H 116 11.70 52.47 -9.64
N ALA H 117 10.53 52.74 -9.05
CA ALA H 117 10.15 54.10 -8.70
C ALA H 117 10.85 54.59 -7.44
N GLY H 118 11.23 53.69 -6.55
CA GLY H 118 11.91 54.07 -5.33
C GLY H 118 11.47 53.29 -4.11
N ALA H 119 10.50 52.40 -4.28
CA ALA H 119 10.09 51.53 -3.19
C ALA H 119 11.13 50.44 -2.97
N LYS H 120 11.10 49.85 -1.78
CA LYS H 120 12.04 48.80 -1.42
C LYS H 120 11.42 47.41 -1.41
N LYS H 121 10.10 47.30 -1.38
CA LYS H 121 9.43 46.01 -1.33
C LYS H 121 7.97 46.21 -1.74
N VAL H 122 7.39 45.20 -2.38
CA VAL H 122 6.03 45.25 -2.88
C VAL H 122 5.25 44.09 -2.30
N ILE H 123 4.08 44.38 -1.72
CA ILE H 123 3.13 43.37 -1.27
C ILE H 123 1.93 43.42 -2.20
N ILE H 124 1.70 42.32 -2.92
CA ILE H 124 0.55 42.22 -3.82
C ILE H 124 -0.62 41.66 -3.03
N THR H 125 -1.79 42.28 -3.19
CA THR H 125 -3.01 41.81 -2.53
C THR H 125 -3.77 40.78 -3.37
N ALA H 126 -3.27 40.42 -4.54
CA ALA H 126 -3.87 39.42 -5.40
C ALA H 126 -2.89 38.27 -5.60
N PRO H 127 -3.37 37.10 -6.01
CA PRO H 127 -2.44 36.04 -6.45
C PRO H 127 -1.59 36.52 -7.61
N GLY H 128 -0.27 36.49 -7.41
CA GLY H 128 0.64 36.98 -8.43
C GLY H 128 0.77 36.03 -9.60
N LYS H 129 1.44 36.51 -10.63
CA LYS H 129 1.66 35.76 -11.85
C LYS H 129 3.08 35.21 -11.89
N GLY H 130 3.20 33.90 -12.09
CA GLY H 130 4.50 33.28 -12.28
C GLY H 130 5.34 33.10 -11.03
N ASP H 131 6.62 33.45 -11.13
CA ASP H 131 7.59 33.17 -10.06
C ASP H 131 7.52 34.25 -8.99
N ILE H 132 6.41 34.25 -8.27
CA ILE H 132 6.19 35.16 -7.14
C ILE H 132 6.11 34.31 -5.88
N PRO H 133 6.90 34.62 -4.84
CA PRO H 133 6.73 33.92 -3.56
C PRO H 133 5.40 34.30 -2.93
N THR H 134 4.58 33.27 -2.67
CA THR H 134 3.26 33.46 -2.09
C THR H 134 3.30 32.97 -0.65
N TYR H 135 2.99 33.88 0.28
CA TYR H 135 2.94 33.57 1.70
C TYR H 135 1.54 33.84 2.23
N VAL H 136 1.05 32.94 3.07
CA VAL H 136 -0.20 33.15 3.80
C VAL H 136 0.12 33.09 5.29
N VAL H 137 -0.61 33.87 6.07
CA VAL H 137 -0.30 34.04 7.48
C VAL H 137 -0.62 32.77 8.24
N GLY H 138 0.29 32.37 9.13
CA GLY H 138 0.09 31.22 9.98
C GLY H 138 0.43 29.88 9.36
N VAL H 139 0.79 29.84 8.08
CA VAL H 139 1.07 28.58 7.41
C VAL H 139 2.51 28.54 6.92
N ASN H 140 2.85 29.44 5.99
CA ASN H 140 4.21 29.54 5.47
C ASN H 140 4.81 30.90 5.74
N ALA H 141 4.29 31.62 6.75
CA ALA H 141 4.82 32.94 7.08
C ALA H 141 6.24 32.87 7.62
N ASP H 142 6.62 31.74 8.22
CA ASP H 142 7.97 31.60 8.77
C ASP H 142 9.04 31.50 7.70
N ALA H 143 8.68 31.07 6.49
CA ALA H 143 9.63 30.88 5.40
C ALA H 143 10.00 32.17 4.69
N TYR H 144 9.54 33.32 5.17
CA TYR H 144 9.83 34.58 4.52
C TYR H 144 11.31 34.94 4.62
N SER H 145 11.88 35.39 3.52
CA SER H 145 13.24 35.91 3.46
C SER H 145 13.19 37.37 3.04
N HIS H 146 14.02 38.19 3.69
CA HIS H 146 14.08 39.61 3.34
C HIS H 146 14.68 39.84 1.96
N ASP H 147 15.34 38.83 1.38
CA ASP H 147 15.83 38.95 0.01
C ASP H 147 14.69 39.12 -0.97
N GLU H 148 13.50 38.62 -0.66
CA GLU H 148 12.36 38.70 -1.56
C GLU H 148 11.86 40.13 -1.70
N PRO H 149 11.93 40.73 -2.90
CA PRO H 149 11.46 42.11 -3.05
C PRO H 149 9.97 42.22 -3.31
N ILE H 150 9.38 41.17 -3.88
CA ILE H 150 7.97 41.15 -4.24
C ILE H 150 7.34 39.87 -3.69
N ILE H 151 6.32 40.03 -2.85
CA ILE H 151 5.57 38.90 -2.30
C ILE H 151 4.10 39.17 -2.51
N SER H 152 3.34 38.10 -2.73
CA SER H 152 1.91 38.19 -2.99
C SER H 152 1.15 37.43 -1.90
N ASN H 153 0.19 38.11 -1.28
CA ASN H 153 -0.77 37.40 -0.46
C ASN H 153 -1.76 36.67 -1.37
N ALA H 154 -2.36 35.61 -0.83
CA ALA H 154 -3.22 34.78 -1.65
C ALA H 154 -4.59 35.43 -1.83
N SER H 155 -5.48 34.74 -2.54
CA SER H 155 -6.86 35.19 -2.65
C SER H 155 -7.56 35.06 -1.30
N CYS H 156 -8.69 35.74 -1.18
CA CYS H 156 -9.46 35.66 0.07
C CYS H 156 -9.97 34.24 0.31
N THR H 157 -10.33 33.55 -0.78
CA THR H 157 -10.66 32.12 -0.68
C THR H 157 -9.48 31.33 -0.16
N THR H 158 -8.29 31.58 -0.70
CA THR H 158 -7.12 30.78 -0.35
C THR H 158 -6.66 31.06 1.07
N ASN H 159 -6.73 32.32 1.50
CA ASN H 159 -6.46 32.64 2.90
C ASN H 159 -7.50 32.04 3.84
N CYS H 160 -8.68 31.68 3.31
CA CYS H 160 -9.66 30.92 4.08
C CYS H 160 -9.46 29.42 3.93
N LEU H 161 -9.00 28.95 2.78
CA LEU H 161 -8.89 27.51 2.57
C LEU H 161 -7.64 26.94 3.23
N ALA H 162 -6.48 27.57 3.01
CA ALA H 162 -5.21 27.00 3.45
C ALA H 162 -5.09 26.73 4.96
N PRO H 163 -5.63 27.58 5.89
CA PRO H 163 -5.48 27.26 7.31
C PRO H 163 -6.04 25.92 7.76
N PHE H 164 -7.33 25.66 7.54
CA PHE H 164 -7.91 24.41 8.02
C PHE H 164 -7.60 23.23 7.10
N VAL H 165 -7.24 23.49 5.83
CA VAL H 165 -6.76 22.42 4.97
C VAL H 165 -5.45 21.86 5.50
N LYS H 166 -4.62 22.72 6.09
CA LYS H 166 -3.40 22.27 6.75
C LYS H 166 -3.72 21.30 7.88
N VAL H 167 -4.76 21.58 8.65
CA VAL H 167 -5.13 20.71 9.77
C VAL H 167 -5.54 19.33 9.27
N LEU H 168 -6.23 19.28 8.12
CA LEU H 168 -6.66 18.01 7.56
C LEU H 168 -5.47 17.15 7.15
N ASP H 169 -4.53 17.73 6.41
CA ASP H 169 -3.36 16.96 5.98
C ASP H 169 -2.45 16.63 7.15
N GLN H 170 -2.34 17.52 8.14
CA GLN H 170 -1.44 17.28 9.26
C GLN H 170 -1.98 16.20 10.20
N LYS H 171 -3.25 16.32 10.60
CA LYS H 171 -3.81 15.41 11.59
C LYS H 171 -4.56 14.23 10.98
N PHE H 172 -4.95 14.32 9.73
CA PHE H 172 -5.75 13.25 9.13
C PHE H 172 -5.20 12.72 7.81
N GLY H 173 -4.65 13.59 6.97
CA GLY H 173 -4.05 13.16 5.71
C GLY H 173 -4.97 13.24 4.50
N ILE H 174 -4.68 14.16 3.58
CA ILE H 174 -5.54 14.40 2.43
C ILE H 174 -5.03 13.59 1.24
N ILE H 175 -5.93 12.84 0.61
CA ILE H 175 -5.65 12.14 -0.63
C ILE H 175 -6.08 12.96 -1.85
N LYS H 176 -7.32 13.46 -1.81
CA LYS H 176 -7.87 14.29 -2.87
C LYS H 176 -9.10 15.01 -2.34
N GLY H 177 -9.49 16.07 -3.03
CA GLY H 177 -10.65 16.83 -2.60
C GLY H 177 -10.99 17.93 -3.59
N THR H 178 -12.20 18.46 -3.42
CA THR H 178 -12.70 19.56 -4.24
C THR H 178 -13.36 20.60 -3.33
N MET H 179 -13.51 21.81 -3.86
CA MET H 179 -14.00 22.94 -3.08
C MET H 179 -14.99 23.76 -3.92
N THR H 180 -16.11 24.13 -3.31
CA THR H 180 -17.05 25.06 -3.90
C THR H 180 -17.21 26.25 -2.95
N THR H 181 -16.87 27.45 -3.43
CA THR H 181 -17.01 28.65 -2.61
C THR H 181 -18.16 29.49 -3.16
N THR H 182 -19.13 29.77 -2.30
CA THR H 182 -20.23 30.67 -2.62
C THR H 182 -19.76 32.08 -2.26
N HIS H 183 -19.33 32.84 -3.25
CA HIS H 183 -18.62 34.08 -2.98
C HIS H 183 -19.51 35.30 -3.12
N SER H 184 -19.27 36.28 -2.25
CA SER H 184 -19.86 37.60 -2.42
C SER H 184 -19.44 38.21 -3.74
N TYR H 185 -20.34 38.99 -4.34
CA TYR H 185 -19.98 39.67 -5.57
C TYR H 185 -18.95 40.75 -5.29
N THR H 186 -18.22 41.12 -6.33
CA THR H 186 -17.11 42.06 -6.23
C THR H 186 -17.27 43.16 -7.27
N GLY H 187 -16.35 44.13 -7.22
CA GLY H 187 -16.28 45.14 -8.27
C GLY H 187 -15.90 44.57 -9.63
N ASP H 188 -15.58 43.29 -9.70
CA ASP H 188 -15.34 42.60 -10.96
C ASP H 188 -16.54 42.71 -11.88
N GLN H 189 -17.67 42.17 -11.43
CA GLN H 189 -18.82 41.99 -12.30
C GLN H 189 -19.56 43.30 -12.49
N ARG H 190 -20.21 43.43 -13.64
CA ARG H 190 -20.89 44.65 -13.99
C ARG H 190 -22.29 44.67 -13.38
N LEU H 191 -22.77 45.88 -13.09
CA LEU H 191 -24.04 46.03 -12.40
C LEU H 191 -25.21 45.53 -13.25
N LEU H 192 -25.19 45.82 -14.54
CA LEU H 192 -26.17 45.30 -15.49
C LEU H 192 -25.42 44.68 -16.67
N ASP H 193 -26.19 44.15 -17.63
CA ASP H 193 -25.59 43.47 -18.77
C ASP H 193 -24.90 44.47 -19.67
N ALA H 194 -23.59 44.28 -19.85
CA ALA H 194 -22.79 45.11 -20.74
C ALA H 194 -21.57 44.30 -21.16
N SER H 195 -20.72 44.90 -21.99
CA SER H 195 -19.56 44.20 -22.52
C SER H 195 -18.55 43.90 -21.42
N HIS H 196 -17.98 42.70 -21.47
CA HIS H 196 -16.96 42.25 -20.53
C HIS H 196 -16.29 41.01 -21.09
N ARG H 197 -15.03 40.79 -20.67
CA ARG H 197 -14.23 39.67 -21.15
C ARG H 197 -14.94 38.35 -20.86
N ASP H 198 -15.09 38.02 -19.59
CA ASP H 198 -15.84 36.84 -19.19
C ASP H 198 -17.32 37.13 -19.35
N LEU H 199 -17.98 36.42 -20.25
CA LEU H 199 -19.41 36.62 -20.47
C LEU H 199 -20.23 36.27 -19.24
N ARG H 200 -19.71 35.43 -18.35
CA ARG H 200 -20.41 35.15 -17.09
C ARG H 200 -20.31 36.34 -16.14
N ARG H 201 -19.21 37.08 -16.18
CA ARG H 201 -19.10 38.31 -15.39
C ARG H 201 -19.80 39.49 -16.04
N ALA H 202 -20.15 39.38 -17.32
CA ALA H 202 -20.86 40.45 -18.00
C ALA H 202 -22.30 40.58 -17.51
N ARG H 203 -22.88 39.50 -17.00
CA ARG H 203 -24.25 39.50 -16.54
C ARG H 203 -24.37 40.33 -15.25
N ALA H 204 -25.59 40.78 -14.98
CA ALA H 204 -25.87 41.63 -13.84
C ALA H 204 -25.54 40.91 -12.53
N ALA H 205 -24.61 41.47 -11.76
CA ALA H 205 -24.17 40.83 -10.53
C ALA H 205 -25.19 40.92 -9.40
N ALA H 206 -26.14 41.85 -9.49
CA ALA H 206 -27.08 42.04 -8.40
C ALA H 206 -28.15 40.96 -8.34
N LEU H 207 -28.45 40.31 -9.47
CA LEU H 207 -29.63 39.47 -9.58
C LEU H 207 -29.33 37.99 -9.80
N ASN H 208 -28.09 37.62 -10.08
CA ASN H 208 -27.79 36.29 -10.61
C ASN H 208 -26.85 35.52 -9.69
N ILE H 209 -26.77 34.22 -9.96
CA ILE H 209 -25.71 33.37 -9.44
C ILE H 209 -24.70 33.19 -10.57
N VAL H 210 -23.48 33.67 -10.37
CA VAL H 210 -22.47 33.72 -11.42
C VAL H 210 -21.36 32.74 -11.06
N PRO H 211 -21.11 31.73 -11.89
CA PRO H 211 -19.92 30.88 -11.69
C PRO H 211 -18.71 31.44 -12.42
N THR H 212 -17.55 31.33 -11.76
CA THR H 212 -16.29 31.74 -12.37
C THR H 212 -15.18 30.83 -11.86
N SER H 213 -14.27 30.46 -12.76
CA SER H 213 -13.15 29.60 -12.39
C SER H 213 -12.19 30.33 -11.46
N THR H 214 -11.58 29.58 -10.55
CA THR H 214 -10.71 30.14 -9.53
C THR H 214 -9.44 29.32 -9.43
N GLY H 215 -8.29 30.00 -9.43
CA GLY H 215 -7.04 29.35 -9.09
C GLY H 215 -6.82 29.14 -7.61
N ALA H 216 -7.82 29.48 -6.79
CA ALA H 216 -7.66 29.41 -5.34
C ALA H 216 -7.44 27.99 -4.85
N ALA H 217 -8.12 27.02 -5.47
CA ALA H 217 -7.98 25.64 -5.02
C ALA H 217 -6.62 25.06 -5.40
N LYS H 218 -6.01 25.55 -6.48
CA LYS H 218 -4.68 25.12 -6.85
C LYS H 218 -3.58 25.92 -6.15
N ALA H 219 -3.87 27.18 -5.80
CA ALA H 219 -2.87 28.05 -5.20
C ALA H 219 -2.42 27.56 -3.81
N VAL H 220 -3.23 26.72 -3.16
CA VAL H 220 -2.83 26.17 -1.87
C VAL H 220 -1.63 25.25 -2.02
N ALA H 221 -1.39 24.72 -3.22
CA ALA H 221 -0.18 23.94 -3.47
C ALA H 221 1.08 24.78 -3.36
N LEU H 222 0.97 26.10 -3.55
CA LEU H 222 2.12 26.96 -3.36
C LEU H 222 2.52 27.05 -1.89
N VAL H 223 1.54 27.34 -1.02
CA VAL H 223 1.83 27.41 0.41
C VAL H 223 1.92 26.02 1.05
N LEU H 224 1.39 24.99 0.39
CA LEU H 224 1.44 23.62 0.88
C LEU H 224 1.95 22.74 -0.26
N PRO H 225 3.27 22.55 -0.38
CA PRO H 225 3.80 21.74 -1.48
C PRO H 225 3.38 20.28 -1.42
N ASN H 226 3.01 19.78 -0.24
CA ASN H 226 2.65 18.37 -0.11
C ASN H 226 1.30 18.05 -0.75
N LEU H 227 0.46 19.05 -0.99
CA LEU H 227 -0.86 18.86 -1.58
C LEU H 227 -0.89 19.27 -3.05
N LYS H 228 0.21 19.07 -3.78
CA LYS H 228 0.32 19.53 -5.15
C LYS H 228 -0.62 18.74 -6.05
N GLY H 229 -1.56 19.44 -6.68
CA GLY H 229 -2.41 18.86 -7.70
C GLY H 229 -3.54 17.99 -7.19
N LYS H 230 -3.85 18.02 -5.89
CA LYS H 230 -4.89 17.18 -5.33
C LYS H 230 -6.19 17.92 -5.06
N LEU H 231 -6.26 19.21 -5.39
CA LEU H 231 -7.45 20.02 -5.13
C LEU H 231 -7.84 20.81 -6.36
N ASN H 232 -9.14 21.03 -6.52
CA ASN H 232 -9.68 21.88 -7.58
C ASN H 232 -11.05 22.38 -7.13
N GLY H 233 -11.65 23.25 -7.92
CA GLY H 233 -12.98 23.73 -7.61
C GLY H 233 -13.28 25.06 -8.27
N ILE H 234 -14.54 25.46 -8.14
CA ILE H 234 -15.07 26.66 -8.77
C ILE H 234 -15.66 27.60 -7.73
N ALA H 235 -16.17 28.75 -8.17
CA ALA H 235 -16.81 29.72 -7.28
C ALA H 235 -18.17 30.10 -7.85
N LEU H 236 -19.07 30.49 -6.95
CA LEU H 236 -20.40 30.97 -7.31
C LEU H 236 -20.61 32.35 -6.71
N ARG H 237 -20.82 33.35 -7.56
CA ARG H 237 -21.06 34.72 -7.12
C ARG H 237 -22.54 34.91 -6.82
N VAL H 238 -22.85 35.52 -5.68
CA VAL H 238 -24.22 35.63 -5.20
C VAL H 238 -24.45 37.04 -4.69
N PRO H 239 -25.73 37.48 -4.62
CA PRO H 239 -26.01 38.86 -4.19
C PRO H 239 -25.77 39.14 -2.71
N THR H 240 -24.57 38.84 -2.22
CA THR H 240 -24.11 39.31 -0.93
C THR H 240 -22.96 40.27 -1.14
N PRO H 241 -22.96 41.44 -0.51
CA PRO H 241 -21.85 42.39 -0.75
C PRO H 241 -20.54 41.98 -0.10
N ASN H 242 -20.55 41.48 1.14
CA ASN H 242 -19.31 41.28 1.87
C ASN H 242 -19.01 39.81 2.16
N VAL H 243 -19.88 39.11 2.85
CA VAL H 243 -19.51 37.82 3.42
C VAL H 243 -19.65 36.72 2.37
N SER H 244 -18.71 35.78 2.40
CA SER H 244 -18.72 34.63 1.51
C SER H 244 -18.42 33.38 2.34
N VAL H 245 -18.63 32.22 1.73
CA VAL H 245 -18.47 30.94 2.42
C VAL H 245 -17.86 29.94 1.44
N VAL H 246 -16.92 29.13 1.93
CA VAL H 246 -16.34 28.06 1.13
C VAL H 246 -16.89 26.73 1.64
N ASP H 247 -17.01 25.79 0.72
CA ASP H 247 -17.47 24.44 1.00
C ASP H 247 -16.43 23.48 0.45
N LEU H 248 -15.91 22.60 1.30
CA LEU H 248 -14.81 21.72 0.94
C LEU H 248 -15.20 20.27 1.17
N VAL H 249 -15.02 19.44 0.15
CA VAL H 249 -15.21 18.00 0.27
C VAL H 249 -13.87 17.34 -0.06
N VAL H 250 -13.34 16.57 0.89
CA VAL H 250 -12.05 15.92 0.73
C VAL H 250 -12.17 14.44 1.03
N GLN H 251 -11.29 13.65 0.42
CA GLN H 251 -11.16 12.23 0.72
C GLN H 251 -9.93 12.06 1.62
N VAL H 252 -10.17 11.73 2.87
CA VAL H 252 -9.12 11.66 3.87
C VAL H 252 -8.63 10.21 3.99
N SER H 253 -7.35 10.04 4.32
CA SER H 253 -6.79 8.70 4.45
C SER H 253 -7.30 8.00 5.71
N LYS H 254 -7.22 8.67 6.85
CA LYS H 254 -7.61 8.07 8.12
C LYS H 254 -9.13 8.06 8.25
N LYS H 255 -9.68 6.91 8.62
CA LYS H 255 -11.12 6.81 8.90
C LYS H 255 -11.47 7.66 10.11
N THR H 256 -12.53 8.47 9.97
CA THR H 256 -12.90 9.41 11.02
C THR H 256 -14.40 9.67 10.94
N PHE H 257 -14.89 10.54 11.83
CA PHE H 257 -16.29 10.93 11.84
C PHE H 257 -16.39 12.42 12.11
N ALA H 258 -17.63 12.93 12.14
CA ALA H 258 -17.87 14.37 12.04
C ALA H 258 -17.37 15.12 13.26
N GLU H 259 -17.72 14.66 14.47
CA GLU H 259 -17.41 15.41 15.67
C GLU H 259 -15.90 15.49 15.92
N GLU H 260 -15.14 14.49 15.47
CA GLU H 260 -13.69 14.55 15.63
C GLU H 260 -13.07 15.60 14.71
N VAL H 261 -13.69 15.84 13.55
CA VAL H 261 -13.19 16.86 12.63
C VAL H 261 -13.31 18.25 13.27
N ASN H 262 -14.45 18.52 13.92
CA ASN H 262 -14.64 19.81 14.58
C ASN H 262 -13.82 19.89 15.86
N ALA H 263 -13.74 18.78 16.61
CA ALA H 263 -12.95 18.78 17.83
C ALA H 263 -11.46 18.96 17.54
N ALA H 264 -10.98 18.43 16.41
CA ALA H 264 -9.60 18.68 16.01
C ALA H 264 -9.39 20.13 15.62
N PHE H 265 -10.43 20.77 15.06
CA PHE H 265 -10.33 22.18 14.71
C PHE H 265 -10.25 23.06 15.94
N ARG H 266 -11.13 22.81 16.93
CA ARG H 266 -11.07 23.55 18.18
C ARG H 266 -9.73 23.36 18.87
N ASP H 267 -9.17 22.15 18.79
CA ASP H 267 -7.82 21.91 19.28
C ASP H 267 -6.81 22.74 18.50
N SER H 268 -6.94 22.76 17.18
CA SER H 268 -6.00 23.51 16.35
C SER H 268 -6.28 25.01 16.40
N ALA H 269 -7.53 25.40 16.69
CA ALA H 269 -7.85 26.83 16.73
C ALA H 269 -7.16 27.52 17.91
N GLU H 270 -7.25 26.92 19.10
CA GLU H 270 -6.70 27.59 20.29
C GLU H 270 -5.19 27.46 20.39
N LYS H 271 -4.61 26.37 19.88
CA LYS H 271 -3.20 26.08 20.11
C LYS H 271 -2.29 26.76 19.10
N GLU H 272 -2.51 26.51 17.81
CA GLU H 272 -1.58 26.93 16.76
C GLU H 272 -2.11 28.05 15.89
N LEU H 273 -3.39 28.01 15.52
CA LEU H 273 -3.97 29.00 14.61
C LEU H 273 -4.81 30.03 15.35
N LYS H 274 -4.44 30.37 16.58
CA LYS H 274 -5.19 31.35 17.36
C LYS H 274 -5.11 32.72 16.70
N GLY H 275 -6.27 33.30 16.42
CA GLY H 275 -6.37 34.53 15.68
C GLY H 275 -6.57 34.35 14.19
N ILE H 276 -6.39 33.15 13.67
CA ILE H 276 -6.60 32.89 12.25
C ILE H 276 -7.76 31.94 12.00
N LEU H 277 -8.03 31.00 12.90
CA LEU H 277 -9.12 30.04 12.75
C LEU H 277 -10.03 30.10 13.98
N ASP H 278 -11.33 30.05 13.74
CA ASP H 278 -12.31 29.89 14.81
C ASP H 278 -13.36 28.88 14.36
N VAL H 279 -13.99 28.25 15.34
CA VAL H 279 -15.06 27.28 15.11
C VAL H 279 -16.32 27.80 15.79
N CYS H 280 -17.42 27.80 15.05
CA CYS H 280 -18.69 28.36 15.51
C CYS H 280 -19.67 27.24 15.81
N ASP H 281 -20.33 27.33 16.98
CA ASP H 281 -21.30 26.34 17.42
C ASP H 281 -22.73 26.85 17.37
N GLU H 282 -22.94 28.12 17.00
CA GLU H 282 -24.27 28.70 17.01
C GLU H 282 -24.84 28.78 15.60
N PRO H 283 -26.16 28.65 15.44
CA PRO H 283 -26.76 28.78 14.10
C PRO H 283 -26.73 30.21 13.62
N LEU H 284 -25.84 30.50 12.67
CA LEU H 284 -25.63 31.87 12.21
C LEU H 284 -25.90 31.96 10.72
N VAL H 285 -25.81 33.19 10.21
CA VAL H 285 -25.98 33.50 8.81
C VAL H 285 -24.78 34.34 8.37
N SER H 286 -24.77 34.70 7.08
CA SER H 286 -23.57 35.30 6.49
C SER H 286 -23.22 36.63 7.14
N VAL H 287 -24.20 37.53 7.27
CA VAL H 287 -23.91 38.87 7.75
C VAL H 287 -23.47 38.89 9.21
N ASP H 288 -23.69 37.79 9.95
CA ASP H 288 -23.22 37.73 11.33
C ASP H 288 -21.70 37.68 11.42
N PHE H 289 -21.01 37.36 10.34
CA PHE H 289 -19.56 37.29 10.31
C PHE H 289 -18.93 38.56 9.72
N ARG H 290 -19.69 39.66 9.67
CA ARG H 290 -19.12 40.92 9.20
C ARG H 290 -18.09 41.44 10.19
N CYS H 291 -16.97 41.93 9.66
CA CYS H 291 -15.86 42.47 10.45
C CYS H 291 -15.33 41.43 11.43
N SER H 292 -15.03 40.25 10.91
CA SER H 292 -14.46 39.16 11.70
C SER H 292 -12.97 39.08 11.41
N ASP H 293 -12.15 39.25 12.47
CA ASP H 293 -10.71 39.20 12.31
C ASP H 293 -10.21 37.83 11.87
N PHE H 294 -10.98 36.78 12.12
CA PHE H 294 -10.55 35.43 11.76
C PHE H 294 -10.53 35.25 10.25
N SER H 295 -9.48 34.60 9.76
CA SER H 295 -9.42 34.27 8.33
C SER H 295 -10.51 33.27 7.95
N THR H 296 -10.72 32.26 8.79
CA THR H 296 -11.70 31.21 8.55
C THR H 296 -12.55 31.02 9.80
N THR H 297 -13.84 30.80 9.60
CA THR H 297 -14.76 30.50 10.69
C THR H 297 -15.56 29.26 10.32
N ILE H 298 -15.41 28.20 11.10
CA ILE H 298 -16.01 26.90 10.80
C ILE H 298 -17.40 26.83 11.42
N ASP H 299 -18.35 26.30 10.66
CA ASP H 299 -19.70 26.05 11.14
C ASP H 299 -19.78 24.59 11.55
N SER H 300 -19.59 24.33 12.85
CA SER H 300 -19.50 22.96 13.35
C SER H 300 -20.80 22.18 13.13
N SER H 301 -21.95 22.86 13.20
CA SER H 301 -23.22 22.21 12.95
C SER H 301 -23.42 21.81 11.50
N LEU H 302 -22.55 22.26 10.59
CA LEU H 302 -22.65 21.92 9.18
C LEU H 302 -21.62 20.90 8.73
N THR H 303 -20.78 20.40 9.64
CA THR H 303 -19.79 19.40 9.29
C THR H 303 -20.45 18.05 9.06
N MET H 304 -20.09 17.40 7.96
CA MET H 304 -20.62 16.07 7.63
C MET H 304 -19.50 15.21 7.07
N VAL H 305 -19.54 13.92 7.39
CA VAL H 305 -18.66 12.93 6.79
C VAL H 305 -19.51 11.82 6.19
N MET H 306 -19.08 11.33 5.03
CA MET H 306 -19.78 10.25 4.34
C MET H 306 -18.89 9.02 4.28
N GLY H 307 -19.51 7.85 4.43
CA GLY H 307 -18.74 6.64 4.62
C GLY H 307 -17.93 6.76 5.90
N ASP H 308 -16.62 6.72 5.77
CA ASP H 308 -15.73 7.02 6.89
C ASP H 308 -14.55 7.88 6.50
N ASP H 309 -14.43 8.28 5.23
CA ASP H 309 -13.24 8.99 4.77
C ASP H 309 -13.54 10.13 3.80
N MET H 310 -14.79 10.51 3.60
CA MET H 310 -15.14 11.66 2.77
C MET H 310 -15.72 12.74 3.69
N VAL H 311 -15.01 13.85 3.84
CA VAL H 311 -15.31 14.86 4.82
C VAL H 311 -15.75 16.14 4.12
N LYS H 312 -16.90 16.68 4.51
CA LYS H 312 -17.36 17.98 4.06
C LYS H 312 -17.31 18.97 5.23
N VAL H 313 -16.68 20.11 5.01
CA VAL H 313 -16.61 21.18 6.00
C VAL H 313 -17.01 22.49 5.34
N ILE H 314 -17.72 23.33 6.10
CA ILE H 314 -18.20 24.62 5.62
C ILE H 314 -17.51 25.71 6.44
N ALA H 315 -16.90 26.68 5.76
CA ALA H 315 -16.09 27.70 6.41
C ALA H 315 -16.55 29.09 5.99
N TRP H 316 -16.99 29.88 6.96
CA TRP H 316 -17.30 31.29 6.75
C TRP H 316 -16.04 32.13 6.79
N TYR H 317 -16.10 33.29 6.14
CA TYR H 317 -15.00 34.23 6.11
C TYR H 317 -15.44 35.54 5.48
N ASP H 318 -14.85 36.64 5.95
CA ASP H 318 -15.09 37.96 5.42
C ASP H 318 -14.00 38.27 4.40
N ASN H 319 -14.40 38.48 3.14
CA ASN H 319 -13.41 38.68 2.09
C ASN H 319 -12.71 40.03 2.22
N GLU H 320 -13.46 41.08 2.57
CA GLU H 320 -12.89 42.42 2.58
C GLU H 320 -12.10 42.69 3.86
N TRP H 321 -12.74 42.58 5.02
CA TRP H 321 -12.06 42.89 6.27
C TRP H 321 -11.08 41.78 6.67
N GLY H 322 -11.54 40.52 6.63
CA GLY H 322 -10.73 39.44 7.16
C GLY H 322 -9.44 39.21 6.40
N TYR H 323 -9.50 39.37 5.07
CA TYR H 323 -8.29 39.18 4.27
C TYR H 323 -7.32 40.34 4.44
N SER H 324 -7.83 41.57 4.50
CA SER H 324 -6.97 42.74 4.64
C SER H 324 -6.26 42.75 6.00
N GLN H 325 -6.92 42.23 7.03
CA GLN H 325 -6.28 42.12 8.34
C GLN H 325 -5.05 41.22 8.29
N ARG H 326 -5.06 40.21 7.41
CA ARG H 326 -3.89 39.35 7.25
C ARG H 326 -2.78 40.06 6.50
N VAL H 327 -3.12 40.98 5.59
CA VAL H 327 -2.10 41.80 4.96
C VAL H 327 -1.42 42.71 5.99
N VAL H 328 -2.22 43.28 6.90
CA VAL H 328 -1.64 43.99 8.03
C VAL H 328 -0.80 43.05 8.88
N ASP H 329 -1.24 41.80 9.02
CA ASP H 329 -0.48 40.82 9.79
C ASP H 329 0.82 40.47 9.08
N LEU H 330 0.79 40.31 7.75
CA LEU H 330 2.01 40.00 7.01
C LEU H 330 2.95 41.19 6.99
N ALA H 331 2.42 42.41 6.87
CA ALA H 331 3.26 43.60 6.87
C ALA H 331 3.96 43.77 8.21
N ASP H 332 3.32 43.35 9.30
CA ASP H 332 4.02 43.28 10.58
C ASP H 332 5.12 42.23 10.57
N ILE H 333 4.92 41.14 9.82
CA ILE H 333 5.95 40.10 9.73
C ILE H 333 7.15 40.60 8.94
N VAL H 334 6.90 41.31 7.84
CA VAL H 334 8.00 41.92 7.09
C VAL H 334 8.71 42.95 7.95
N ALA H 335 7.95 43.72 8.72
CA ALA H 335 8.52 44.79 9.56
C ALA H 335 9.53 44.23 10.56
N ASN H 336 9.16 43.14 11.24
CA ASN H 336 10.06 42.56 12.23
C ASN H 336 11.31 41.99 11.57
N ASN H 337 11.14 41.25 10.48
CA ASN H 337 12.28 40.68 9.76
C ASN H 337 13.02 41.72 8.91
N TRP H 338 12.47 42.91 8.74
CA TRP H 338 13.12 43.97 7.99
C TRP H 338 14.42 44.42 8.67
N LYS H 339 15.55 44.17 8.03
CA LYS H 339 16.83 44.63 8.55
C LYS H 339 17.92 44.62 7.47
N GLU I 6 -25.02 -33.90 -6.04
CA GLU I 6 -25.56 -33.88 -7.39
C GLU I 6 -24.44 -33.91 -8.42
N THR I 7 -24.60 -34.76 -9.43
CA THR I 7 -23.58 -34.97 -10.45
C THR I 7 -23.72 -33.94 -11.56
N ILE I 8 -22.59 -33.64 -12.20
CA ILE I 8 -22.54 -32.68 -13.31
C ILE I 8 -22.09 -33.43 -14.55
N VAL I 9 -22.88 -33.31 -15.62
CA VAL I 9 -22.64 -34.03 -16.87
C VAL I 9 -22.19 -33.04 -17.93
N ILE I 10 -21.02 -33.30 -18.52
CA ILE I 10 -20.53 -32.52 -19.65
C ILE I 10 -20.51 -33.42 -20.87
N GLY I 11 -20.75 -32.82 -22.04
CA GLY I 11 -20.83 -33.55 -23.28
C GLY I 11 -19.63 -33.35 -24.18
N LEU I 12 -18.94 -34.44 -24.52
CA LEU I 12 -17.78 -34.40 -25.41
C LEU I 12 -18.16 -35.07 -26.72
N ALA I 13 -18.21 -34.28 -27.79
CA ALA I 13 -18.51 -34.79 -29.12
C ALA I 13 -17.19 -34.80 -29.91
N ALA I 14 -16.59 -35.98 -30.04
CA ALA I 14 -15.30 -36.10 -30.71
C ALA I 14 -15.27 -37.32 -31.60
N ASP I 15 -14.87 -37.12 -32.86
CA ASP I 15 -14.66 -38.26 -33.75
C ASP I 15 -13.46 -39.06 -33.23
N SER I 16 -13.58 -40.37 -33.34
CA SER I 16 -12.53 -41.31 -32.93
C SER I 16 -12.11 -41.13 -31.47
N GLY I 17 -12.98 -40.58 -30.63
CA GLY I 17 -12.62 -40.39 -29.25
C GLY I 17 -12.54 -41.71 -28.53
N CYS I 18 -13.15 -42.74 -29.12
CA CYS I 18 -13.48 -43.92 -28.33
C CYS I 18 -12.32 -44.90 -28.27
N GLY I 19 -11.50 -45.01 -29.32
CA GLY I 19 -10.21 -45.68 -29.15
C GLY I 19 -9.35 -45.02 -28.09
N LYS I 20 -9.03 -43.74 -28.29
CA LYS I 20 -8.28 -42.91 -27.36
C LYS I 20 -8.34 -41.49 -27.86
N SER I 21 -8.22 -40.53 -26.93
CA SER I 21 -8.15 -39.13 -27.32
C SER I 21 -7.29 -38.39 -26.32
N THR I 22 -6.41 -37.53 -26.83
CA THR I 22 -5.51 -36.77 -25.95
C THR I 22 -6.28 -35.81 -25.07
N PHE I 23 -7.29 -35.13 -25.63
CA PHE I 23 -8.13 -34.21 -24.85
C PHE I 23 -8.69 -34.89 -23.62
N MET I 24 -9.20 -36.11 -23.81
CA MET I 24 -9.76 -36.87 -22.70
C MET I 24 -8.73 -37.07 -21.58
N ARG I 25 -7.49 -37.39 -21.94
CA ARG I 25 -6.48 -37.59 -20.92
C ARG I 25 -6.16 -36.29 -20.18
N ARG I 26 -6.20 -35.16 -20.88
CA ARG I 26 -5.92 -33.88 -20.23
C ARG I 26 -7.03 -33.50 -19.27
N LEU I 27 -8.29 -33.76 -19.64
CA LEU I 27 -9.42 -33.37 -18.81
C LEU I 27 -9.40 -34.09 -17.47
N THR I 28 -9.01 -35.36 -17.47
CA THR I 28 -8.97 -36.13 -16.22
C THR I 28 -7.87 -35.63 -15.29
N SER I 29 -6.71 -35.27 -15.86
CA SER I 29 -5.60 -34.81 -15.03
C SER I 29 -5.92 -33.49 -14.35
N VAL I 30 -6.73 -32.64 -14.98
CA VAL I 30 -7.13 -31.38 -14.36
C VAL I 30 -8.00 -31.64 -13.14
N PHE I 31 -8.99 -32.53 -13.29
CA PHE I 31 -9.99 -32.71 -12.24
C PHE I 31 -9.49 -33.57 -11.09
N GLY I 32 -8.61 -34.53 -11.36
CA GLY I 32 -8.13 -35.37 -10.28
C GLY I 32 -7.02 -36.34 -10.61
N GLY I 33 -7.13 -37.56 -10.08
CA GLY I 33 -6.04 -38.52 -10.13
C GLY I 33 -5.93 -39.26 -11.45
N ALA I 34 -5.30 -40.43 -11.37
CA ALA I 34 -4.98 -41.21 -12.56
C ALA I 34 -6.24 -41.76 -13.23
N ALA I 35 -6.24 -41.74 -14.56
CA ALA I 35 -7.35 -42.26 -15.35
C ALA I 35 -7.11 -43.74 -15.60
N LYS I 36 -7.99 -44.59 -15.05
CA LYS I 36 -7.85 -46.02 -15.19
C LYS I 36 -9.18 -46.65 -15.57
N PRO I 37 -9.15 -47.75 -16.32
CA PRO I 37 -10.39 -48.48 -16.64
C PRO I 37 -10.98 -49.11 -15.39
N PRO I 38 -12.22 -49.61 -15.45
CA PRO I 38 -12.81 -50.27 -14.28
C PRO I 38 -12.01 -51.50 -13.89
N LYS I 39 -11.91 -51.72 -12.58
CA LYS I 39 -11.09 -52.79 -12.04
C LYS I 39 -11.78 -54.14 -12.23
N GLY I 40 -11.07 -55.09 -12.83
CA GLY I 40 -11.63 -56.40 -13.06
C GLY I 40 -12.76 -56.36 -14.09
N GLY I 41 -13.56 -57.42 -14.06
CA GLY I 41 -14.71 -57.49 -14.96
C GLY I 41 -14.28 -57.67 -16.40
N ASN I 42 -14.91 -56.89 -17.29
CA ASN I 42 -14.65 -57.03 -18.71
C ASN I 42 -13.40 -56.24 -19.10
N PRO I 43 -12.54 -56.80 -19.95
CA PRO I 43 -11.33 -56.09 -20.37
C PRO I 43 -11.59 -55.00 -21.40
N ASP I 44 -12.50 -55.25 -22.34
CA ASP I 44 -12.71 -54.36 -23.49
C ASP I 44 -13.58 -53.16 -23.17
N SER I 45 -13.80 -52.84 -21.90
CA SER I 45 -14.64 -51.71 -21.52
C SER I 45 -14.01 -50.40 -21.95
N ASN I 46 -14.74 -49.61 -22.74
CA ASN I 46 -14.32 -48.26 -23.12
C ASN I 46 -14.53 -47.25 -22.00
N THR I 47 -15.23 -47.64 -20.94
CA THR I 47 -15.39 -46.86 -19.74
C THR I 47 -14.05 -46.64 -19.07
N LEU I 48 -13.84 -45.42 -18.60
CA LEU I 48 -12.77 -45.12 -17.67
C LEU I 48 -13.33 -44.42 -16.46
N ILE I 49 -12.88 -44.89 -15.29
CA ILE I 49 -13.32 -44.35 -14.00
C ILE I 49 -12.11 -43.84 -13.23
N SER I 50 -12.17 -42.59 -12.80
CA SER I 50 -11.14 -42.03 -11.92
C SER I 50 -11.77 -41.65 -10.59
N ASP I 51 -10.95 -41.12 -9.69
CA ASP I 51 -11.40 -40.80 -8.34
C ASP I 51 -12.46 -39.72 -8.34
N THR I 52 -12.37 -38.78 -9.28
CA THR I 52 -13.32 -37.68 -9.39
C THR I 52 -14.13 -37.67 -10.69
N THR I 53 -13.78 -38.48 -11.69
CA THR I 53 -14.49 -38.44 -12.96
C THR I 53 -14.77 -39.86 -13.43
N THR I 54 -15.86 -40.02 -14.18
CA THR I 54 -16.18 -41.26 -14.88
C THR I 54 -16.50 -40.86 -16.30
N VAL I 55 -15.71 -41.38 -17.24
CA VAL I 55 -15.85 -41.07 -18.66
C VAL I 55 -16.38 -42.31 -19.37
N ILE I 56 -17.38 -42.12 -20.24
CA ILE I 56 -18.03 -43.16 -21.05
C ILE I 56 -17.82 -42.81 -22.51
N CYS I 57 -17.10 -43.63 -23.19
CA CYS I 57 -17.18 -43.57 -24.63
C CYS I 57 -18.56 -44.02 -25.03
N LEU I 58 -19.24 -43.26 -25.87
CA LEU I 58 -20.64 -43.52 -26.16
C LEU I 58 -20.85 -44.59 -27.22
N ASP I 59 -19.80 -45.25 -27.72
CA ASP I 59 -20.04 -46.37 -28.64
C ASP I 59 -20.83 -47.48 -27.96
N ASP I 60 -20.77 -47.57 -26.64
CA ASP I 60 -21.42 -48.69 -25.97
C ASP I 60 -22.94 -48.67 -26.12
N TYR I 61 -23.53 -47.56 -26.48
CA TYR I 61 -24.99 -47.44 -26.61
C TYR I 61 -25.50 -47.74 -28.01
N HIS I 62 -24.66 -48.27 -28.89
CA HIS I 62 -25.10 -48.72 -30.20
C HIS I 62 -26.20 -49.76 -30.03
N SER I 63 -27.27 -49.63 -30.80
CA SER I 63 -28.39 -50.57 -30.72
C SER I 63 -28.12 -51.83 -31.55
N LEU I 64 -27.29 -51.73 -32.59
CA LEU I 64 -26.98 -52.84 -33.45
C LEU I 64 -25.48 -53.10 -33.44
N ASP I 65 -25.10 -54.38 -33.32
CA ASP I 65 -23.69 -54.73 -33.39
C ASP I 65 -23.17 -54.57 -34.81
N ARG I 66 -21.89 -54.87 -35.00
CA ARG I 66 -21.23 -54.62 -36.28
C ARG I 66 -21.90 -55.37 -37.43
N TYR I 67 -22.23 -56.65 -37.20
CA TYR I 67 -22.88 -57.42 -38.24
C TYR I 67 -24.31 -56.97 -38.47
N GLY I 68 -24.96 -56.45 -37.42
CA GLY I 68 -26.27 -55.83 -37.62
C GLY I 68 -26.21 -54.58 -38.47
N ARG I 69 -25.11 -53.82 -38.37
CA ARG I 69 -24.94 -52.67 -39.25
C ARG I 69 -24.68 -53.11 -40.69
N LYS I 70 -23.92 -54.19 -40.88
CA LYS I 70 -23.70 -54.71 -42.22
C LYS I 70 -24.95 -55.39 -42.77
N GLU I 71 -25.73 -56.04 -41.89
CA GLU I 71 -26.99 -56.64 -42.33
C GLU I 71 -27.99 -55.57 -42.75
N GLN I 72 -28.18 -54.55 -41.92
CA GLN I 72 -29.12 -53.48 -42.19
C GLN I 72 -28.56 -52.43 -43.15
N LYS I 73 -27.30 -52.59 -43.59
CA LYS I 73 -26.67 -51.71 -44.56
C LYS I 73 -26.65 -50.27 -44.06
N VAL I 74 -25.98 -50.06 -42.92
CA VAL I 74 -25.98 -48.77 -42.25
C VAL I 74 -24.63 -48.59 -41.55
N THR I 75 -24.28 -47.34 -41.30
CA THR I 75 -23.02 -46.99 -40.63
C THR I 75 -23.27 -46.65 -39.17
N ALA I 76 -22.18 -46.61 -38.40
CA ALA I 76 -22.27 -46.30 -36.97
C ALA I 76 -22.69 -44.86 -36.74
N LEU I 77 -22.28 -43.94 -37.63
CA LEU I 77 -22.68 -42.54 -37.48
C LEU I 77 -24.16 -42.33 -37.69
N ASP I 78 -24.83 -43.26 -38.36
CA ASP I 78 -26.26 -43.11 -38.64
C ASP I 78 -27.05 -43.25 -37.34
N PRO I 79 -28.02 -42.37 -37.09
CA PRO I 79 -28.75 -42.42 -35.81
C PRO I 79 -29.72 -43.58 -35.67
N ARG I 80 -30.00 -44.31 -36.76
CA ARG I 80 -30.84 -45.50 -36.65
C ARG I 80 -30.18 -46.59 -35.81
N ALA I 81 -28.84 -46.63 -35.82
CA ALA I 81 -28.10 -47.68 -35.12
C ALA I 81 -27.97 -47.42 -33.62
N ASN I 82 -28.42 -46.28 -33.13
CA ASN I 82 -28.28 -45.92 -31.72
C ASN I 82 -29.62 -45.90 -31.01
N ASP I 83 -29.58 -46.22 -29.71
CA ASP I 83 -30.74 -46.12 -28.83
C ASP I 83 -30.61 -44.79 -28.08
N PHE I 84 -31.50 -43.85 -28.40
CA PHE I 84 -31.53 -42.56 -27.73
C PHE I 84 -32.61 -42.47 -26.67
N ASP I 85 -33.35 -43.55 -26.43
CA ASP I 85 -34.21 -43.65 -25.26
C ASP I 85 -33.46 -44.24 -24.07
N LEU I 86 -32.69 -45.31 -24.30
CA LEU I 86 -31.86 -45.86 -23.23
C LEU I 86 -30.78 -44.88 -22.82
N MET I 87 -30.17 -44.18 -23.78
CA MET I 87 -29.18 -43.16 -23.46
C MET I 87 -29.80 -42.03 -22.65
N TYR I 88 -31.04 -41.67 -22.97
CA TYR I 88 -31.73 -40.66 -22.18
C TYR I 88 -32.03 -41.18 -20.78
N GLU I 89 -32.43 -42.45 -20.66
CA GLU I 89 -32.86 -42.98 -19.36
C GLU I 89 -31.67 -43.16 -18.43
N GLN I 90 -30.62 -43.84 -18.88
CA GLN I 90 -29.51 -44.18 -18.00
C GLN I 90 -28.76 -42.94 -17.52
N VAL I 91 -28.53 -41.98 -18.42
CA VAL I 91 -27.87 -40.74 -18.02
C VAL I 91 -28.78 -39.91 -17.11
N LYS I 92 -30.10 -39.97 -17.34
CA LYS I 92 -31.03 -39.27 -16.46
C LYS I 92 -30.94 -39.80 -15.02
N ALA I 93 -30.87 -41.13 -14.87
CA ALA I 93 -30.72 -41.71 -13.54
C ALA I 93 -29.35 -41.39 -12.96
N LEU I 94 -28.31 -41.36 -13.79
CA LEU I 94 -26.96 -41.10 -13.29
C LEU I 94 -26.80 -39.64 -12.85
N LYS I 95 -27.46 -38.71 -13.54
CA LYS I 95 -27.44 -37.32 -13.08
C LYS I 95 -28.20 -37.17 -11.77
N ASN I 96 -29.19 -38.04 -11.54
CA ASN I 96 -29.91 -38.09 -10.27
C ASN I 96 -29.28 -39.06 -9.28
N GLY I 97 -28.04 -39.48 -9.52
CA GLY I 97 -27.30 -40.29 -8.57
C GLY I 97 -27.79 -41.71 -8.39
N ILE I 98 -28.24 -42.36 -9.46
CA ILE I 98 -28.73 -43.73 -9.42
C ILE I 98 -27.79 -44.60 -10.26
N ALA I 99 -27.17 -45.58 -9.63
CA ALA I 99 -26.29 -46.50 -10.34
C ALA I 99 -27.09 -47.35 -11.32
N VAL I 100 -26.58 -47.48 -12.55
CA VAL I 100 -27.29 -48.16 -13.62
C VAL I 100 -26.37 -49.19 -14.27
N GLU I 101 -26.99 -50.15 -14.95
CA GLU I 101 -26.28 -51.19 -15.68
C GLU I 101 -26.27 -50.84 -17.17
N LYS I 102 -25.09 -50.75 -17.74
CA LYS I 102 -24.89 -50.21 -19.07
C LYS I 102 -24.17 -51.22 -19.95
N PRO I 103 -24.64 -51.47 -21.17
CA PRO I 103 -23.92 -52.38 -22.07
C PRO I 103 -22.56 -51.82 -22.46
N ILE I 104 -21.72 -52.70 -23.00
CA ILE I 104 -20.39 -52.30 -23.46
C ILE I 104 -20.18 -52.85 -24.87
N TYR I 105 -19.82 -51.97 -25.80
CA TYR I 105 -19.54 -52.33 -27.18
C TYR I 105 -18.04 -52.48 -27.33
N ASN I 106 -17.58 -53.71 -27.55
CA ASN I 106 -16.15 -53.93 -27.76
C ASN I 106 -15.80 -53.68 -29.22
N HIS I 107 -14.58 -53.19 -29.43
CA HIS I 107 -14.14 -52.84 -30.78
C HIS I 107 -13.48 -54.00 -31.51
N VAL I 108 -12.85 -54.92 -30.78
CA VAL I 108 -12.10 -56.00 -31.41
C VAL I 108 -13.04 -56.94 -32.16
N THR I 109 -14.11 -57.39 -31.49
CA THR I 109 -15.05 -58.30 -32.12
C THR I 109 -16.29 -57.62 -32.67
N GLY I 110 -16.62 -56.43 -32.18
CA GLY I 110 -17.81 -55.74 -32.64
C GLY I 110 -19.11 -56.29 -32.09
N LEU I 111 -19.10 -56.78 -30.86
CA LEU I 111 -20.25 -57.44 -30.25
C LEU I 111 -20.83 -56.59 -29.14
N LEU I 112 -22.11 -56.79 -28.87
CA LEU I 112 -22.76 -56.20 -27.70
C LEU I 112 -22.58 -57.18 -26.54
N ASP I 113 -21.54 -56.96 -25.75
CA ASP I 113 -21.19 -57.84 -24.64
C ASP I 113 -22.16 -57.63 -23.48
N PRO I 114 -22.10 -58.48 -22.45
CA PRO I 114 -22.98 -58.29 -21.29
C PRO I 114 -22.79 -56.92 -20.67
N PRO I 115 -23.83 -56.40 -20.02
CA PRO I 115 -23.77 -55.02 -19.53
C PRO I 115 -22.80 -54.85 -18.36
N GLU I 116 -22.56 -53.59 -18.03
CA GLU I 116 -21.60 -53.20 -17.00
C GLU I 116 -22.26 -52.17 -16.08
N LEU I 117 -21.95 -52.27 -14.79
CA LEU I 117 -22.50 -51.36 -13.79
C LEU I 117 -21.49 -50.26 -13.48
N ILE I 118 -21.96 -49.02 -13.49
CA ILE I 118 -21.12 -47.85 -13.22
C ILE I 118 -21.73 -47.09 -12.05
N GLN I 119 -20.86 -46.58 -11.18
CA GLN I 119 -21.28 -45.80 -10.02
C GLN I 119 -21.49 -44.34 -10.40
N PRO I 120 -22.48 -43.67 -9.81
CA PRO I 120 -22.71 -42.26 -10.09
C PRO I 120 -21.54 -41.41 -9.65
N PRO I 121 -20.95 -40.64 -10.57
CA PRO I 121 -19.74 -39.87 -10.26
C PRO I 121 -20.06 -38.45 -9.79
N LYS I 122 -19.00 -37.77 -9.31
CA LYS I 122 -19.08 -36.32 -9.12
C LYS I 122 -19.14 -35.61 -10.47
N ILE I 123 -18.37 -36.07 -11.45
CA ILE I 123 -18.36 -35.50 -12.79
C ILE I 123 -18.51 -36.61 -13.81
N LEU I 124 -19.51 -36.51 -14.68
CA LEU I 124 -19.76 -37.47 -15.75
C LEU I 124 -19.51 -36.80 -17.09
N VAL I 125 -18.73 -37.46 -17.94
CA VAL I 125 -18.42 -36.96 -19.27
C VAL I 125 -18.64 -38.08 -20.27
N ILE I 126 -19.42 -37.80 -21.32
CA ILE I 126 -19.70 -38.76 -22.37
C ILE I 126 -18.96 -38.32 -23.62
N GLU I 127 -18.11 -39.20 -24.14
CA GLU I 127 -17.31 -38.93 -25.33
C GLU I 127 -17.78 -39.84 -26.45
N GLY I 128 -18.16 -39.26 -27.59
CA GLY I 128 -18.66 -40.06 -28.68
C GLY I 128 -19.12 -39.19 -29.82
N LEU I 129 -19.92 -39.79 -30.70
CA LEU I 129 -20.33 -39.14 -31.94
C LEU I 129 -21.63 -38.36 -31.82
N HIS I 130 -22.57 -38.81 -30.98
CA HIS I 130 -23.86 -38.15 -30.85
C HIS I 130 -24.21 -37.81 -29.40
N PRO I 131 -23.39 -37.01 -28.70
CA PRO I 131 -23.79 -36.63 -27.33
C PRO I 131 -24.89 -35.58 -27.30
N MET I 132 -24.91 -34.65 -28.26
CA MET I 132 -25.87 -33.55 -28.27
C MET I 132 -26.93 -33.72 -29.36
N PHE I 133 -27.06 -34.93 -29.91
CA PHE I 133 -27.99 -35.16 -31.00
C PHE I 133 -29.44 -35.15 -30.52
N ASP I 134 -29.77 -36.07 -29.61
CA ASP I 134 -31.14 -36.16 -29.11
C ASP I 134 -31.44 -34.97 -28.20
N GLU I 135 -32.59 -34.34 -28.44
CA GLU I 135 -32.96 -33.15 -27.67
C GLU I 135 -33.05 -33.45 -26.18
N ARG I 136 -33.45 -34.66 -25.81
CA ARG I 136 -33.54 -35.02 -24.40
C ARG I 136 -32.14 -35.15 -23.79
N VAL I 137 -31.22 -35.82 -24.48
CA VAL I 137 -29.85 -35.92 -23.99
C VAL I 137 -29.15 -34.56 -24.08
N ARG I 138 -29.54 -33.74 -25.06
CA ARG I 138 -28.93 -32.42 -25.22
C ARG I 138 -29.25 -31.51 -24.04
N ASP I 139 -30.44 -31.62 -23.45
CA ASP I 139 -30.83 -30.75 -22.35
C ASP I 139 -30.29 -31.21 -21.00
N LEU I 140 -29.86 -32.47 -20.90
CA LEU I 140 -29.25 -32.96 -19.66
C LEU I 140 -27.82 -32.47 -19.49
N LEU I 141 -27.14 -32.12 -20.57
CA LEU I 141 -25.73 -31.74 -20.51
C LEU I 141 -25.57 -30.36 -19.87
N ASP I 142 -24.69 -30.29 -18.87
CA ASP I 142 -24.36 -28.99 -18.28
C ASP I 142 -23.38 -28.22 -19.16
N PHE I 143 -22.45 -28.93 -19.79
CA PHE I 143 -21.52 -28.33 -20.74
C PHE I 143 -21.57 -29.11 -22.05
N SER I 144 -20.88 -28.59 -23.05
CA SER I 144 -20.89 -29.20 -24.39
C SER I 144 -19.60 -28.82 -25.10
N ILE I 145 -18.83 -29.81 -25.55
CA ILE I 145 -17.56 -29.60 -26.23
C ILE I 145 -17.56 -30.40 -27.53
N TYR I 146 -17.00 -29.79 -28.58
CA TYR I 146 -16.91 -30.44 -29.89
C TYR I 146 -15.51 -30.23 -30.45
N LEU I 147 -14.87 -31.30 -30.90
CA LEU I 147 -13.56 -31.23 -31.52
C LEU I 147 -13.74 -31.35 -33.04
N ASP I 148 -13.65 -30.22 -33.73
CA ASP I 148 -13.79 -30.20 -35.18
C ASP I 148 -12.42 -30.39 -35.82
N ILE I 149 -12.35 -31.29 -36.80
CA ILE I 149 -11.14 -31.56 -37.55
C ILE I 149 -11.47 -31.39 -39.02
N SER I 150 -10.81 -30.45 -39.69
CA SER I 150 -11.12 -30.19 -41.08
C SER I 150 -10.66 -31.35 -41.96
N ASN I 151 -11.14 -31.36 -43.21
CA ASN I 151 -10.91 -32.50 -44.09
C ASN I 151 -9.44 -32.65 -44.47
N GLU I 152 -8.71 -31.54 -44.60
CA GLU I 152 -7.32 -31.62 -45.05
C GLU I 152 -6.43 -32.20 -43.96
N VAL I 153 -6.64 -31.80 -42.70
CA VAL I 153 -5.83 -32.34 -41.61
C VAL I 153 -6.27 -33.77 -41.26
N LYS I 154 -7.56 -34.07 -41.37
CA LYS I 154 -8.03 -35.45 -41.18
C LYS I 154 -7.34 -36.40 -42.13
N PHE I 155 -7.32 -36.05 -43.42
CA PHE I 155 -6.63 -36.87 -44.41
C PHE I 155 -5.15 -37.04 -44.06
N ALA I 156 -4.49 -35.94 -43.68
CA ALA I 156 -3.09 -36.01 -43.32
C ALA I 156 -2.87 -36.79 -42.02
N TRP I 157 -3.73 -36.56 -41.03
CA TRP I 157 -3.60 -37.28 -39.76
C TRP I 157 -3.84 -38.77 -39.93
N LYS I 158 -4.89 -39.14 -40.65
CA LYS I 158 -5.22 -40.55 -40.83
C LYS I 158 -4.09 -41.30 -41.52
N ILE I 159 -3.50 -40.70 -42.55
CA ILE I 159 -2.37 -41.33 -43.23
C ILE I 159 -1.19 -41.45 -42.29
N GLN I 160 -0.66 -40.31 -41.83
CA GLN I 160 0.64 -40.29 -41.17
C GLN I 160 0.66 -41.09 -39.87
N ARG I 161 -0.49 -41.24 -39.22
CA ARG I 161 -0.55 -41.92 -37.93
C ARG I 161 -1.23 -43.29 -37.97
N ASP I 162 -1.95 -43.63 -39.04
CA ASP I 162 -2.80 -44.82 -39.06
C ASP I 162 -2.75 -45.53 -40.41
N MET I 163 -1.56 -45.75 -40.97
CA MET I 163 -1.48 -46.43 -42.26
C MET I 163 -0.19 -47.22 -42.39
N ALA I 164 -0.05 -47.87 -43.55
CA ALA I 164 1.08 -48.70 -44.04
C ALA I 164 1.08 -50.09 -43.44
N GLU I 165 0.00 -50.49 -42.77
CA GLU I 165 -0.02 -51.81 -42.15
C GLU I 165 -0.17 -52.92 -43.19
N ARG I 166 -1.17 -52.83 -44.05
CA ARG I 166 -1.40 -53.88 -45.04
C ARG I 166 -1.78 -53.30 -46.40
N GLY I 167 -1.03 -52.29 -46.85
CA GLY I 167 -1.09 -51.87 -48.23
C GLY I 167 -2.36 -51.21 -48.69
N HIS I 168 -3.12 -50.59 -47.79
CA HIS I 168 -4.23 -49.74 -48.19
C HIS I 168 -3.64 -48.36 -48.49
N SER I 169 -3.46 -48.05 -49.77
CA SER I 169 -2.68 -46.90 -50.18
C SER I 169 -3.49 -45.61 -49.97
N LEU I 170 -2.96 -44.50 -50.48
CA LEU I 170 -3.65 -43.22 -50.36
C LEU I 170 -4.98 -43.23 -51.09
N GLU I 171 -5.12 -44.08 -52.11
CA GLU I 171 -6.39 -44.21 -52.81
C GLU I 171 -7.46 -44.81 -51.91
N SER I 172 -7.08 -45.76 -51.05
CA SER I 172 -8.04 -46.41 -50.17
C SER I 172 -8.45 -45.52 -48.99
N ILE I 173 -7.53 -44.68 -48.51
CA ILE I 173 -7.83 -43.84 -47.36
C ILE I 173 -8.85 -42.77 -47.71
N LYS I 174 -8.62 -42.05 -48.81
CA LYS I 174 -9.52 -40.97 -49.21
C LYS I 174 -10.91 -41.50 -49.56
N ALA I 175 -10.99 -42.71 -50.12
CA ALA I 175 -12.28 -43.32 -50.41
C ALA I 175 -13.06 -43.59 -49.14
N SER I 176 -12.36 -43.97 -48.06
CA SER I 176 -13.02 -44.13 -46.77
C SER I 176 -13.52 -42.80 -46.23
N ILE I 177 -12.75 -41.73 -46.43
CA ILE I 177 -13.16 -40.41 -45.96
C ILE I 177 -14.35 -39.90 -46.77
N GLU I 178 -14.32 -40.08 -48.09
CA GLU I 178 -15.40 -39.63 -48.93
C GLU I 178 -16.69 -40.41 -48.70
N ALA I 179 -16.57 -41.70 -48.39
CA ALA I 179 -17.76 -42.52 -48.18
C ALA I 179 -18.48 -42.15 -46.88
N ARG I 180 -17.72 -41.86 -45.83
CA ARG I 180 -18.29 -41.50 -44.54
C ARG I 180 -18.67 -40.03 -44.45
N LYS I 181 -18.40 -39.24 -45.49
CA LYS I 181 -18.66 -37.80 -45.48
C LYS I 181 -20.15 -37.43 -45.56
N PRO I 182 -20.99 -38.08 -46.39
CA PRO I 182 -22.42 -37.69 -46.42
C PRO I 182 -23.13 -37.89 -45.09
N ASP I 183 -22.78 -38.93 -44.32
CA ASP I 183 -23.38 -39.11 -43.01
C ASP I 183 -22.76 -38.19 -41.97
N PHE I 184 -21.46 -37.91 -42.11
CA PHE I 184 -20.77 -37.03 -41.17
C PHE I 184 -21.31 -35.61 -41.25
N ASP I 185 -21.52 -35.09 -42.46
CA ASP I 185 -22.00 -33.73 -42.64
C ASP I 185 -23.47 -33.56 -42.32
N ALA I 186 -24.23 -34.65 -42.19
CA ALA I 186 -25.66 -34.57 -42.00
C ALA I 186 -26.14 -35.00 -40.62
N PHE I 187 -25.28 -35.63 -39.81
CA PHE I 187 -25.71 -36.08 -38.49
C PHE I 187 -24.73 -35.64 -37.40
N ILE I 188 -23.46 -35.50 -37.73
CA ILE I 188 -22.43 -35.20 -36.74
C ILE I 188 -22.08 -33.72 -36.76
N ASP I 189 -21.67 -33.23 -37.93
CA ASP I 189 -21.27 -31.83 -38.04
C ASP I 189 -22.35 -30.82 -37.67
N PRO I 190 -23.66 -31.03 -37.89
CA PRO I 190 -24.65 -30.09 -37.38
C PRO I 190 -24.72 -29.97 -35.86
N GLN I 191 -24.04 -30.83 -35.10
CA GLN I 191 -24.09 -30.74 -33.65
C GLN I 191 -23.33 -29.55 -33.08
N LYS I 192 -22.59 -28.81 -33.90
CA LYS I 192 -21.69 -27.77 -33.38
C LYS I 192 -22.45 -26.60 -32.77
N GLN I 193 -23.65 -26.29 -33.30
CA GLN I 193 -24.40 -25.13 -32.84
C GLN I 193 -24.73 -25.20 -31.35
N TYR I 194 -24.87 -26.41 -30.81
CA TYR I 194 -25.26 -26.59 -29.42
C TYR I 194 -24.06 -26.68 -28.49
N ALA I 195 -22.85 -26.80 -29.03
CA ALA I 195 -21.66 -26.91 -28.19
C ALA I 195 -21.32 -25.57 -27.55
N ASP I 196 -20.84 -25.62 -26.31
CA ASP I 196 -20.37 -24.42 -25.63
C ASP I 196 -18.96 -24.03 -26.05
N ALA I 197 -18.22 -24.95 -26.67
CA ALA I 197 -16.89 -24.67 -27.17
C ALA I 197 -16.56 -25.67 -28.25
N VAL I 198 -16.14 -25.17 -29.42
CA VAL I 198 -15.68 -26.03 -30.51
C VAL I 198 -14.21 -25.71 -30.79
N ILE I 199 -13.44 -26.77 -31.06
CA ILE I 199 -12.01 -26.65 -31.32
C ILE I 199 -11.79 -27.13 -32.74
N GLU I 200 -11.75 -26.20 -33.69
CA GLU I 200 -11.41 -26.53 -35.07
C GLU I 200 -9.90 -26.53 -35.23
N VAL I 201 -9.41 -27.44 -36.07
CA VAL I 201 -8.01 -27.42 -36.50
C VAL I 201 -7.99 -27.32 -38.03
N LEU I 202 -7.25 -26.35 -38.53
CA LEU I 202 -7.20 -26.03 -39.95
C LEU I 202 -5.76 -26.13 -40.44
N PRO I 203 -5.55 -26.29 -41.75
CA PRO I 203 -4.19 -26.27 -42.28
C PRO I 203 -3.48 -24.95 -41.99
N THR I 204 -2.15 -25.03 -41.97
CA THR I 204 -1.33 -23.90 -41.54
C THR I 204 -1.29 -22.81 -42.60
N THR I 205 -1.31 -21.55 -42.15
CA THR I 205 -1.08 -20.42 -43.03
C THR I 205 0.34 -19.86 -42.90
N LEU I 206 1.10 -20.32 -41.91
CA LEU I 206 2.50 -19.89 -41.77
C LEU I 206 3.35 -20.43 -42.91
N ILE I 207 3.42 -21.76 -43.03
CA ILE I 207 4.16 -22.39 -44.12
C ILE I 207 3.18 -22.75 -45.23
N PRO I 208 3.54 -22.54 -46.50
CA PRO I 208 2.57 -22.76 -47.58
C PRO I 208 2.52 -24.20 -48.06
N ASP I 209 1.30 -24.67 -48.29
CA ASP I 209 1.02 -26.01 -48.82
C ASP I 209 1.60 -27.09 -47.90
N ASP I 210 1.07 -27.14 -46.69
CA ASP I 210 1.54 -28.05 -45.65
C ASP I 210 0.65 -29.28 -45.58
N ASN I 211 1.22 -30.44 -45.91
CA ASN I 211 0.54 -31.73 -45.77
C ASN I 211 1.03 -32.52 -44.55
N GLU I 212 2.18 -32.15 -43.98
CA GLU I 212 2.77 -32.92 -42.90
C GLU I 212 1.87 -32.96 -41.68
N GLY I 213 1.13 -31.89 -41.41
CA GLY I 213 0.20 -31.87 -40.30
C GLY I 213 0.83 -31.69 -38.93
N LYS I 214 2.15 -31.45 -38.87
CA LYS I 214 2.80 -31.24 -37.59
C LYS I 214 2.57 -29.82 -37.07
N VAL I 215 2.31 -28.87 -37.98
CA VAL I 215 1.99 -27.50 -37.62
C VAL I 215 0.51 -27.28 -37.92
N LEU I 216 -0.22 -26.76 -36.92
CA LEU I 216 -1.67 -26.68 -37.00
C LEU I 216 -2.16 -25.26 -36.76
N ARG I 217 -3.26 -24.92 -37.42
CA ARG I 217 -3.96 -23.66 -37.27
C ARG I 217 -5.25 -23.97 -36.52
N VAL I 218 -5.22 -23.85 -35.20
CA VAL I 218 -6.31 -24.25 -34.33
C VAL I 218 -7.01 -23.01 -33.78
N ARG I 219 -8.34 -23.03 -33.77
CA ARG I 219 -9.15 -21.91 -33.33
C ARG I 219 -10.15 -22.41 -32.29
N LEU I 220 -9.94 -22.03 -31.03
CA LEU I 220 -10.86 -22.38 -29.96
C LEU I 220 -11.99 -21.36 -29.92
N ILE I 221 -13.21 -21.81 -30.24
CA ILE I 221 -14.37 -20.94 -30.35
C ILE I 221 -15.23 -21.13 -29.11
N MET I 222 -15.39 -20.06 -28.32
CA MET I 222 -16.18 -20.09 -27.10
C MET I 222 -17.49 -19.34 -27.30
N LYS I 223 -18.57 -19.89 -26.73
CA LYS I 223 -19.86 -19.21 -26.75
C LYS I 223 -19.83 -17.99 -25.84
N GLU I 224 -20.96 -17.28 -25.80
CA GLU I 224 -21.10 -16.11 -24.94
C GLU I 224 -22.41 -16.18 -24.17
N GLY I 225 -22.43 -15.52 -23.02
CA GLY I 225 -23.61 -15.48 -22.17
C GLY I 225 -23.92 -16.76 -21.43
N VAL I 226 -23.09 -17.80 -21.56
CA VAL I 226 -23.32 -19.04 -20.83
C VAL I 226 -23.02 -18.81 -19.36
N LYS I 227 -23.91 -19.27 -18.49
CA LYS I 227 -23.74 -19.07 -17.06
C LYS I 227 -22.52 -19.83 -16.56
N TYR I 228 -21.78 -19.19 -15.64
CA TYR I 228 -20.54 -19.73 -15.07
C TYR I 228 -19.50 -20.01 -16.15
N PHE I 229 -19.46 -19.17 -17.18
CA PHE I 229 -18.53 -19.39 -18.29
C PHE I 229 -18.10 -18.03 -18.84
N SER I 230 -16.94 -17.54 -18.39
CA SER I 230 -16.39 -16.29 -18.87
C SER I 230 -15.29 -16.60 -19.88
N PRO I 231 -15.50 -16.34 -21.17
CA PRO I 231 -14.55 -16.79 -22.18
C PRO I 231 -13.21 -16.07 -22.11
N VAL I 232 -12.17 -16.78 -22.55
CA VAL I 232 -10.81 -16.23 -22.58
C VAL I 232 -10.75 -15.07 -23.58
N TYR I 233 -9.94 -14.06 -23.25
CA TYR I 233 -9.68 -12.96 -24.16
C TYR I 233 -8.19 -12.67 -24.23
N LEU I 234 -7.80 -11.96 -25.29
CA LEU I 234 -6.41 -11.62 -25.57
C LEU I 234 -6.28 -10.09 -25.58
N PHE I 235 -5.90 -9.53 -24.43
CA PHE I 235 -5.57 -8.13 -24.19
C PHE I 235 -6.78 -7.21 -24.22
N ASP I 236 -7.91 -7.67 -24.75
CA ASP I 236 -9.15 -6.90 -24.82
C ASP I 236 -10.30 -7.80 -25.25
N GLU I 237 -11.33 -7.93 -24.43
CA GLU I 237 -12.49 -8.72 -24.82
C GLU I 237 -13.37 -7.88 -25.73
N GLY I 238 -13.49 -8.29 -26.99
CA GLY I 238 -14.36 -7.64 -27.94
C GLY I 238 -13.69 -6.91 -29.09
N SER I 239 -12.40 -7.12 -29.31
CA SER I 239 -11.68 -6.51 -30.40
C SER I 239 -11.09 -7.60 -31.30
N THR I 240 -10.45 -7.16 -32.40
CA THR I 240 -9.81 -8.08 -33.34
C THR I 240 -8.32 -7.79 -33.32
N ILE I 241 -7.56 -8.64 -32.62
CA ILE I 241 -6.13 -8.45 -32.41
C ILE I 241 -5.37 -9.61 -33.06
N SER I 242 -4.30 -9.27 -33.78
CA SER I 242 -3.35 -10.26 -34.30
C SER I 242 -2.01 -10.02 -33.61
N TRP I 243 -1.65 -10.91 -32.70
CA TRP I 243 -0.47 -10.75 -31.85
C TRP I 243 0.60 -11.77 -32.25
N ILE I 244 1.82 -11.28 -32.46
CA ILE I 244 2.95 -12.14 -32.79
C ILE I 244 4.02 -11.97 -31.73
N PRO I 245 4.30 -13.00 -30.92
CA PRO I 245 5.28 -12.83 -29.83
C PRO I 245 6.73 -12.81 -30.29
N CYS I 246 7.00 -13.12 -31.56
CA CYS I 246 8.37 -13.09 -32.07
C CYS I 246 8.86 -11.65 -32.09
N GLY I 247 9.72 -11.31 -31.14
CA GLY I 247 10.29 -9.98 -31.05
C GLY I 247 11.73 -10.04 -30.58
N ARG I 248 12.31 -8.87 -30.35
CA ARG I 248 13.69 -8.81 -29.87
C ARG I 248 13.84 -9.41 -28.47
N LYS I 249 12.77 -9.46 -27.69
CA LYS I 249 12.81 -10.04 -26.36
C LYS I 249 12.28 -11.47 -26.30
N LEU I 250 12.05 -12.10 -27.45
CA LEU I 250 11.71 -13.52 -27.48
C LEU I 250 11.96 -14.07 -28.88
N THR I 251 12.91 -14.99 -29.00
CA THR I 251 13.20 -15.60 -30.29
C THR I 251 12.19 -16.70 -30.59
N CYS I 252 12.04 -17.00 -31.89
CA CYS I 252 11.14 -18.05 -32.33
C CYS I 252 11.72 -18.68 -33.59
N SER I 253 11.46 -19.97 -33.78
CA SER I 253 12.09 -20.74 -34.85
C SER I 253 11.29 -20.60 -36.14
N TYR I 254 11.61 -21.45 -37.12
CA TYR I 254 10.94 -21.39 -38.42
C TYR I 254 9.42 -21.59 -38.39
N PRO I 255 8.84 -22.51 -37.61
CA PRO I 255 7.36 -22.59 -37.58
C PRO I 255 6.71 -21.30 -37.14
N GLY I 256 7.22 -20.66 -36.09
CA GLY I 256 6.70 -19.38 -35.65
C GLY I 256 5.33 -19.48 -35.02
N ILE I 257 4.90 -18.42 -34.33
CA ILE I 257 3.60 -18.38 -33.68
C ILE I 257 2.89 -17.10 -34.09
N LYS I 258 1.65 -17.23 -34.57
CA LYS I 258 0.81 -16.10 -34.93
C LYS I 258 -0.52 -16.27 -34.21
N PHE I 259 -0.71 -15.51 -33.13
CA PHE I 259 -1.97 -15.53 -32.40
C PHE I 259 -2.94 -14.53 -33.00
N ASN I 260 -4.22 -14.89 -32.99
CA ASN I 260 -5.27 -14.04 -33.53
C ASN I 260 -6.49 -14.15 -32.64
N TYR I 261 -7.02 -13.03 -32.18
CA TYR I 261 -8.21 -12.97 -31.36
C TYR I 261 -9.23 -12.08 -32.03
N GLU I 262 -10.44 -12.60 -32.24
CA GLU I 262 -11.47 -11.84 -32.95
C GLU I 262 -12.83 -12.40 -32.56
N PRO I 263 -13.87 -11.57 -32.60
CA PRO I 263 -15.24 -12.08 -32.45
C PRO I 263 -15.85 -12.43 -33.79
N ASP I 264 -16.80 -13.36 -33.73
CA ASP I 264 -17.49 -13.81 -34.94
C ASP I 264 -18.92 -14.19 -34.59
N SER I 265 -19.71 -14.46 -35.61
CA SER I 265 -21.06 -14.99 -35.45
C SER I 265 -21.04 -16.46 -35.89
N TYR I 266 -21.47 -17.34 -35.01
CA TYR I 266 -21.36 -18.78 -35.21
C TYR I 266 -22.73 -19.42 -35.04
N PHE I 267 -23.37 -19.74 -36.16
CA PHE I 267 -24.70 -20.37 -36.20
C PHE I 267 -25.72 -19.57 -35.40
N ASP I 268 -25.87 -18.30 -35.80
CA ASP I 268 -26.80 -17.35 -35.17
C ASP I 268 -26.51 -17.14 -33.69
N HIS I 269 -25.23 -17.18 -33.31
CA HIS I 269 -24.81 -16.87 -31.95
C HIS I 269 -23.77 -15.75 -31.97
N GLU I 270 -23.50 -15.21 -30.78
CA GLU I 270 -22.36 -14.32 -30.56
C GLU I 270 -21.26 -15.14 -29.90
N VAL I 271 -20.08 -15.19 -30.54
CA VAL I 271 -18.93 -15.89 -30.00
C VAL I 271 -17.70 -15.01 -30.15
N SER I 272 -16.76 -15.19 -29.23
CA SER I 272 -15.43 -14.59 -29.32
C SER I 272 -14.43 -15.72 -29.45
N VAL I 273 -13.71 -15.77 -30.58
CA VAL I 273 -12.86 -16.90 -30.91
C VAL I 273 -11.40 -16.50 -30.70
N LEU I 274 -10.57 -17.52 -30.49
CA LEU I 274 -9.14 -17.34 -30.22
C LEU I 274 -8.37 -18.27 -31.13
N GLU I 275 -7.46 -17.72 -31.93
CA GLU I 275 -6.67 -18.48 -32.90
C GLU I 275 -5.23 -18.59 -32.43
N MET I 276 -4.68 -19.80 -32.51
CA MET I 276 -3.24 -20.02 -32.42
C MET I 276 -2.80 -20.78 -33.65
N ASP I 277 -1.73 -20.32 -34.29
CA ASP I 277 -1.12 -21.01 -35.41
C ASP I 277 0.37 -21.17 -35.16
N GLY I 278 0.90 -22.32 -35.57
CA GLY I 278 2.29 -22.65 -35.35
C GLY I 278 2.47 -23.74 -34.32
N GLN I 279 3.67 -23.79 -33.74
CA GLN I 279 3.96 -24.74 -32.68
C GLN I 279 5.16 -24.23 -31.88
N PHE I 280 5.18 -24.60 -30.60
CA PHE I 280 6.25 -24.18 -29.71
C PHE I 280 7.52 -24.94 -30.05
N ASP I 281 8.54 -24.23 -30.55
CA ASP I 281 9.85 -24.84 -30.74
C ASP I 281 10.45 -25.24 -29.41
N ARG I 282 10.32 -24.39 -28.39
CA ARG I 282 10.84 -24.65 -27.06
C ARG I 282 9.79 -24.28 -26.03
N LEU I 283 10.06 -24.66 -24.77
CA LEU I 283 9.12 -24.43 -23.69
C LEU I 283 8.99 -22.94 -23.34
N ASP I 284 10.06 -22.17 -23.55
CA ASP I 284 10.09 -20.78 -23.08
C ASP I 284 8.99 -19.93 -23.72
N GLU I 285 8.55 -20.29 -24.93
CA GLU I 285 7.49 -19.52 -25.58
C GLU I 285 6.14 -19.73 -24.89
N LEU I 286 5.88 -20.95 -24.41
CA LEU I 286 4.59 -21.27 -23.82
C LEU I 286 4.31 -20.46 -22.55
N ILE I 287 5.36 -19.99 -21.89
CA ILE I 287 5.17 -19.11 -20.73
C ILE I 287 4.76 -17.72 -21.17
N TYR I 288 5.34 -17.25 -22.28
CA TYR I 288 5.08 -15.89 -22.76
C TYR I 288 3.63 -15.69 -23.17
N VAL I 289 2.94 -16.77 -23.55
CA VAL I 289 1.55 -16.65 -23.99
C VAL I 289 0.56 -16.86 -22.84
N GLU I 290 0.90 -17.73 -21.88
CA GLU I 290 0.03 -17.90 -20.72
C GLU I 290 -0.02 -16.63 -19.86
N SER I 291 1.15 -16.00 -19.66
CA SER I 291 1.23 -14.80 -18.84
C SER I 291 0.40 -13.66 -19.41
N HIS I 292 0.22 -13.62 -20.72
CA HIS I 292 -0.43 -12.50 -21.39
C HIS I 292 -1.87 -12.80 -21.79
N LEU I 293 -2.37 -14.01 -21.53
CA LEU I 293 -3.78 -14.31 -21.70
C LEU I 293 -4.54 -13.99 -20.43
N SER I 294 -5.86 -14.15 -20.46
CA SER I 294 -6.69 -13.79 -19.33
C SER I 294 -7.88 -14.73 -19.25
N ASN I 295 -8.56 -14.70 -18.09
CA ASN I 295 -9.75 -15.51 -17.83
C ASN I 295 -9.49 -16.99 -18.05
N LEU I 296 -8.36 -17.47 -17.56
CA LEU I 296 -8.04 -18.89 -17.63
C LEU I 296 -8.64 -19.69 -16.48
N SER I 297 -9.16 -19.02 -15.46
CA SER I 297 -9.73 -19.66 -14.27
C SER I 297 -8.71 -20.58 -13.58
N THR I 298 -7.46 -20.16 -13.58
CA THR I 298 -6.43 -20.95 -12.93
C THR I 298 -6.53 -20.83 -11.42
N LYS I 299 -6.22 -21.93 -10.72
CA LYS I 299 -6.09 -21.88 -9.27
C LYS I 299 -4.91 -20.99 -8.87
N PHE I 300 -3.81 -21.11 -9.59
CA PHE I 300 -2.59 -20.35 -9.33
C PHE I 300 -1.94 -20.00 -10.65
N TYR I 301 -1.31 -18.83 -10.68
CA TYR I 301 -0.55 -18.39 -11.84
C TYR I 301 0.49 -19.44 -12.22
N GLY I 302 0.37 -19.97 -13.44
CA GLY I 302 1.25 -21.01 -13.93
C GLY I 302 0.58 -22.35 -14.18
N GLU I 303 -0.72 -22.48 -13.90
CA GLU I 303 -1.37 -23.79 -13.95
C GLU I 303 -1.50 -24.31 -15.38
N VAL I 304 -1.59 -23.41 -16.36
CA VAL I 304 -1.70 -23.86 -17.75
C VAL I 304 -0.41 -24.55 -18.19
N THR I 305 0.75 -23.98 -17.83
CA THR I 305 2.02 -24.61 -18.16
C THR I 305 2.20 -25.92 -17.39
N GLN I 306 1.89 -25.92 -16.10
CA GLN I 306 2.09 -27.11 -15.28
C GLN I 306 1.21 -28.26 -15.77
N GLN I 307 -0.05 -27.98 -16.11
CA GLN I 307 -0.92 -29.03 -16.61
C GLN I 307 -0.45 -29.57 -17.96
N MET I 308 0.23 -28.74 -18.75
CA MET I 308 0.81 -29.18 -20.01
C MET I 308 2.20 -29.78 -19.83
N LEU I 309 2.78 -29.70 -18.62
CA LEU I 309 4.04 -30.36 -18.32
C LEU I 309 3.85 -31.64 -17.52
N LYS I 310 2.61 -31.95 -17.11
CA LYS I 310 2.30 -33.32 -16.72
C LYS I 310 2.25 -34.24 -17.92
N HIS I 311 2.09 -33.69 -19.12
CA HIS I 311 2.07 -34.45 -20.37
C HIS I 311 3.07 -33.79 -21.33
N ALA I 312 4.33 -34.18 -21.21
CA ALA I 312 5.34 -33.78 -22.19
C ALA I 312 5.47 -34.78 -23.32
N ASP I 313 4.66 -35.84 -23.30
CA ASP I 313 4.74 -36.91 -24.28
C ASP I 313 3.48 -37.05 -25.13
N PHE I 314 2.35 -36.48 -24.72
CA PHE I 314 1.13 -36.62 -25.51
C PHE I 314 1.21 -35.72 -26.74
N PRO I 315 0.69 -36.18 -27.89
CA PRO I 315 0.69 -35.32 -29.07
C PRO I 315 -0.23 -34.12 -28.89
N GLY I 316 0.19 -33.00 -29.45
CA GLY I 316 -0.51 -31.73 -29.28
C GLY I 316 0.19 -30.77 -28.36
N SER I 317 1.18 -31.21 -27.59
CA SER I 317 1.93 -30.30 -26.73
C SER I 317 2.75 -29.31 -27.54
N ASN I 318 3.15 -29.68 -28.75
CA ASN I 318 3.95 -28.78 -29.58
C ASN I 318 3.10 -27.62 -30.10
N ASN I 319 1.96 -27.93 -30.71
CA ASN I 319 1.10 -26.93 -31.32
C ASN I 319 0.01 -26.49 -30.34
N GLY I 320 -0.96 -25.73 -30.84
CA GLY I 320 -2.05 -25.23 -30.04
C GLY I 320 -3.14 -26.23 -29.72
N THR I 321 -2.97 -27.49 -30.11
CA THR I 321 -3.94 -28.52 -29.73
C THR I 321 -3.99 -28.67 -28.22
N GLY I 322 -2.89 -29.11 -27.61
CA GLY I 322 -2.83 -29.32 -26.17
C GLY I 322 -3.02 -28.06 -25.35
N LEU I 323 -2.75 -26.89 -25.93
CA LEU I 323 -3.00 -25.63 -25.22
C LEU I 323 -4.50 -25.40 -25.04
N PHE I 324 -5.24 -25.33 -26.15
CA PHE I 324 -6.68 -25.10 -26.07
C PHE I 324 -7.41 -26.25 -25.41
N GLN I 325 -6.92 -27.48 -25.57
CA GLN I 325 -7.53 -28.63 -24.91
C GLN I 325 -7.42 -28.54 -23.40
N THR I 326 -6.38 -27.88 -22.89
CA THR I 326 -6.19 -27.73 -21.45
C THR I 326 -6.76 -26.44 -20.91
N ILE I 327 -6.91 -25.41 -21.75
CA ILE I 327 -7.53 -24.16 -21.30
C ILE I 327 -8.99 -24.40 -20.94
N VAL I 328 -9.71 -25.14 -21.79
CA VAL I 328 -11.11 -25.44 -21.50
C VAL I 328 -11.22 -26.35 -20.28
N GLY I 329 -10.27 -27.28 -20.12
CA GLY I 329 -10.28 -28.18 -18.97
C GLY I 329 -10.26 -27.46 -17.64
N LEU I 330 -9.71 -26.24 -17.61
CA LEU I 330 -9.83 -25.39 -16.44
C LEU I 330 -11.17 -24.65 -16.43
N LYS I 331 -11.67 -24.27 -17.62
CA LYS I 331 -12.94 -23.56 -17.70
C LYS I 331 -14.11 -24.45 -17.31
N ILE I 332 -14.00 -25.76 -17.52
CA ILE I 332 -15.00 -26.68 -16.99
C ILE I 332 -15.01 -26.62 -15.48
N ARG I 333 -13.82 -26.55 -14.88
CA ARG I 333 -13.69 -26.69 -13.43
C ARG I 333 -14.36 -25.54 -12.69
N ASP I 334 -14.11 -24.30 -13.11
CA ASP I 334 -14.74 -23.15 -12.46
C ASP I 334 -16.26 -23.18 -12.67
N LEU I 335 -16.70 -23.55 -13.87
CA LEU I 335 -18.12 -23.78 -14.10
C LEU I 335 -18.64 -24.89 -13.19
N TYR I 336 -17.88 -25.98 -13.08
CA TYR I 336 -18.25 -27.07 -12.18
C TYR I 336 -18.19 -26.63 -10.72
N GLU I 337 -17.21 -25.79 -10.37
CA GLU I 337 -17.11 -25.32 -8.99
C GLU I 337 -18.20 -24.31 -8.66
N GLN I 338 -18.50 -23.40 -9.59
CA GLN I 338 -19.52 -22.38 -9.32
C GLN I 338 -20.92 -22.99 -9.27
N LEU I 339 -21.17 -24.03 -10.06
CA LEU I 339 -22.52 -24.62 -10.09
C LEU I 339 -22.81 -25.36 -8.78
N ILE I 340 -21.86 -26.19 -8.32
CA ILE I 340 -22.09 -26.92 -7.08
C ILE I 340 -22.16 -25.98 -5.89
N ALA I 341 -21.43 -24.85 -5.95
CA ALA I 341 -21.51 -23.87 -4.87
C ALA I 341 -22.88 -23.19 -4.84
N ASN I 342 -23.36 -22.78 -6.01
CA ASN I 342 -24.71 -22.22 -6.11
C ASN I 342 -25.79 -23.29 -6.17
N LYS I 343 -25.42 -24.58 -6.20
CA LYS I 343 -26.40 -25.63 -6.01
C LYS I 343 -26.88 -25.66 -4.57
N ALA I 344 -25.96 -25.52 -3.62
CA ALA I 344 -26.32 -25.63 -2.20
C ALA I 344 -27.05 -24.40 -1.69
N THR I 345 -26.82 -23.23 -2.28
CA THR I 345 -27.52 -22.03 -1.81
C THR I 345 -29.01 -22.10 -2.14
N ALA I 346 -29.39 -22.85 -3.17
CA ALA I 346 -30.80 -23.18 -3.34
C ALA I 346 -31.23 -24.24 -2.33
N ARG I 347 -30.63 -25.43 -2.43
CA ARG I 347 -30.73 -26.48 -1.41
C ARG I 347 -29.75 -27.61 -1.76
N GLU J 6 31.80 14.15 7.44
CA GLU J 6 30.45 13.61 7.43
C GLU J 6 30.19 12.74 8.65
N THR J 7 31.16 12.68 9.57
CA THR J 7 31.01 11.86 10.76
C THR J 7 30.03 12.51 11.73
N ILE J 8 29.60 11.72 12.71
CA ILE J 8 28.57 12.13 13.67
C ILE J 8 29.18 12.08 15.06
N VAL J 9 28.99 13.17 15.83
CA VAL J 9 29.54 13.28 17.17
C VAL J 9 28.43 12.99 18.18
N ILE J 10 28.74 12.12 19.14
CA ILE J 10 27.82 11.78 20.23
C ILE J 10 28.54 12.02 21.54
N GLY J 11 27.86 12.67 22.49
CA GLY J 11 28.42 12.97 23.79
C GLY J 11 27.72 12.17 24.87
N LEU J 12 28.52 11.50 25.71
CA LEU J 12 28.02 10.76 26.85
C LEU J 12 28.90 11.05 28.07
N ALA J 13 28.29 11.58 29.12
CA ALA J 13 28.98 11.81 30.37
C ALA J 13 28.83 10.61 31.29
N ALA J 14 29.88 10.31 32.05
CA ALA J 14 29.88 9.17 32.95
C ALA J 14 30.80 9.47 34.13
N ASP J 15 30.53 8.81 35.25
CA ASP J 15 31.31 8.98 36.47
C ASP J 15 32.10 7.74 36.86
N SER J 16 31.55 6.55 36.63
CA SER J 16 32.17 5.33 37.14
C SER J 16 33.49 5.04 36.45
N GLY J 17 33.53 5.13 35.14
CA GLY J 17 34.77 4.84 34.42
C GLY J 17 34.66 5.14 32.95
N CYS J 18 35.81 5.14 32.28
CA CYS J 18 35.89 5.38 30.84
C CYS J 18 35.70 4.04 30.14
N GLY J 19 34.50 3.80 29.63
CA GLY J 19 34.18 2.51 29.07
C GLY J 19 33.82 1.45 30.09
N LYS J 20 33.91 1.76 31.38
CA LYS J 20 33.51 0.82 32.41
C LYS J 20 32.01 0.53 32.34
N SER J 21 31.21 1.53 31.99
CA SER J 21 29.77 1.33 31.83
C SER J 21 29.49 0.40 30.65
N THR J 22 28.56 -0.53 30.84
CA THR J 22 28.11 -1.41 29.77
C THR J 22 27.23 -0.69 28.75
N PHE J 23 26.94 0.59 28.97
CA PHE J 23 26.24 1.42 28.00
C PHE J 23 26.89 1.33 26.63
N MET J 24 28.23 1.36 26.59
CA MET J 24 28.94 1.39 25.32
C MET J 24 28.84 0.06 24.59
N ARG J 25 28.87 -1.06 25.34
CA ARG J 25 28.78 -2.38 24.70
C ARG J 25 27.47 -2.54 23.94
N ARG J 26 26.38 -2.02 24.50
CA ARG J 26 25.10 -2.09 23.81
C ARG J 26 25.09 -1.22 22.55
N LEU J 27 25.68 -0.03 22.63
CA LEU J 27 25.62 0.91 21.51
C LEU J 27 26.47 0.44 20.34
N THR J 28 27.66 -0.06 20.61
CA THR J 28 28.50 -0.62 19.55
C THR J 28 27.81 -1.79 18.87
N SER J 29 27.24 -2.70 19.66
CA SER J 29 26.56 -3.86 19.10
C SER J 29 25.30 -3.47 18.34
N VAL J 30 24.66 -2.37 18.73
CA VAL J 30 23.47 -1.91 18.00
C VAL J 30 23.84 -1.50 16.57
N PHE J 31 24.95 -0.78 16.42
CA PHE J 31 25.35 -0.29 15.10
C PHE J 31 26.71 -0.84 14.67
N GLY J 32 27.11 -2.00 15.18
CA GLY J 32 28.32 -2.64 14.70
C GLY J 32 28.34 -4.08 15.13
N GLY J 33 29.17 -4.87 14.43
CA GLY J 33 29.34 -6.26 14.82
C GLY J 33 29.95 -6.39 16.21
N ALA J 34 31.05 -5.69 16.44
CA ALA J 34 31.71 -5.67 17.75
C ALA J 34 32.64 -4.47 17.79
N ALA J 35 33.17 -4.21 18.99
CA ALA J 35 34.14 -3.15 19.20
C ALA J 35 35.33 -3.71 19.97
N LYS J 36 36.52 -3.21 19.66
CA LYS J 36 37.75 -3.73 20.23
C LYS J 36 38.76 -2.59 20.34
N PRO J 37 39.75 -2.71 21.23
CA PRO J 37 40.86 -1.76 21.23
C PRO J 37 41.66 -1.86 19.95
N PRO J 38 42.40 -0.80 19.58
CA PRO J 38 43.16 -0.83 18.34
C PRO J 38 44.29 -1.85 18.38
N LYS J 39 44.59 -2.40 17.22
CA LYS J 39 45.66 -3.38 17.10
C LYS J 39 47.02 -2.73 17.34
N GLY J 40 47.85 -3.38 18.15
CA GLY J 40 49.17 -2.85 18.45
C GLY J 40 49.09 -1.59 19.28
N GLY J 41 50.19 -0.84 19.25
CA GLY J 41 50.26 0.42 19.97
C GLY J 41 50.29 0.22 21.48
N ASN J 42 49.77 1.21 22.19
CA ASN J 42 49.78 1.17 23.65
C ASN J 42 48.75 0.16 24.13
N PRO J 43 49.12 -0.78 25.00
CA PRO J 43 48.13 -1.73 25.55
C PRO J 43 47.15 -1.10 26.51
N ASP J 44 47.38 0.15 26.94
CA ASP J 44 46.48 0.84 27.85
C ASP J 44 45.65 1.92 27.16
N SER J 45 45.60 1.90 25.83
CA SER J 45 44.84 2.89 25.08
C SER J 45 43.35 2.75 25.39
N ASN J 46 42.76 3.83 25.89
CA ASN J 46 41.34 3.81 26.25
C ASN J 46 40.42 3.85 25.04
N THR J 47 40.97 4.02 23.84
CA THR J 47 40.16 4.05 22.63
C THR J 47 39.63 2.67 22.30
N LEU J 48 38.39 2.62 21.84
CA LEU J 48 37.80 1.41 21.28
C LEU J 48 37.48 1.66 19.81
N ILE J 49 37.71 0.63 18.98
CA ILE J 49 37.50 0.74 17.55
C ILE J 49 36.48 -0.32 17.13
N SER J 50 35.47 0.11 16.37
CA SER J 50 34.52 -0.78 15.73
C SER J 50 34.51 -0.48 14.24
N ASP J 51 33.63 -1.18 13.51
CA ASP J 51 33.48 -0.93 12.08
C ASP J 51 32.94 0.48 11.82
N THR J 52 31.91 0.87 12.56
CA THR J 52 31.31 2.19 12.44
C THR J 52 31.58 3.09 13.63
N THR J 53 31.84 2.52 14.80
CA THR J 53 31.98 3.27 16.04
C THR J 53 33.44 3.33 16.47
N THR J 54 33.84 4.48 17.01
CA THR J 54 35.09 4.58 17.76
C THR J 54 34.82 5.37 19.03
N VAL J 55 35.09 4.75 20.18
CA VAL J 55 34.91 5.41 21.46
C VAL J 55 36.12 6.27 21.77
N ILE J 56 35.89 7.46 22.29
CA ILE J 56 36.94 8.40 22.65
C ILE J 56 36.84 8.66 24.14
N CYS J 57 37.97 8.57 24.83
CA CYS J 57 38.04 8.81 26.26
C CYS J 57 38.43 10.26 26.53
N LEU J 58 37.59 10.98 27.27
CA LEU J 58 37.90 12.35 27.63
C LEU J 58 38.96 12.43 28.73
N ASP J 59 39.25 11.32 29.42
CA ASP J 59 40.36 11.30 30.36
C ASP J 59 41.70 11.48 29.65
N ASP J 60 41.78 11.11 28.37
CA ASP J 60 43.03 11.24 27.64
C ASP J 60 43.40 12.70 27.42
N TYR J 61 42.40 13.54 27.12
CA TYR J 61 42.63 14.99 27.03
C TYR J 61 42.70 15.55 28.44
N HIS J 62 43.82 15.30 29.09
CA HIS J 62 44.09 15.71 30.46
C HIS J 62 45.35 16.56 30.47
N SER J 63 45.28 17.73 31.12
CA SER J 63 46.41 18.65 31.09
C SER J 63 47.56 18.17 31.97
N LEU J 64 47.26 17.42 33.03
CA LEU J 64 48.26 17.02 34.01
C LEU J 64 48.29 15.49 34.14
N ASP J 65 49.49 14.96 34.28
CA ASP J 65 49.67 13.55 34.61
C ASP J 65 49.18 13.28 36.03
N ARG J 66 49.21 12.00 36.41
CA ARG J 66 48.83 11.62 37.77
C ARG J 66 49.78 12.24 38.79
N TYR J 67 51.08 12.26 38.48
CA TYR J 67 52.05 12.86 39.39
C TYR J 67 51.82 14.36 39.54
N GLY J 68 51.30 15.02 38.51
CA GLY J 68 51.15 16.46 38.56
C GLY J 68 49.99 16.92 39.42
N ARG J 69 48.86 16.19 39.37
CA ARG J 69 47.69 16.59 40.14
C ARG J 69 47.88 16.41 41.64
N LYS J 70 48.79 15.54 42.07
CA LYS J 70 49.03 15.36 43.49
C LYS J 70 49.61 16.61 44.13
N GLU J 71 50.38 17.39 43.38
CA GLU J 71 50.94 18.65 43.86
C GLU J 71 50.01 19.82 43.60
N GLN J 72 48.74 19.58 43.28
CA GLN J 72 47.75 20.61 43.07
C GLN J 72 46.46 20.22 43.79
N LYS J 73 45.56 21.20 43.89
CA LYS J 73 44.28 21.01 44.57
C LYS J 73 43.21 20.39 43.68
N VAL J 74 43.49 20.23 42.39
CA VAL J 74 42.47 19.83 41.43
C VAL J 74 42.22 18.34 41.50
N THR J 75 40.96 17.95 41.32
CA THR J 75 40.58 16.55 41.17
C THR J 75 40.47 16.20 39.69
N ALA J 76 40.22 14.92 39.42
CA ALA J 76 40.06 14.49 38.03
C ALA J 76 38.81 15.10 37.41
N LEU J 77 37.78 15.35 38.22
CA LEU J 77 36.55 15.95 37.73
C LEU J 77 36.65 17.47 37.57
N ASP J 78 37.72 18.07 38.09
CA ASP J 78 37.84 19.52 38.09
C ASP J 78 38.07 20.03 36.67
N PRO J 79 37.50 21.19 36.31
CA PRO J 79 37.71 21.72 34.95
C PRO J 79 39.15 22.08 34.63
N ARG J 80 39.94 22.52 35.62
CA ARG J 80 41.31 22.93 35.32
C ARG J 80 42.20 21.76 34.92
N ALA J 81 41.89 20.56 35.42
CA ALA J 81 42.68 19.39 35.08
C ALA J 81 42.53 19.01 33.61
N ASN J 82 41.34 19.18 33.06
CA ASN J 82 41.10 18.95 31.64
C ASN J 82 41.41 20.22 30.85
N ASP J 83 41.96 20.05 29.66
CA ASP J 83 42.15 21.16 28.73
C ASP J 83 41.17 21.00 27.57
N PHE J 84 40.15 21.84 27.53
CA PHE J 84 39.17 21.80 26.46
C PHE J 84 39.70 22.40 25.17
N ASP J 85 40.78 23.19 25.25
CA ASP J 85 41.31 23.86 24.07
C ASP J 85 41.84 22.87 23.05
N LEU J 86 42.54 21.83 23.51
CA LEU J 86 43.03 20.80 22.60
C LEU J 86 41.92 19.84 22.19
N MET J 87 41.02 19.54 23.13
CA MET J 87 39.93 18.60 22.86
C MET J 87 39.06 19.07 21.71
N TYR J 88 38.66 20.35 21.74
CA TYR J 88 37.79 20.89 20.69
C TYR J 88 38.49 20.93 19.34
N GLU J 89 39.80 21.17 19.32
CA GLU J 89 40.53 21.21 18.06
C GLU J 89 40.53 19.86 17.37
N GLN J 90 40.78 18.80 18.13
CA GLN J 90 40.86 17.46 17.54
C GLN J 90 39.48 16.96 17.11
N VAL J 91 38.46 17.25 17.92
CA VAL J 91 37.10 16.80 17.59
C VAL J 91 36.59 17.50 16.34
N LYS J 92 36.87 18.81 16.21
CA LYS J 92 36.46 19.53 15.01
C LYS J 92 37.21 19.02 13.79
N ALA J 93 38.48 18.65 13.95
CA ALA J 93 39.21 18.03 12.86
C ALA J 93 38.66 16.64 12.55
N LEU J 94 38.31 15.88 13.59
CA LEU J 94 37.68 14.58 13.38
C LEU J 94 36.30 14.71 12.75
N LYS J 95 35.63 15.84 12.99
CA LYS J 95 34.28 16.03 12.46
C LYS J 95 34.31 16.17 10.93
N ASN J 96 35.25 16.97 10.42
CA ASN J 96 35.32 17.18 8.98
C ASN J 96 35.92 15.97 8.27
N GLY J 97 36.78 15.21 8.95
CA GLY J 97 37.38 14.04 8.35
C GLY J 97 38.90 14.14 8.24
N ILE J 98 39.51 14.84 9.18
CA ILE J 98 40.97 15.04 9.20
C ILE J 98 41.57 14.13 10.27
N ALA J 99 42.71 13.53 9.95
CA ALA J 99 43.41 12.69 10.91
C ALA J 99 43.88 13.51 12.10
N VAL J 100 44.02 12.83 13.25
CA VAL J 100 44.32 13.49 14.51
C VAL J 100 45.39 12.73 15.27
N GLU J 101 46.04 13.42 16.19
CA GLU J 101 46.99 12.84 17.13
C GLU J 101 46.42 13.01 18.53
N LYS J 102 46.15 11.89 19.21
CA LYS J 102 45.49 11.92 20.51
C LYS J 102 46.40 11.37 21.60
N PRO J 103 46.67 12.12 22.66
CA PRO J 103 47.43 11.57 23.79
C PRO J 103 46.61 10.50 24.50
N ILE J 104 47.30 9.74 25.34
CA ILE J 104 46.69 8.61 26.06
C ILE J 104 46.96 8.79 27.55
N TYR J 105 45.90 8.74 28.34
CA TYR J 105 45.99 8.78 29.80
C TYR J 105 45.82 7.36 30.32
N ASN J 106 46.93 6.71 30.64
CA ASN J 106 46.90 5.35 31.16
C ASN J 106 46.44 5.37 32.61
N HIS J 107 45.39 4.62 32.92
CA HIS J 107 44.85 4.63 34.27
C HIS J 107 45.79 3.94 35.25
N VAL J 108 46.61 3.01 34.77
CA VAL J 108 47.52 2.29 35.66
C VAL J 108 48.74 3.13 35.99
N THR J 109 49.50 3.52 34.97
CA THR J 109 50.74 4.26 35.21
C THR J 109 50.48 5.71 35.58
N GLY J 110 49.51 6.34 34.93
CA GLY J 110 49.14 7.71 35.25
C GLY J 110 49.94 8.79 34.53
N LEU J 111 50.86 8.41 33.66
CA LEU J 111 51.70 9.36 32.94
C LEU J 111 51.25 9.45 31.48
N LEU J 112 51.16 10.67 30.97
CA LEU J 112 50.76 10.87 29.58
C LEU J 112 51.75 10.20 28.65
N ASP J 113 51.25 9.28 27.84
CA ASP J 113 52.05 8.48 26.93
C ASP J 113 52.16 9.18 25.58
N PRO J 114 53.06 8.71 24.70
CA PRO J 114 53.12 9.27 23.34
C PRO J 114 51.77 9.22 22.65
N PRO J 115 51.44 10.27 21.89
CA PRO J 115 50.09 10.35 21.31
C PRO J 115 49.83 9.27 20.27
N GLU J 116 48.62 8.74 20.29
CA GLU J 116 48.17 7.80 19.27
C GLU J 116 47.35 8.54 18.22
N LEU J 117 47.41 8.06 16.99
CA LEU J 117 46.63 8.62 15.89
C LEU J 117 45.41 7.74 15.64
N ILE J 118 44.29 8.39 15.35
CA ILE J 118 43.06 7.67 15.02
C ILE J 118 42.41 8.36 13.83
N GLN J 119 41.81 7.57 12.96
CA GLN J 119 41.20 8.01 11.72
C GLN J 119 39.75 8.39 11.96
N PRO J 120 39.16 9.22 11.10
CA PRO J 120 37.77 9.66 11.31
C PRO J 120 36.81 8.49 11.22
N PRO J 121 35.92 8.34 12.19
CA PRO J 121 35.01 7.19 12.22
C PRO J 121 33.70 7.49 11.49
N LYS J 122 32.90 6.43 11.34
CA LYS J 122 31.55 6.60 10.84
C LYS J 122 30.65 7.23 11.89
N ILE J 123 30.84 6.86 13.15
CA ILE J 123 30.13 7.46 14.28
C ILE J 123 31.13 7.67 15.41
N LEU J 124 31.17 8.89 15.95
CA LEU J 124 32.10 9.26 17.01
C LEU J 124 31.33 9.47 18.30
N VAL J 125 31.74 8.77 19.36
CA VAL J 125 31.21 8.98 20.70
C VAL J 125 32.35 9.41 21.60
N ILE J 126 32.08 10.38 22.49
CA ILE J 126 33.08 10.87 23.43
C ILE J 126 32.59 10.54 24.83
N GLU J 127 33.09 9.43 25.38
CA GLU J 127 32.85 9.08 26.77
C GLU J 127 33.75 9.90 27.68
N GLY J 128 33.21 10.31 28.82
CA GLY J 128 34.01 11.03 29.78
C GLY J 128 33.16 11.68 30.85
N LEU J 129 33.62 12.84 31.32
CA LEU J 129 32.93 13.57 32.36
C LEU J 129 32.57 14.99 31.99
N HIS J 130 33.11 15.53 30.89
CA HIS J 130 32.79 16.89 30.44
C HIS J 130 32.55 16.93 28.93
N PRO J 131 31.51 16.23 28.43
CA PRO J 131 31.15 16.40 27.02
C PRO J 131 30.39 17.69 26.76
N MET J 132 29.44 18.01 27.63
CA MET J 132 28.59 19.19 27.46
C MET J 132 28.98 20.35 28.36
N PHE J 133 30.03 20.20 29.16
CA PHE J 133 30.43 21.29 30.04
C PHE J 133 30.96 22.49 29.24
N ASP J 134 31.76 22.22 28.21
CA ASP J 134 32.29 23.28 27.37
C ASP J 134 31.28 23.64 26.28
N GLU J 135 31.01 24.93 26.14
CA GLU J 135 29.96 25.37 25.23
C GLU J 135 30.38 25.21 23.76
N ARG J 136 31.68 25.32 23.47
CA ARG J 136 32.14 25.14 22.09
C ARG J 136 31.89 23.72 21.61
N VAL J 137 32.27 22.72 22.42
CA VAL J 137 32.07 21.33 22.05
C VAL J 137 30.60 20.98 22.02
N ARG J 138 29.78 21.67 22.82
CA ARG J 138 28.34 21.38 22.88
C ARG J 138 27.68 21.56 21.52
N ASP J 139 28.14 22.52 20.73
CA ASP J 139 27.59 22.72 19.39
C ASP J 139 27.95 21.56 18.47
N LEU J 140 29.18 21.04 18.59
CA LEU J 140 29.61 19.93 17.74
C LEU J 140 28.78 18.68 17.99
N LEU J 141 28.30 18.50 19.22
CA LEU J 141 27.54 17.30 19.56
C LEU J 141 26.22 17.26 18.79
N ASP J 142 26.00 16.16 18.07
CA ASP J 142 24.73 15.91 17.42
C ASP J 142 23.72 15.23 18.33
N PHE J 143 24.17 14.72 19.48
CA PHE J 143 23.29 14.08 20.46
C PHE J 143 24.01 14.12 21.81
N SER J 144 23.25 14.37 22.87
CA SER J 144 23.80 14.56 24.21
C SER J 144 23.15 13.59 25.17
N ILE J 145 23.96 12.75 25.81
CA ILE J 145 23.47 11.76 26.77
C ILE J 145 24.23 11.93 28.09
N TYR J 146 23.51 11.81 29.20
CA TYR J 146 24.10 11.76 30.52
C TYR J 146 23.21 10.91 31.41
N LEU J 147 23.76 9.87 32.02
CA LEU J 147 23.00 9.04 32.94
C LEU J 147 23.33 9.45 34.37
N ASP J 148 22.29 9.79 35.13
CA ASP J 148 22.45 10.19 36.52
C ASP J 148 22.35 8.94 37.40
N ILE J 149 23.38 8.71 38.20
CA ILE J 149 23.40 7.62 39.17
C ILE J 149 23.23 8.24 40.55
N SER J 150 22.13 7.90 41.22
CA SER J 150 21.87 8.44 42.55
C SER J 150 22.94 7.97 43.52
N ASN J 151 23.21 8.81 44.53
CA ASN J 151 24.27 8.50 45.49
C ASN J 151 23.97 7.19 46.23
N GLU J 152 22.69 6.94 46.50
CA GLU J 152 22.32 5.73 47.22
C GLU J 152 22.57 4.47 46.39
N VAL J 153 22.22 4.51 45.10
CA VAL J 153 22.49 3.36 44.25
C VAL J 153 23.95 3.33 43.81
N LYS J 154 24.59 4.49 43.68
CA LYS J 154 26.01 4.52 43.33
C LYS J 154 26.86 3.95 44.46
N PHE J 155 26.61 4.39 45.70
CA PHE J 155 27.26 3.78 46.86
C PHE J 155 26.93 2.30 46.95
N ALA J 156 25.71 1.92 46.58
CA ALA J 156 25.35 0.50 46.50
C ALA J 156 26.19 -0.23 45.47
N TRP J 157 26.34 0.37 44.28
CA TRP J 157 27.15 -0.25 43.23
C TRP J 157 28.60 -0.34 43.63
N LYS J 158 29.11 0.67 44.35
CA LYS J 158 30.49 0.65 44.81
C LYS J 158 30.75 -0.52 45.74
N ILE J 159 29.82 -0.76 46.68
CA ILE J 159 30.00 -1.84 47.65
C ILE J 159 29.92 -3.19 46.96
N GLN J 160 28.90 -3.39 46.11
CA GLN J 160 28.67 -4.71 45.54
C GLN J 160 29.77 -5.13 44.58
N ARG J 161 30.50 -4.18 43.98
CA ARG J 161 31.52 -4.53 43.00
C ARG J 161 32.93 -4.12 43.39
N ASP J 162 33.12 -3.00 44.09
CA ASP J 162 34.46 -2.50 44.37
C ASP J 162 34.89 -2.69 45.83
N MET J 163 34.05 -3.27 46.67
CA MET J 163 34.49 -3.54 48.05
C MET J 163 35.44 -4.73 48.10
N ALA J 164 35.30 -5.67 47.16
CA ALA J 164 36.10 -6.89 47.18
C ALA J 164 37.60 -6.64 47.08
N GLU J 165 38.01 -5.44 46.68
CA GLU J 165 39.42 -5.10 46.68
C GLU J 165 39.97 -5.12 48.11
N ARG J 166 41.20 -5.63 48.25
CA ARG J 166 41.74 -5.96 49.56
C ARG J 166 41.90 -4.71 50.44
N GLY J 167 42.30 -3.60 49.85
CA GLY J 167 42.63 -2.43 50.64
C GLY J 167 41.43 -1.70 51.23
N HIS J 168 40.28 -1.76 50.55
CA HIS J 168 39.15 -0.91 50.91
C HIS J 168 38.42 -1.42 52.13
N SER J 169 37.89 -0.47 52.90
CA SER J 169 36.97 -0.73 54.00
C SER J 169 35.61 -0.12 53.66
N LEU J 170 34.58 -0.55 54.39
CA LEU J 170 33.22 -0.13 54.08
C LEU J 170 33.04 1.38 54.29
N GLU J 171 33.38 1.87 55.49
CA GLU J 171 33.25 3.30 55.76
C GLU J 171 34.27 4.12 54.98
N SER J 172 35.38 3.51 54.54
CA SER J 172 36.34 4.20 53.69
C SER J 172 35.74 4.56 52.34
N ILE J 173 34.80 3.74 51.85
CA ILE J 173 34.18 4.02 50.56
C ILE J 173 33.24 5.22 50.67
N LYS J 174 32.51 5.31 51.78
CA LYS J 174 31.67 6.49 52.00
C LYS J 174 32.52 7.75 52.17
N ALA J 175 33.74 7.61 52.66
CA ALA J 175 34.66 8.75 52.73
C ALA J 175 35.15 9.17 51.35
N SER J 176 35.04 8.31 50.35
CA SER J 176 35.50 8.65 49.01
C SER J 176 34.48 9.49 48.26
N ILE J 177 33.21 9.07 48.26
CA ILE J 177 32.21 9.79 47.49
C ILE J 177 31.76 11.07 48.19
N GLU J 178 31.95 11.17 49.51
CA GLU J 178 31.67 12.43 50.19
C GLU J 178 32.70 13.49 49.82
N ALA J 179 33.94 13.08 49.58
CA ALA J 179 34.95 14.01 49.10
C ALA J 179 34.72 14.37 47.63
N ARG J 180 34.22 13.43 46.84
CA ARG J 180 33.93 13.68 45.44
C ARG J 180 32.65 14.48 45.23
N LYS J 181 31.79 14.58 46.26
CA LYS J 181 30.49 15.21 46.07
C LYS J 181 30.55 16.70 45.76
N PRO J 182 31.31 17.54 46.51
CA PRO J 182 31.27 18.98 46.20
C PRO J 182 31.80 19.35 44.83
N ASP J 183 32.84 18.66 44.35
CA ASP J 183 33.36 18.95 43.01
C ASP J 183 32.43 18.41 41.93
N PHE J 184 31.85 17.24 42.15
CA PHE J 184 30.96 16.64 41.17
C PHE J 184 29.64 17.41 41.08
N ASP J 185 29.16 17.94 42.21
CA ASP J 185 27.84 18.58 42.24
C ASP J 185 27.81 19.87 41.42
N ALA J 186 28.89 20.65 41.47
CA ALA J 186 28.92 21.93 40.79
C ALA J 186 29.37 21.82 39.33
N PHE J 187 30.27 20.89 39.01
CA PHE J 187 30.91 20.85 37.71
C PHE J 187 30.39 19.76 36.79
N ILE J 188 29.79 18.70 37.34
CA ILE J 188 29.32 17.58 36.54
C ILE J 188 27.79 17.52 36.50
N ASP J 189 27.14 17.74 37.64
CA ASP J 189 25.69 17.59 37.76
C ASP J 189 24.87 18.58 36.94
N PRO J 190 25.20 19.89 36.86
CA PRO J 190 24.36 20.80 36.06
C PRO J 190 24.38 20.56 34.57
N GLN J 191 25.08 19.52 34.08
CA GLN J 191 25.04 19.18 32.66
C GLN J 191 23.75 18.49 32.25
N LYS J 192 22.83 18.24 33.19
CA LYS J 192 21.60 17.51 32.89
C LYS J 192 20.70 18.29 31.93
N GLN J 193 20.77 19.63 31.99
CA GLN J 193 19.90 20.44 31.14
C GLN J 193 20.28 20.33 29.67
N TYR J 194 21.58 20.27 29.37
CA TYR J 194 22.03 20.20 27.98
C TYR J 194 21.74 18.84 27.36
N ALA J 195 21.63 17.79 28.17
CA ALA J 195 21.53 16.43 27.64
C ALA J 195 20.21 16.23 26.92
N ASP J 196 20.30 15.68 25.70
CA ASP J 196 19.09 15.37 24.93
C ASP J 196 18.28 14.28 25.60
N ALA J 197 18.95 13.29 26.19
CA ALA J 197 18.29 12.20 26.90
C ALA J 197 19.08 11.87 28.15
N VAL J 198 18.40 11.75 29.29
CA VAL J 198 19.05 11.53 30.58
C VAL J 198 18.32 10.42 31.32
N ILE J 199 19.09 9.48 31.86
CA ILE J 199 18.56 8.31 32.56
C ILE J 199 18.91 8.45 34.04
N GLU J 200 17.88 8.44 34.90
CA GLU J 200 18.06 8.40 36.34
C GLU J 200 17.90 6.96 36.83
N VAL J 201 18.69 6.60 37.84
CA VAL J 201 18.54 5.31 38.51
C VAL J 201 18.36 5.56 40.00
N LEU J 202 17.40 4.88 40.61
CA LEU J 202 16.98 5.11 41.98
C LEU J 202 16.61 3.78 42.60
N PRO J 203 16.59 3.70 43.94
CA PRO J 203 16.10 2.47 44.59
C PRO J 203 14.62 2.26 44.32
N THR J 204 14.24 0.99 44.29
CA THR J 204 12.86 0.64 43.96
C THR J 204 11.93 0.94 45.13
N THR J 205 10.66 1.20 44.80
CA THR J 205 9.63 1.44 45.80
C THR J 205 8.74 0.23 46.05
N LEU J 206 8.89 -0.83 45.25
CA LEU J 206 8.07 -2.03 45.44
C LEU J 206 8.54 -2.80 46.67
N ILE J 207 9.82 -3.15 46.71
CA ILE J 207 10.44 -3.94 47.78
C ILE J 207 10.78 -2.96 48.90
N PRO J 208 11.03 -3.42 50.15
CA PRO J 208 11.27 -2.45 51.23
C PRO J 208 12.62 -1.75 51.16
N ASP J 209 12.94 -1.13 50.01
CA ASP J 209 14.04 -0.18 49.89
C ASP J 209 15.40 -0.79 50.25
N ASP J 210 15.62 -2.05 49.90
CA ASP J 210 16.94 -2.62 50.12
C ASP J 210 17.90 -2.06 49.07
N ASN J 211 19.10 -1.71 49.51
CA ASN J 211 20.05 -0.97 48.70
C ASN J 211 21.10 -1.88 48.08
N GLU J 212 20.72 -3.07 47.62
CA GLU J 212 21.65 -3.92 46.90
C GLU J 212 21.89 -3.45 45.47
N GLY J 213 20.90 -2.78 44.86
CA GLY J 213 21.02 -2.32 43.50
C GLY J 213 20.68 -3.35 42.45
N LYS J 214 20.24 -4.55 42.85
CA LYS J 214 19.87 -5.58 41.88
C LYS J 214 18.62 -5.19 41.11
N VAL J 215 17.60 -4.71 41.82
CA VAL J 215 16.34 -4.28 41.23
C VAL J 215 16.15 -2.81 41.60
N LEU J 216 16.32 -1.94 40.62
CA LEU J 216 16.30 -0.50 40.85
C LEU J 216 15.12 0.15 40.14
N ARG J 217 14.96 1.45 40.39
CA ARG J 217 13.93 2.27 39.77
C ARG J 217 14.60 3.25 38.82
N VAL J 218 14.13 3.28 37.57
CA VAL J 218 14.82 4.01 36.51
C VAL J 218 13.83 4.85 35.73
N ARG J 219 14.17 6.11 35.50
CA ARG J 219 13.40 7.02 34.67
C ARG J 219 14.18 7.40 33.43
N LEU J 220 13.49 7.54 32.31
CA LEU J 220 14.10 7.97 31.05
C LEU J 220 13.51 9.32 30.66
N ILE J 221 14.32 10.37 30.74
CA ILE J 221 13.88 11.73 30.45
C ILE J 221 14.43 12.12 29.09
N MET J 222 13.53 12.39 28.14
CA MET J 222 13.89 12.68 26.76
C MET J 222 13.41 14.08 26.40
N LYS J 223 14.34 14.93 25.96
CA LYS J 223 13.97 16.26 25.48
C LYS J 223 13.09 16.15 24.25
N GLU J 224 12.03 16.95 24.21
CA GLU J 224 11.13 16.98 23.06
C GLU J 224 11.38 18.24 22.25
N GLY J 225 11.28 18.10 20.93
CA GLY J 225 11.65 19.15 20.01
C GLY J 225 13.01 18.97 19.36
N VAL J 226 13.72 17.91 19.70
CA VAL J 226 15.03 17.62 19.10
C VAL J 226 14.80 17.05 17.70
N LYS J 227 15.51 17.61 16.72
CA LYS J 227 15.38 17.12 15.35
C LYS J 227 15.89 15.70 15.24
N TYR J 228 15.25 14.92 14.35
CA TYR J 228 15.56 13.51 14.12
C TYR J 228 15.46 12.71 15.41
N PHE J 229 14.49 13.06 16.25
CA PHE J 229 14.34 12.41 17.55
C PHE J 229 12.88 12.48 17.96
N SER J 230 12.22 11.32 18.02
CA SER J 230 10.85 11.22 18.49
C SER J 230 10.84 10.41 19.78
N PRO J 231 10.36 10.97 20.89
CA PRO J 231 10.41 10.25 22.16
C PRO J 231 9.52 9.03 22.19
N VAL J 232 10.03 7.96 22.83
CA VAL J 232 9.23 6.76 23.04
C VAL J 232 8.07 7.10 23.97
N TYR J 233 6.87 6.65 23.59
CA TYR J 233 5.69 6.92 24.39
C TYR J 233 4.95 5.62 24.68
N LEU J 234 4.13 5.65 25.73
CA LEU J 234 3.40 4.48 26.23
C LEU J 234 1.91 4.73 26.06
N PHE J 235 1.33 4.11 25.02
CA PHE J 235 -0.11 4.02 24.73
C PHE J 235 -0.73 5.34 24.29
N ASP J 236 -0.02 6.45 24.47
CA ASP J 236 -0.55 7.77 24.16
C ASP J 236 0.56 8.80 24.31
N GLU J 237 0.77 9.64 23.31
CA GLU J 237 1.75 10.72 23.39
C GLU J 237 1.11 11.95 24.02
N GLY J 238 1.63 12.38 25.16
CA GLY J 238 1.19 13.58 25.83
C GLY J 238 0.40 13.35 27.11
N SER J 239 -0.06 12.14 27.37
CA SER J 239 -0.91 11.87 28.53
C SER J 239 -0.07 11.31 29.67
N THR J 240 -0.77 10.93 30.75
CA THR J 240 -0.15 10.43 31.97
C THR J 240 -0.72 9.04 32.25
N ILE J 241 0.15 8.04 32.30
CA ILE J 241 -0.27 6.64 32.39
C ILE J 241 0.55 5.93 33.45
N SER J 242 -0.13 5.15 34.30
CA SER J 242 0.49 4.20 35.22
C SER J 242 0.00 2.82 34.85
N TRP J 243 0.90 1.99 34.31
CA TRP J 243 0.55 0.66 33.83
C TRP J 243 1.38 -0.39 34.56
N ILE J 244 0.71 -1.40 35.09
CA ILE J 244 1.34 -2.60 35.65
C ILE J 244 1.03 -3.75 34.70
N PRO J 245 2.04 -4.38 34.09
CA PRO J 245 1.75 -5.37 33.02
C PRO J 245 1.22 -6.69 33.55
N CYS J 246 1.49 -7.03 34.79
CA CYS J 246 1.08 -8.33 35.33
C CYS J 246 -0.44 -8.40 35.46
N GLY J 247 -1.01 -9.54 35.08
CA GLY J 247 -2.43 -9.72 35.18
C GLY J 247 -2.92 -11.07 34.67
N ARG J 248 -4.01 -11.05 33.90
CA ARG J 248 -4.63 -12.29 33.46
C ARG J 248 -3.76 -13.03 32.46
N LYS J 249 -3.30 -12.34 31.42
CA LYS J 249 -2.52 -13.01 30.38
C LYS J 249 -1.03 -13.10 30.71
N LEU J 250 -0.47 -12.07 31.35
CA LEU J 250 0.92 -12.11 31.79
C LEU J 250 0.97 -12.27 33.30
N THR J 251 1.58 -13.36 33.75
CA THR J 251 1.77 -13.63 35.17
C THR J 251 3.26 -13.73 35.46
N CYS J 252 3.71 -13.00 36.48
CA CYS J 252 5.12 -13.02 36.85
C CYS J 252 5.23 -12.87 38.37
N SER J 253 6.40 -13.22 38.89
CA SER J 253 6.60 -13.32 40.32
C SER J 253 7.18 -12.03 40.91
N TYR J 254 7.46 -12.08 42.22
CA TYR J 254 7.97 -10.94 42.96
C TYR J 254 9.32 -10.50 42.41
N PRO J 255 9.63 -9.19 42.44
CA PRO J 255 8.84 -8.07 42.98
C PRO J 255 7.70 -7.61 42.07
N GLY J 256 7.89 -7.69 40.77
CA GLY J 256 6.90 -7.23 39.80
C GLY J 256 7.49 -6.17 38.89
N ILE J 257 6.61 -5.61 38.05
CA ILE J 257 6.99 -4.61 37.07
C ILE J 257 5.98 -3.47 37.12
N LYS J 258 6.46 -2.23 37.03
CA LYS J 258 5.61 -1.05 37.03
C LYS J 258 6.16 -0.03 36.04
N PHE J 259 5.25 0.74 35.44
CA PHE J 259 5.61 1.75 34.45
C PHE J 259 4.90 3.06 34.74
N ASN J 260 5.49 4.15 34.23
CA ASN J 260 4.93 5.49 34.40
C ASN J 260 5.38 6.34 33.22
N TYR J 261 4.44 6.70 32.35
CA TYR J 261 4.68 7.65 31.28
C TYR J 261 3.87 8.92 31.55
N GLU J 262 4.55 10.06 31.58
CA GLU J 262 3.90 11.33 31.84
C GLU J 262 4.81 12.45 31.35
N PRO J 263 4.25 13.58 30.94
CA PRO J 263 5.08 14.74 30.60
C PRO J 263 5.63 15.40 31.85
N ASP J 264 6.69 16.18 31.65
CA ASP J 264 7.35 16.86 32.75
C ASP J 264 8.03 18.12 32.22
N SER J 265 8.43 18.98 33.14
CA SER J 265 9.25 20.14 32.85
C SER J 265 10.62 19.92 33.48
N TYR J 266 11.65 19.85 32.66
CA TYR J 266 13.00 19.49 33.11
C TYR J 266 13.93 20.68 32.85
N PHE J 267 14.12 21.51 33.88
CA PHE J 267 14.98 22.69 33.82
C PHE J 267 14.55 23.62 32.68
N ASP J 268 13.31 24.09 32.77
CA ASP J 268 12.66 24.99 31.82
C ASP J 268 12.47 24.38 30.43
N HIS J 269 12.74 23.09 30.27
CA HIS J 269 12.49 22.39 29.02
C HIS J 269 11.20 21.58 29.12
N GLU J 270 10.76 21.07 27.98
CA GLU J 270 9.58 20.22 27.89
C GLU J 270 10.03 18.80 27.54
N VAL J 271 9.75 17.85 28.43
CA VAL J 271 10.18 16.47 28.27
C VAL J 271 9.02 15.54 28.58
N SER J 272 9.13 14.30 28.10
CA SER J 272 8.24 13.21 28.46
C SER J 272 9.07 12.10 29.08
N VAL J 273 8.68 11.67 30.27
CA VAL J 273 9.49 10.72 31.04
C VAL J 273 8.89 9.33 30.89
N LEU J 274 9.76 8.31 30.95
CA LEU J 274 9.36 6.92 30.95
C LEU J 274 10.01 6.25 32.15
N GLU J 275 9.19 5.81 33.10
CA GLU J 275 9.68 5.15 34.31
C GLU J 275 9.45 3.65 34.22
N MET J 276 10.41 2.89 34.72
CA MET J 276 10.29 1.45 34.88
C MET J 276 10.82 1.08 36.25
N ASP J 277 10.07 0.28 36.99
CA ASP J 277 10.41 -0.08 38.36
C ASP J 277 10.18 -1.57 38.54
N GLY J 278 11.25 -2.32 38.78
CA GLY J 278 11.22 -3.75 38.94
C GLY J 278 12.31 -4.40 38.13
N GLN J 279 12.08 -5.65 37.75
CA GLN J 279 13.01 -6.39 36.93
C GLN J 279 12.25 -7.42 36.11
N PHE J 280 12.92 -7.95 35.09
CA PHE J 280 12.35 -8.96 34.21
C PHE J 280 12.70 -10.34 34.72
N ASP J 281 11.69 -11.14 35.03
CA ASP J 281 11.93 -12.50 35.51
C ASP J 281 12.25 -13.45 34.37
N ARG J 282 11.70 -13.23 33.18
CA ARG J 282 11.90 -14.15 32.06
C ARG J 282 11.61 -13.41 30.76
N LEU J 283 11.55 -14.16 29.66
CA LEU J 283 11.39 -13.59 28.34
C LEU J 283 9.98 -13.09 28.09
N ASP J 284 8.97 -13.75 28.67
CA ASP J 284 7.59 -13.52 28.28
C ASP J 284 7.14 -12.09 28.56
N GLU J 285 7.54 -11.52 29.69
CA GLU J 285 7.24 -10.13 29.96
C GLU J 285 8.23 -9.16 29.31
N LEU J 286 9.35 -9.67 28.80
CA LEU J 286 10.28 -8.79 28.09
C LEU J 286 9.75 -8.42 26.71
N ILE J 287 9.13 -9.38 26.01
CA ILE J 287 8.45 -9.05 24.77
C ILE J 287 7.18 -8.28 25.04
N TYR J 288 6.45 -8.67 26.10
CA TYR J 288 5.18 -8.02 26.44
C TYR J 288 5.37 -6.53 26.69
N VAL J 289 6.46 -6.16 27.35
CA VAL J 289 6.75 -4.74 27.59
C VAL J 289 7.13 -4.04 26.30
N GLU J 290 8.07 -4.61 25.55
CA GLU J 290 8.53 -3.98 24.32
C GLU J 290 7.44 -3.91 23.27
N SER J 291 6.54 -4.90 23.24
CA SER J 291 5.49 -4.93 22.24
C SER J 291 4.57 -3.71 22.36
N HIS J 292 4.29 -3.28 23.58
CA HIS J 292 3.32 -2.21 23.82
C HIS J 292 3.94 -0.82 23.70
N LEU J 293 5.26 -0.70 23.79
CA LEU J 293 5.90 0.59 23.59
C LEU J 293 5.83 0.99 22.12
N SER J 294 5.85 2.31 21.89
CA SER J 294 5.72 2.86 20.55
C SER J 294 6.86 3.83 20.28
N ASN J 295 7.05 4.14 18.99
CA ASN J 295 8.17 4.96 18.51
C ASN J 295 9.50 4.38 18.98
N LEU J 296 9.67 3.07 18.74
CA LEU J 296 10.87 2.37 19.19
C LEU J 296 12.05 2.55 18.24
N SER J 297 11.79 3.01 17.01
CA SER J 297 12.82 3.11 15.96
C SER J 297 13.49 1.75 15.73
N THR J 298 12.66 0.73 15.59
CA THR J 298 13.13 -0.65 15.45
C THR J 298 12.95 -1.11 14.01
N LYS J 299 13.93 -1.89 13.52
CA LYS J 299 13.85 -2.41 12.16
C LYS J 299 12.80 -3.52 12.06
N PHE J 300 12.68 -4.34 13.09
CA PHE J 300 11.79 -5.49 13.05
C PHE J 300 11.26 -5.76 14.46
N TYR J 301 10.34 -6.73 14.53
CA TYR J 301 9.70 -7.08 15.79
C TYR J 301 10.71 -7.71 16.75
N GLY J 302 10.80 -7.17 17.96
CA GLY J 302 11.63 -7.75 18.99
C GLY J 302 13.10 -7.41 18.90
N GLU J 303 13.48 -6.35 18.18
CA GLU J 303 14.88 -6.00 18.05
C GLU J 303 15.49 -5.60 19.39
N VAL J 304 14.70 -4.92 20.24
CA VAL J 304 15.18 -4.56 21.58
C VAL J 304 15.41 -5.81 22.41
N THR J 305 14.49 -6.77 22.32
CA THR J 305 14.62 -8.01 23.10
C THR J 305 15.83 -8.83 22.64
N GLN J 306 16.08 -8.87 21.33
CA GLN J 306 17.21 -9.64 20.82
C GLN J 306 18.54 -9.03 21.25
N GLN J 307 18.62 -7.70 21.30
CA GLN J 307 19.86 -7.06 21.72
C GLN J 307 20.09 -7.21 23.22
N MET J 308 19.02 -7.32 24.01
CA MET J 308 19.19 -7.50 25.45
C MET J 308 19.52 -8.94 25.81
N LEU J 309 18.83 -9.91 25.18
CA LEU J 309 19.15 -11.31 25.41
C LEU J 309 20.55 -11.65 24.93
N LYS J 310 21.03 -10.97 23.89
CA LYS J 310 22.41 -11.16 23.44
C LYS J 310 23.41 -10.75 24.50
N HIS J 311 23.10 -9.68 25.23
CA HIS J 311 23.98 -9.12 26.26
C HIS J 311 23.39 -9.32 27.65
N ALA J 312 22.77 -10.47 27.89
CA ALA J 312 22.08 -10.71 29.15
C ALA J 312 23.05 -10.91 30.30
N ASP J 313 24.21 -11.54 30.03
CA ASP J 313 25.18 -11.81 31.07
C ASP J 313 25.85 -10.55 31.60
N PHE J 314 25.80 -9.46 30.85
CA PHE J 314 26.38 -8.21 31.31
C PHE J 314 25.54 -7.64 32.47
N PRO J 315 26.17 -6.89 33.38
CA PRO J 315 25.44 -6.42 34.57
C PRO J 315 24.33 -5.44 34.21
N GLY J 316 23.21 -5.58 34.91
CA GLY J 316 22.06 -4.72 34.69
C GLY J 316 21.38 -4.92 33.36
N SER J 317 21.30 -6.16 32.89
CA SER J 317 20.65 -6.46 31.62
C SER J 317 19.20 -6.90 31.78
N ASN J 318 18.71 -7.02 33.02
CA ASN J 318 17.35 -7.47 33.26
C ASN J 318 16.59 -6.59 34.25
N ASN J 319 17.14 -5.43 34.61
CA ASN J 319 16.53 -4.56 35.61
C ASN J 319 16.04 -3.24 35.04
N GLY J 320 16.12 -3.03 33.74
CA GLY J 320 15.63 -1.83 33.11
C GLY J 320 16.69 -0.79 32.79
N THR J 321 17.83 -0.82 33.47
CA THR J 321 18.95 0.04 33.09
C THR J 321 19.37 -0.23 31.66
N GLY J 322 19.73 -1.48 31.36
CA GLY J 322 20.12 -1.83 30.02
C GLY J 322 18.99 -1.70 29.01
N LEU J 323 17.74 -1.87 29.47
CA LEU J 323 16.59 -1.76 28.56
C LEU J 323 16.48 -0.36 27.98
N PHE J 324 16.63 0.66 28.84
CA PHE J 324 16.62 2.03 28.32
C PHE J 324 17.92 2.37 27.60
N GLN J 325 19.01 1.67 27.93
CA GLN J 325 20.27 1.91 27.23
C GLN J 325 20.19 1.47 25.77
N THR J 326 19.58 0.32 25.50
CA THR J 326 19.44 -0.10 24.11
C THR J 326 18.33 0.66 23.40
N ILE J 327 17.29 1.08 24.11
CA ILE J 327 16.25 1.92 23.51
C ILE J 327 16.84 3.26 23.07
N VAL J 328 17.68 3.86 23.92
CA VAL J 328 18.42 5.06 23.53
C VAL J 328 19.41 4.72 22.42
N GLY J 329 19.99 3.53 22.47
CA GLY J 329 20.94 3.13 21.44
C GLY J 329 20.32 3.02 20.06
N LEU J 330 19.11 2.46 19.99
CA LEU J 330 18.39 2.42 18.71
C LEU J 330 18.01 3.81 18.23
N LYS J 331 17.74 4.73 19.17
CA LYS J 331 17.36 6.09 18.79
C LYS J 331 18.52 6.82 18.13
N ILE J 332 19.75 6.58 18.59
CA ILE J 332 20.91 7.19 17.96
C ILE J 332 21.06 6.69 16.53
N ARG J 333 20.71 5.43 16.28
CA ARG J 333 20.78 4.89 14.93
C ARG J 333 19.77 5.57 14.02
N ASP J 334 18.52 5.68 14.46
CA ASP J 334 17.50 6.37 13.67
C ASP J 334 17.85 7.85 13.48
N LEU J 335 18.41 8.47 14.52
CA LEU J 335 18.96 9.82 14.36
C LEU J 335 20.08 9.84 13.32
N TYR J 336 20.92 8.80 13.32
CA TYR J 336 22.05 8.76 12.41
C TYR J 336 21.61 8.63 10.96
N GLU J 337 20.67 7.72 10.69
CA GLU J 337 20.32 7.42 9.30
C GLU J 337 19.53 8.57 8.66
N GLN J 338 18.63 9.20 9.43
CA GLN J 338 17.93 10.37 8.91
C GLN J 338 18.89 11.52 8.64
N LEU J 339 19.84 11.75 9.55
CA LEU J 339 20.74 12.89 9.44
C LEU J 339 21.66 12.78 8.24
N ILE J 340 22.23 11.58 8.01
CA ILE J 340 23.15 11.43 6.88
C ILE J 340 22.39 11.48 5.56
N ALA J 341 21.12 11.08 5.55
CA ALA J 341 20.34 11.17 4.32
C ALA J 341 20.04 12.62 3.95
N ASN J 342 19.65 13.43 4.94
CA ASN J 342 19.39 14.85 4.68
C ASN J 342 20.68 15.60 4.37
N LYS J 343 21.78 15.22 5.03
CA LYS J 343 23.07 15.79 4.68
C LYS J 343 23.47 15.43 3.25
N ALA J 344 23.12 14.21 2.81
CA ALA J 344 23.47 13.77 1.47
C ALA J 344 22.70 14.53 0.39
N THR J 345 21.45 14.92 0.68
CA THR J 345 20.70 15.73 -0.27
C THR J 345 21.35 17.10 -0.43
N ALA J 346 21.82 17.69 0.67
CA ALA J 346 22.51 18.96 0.58
C ALA J 346 23.93 18.78 0.04
N ARG J 347 24.57 17.66 0.37
CA ARG J 347 25.93 17.34 -0.07
C ARG J 347 26.04 17.35 -1.59
N GLU K 6 18.90 26.10 -15.20
CA GLU K 6 18.92 24.70 -15.61
C GLU K 6 18.02 24.49 -16.82
N THR K 7 18.09 25.42 -17.78
CA THR K 7 17.24 25.33 -18.95
C THR K 7 17.63 24.13 -19.81
N ILE K 8 16.64 23.60 -20.52
CA ILE K 8 16.78 22.35 -21.27
C ILE K 8 16.30 22.59 -22.69
N VAL K 9 17.16 22.29 -23.66
CA VAL K 9 16.88 22.57 -25.07
C VAL K 9 16.22 21.35 -25.70
N ILE K 10 15.18 21.60 -26.49
CA ILE K 10 14.45 20.58 -27.23
C ILE K 10 14.56 20.88 -28.72
N GLY K 11 14.83 19.86 -29.52
CA GLY K 11 14.97 20.03 -30.96
C GLY K 11 13.72 19.57 -31.69
N LEU K 12 13.29 20.39 -32.65
CA LEU K 12 12.15 20.07 -33.48
C LEU K 12 12.39 20.58 -34.90
N ALA K 13 12.20 19.71 -35.88
CA ALA K 13 12.41 20.04 -37.28
C ALA K 13 11.10 19.91 -38.05
N ALA K 14 10.75 20.96 -38.79
CA ALA K 14 9.55 20.97 -39.61
C ALA K 14 9.78 21.86 -40.81
N ASP K 15 9.43 21.35 -42.00
CA ASP K 15 9.69 22.05 -43.25
C ASP K 15 8.60 23.05 -43.62
N SER K 16 7.38 22.88 -43.09
CA SER K 16 6.23 23.65 -43.57
C SER K 16 6.40 25.15 -43.39
N GLY K 17 7.08 25.57 -42.33
CA GLY K 17 7.33 26.99 -42.16
C GLY K 17 7.59 27.32 -40.70
N CYS K 18 7.54 28.61 -40.39
CA CYS K 18 7.77 29.12 -39.04
C CYS K 18 6.44 29.37 -38.37
N GLY K 19 6.15 28.62 -37.31
CA GLY K 19 4.89 28.70 -36.63
C GLY K 19 3.77 27.89 -37.25
N LYS K 20 4.05 27.15 -38.33
CA LYS K 20 3.04 26.29 -38.95
C LYS K 20 2.57 25.22 -37.99
N SER K 21 3.48 24.71 -37.16
CA SER K 21 3.22 23.53 -36.35
C SER K 21 2.21 23.84 -35.26
N THR K 22 1.02 23.24 -35.37
CA THR K 22 0.15 23.13 -34.20
C THR K 22 0.82 22.34 -33.09
N PHE K 23 1.82 21.53 -33.44
CA PHE K 23 2.77 20.94 -32.51
C PHE K 23 3.20 21.91 -31.41
N MET K 24 3.51 23.16 -31.78
CA MET K 24 3.94 24.15 -30.80
C MET K 24 2.85 24.44 -29.79
N ARG K 25 1.64 24.71 -30.27
CA ARG K 25 0.52 25.00 -29.37
C ARG K 25 0.20 23.80 -28.50
N ARG K 26 0.29 22.58 -29.05
CA ARG K 26 0.03 21.39 -28.27
C ARG K 26 1.13 21.16 -27.23
N LEU K 27 2.39 21.40 -27.61
CA LEU K 27 3.49 21.30 -26.66
C LEU K 27 3.31 22.26 -25.51
N THR K 28 3.27 23.57 -25.82
CA THR K 28 3.26 24.59 -24.78
C THR K 28 2.00 24.55 -23.93
N SER K 29 0.90 23.97 -24.44
CA SER K 29 -0.27 23.77 -23.61
C SER K 29 -0.09 22.61 -22.64
N VAL K 30 0.75 21.64 -23.01
CA VAL K 30 1.01 20.50 -22.12
C VAL K 30 1.89 20.94 -20.95
N PHE K 31 2.98 21.65 -21.25
CA PHE K 31 3.92 22.06 -20.21
C PHE K 31 3.27 23.02 -19.22
N GLY K 32 2.84 24.18 -19.69
CA GLY K 32 2.26 25.20 -18.83
C GLY K 32 1.23 26.04 -19.55
N GLY K 33 1.27 27.34 -19.31
CA GLY K 33 0.30 28.24 -19.88
C GLY K 33 0.52 28.47 -21.37
N ALA K 34 -0.38 29.27 -21.95
CA ALA K 34 -0.35 29.52 -23.38
C ALA K 34 0.86 30.36 -23.76
N ALA K 35 1.51 29.99 -24.86
CA ALA K 35 2.66 30.74 -25.34
C ALA K 35 2.20 32.06 -25.97
N LYS K 36 2.97 33.12 -25.70
CA LYS K 36 2.65 34.45 -26.16
C LYS K 36 3.89 35.10 -26.77
N PRO K 37 3.70 36.02 -27.71
CA PRO K 37 4.85 36.73 -28.32
C PRO K 37 5.52 37.63 -27.30
N PRO K 38 6.70 38.18 -27.61
CA PRO K 38 7.32 39.14 -26.70
C PRO K 38 6.44 40.37 -26.50
N LYS K 39 6.68 41.04 -25.36
CA LYS K 39 5.84 42.17 -24.97
C LYS K 39 5.91 43.30 -25.99
N GLY K 40 7.12 43.72 -26.37
CA GLY K 40 7.29 44.77 -27.34
C GLY K 40 8.49 44.55 -28.23
N GLY K 41 8.91 43.28 -28.37
CA GLY K 41 10.19 42.99 -29.00
C GLY K 41 10.26 43.45 -30.45
N ASN K 42 9.24 43.13 -31.25
CA ASN K 42 9.23 43.48 -32.66
C ASN K 42 7.80 43.43 -33.16
N PRO K 43 7.46 44.18 -34.21
CA PRO K 43 6.11 44.07 -34.77
C PRO K 43 5.82 42.70 -35.38
N ASP K 44 6.79 42.11 -36.08
CA ASP K 44 6.63 40.82 -36.72
C ASP K 44 7.58 39.79 -36.12
N SER K 45 7.75 39.83 -34.79
CA SER K 45 8.59 38.86 -34.12
C SER K 45 7.98 37.46 -34.20
N ASN K 46 8.84 36.47 -34.49
CA ASN K 46 8.43 35.08 -34.55
C ASN K 46 9.13 34.34 -33.41
N THR K 47 8.54 34.44 -32.22
CA THR K 47 9.11 33.87 -31.01
C THR K 47 7.99 33.81 -29.98
N LEU K 48 7.72 32.62 -29.44
CA LEU K 48 6.68 32.45 -28.45
C LEU K 48 7.30 32.05 -27.11
N ILE K 49 6.95 32.80 -26.07
CA ILE K 49 7.49 32.59 -24.73
C ILE K 49 6.30 32.46 -23.77
N SER K 50 6.48 31.64 -22.73
CA SER K 50 5.44 31.42 -21.74
C SER K 50 6.09 31.36 -20.36
N ASP K 51 5.35 30.85 -19.39
CA ASP K 51 5.87 30.75 -18.02
C ASP K 51 7.11 29.85 -17.98
N THR K 52 7.08 28.75 -18.73
CA THR K 52 8.23 27.84 -18.80
C THR K 52 8.68 27.52 -20.22
N THR K 53 7.88 27.81 -21.24
CA THR K 53 8.17 27.43 -22.62
C THR K 53 8.58 28.66 -23.42
N THR K 54 9.63 28.51 -24.23
CA THR K 54 10.04 29.55 -25.16
C THR K 54 10.40 28.90 -26.49
N VAL K 55 9.88 29.46 -27.59
CA VAL K 55 10.02 28.91 -28.93
C VAL K 55 10.81 29.90 -29.77
N ILE K 56 11.80 29.41 -30.51
CA ILE K 56 12.62 30.22 -31.39
C ILE K 56 12.66 29.57 -32.76
N CYS K 57 12.54 30.38 -33.81
CA CYS K 57 12.72 29.89 -35.17
C CYS K 57 14.18 29.96 -35.57
N LEU K 58 14.69 28.87 -36.16
CA LEU K 58 16.06 28.87 -36.64
C LEU K 58 16.25 29.79 -37.84
N ASP K 59 15.17 30.23 -38.47
CA ASP K 59 15.28 31.28 -39.47
C ASP K 59 15.77 32.59 -38.89
N ASP K 60 15.73 32.75 -37.57
CA ASP K 60 16.36 33.91 -36.95
C ASP K 60 17.88 33.86 -37.09
N TYR K 61 18.46 32.67 -37.11
CA TYR K 61 19.89 32.49 -37.34
C TYR K 61 20.23 32.37 -38.82
N HIS K 62 19.28 32.68 -39.71
CA HIS K 62 19.59 32.93 -41.10
C HIS K 62 20.49 34.15 -41.20
N SER K 63 21.70 33.96 -41.74
CA SER K 63 22.67 35.05 -41.84
C SER K 63 22.82 35.57 -43.27
N LEU K 64 22.10 35.00 -44.23
CA LEU K 64 22.14 35.43 -45.62
C LEU K 64 20.75 35.93 -46.00
N ASP K 65 20.65 37.20 -46.33
CA ASP K 65 19.37 37.89 -46.44
C ASP K 65 18.54 37.33 -47.59
N ARG K 66 17.25 37.72 -47.60
CA ARG K 66 16.33 37.24 -48.63
C ARG K 66 16.69 37.78 -50.01
N TYR K 67 17.03 39.07 -50.10
CA TYR K 67 17.46 39.62 -51.37
C TYR K 67 18.81 39.03 -51.80
N GLY K 68 19.68 38.75 -50.83
CA GLY K 68 20.95 38.12 -51.15
C GLY K 68 20.80 36.68 -51.61
N ARG K 69 19.74 36.00 -51.15
CA ARG K 69 19.53 34.63 -51.60
C ARG K 69 18.99 34.58 -53.03
N LYS K 70 18.32 35.65 -53.48
CA LYS K 70 18.04 35.78 -54.90
C LYS K 70 19.28 36.20 -55.66
N GLU K 71 20.18 36.94 -55.01
CA GLU K 71 21.44 37.34 -55.64
C GLU K 71 22.32 36.13 -55.92
N GLN K 72 22.48 35.25 -54.94
CA GLN K 72 23.20 34.01 -55.13
C GLN K 72 22.24 32.91 -55.55
N LYS K 73 22.69 31.65 -55.54
CA LYS K 73 21.84 30.51 -55.78
C LYS K 73 21.23 29.96 -54.50
N VAL K 74 21.11 30.79 -53.47
CA VAL K 74 20.80 30.33 -52.13
C VAL K 74 19.30 30.05 -52.00
N THR K 75 18.97 28.94 -51.34
CA THR K 75 17.64 28.65 -50.84
C THR K 75 17.70 28.48 -49.33
N ALA K 76 16.52 28.35 -48.71
CA ALA K 76 16.48 28.19 -47.27
C ALA K 76 17.03 26.84 -46.81
N LEU K 77 16.93 25.82 -47.66
CA LEU K 77 17.39 24.48 -47.29
C LEU K 77 18.90 24.34 -47.33
N ASP K 78 19.60 25.24 -48.03
CA ASP K 78 21.05 25.13 -48.15
C ASP K 78 21.71 25.48 -46.83
N PRO K 79 22.77 24.76 -46.44
CA PRO K 79 23.42 25.04 -45.15
C PRO K 79 24.12 26.38 -45.11
N ARG K 80 24.66 26.84 -46.24
CA ARG K 80 25.47 28.06 -46.27
C ARG K 80 24.67 29.31 -45.90
N ALA K 81 23.35 29.27 -46.03
CA ALA K 81 22.53 30.46 -45.75
C ALA K 81 22.58 30.84 -44.28
N ASN K 82 22.42 29.86 -43.39
CA ASN K 82 22.33 30.13 -41.96
C ASN K 82 23.72 30.07 -41.31
N ASP K 83 23.80 30.65 -40.12
CA ASP K 83 25.02 30.66 -39.32
C ASP K 83 24.92 29.53 -38.29
N PHE K 84 25.63 28.43 -38.57
CA PHE K 84 25.62 27.30 -37.64
C PHE K 84 26.34 27.65 -36.35
N ASP K 85 27.55 28.20 -36.46
CA ASP K 85 28.37 28.44 -35.28
C ASP K 85 27.83 29.58 -34.42
N LEU K 86 27.15 30.55 -35.03
CA LEU K 86 26.48 31.59 -34.25
C LEU K 86 25.40 30.96 -33.37
N MET K 87 24.60 30.05 -33.94
CA MET K 87 23.55 29.38 -33.19
C MET K 87 24.12 28.59 -32.02
N TYR K 88 25.30 27.97 -32.21
CA TYR K 88 25.91 27.18 -31.15
C TYR K 88 26.20 28.02 -29.92
N GLU K 89 26.86 29.18 -30.11
CA GLU K 89 27.21 30.02 -28.96
C GLU K 89 25.97 30.59 -28.30
N GLN K 90 24.94 30.92 -29.09
CA GLN K 90 23.68 31.41 -28.52
C GLN K 90 23.05 30.35 -27.62
N VAL K 91 23.01 29.11 -28.08
CA VAL K 91 22.39 28.03 -27.30
C VAL K 91 23.22 27.73 -26.06
N LYS K 92 24.55 27.67 -26.20
CA LYS K 92 25.40 27.35 -25.06
C LYS K 92 25.34 28.44 -24.00
N ALA K 93 25.28 29.71 -24.42
CA ALA K 93 25.10 30.79 -23.46
C ALA K 93 23.72 30.72 -22.81
N LEU K 94 22.69 30.43 -23.62
CA LEU K 94 21.36 30.19 -23.06
C LEU K 94 21.37 29.02 -22.09
N LYS K 95 22.12 27.96 -22.42
CA LYS K 95 22.07 26.72 -21.64
C LYS K 95 22.53 26.95 -20.19
N ASN K 96 23.58 27.74 -20.00
CA ASN K 96 24.04 28.01 -18.64
C ASN K 96 23.26 29.12 -17.96
N GLY K 97 22.34 29.78 -18.66
CA GLY K 97 21.43 30.73 -18.06
C GLY K 97 21.70 32.19 -18.37
N ILE K 98 22.77 32.51 -19.08
CA ILE K 98 23.04 33.90 -19.44
C ILE K 98 22.29 34.22 -20.73
N ALA K 99 21.59 35.35 -20.74
CA ALA K 99 20.72 35.71 -21.85
C ALA K 99 21.52 35.99 -23.11
N VAL K 100 20.84 35.93 -24.25
CA VAL K 100 21.45 36.20 -25.55
C VAL K 100 20.64 37.26 -26.28
N GLU K 101 21.32 38.04 -27.09
CA GLU K 101 20.69 39.00 -27.99
C GLU K 101 20.65 38.37 -29.38
N LYS K 102 19.45 38.22 -29.93
CA LYS K 102 19.30 37.44 -31.15
C LYS K 102 18.74 38.29 -32.28
N PRO K 103 19.23 38.12 -33.51
CA PRO K 103 18.60 38.77 -34.66
C PRO K 103 17.23 38.19 -34.94
N ILE K 104 16.30 39.04 -35.35
CA ILE K 104 14.95 38.65 -35.72
C ILE K 104 14.82 38.74 -37.22
N TYR K 105 14.46 37.63 -37.86
CA TYR K 105 14.23 37.57 -39.29
C TYR K 105 12.75 37.29 -39.53
N ASN K 106 12.01 38.31 -39.93
CA ASN K 106 10.63 38.13 -40.36
C ASN K 106 10.59 37.98 -41.87
N HIS K 107 9.72 37.09 -42.35
CA HIS K 107 9.68 36.80 -43.77
C HIS K 107 8.96 37.89 -44.56
N VAL K 108 8.04 38.60 -43.93
CA VAL K 108 7.20 39.57 -44.63
C VAL K 108 8.04 40.74 -45.13
N THR K 109 8.78 41.38 -44.22
CA THR K 109 9.57 42.56 -44.61
C THR K 109 10.77 42.16 -45.45
N GLY K 110 11.45 41.06 -45.08
CA GLY K 110 12.63 40.63 -45.80
C GLY K 110 13.93 41.22 -45.29
N LEU K 111 13.92 41.93 -44.17
CA LEU K 111 15.12 42.52 -43.60
C LEU K 111 15.27 42.06 -42.15
N LEU K 112 16.50 42.13 -41.66
CA LEU K 112 16.86 41.61 -40.34
C LEU K 112 16.76 42.74 -39.32
N ASP K 113 15.62 42.81 -38.64
CA ASP K 113 15.52 43.66 -37.46
C ASP K 113 16.31 43.00 -36.34
N PRO K 114 17.34 43.63 -35.80
CA PRO K 114 18.26 42.91 -34.90
C PRO K 114 18.04 43.14 -33.41
N PRO K 115 16.99 43.92 -32.95
CA PRO K 115 17.12 44.52 -31.61
C PRO K 115 16.94 43.58 -30.41
N GLU K 116 15.98 42.65 -30.49
CA GLU K 116 15.45 42.00 -29.30
C GLU K 116 16.44 41.00 -28.70
N LEU K 117 16.39 40.87 -27.38
CA LEU K 117 17.05 39.82 -26.62
C LEU K 117 16.00 38.84 -26.11
N ILE K 118 16.45 37.63 -25.77
CA ILE K 118 15.58 36.67 -25.11
C ILE K 118 16.14 36.32 -23.74
N GLN K 119 15.44 35.48 -23.00
CA GLN K 119 15.83 34.99 -21.69
C GLN K 119 15.80 33.47 -21.68
N PRO K 120 16.67 32.84 -20.90
CA PRO K 120 16.63 31.37 -20.77
C PRO K 120 15.49 30.95 -19.87
N PRO K 121 14.49 30.26 -20.42
CA PRO K 121 13.33 29.84 -19.62
C PRO K 121 13.60 28.56 -18.85
N LYS K 122 12.56 27.98 -18.25
CA LYS K 122 12.72 26.69 -17.59
C LYS K 122 12.99 25.58 -18.61
N ILE K 123 12.34 25.63 -19.77
CA ILE K 123 12.60 24.70 -20.87
C ILE K 123 12.49 25.46 -22.18
N LEU K 124 13.40 25.16 -23.12
CA LEU K 124 13.47 25.87 -24.38
C LEU K 124 13.41 24.88 -25.52
N VAL K 125 12.77 25.29 -26.61
CA VAL K 125 12.68 24.49 -27.83
C VAL K 125 13.22 25.33 -28.98
N ILE K 126 13.57 24.64 -30.07
CA ILE K 126 13.95 25.28 -31.32
C ILE K 126 13.20 24.59 -32.45
N GLU K 127 12.45 25.37 -33.22
CA GLU K 127 11.74 24.87 -34.40
C GLU K 127 12.43 25.47 -35.62
N GLY K 128 13.09 24.62 -36.40
CA GLY K 128 13.78 25.10 -37.59
C GLY K 128 13.97 23.99 -38.58
N LEU K 129 14.50 24.37 -39.74
CA LEU K 129 14.77 23.38 -40.78
C LEU K 129 16.06 22.62 -40.50
N HIS K 130 17.01 23.23 -39.77
CA HIS K 130 18.31 22.61 -39.54
C HIS K 130 18.69 22.56 -38.05
N PRO K 131 17.82 22.00 -37.17
CA PRO K 131 18.19 21.91 -35.75
C PRO K 131 19.23 20.83 -35.50
N MET K 132 19.04 19.68 -36.12
CA MET K 132 19.95 18.56 -36.02
C MET K 132 21.05 18.59 -37.08
N PHE K 133 21.11 19.64 -37.89
CA PHE K 133 22.10 19.70 -38.96
C PHE K 133 23.51 19.84 -38.39
N ASP K 134 23.70 20.83 -37.53
CA ASP K 134 25.03 21.09 -36.99
C ASP K 134 25.38 20.02 -35.96
N GLU K 135 26.58 19.44 -36.12
CA GLU K 135 27.04 18.39 -35.22
C GLU K 135 27.30 18.94 -33.83
N ARG K 136 27.72 20.21 -33.73
CA ARG K 136 27.82 20.86 -32.43
C ARG K 136 26.46 20.94 -31.75
N VAL K 137 25.40 21.19 -32.53
CA VAL K 137 24.09 21.45 -31.96
C VAL K 137 23.36 20.15 -31.59
N ARG K 138 23.58 19.07 -32.35
CA ARG K 138 22.85 17.83 -32.08
C ARG K 138 23.26 17.20 -30.75
N ASP K 139 24.47 17.46 -30.27
CA ASP K 139 24.93 16.85 -29.04
C ASP K 139 24.46 17.61 -27.80
N LEU K 140 24.31 18.93 -27.90
CA LEU K 140 23.98 19.72 -26.72
C LEU K 140 22.49 19.67 -26.38
N LEU K 141 21.63 19.53 -27.37
CA LEU K 141 20.19 19.45 -27.10
C LEU K 141 19.86 18.14 -26.39
N ASP K 142 18.66 18.09 -25.81
CA ASP K 142 18.25 16.93 -25.04
C ASP K 142 17.20 16.08 -25.74
N PHE K 143 16.37 16.66 -26.59
CA PHE K 143 15.38 15.91 -27.33
C PHE K 143 15.40 16.33 -28.80
N SER K 144 14.89 15.46 -29.66
CA SER K 144 14.92 15.70 -31.10
C SER K 144 13.69 15.07 -31.74
N ILE K 145 12.91 15.89 -32.45
CA ILE K 145 11.71 15.45 -33.15
C ILE K 145 11.84 15.86 -34.61
N TYR K 146 11.34 15.01 -35.51
CA TYR K 146 11.26 15.32 -36.93
C TYR K 146 9.88 14.96 -37.43
N LEU K 147 9.21 15.92 -38.08
CA LEU K 147 7.85 15.73 -38.57
C LEU K 147 7.94 15.32 -40.04
N ASP K 148 8.22 14.04 -40.26
CA ASP K 148 8.30 13.51 -41.61
C ASP K 148 6.92 13.53 -42.26
N ILE K 149 6.81 14.26 -43.37
CA ILE K 149 5.56 14.37 -44.11
C ILE K 149 5.79 13.83 -45.52
N SER K 150 4.93 12.91 -45.94
CA SER K 150 5.03 12.36 -47.29
C SER K 150 4.68 13.42 -48.33
N ASN K 151 5.25 13.26 -49.52
CA ASN K 151 5.04 14.24 -50.58
C ASN K 151 3.59 14.27 -51.04
N GLU K 152 2.91 13.13 -51.02
CA GLU K 152 1.51 13.09 -51.43
C GLU K 152 0.64 13.92 -50.50
N VAL K 153 0.78 13.71 -49.19
CA VAL K 153 0.03 14.49 -48.22
C VAL K 153 0.48 15.94 -48.24
N LYS K 154 1.79 16.17 -48.28
CA LYS K 154 2.32 17.54 -48.26
C LYS K 154 1.86 18.33 -49.49
N PHE K 155 1.84 17.68 -50.65
CA PHE K 155 1.24 18.32 -51.83
C PHE K 155 -0.25 18.57 -51.60
N ALA K 156 -0.96 17.56 -51.08
CA ALA K 156 -2.39 17.69 -50.86
C ALA K 156 -2.68 18.72 -49.78
N TRP K 157 -1.94 18.66 -48.66
CA TRP K 157 -2.24 19.53 -47.52
C TRP K 157 -2.11 21.00 -47.88
N LYS K 158 -1.10 21.36 -48.67
CA LYS K 158 -0.98 22.72 -49.16
C LYS K 158 -2.24 23.12 -49.93
N ILE K 159 -2.54 22.38 -51.01
CA ILE K 159 -3.61 22.82 -51.91
C ILE K 159 -5.00 22.58 -51.30
N GLN K 160 -5.18 21.52 -50.51
CA GLN K 160 -6.52 21.22 -49.99
C GLN K 160 -6.92 22.19 -48.89
N ARG K 161 -5.97 22.59 -48.04
CA ARG K 161 -6.29 23.40 -46.87
C ARG K 161 -5.75 24.83 -46.92
N ASP K 162 -4.90 25.17 -47.88
CA ASP K 162 -4.23 26.48 -47.85
C ASP K 162 -4.04 27.04 -49.25
N MET K 163 -4.92 27.96 -49.64
CA MET K 163 -4.69 28.87 -50.77
C MET K 163 -4.49 28.15 -52.09
N ALA K 164 -5.32 27.12 -52.36
CA ALA K 164 -5.57 26.78 -53.75
C ALA K 164 -6.38 27.88 -54.42
N GLU K 165 -7.11 28.65 -53.62
CA GLU K 165 -7.70 29.91 -54.01
C GLU K 165 -6.61 30.94 -54.34
N ARG K 166 -7.02 32.01 -55.03
CA ARG K 166 -6.25 33.25 -55.13
C ARG K 166 -5.01 33.11 -56.03
N GLY K 167 -5.12 32.34 -57.11
CA GLY K 167 -4.20 32.43 -58.21
C GLY K 167 -3.09 31.39 -58.29
N HIS K 168 -3.35 30.15 -57.88
CA HIS K 168 -2.37 29.08 -58.02
C HIS K 168 -3.11 27.81 -58.41
N SER K 169 -2.44 26.94 -59.16
CA SER K 169 -3.07 25.72 -59.67
C SER K 169 -2.09 24.55 -59.54
N LEU K 170 -2.49 23.41 -60.10
CA LEU K 170 -1.87 22.14 -59.76
C LEU K 170 -0.47 22.00 -60.33
N GLU K 171 -0.28 22.33 -61.61
CA GLU K 171 0.98 22.02 -62.27
C GLU K 171 2.13 22.89 -61.77
N SER K 172 1.86 24.15 -61.42
CA SER K 172 2.92 25.01 -60.91
C SER K 172 3.26 24.69 -59.46
N ILE K 173 2.30 24.28 -58.65
CA ILE K 173 2.60 23.95 -57.26
C ILE K 173 3.29 22.59 -57.17
N LYS K 174 3.00 21.67 -58.08
CA LYS K 174 3.67 20.37 -58.07
C LYS K 174 5.12 20.50 -58.51
N ALA K 175 5.39 21.37 -59.48
CA ALA K 175 6.76 21.64 -59.88
C ALA K 175 7.52 22.41 -58.80
N SER K 176 6.81 23.17 -57.96
CA SER K 176 7.47 23.89 -56.88
C SER K 176 7.95 22.93 -55.80
N ILE K 177 7.12 21.96 -55.44
CA ILE K 177 7.53 20.95 -54.47
C ILE K 177 8.65 20.08 -55.04
N GLU K 178 8.59 19.80 -56.34
CA GLU K 178 9.67 19.05 -56.98
C GLU K 178 10.95 19.87 -57.04
N ALA K 179 10.84 21.20 -57.18
CA ALA K 179 12.04 22.03 -57.21
C ALA K 179 12.74 22.04 -55.85
N ARG K 180 11.97 22.01 -54.77
CA ARG K 180 12.55 21.95 -53.43
C ARG K 180 13.06 20.56 -53.09
N LYS K 181 12.53 19.53 -53.75
CA LYS K 181 12.73 18.14 -53.31
C LYS K 181 14.19 17.69 -53.31
N PRO K 182 15.01 17.92 -54.35
CA PRO K 182 16.42 17.49 -54.25
C PRO K 182 17.19 18.22 -53.17
N ASP K 183 16.90 19.50 -52.93
CA ASP K 183 17.46 20.17 -51.76
C ASP K 183 16.85 19.65 -50.47
N PHE K 184 15.59 19.22 -50.52
CA PHE K 184 14.95 18.63 -49.35
C PHE K 184 15.56 17.26 -49.02
N ASP K 185 15.78 16.43 -50.04
CA ASP K 185 16.31 15.10 -49.80
C ASP K 185 17.81 15.11 -49.50
N ALA K 186 18.53 16.13 -49.95
CA ALA K 186 19.97 16.17 -49.72
C ALA K 186 20.31 16.60 -48.30
N PHE K 187 19.60 17.60 -47.77
CA PHE K 187 19.95 18.22 -46.50
C PHE K 187 18.93 17.96 -45.40
N ILE K 188 17.64 18.18 -45.68
CA ILE K 188 16.61 18.00 -44.65
C ILE K 188 16.42 16.53 -44.33
N ASP K 189 16.16 15.72 -45.35
CA ASP K 189 15.78 14.33 -45.13
C ASP K 189 16.81 13.47 -44.38
N PRO K 190 18.13 13.68 -44.51
CA PRO K 190 19.05 12.88 -43.66
C PRO K 190 18.96 13.19 -42.17
N GLN K 191 18.21 14.21 -41.74
CA GLN K 191 18.13 14.54 -40.32
C GLN K 191 17.33 13.53 -39.51
N LYS K 192 16.68 12.57 -40.16
CA LYS K 192 15.90 11.56 -39.45
C LYS K 192 16.75 10.64 -38.59
N GLN K 193 18.08 10.67 -38.74
CA GLN K 193 18.95 9.75 -38.02
C GLN K 193 18.90 9.99 -36.51
N TYR K 194 19.17 11.21 -36.07
CA TYR K 194 19.32 11.48 -34.65
C TYR K 194 17.99 11.55 -33.93
N ALA K 195 16.94 12.00 -34.62
CA ALA K 195 15.65 12.31 -33.99
C ALA K 195 15.12 11.15 -33.18
N ASP K 196 14.96 11.38 -31.87
CA ASP K 196 14.49 10.32 -30.98
C ASP K 196 13.04 9.95 -31.26
N ALA K 197 12.27 10.87 -31.84
CA ALA K 197 10.88 10.61 -32.19
C ALA K 197 10.60 11.17 -33.57
N VAL K 198 10.10 10.32 -34.46
CA VAL K 198 9.74 10.71 -35.82
C VAL K 198 8.26 10.42 -36.02
N ILE K 199 7.53 11.41 -36.56
CA ILE K 199 6.11 11.23 -36.84
C ILE K 199 5.95 11.15 -38.36
N GLU K 200 5.98 9.93 -38.90
CA GLU K 200 5.81 9.73 -40.32
C GLU K 200 4.33 9.78 -40.68
N VAL K 201 3.98 10.57 -41.68
CA VAL K 201 2.60 10.80 -42.07
C VAL K 201 2.43 10.35 -43.52
N LEU K 202 1.58 9.35 -43.72
CA LEU K 202 1.35 8.73 -45.02
C LEU K 202 -0.14 8.64 -45.27
N PRO K 203 -0.57 8.58 -46.54
CA PRO K 203 -1.99 8.40 -46.83
C PRO K 203 -2.48 7.03 -46.35
N THR K 204 -3.76 6.98 -45.98
CA THR K 204 -4.33 5.82 -45.33
C THR K 204 -4.42 4.63 -46.30
N THR K 205 -4.47 3.44 -45.70
CA THR K 205 -4.50 2.18 -46.46
C THR K 205 -5.85 1.50 -46.41
N LEU K 206 -6.88 2.16 -45.89
CA LEU K 206 -8.23 1.61 -45.85
C LEU K 206 -9.22 2.59 -46.47
N ILE K 207 -8.86 3.11 -47.64
CA ILE K 207 -9.65 4.13 -48.33
C ILE K 207 -9.52 3.90 -49.83
N PRO K 208 -10.51 4.30 -50.64
CA PRO K 208 -10.36 4.16 -52.10
C PRO K 208 -9.45 5.22 -52.72
N ASP K 209 -8.17 5.14 -52.38
CA ASP K 209 -7.11 5.95 -53.00
C ASP K 209 -7.38 7.45 -52.84
N ASP K 210 -7.82 7.85 -51.66
CA ASP K 210 -8.18 9.24 -51.40
C ASP K 210 -6.94 10.11 -51.27
N ASN K 211 -7.07 11.36 -51.73
CA ASN K 211 -5.96 12.31 -51.70
C ASN K 211 -6.36 13.66 -51.10
N GLU K 212 -7.47 13.70 -50.36
CA GLU K 212 -7.87 14.95 -49.73
C GLU K 212 -7.02 15.28 -48.52
N GLY K 213 -6.52 14.27 -47.81
CA GLY K 213 -5.78 14.49 -46.59
C GLY K 213 -6.60 14.46 -45.32
N LYS K 214 -7.87 14.08 -45.40
CA LYS K 214 -8.73 14.04 -44.23
C LYS K 214 -8.42 12.85 -43.34
N VAL K 215 -8.25 11.67 -43.95
CA VAL K 215 -7.90 10.45 -43.23
C VAL K 215 -6.46 10.11 -43.56
N LEU K 216 -5.63 9.94 -42.54
CA LEU K 216 -4.21 9.68 -42.69
C LEU K 216 -3.85 8.33 -42.11
N ARG K 217 -2.61 7.91 -42.40
CA ARG K 217 -1.99 6.75 -41.76
C ARG K 217 -0.63 7.22 -41.26
N VAL K 218 -0.53 7.47 -39.96
CA VAL K 218 0.60 8.17 -39.37
C VAL K 218 1.35 7.21 -38.43
N ARG K 219 2.67 7.16 -38.59
CA ARG K 219 3.53 6.28 -37.80
C ARG K 219 4.37 7.11 -36.85
N LEU K 220 4.46 6.67 -35.59
CA LEU K 220 5.38 7.25 -34.62
C LEU K 220 6.55 6.29 -34.44
N ILE K 221 7.75 6.77 -34.79
CA ILE K 221 8.98 5.98 -34.69
C ILE K 221 9.80 6.54 -33.55
N MET K 222 10.01 5.72 -32.51
CA MET K 222 10.66 6.17 -31.28
C MET K 222 11.97 5.41 -31.10
N LYS K 223 13.07 6.15 -31.03
CA LYS K 223 14.37 5.55 -30.81
C LYS K 223 14.47 4.99 -29.39
N GLU K 224 15.14 3.84 -29.27
CA GLU K 224 15.30 3.17 -27.98
C GLU K 224 16.68 3.47 -27.40
N GLY K 225 16.91 2.96 -26.19
CA GLY K 225 18.19 3.14 -25.54
C GLY K 225 18.47 4.58 -25.13
N VAL K 226 17.49 5.22 -24.51
CA VAL K 226 17.61 6.59 -24.02
C VAL K 226 17.43 6.57 -22.51
N LYS K 227 18.13 7.48 -21.83
CA LYS K 227 18.08 7.52 -20.37
C LYS K 227 16.70 7.88 -19.85
N TYR K 228 16.09 8.93 -20.40
CA TYR K 228 14.84 9.47 -19.89
C TYR K 228 13.72 9.38 -20.94
N PHE K 229 13.67 8.29 -21.69
CA PHE K 229 12.63 8.09 -22.69
C PHE K 229 12.16 6.65 -22.62
N SER K 230 10.90 6.46 -22.22
CA SER K 230 10.28 5.14 -22.21
C SER K 230 9.26 5.07 -23.34
N PRO K 231 9.49 4.24 -24.35
CA PRO K 231 8.62 4.26 -25.53
C PRO K 231 7.23 3.71 -25.22
N VAL K 232 6.23 4.30 -25.88
CA VAL K 232 4.86 3.85 -25.75
C VAL K 232 4.71 2.48 -26.39
N TYR K 233 4.19 1.51 -25.63
CA TYR K 233 3.94 0.18 -26.16
C TYR K 233 2.44 -0.09 -26.15
N LEU K 234 2.05 -1.19 -26.80
CA LEU K 234 0.65 -1.58 -26.95
C LEU K 234 0.52 -3.04 -26.53
N PHE K 235 0.11 -3.24 -25.27
CA PHE K 235 -0.25 -4.52 -24.66
C PHE K 235 0.96 -5.42 -24.41
N ASP K 236 2.09 -5.11 -25.02
CA ASP K 236 3.32 -5.88 -24.89
C ASP K 236 4.46 -5.15 -25.59
N GLU K 237 5.57 -4.93 -24.90
CA GLU K 237 6.72 -4.28 -25.51
C GLU K 237 7.62 -5.33 -26.13
N GLY K 238 7.90 -5.18 -27.43
CA GLY K 238 8.77 -6.08 -28.16
C GLY K 238 8.05 -6.88 -29.22
N SER K 239 6.76 -7.14 -29.04
CA SER K 239 6.01 -7.95 -29.99
C SER K 239 5.50 -7.09 -31.14
N THR K 240 4.79 -7.73 -32.08
CA THR K 240 4.22 -7.08 -33.24
C THR K 240 2.70 -7.30 -33.20
N ILE K 241 1.95 -6.22 -32.99
CA ILE K 241 0.52 -6.28 -32.78
C ILE K 241 -0.18 -5.45 -33.84
N SER K 242 -1.27 -5.99 -34.39
CA SER K 242 -2.21 -5.21 -35.21
C SER K 242 -3.55 -5.24 -34.49
N TRP K 243 -4.01 -4.06 -34.08
CA TRP K 243 -5.21 -3.93 -33.26
C TRP K 243 -6.28 -3.17 -34.01
N ILE K 244 -7.51 -3.67 -33.93
CA ILE K 244 -8.70 -2.97 -34.42
C ILE K 244 -9.66 -2.80 -33.26
N PRO K 245 -9.74 -1.59 -32.69
CA PRO K 245 -10.53 -1.41 -31.45
C PRO K 245 -12.03 -1.52 -31.66
N CYS K 246 -12.51 -1.28 -32.88
CA CYS K 246 -13.94 -1.33 -33.13
C CYS K 246 -14.47 -2.75 -32.99
N GLY K 247 -15.53 -2.90 -32.21
CA GLY K 247 -16.21 -4.18 -32.06
C GLY K 247 -17.67 -3.95 -31.82
N ARG K 248 -18.27 -4.77 -30.97
CA ARG K 248 -19.62 -4.50 -30.50
C ARG K 248 -19.64 -3.93 -29.10
N LYS K 249 -18.48 -3.86 -28.44
CA LYS K 249 -18.32 -3.03 -27.25
C LYS K 249 -18.18 -1.56 -27.62
N LEU K 250 -17.58 -1.28 -28.78
CA LEU K 250 -17.37 0.08 -29.27
C LEU K 250 -17.66 0.11 -30.76
N THR K 251 -18.61 0.95 -31.18
CA THR K 251 -19.07 0.99 -32.56
C THR K 251 -18.48 2.20 -33.27
N CYS K 252 -17.94 1.99 -34.46
CA CYS K 252 -17.27 3.02 -35.24
C CYS K 252 -18.04 3.30 -36.52
N SER K 253 -17.47 4.18 -37.35
CA SER K 253 -18.03 4.51 -38.66
C SER K 253 -16.88 4.57 -39.67
N TYR K 254 -17.20 4.98 -40.89
CA TYR K 254 -16.21 5.07 -41.94
C TYR K 254 -15.18 6.14 -41.60
N PRO K 255 -13.88 5.86 -41.81
CA PRO K 255 -13.33 4.62 -42.35
C PRO K 255 -12.83 3.64 -41.29
N GLY K 256 -13.14 3.89 -40.03
CA GLY K 256 -12.71 3.02 -38.95
C GLY K 256 -11.34 3.37 -38.41
N ILE K 257 -10.84 2.49 -37.56
CA ILE K 257 -9.56 2.66 -36.88
C ILE K 257 -8.77 1.37 -36.99
N LYS K 258 -7.48 1.48 -37.35
CA LYS K 258 -6.57 0.35 -37.35
C LYS K 258 -5.27 0.77 -36.66
N PHE K 259 -4.82 -0.01 -35.70
CA PHE K 259 -3.62 0.25 -34.95
C PHE K 259 -2.57 -0.83 -35.20
N ASN K 260 -1.31 -0.43 -35.16
CA ASN K 260 -0.21 -1.38 -35.32
C ASN K 260 0.99 -0.92 -34.51
N TYR K 261 1.49 -1.81 -33.64
CA TYR K 261 2.69 -1.60 -32.86
C TYR K 261 3.70 -2.67 -33.25
N GLU K 262 4.94 -2.26 -33.47
CA GLU K 262 5.94 -3.19 -34.00
C GLU K 262 7.33 -2.69 -33.66
N PRO K 263 8.30 -3.59 -33.50
CA PRO K 263 9.71 -3.18 -33.43
C PRO K 263 10.36 -3.21 -34.80
N ASP K 264 11.30 -2.27 -35.00
CA ASP K 264 12.01 -2.18 -36.26
C ASP K 264 13.40 -1.62 -36.03
N SER K 265 14.28 -1.87 -37.00
CA SER K 265 15.64 -1.33 -36.99
C SER K 265 15.66 -0.17 -37.98
N TYR K 266 15.66 1.05 -37.45
CA TYR K 266 15.53 2.27 -38.24
C TYR K 266 16.88 2.97 -38.29
N PHE K 267 17.46 3.07 -39.49
CA PHE K 267 18.77 3.69 -39.72
C PHE K 267 19.84 3.00 -38.88
N ASP K 268 19.75 1.68 -38.78
CA ASP K 268 20.63 0.85 -37.94
C ASP K 268 20.55 1.27 -36.46
N HIS K 269 19.37 1.70 -36.04
CA HIS K 269 19.05 1.90 -34.63
C HIS K 269 17.84 1.04 -34.29
N GLU K 270 17.88 0.41 -33.11
CA GLU K 270 16.73 -0.33 -32.63
C GLU K 270 15.67 0.65 -32.15
N VAL K 271 14.49 0.61 -32.79
CA VAL K 271 13.39 1.49 -32.46
C VAL K 271 12.12 0.66 -32.32
N SER K 272 11.09 1.29 -31.76
CA SER K 272 9.75 0.72 -31.67
C SER K 272 8.79 1.57 -32.49
N VAL K 273 8.15 0.95 -33.49
CA VAL K 273 7.29 1.66 -34.42
C VAL K 273 5.83 1.41 -34.04
N LEU K 274 5.09 2.47 -33.81
CA LEU K 274 3.65 2.41 -33.62
C LEU K 274 2.99 3.31 -34.65
N GLU K 275 1.93 2.81 -35.29
CA GLU K 275 1.24 3.58 -36.30
C GLU K 275 -0.26 3.56 -36.08
N MET K 276 -0.91 4.65 -36.47
CA MET K 276 -2.34 4.85 -36.34
C MET K 276 -2.92 5.08 -37.73
N ASP K 277 -4.01 4.38 -38.04
CA ASP K 277 -4.68 4.52 -39.33
C ASP K 277 -6.17 4.73 -39.09
N GLY K 278 -6.71 5.79 -39.68
CA GLY K 278 -8.12 6.10 -39.58
C GLY K 278 -8.34 7.48 -38.99
N GLN K 279 -9.61 7.76 -38.67
CA GLN K 279 -10.02 9.05 -38.15
C GLN K 279 -10.96 8.83 -36.97
N PHE K 280 -10.94 9.77 -36.02
CA PHE K 280 -11.74 9.66 -34.80
C PHE K 280 -13.15 10.18 -35.07
N ASP K 281 -14.12 9.26 -35.05
CA ASP K 281 -15.52 9.64 -35.25
C ASP K 281 -16.02 10.53 -34.13
N ARG K 282 -15.70 10.20 -32.88
CA ARG K 282 -16.30 10.87 -31.74
C ARG K 282 -15.39 10.67 -30.53
N LEU K 283 -15.89 11.08 -29.35
CA LEU K 283 -15.12 10.98 -28.12
C LEU K 283 -14.92 9.54 -27.67
N ASP K 284 -15.91 8.67 -27.92
CA ASP K 284 -15.86 7.31 -27.38
C ASP K 284 -14.64 6.54 -27.87
N GLU K 285 -14.27 6.74 -29.14
CA GLU K 285 -13.13 6.00 -29.69
C GLU K 285 -11.82 6.49 -29.09
N LEU K 286 -11.71 7.80 -28.82
CA LEU K 286 -10.44 8.38 -28.38
C LEU K 286 -10.02 7.83 -27.03
N ILE K 287 -10.91 7.89 -26.03
CA ILE K 287 -10.56 7.46 -24.68
C ILE K 287 -10.31 5.95 -24.63
N TYR K 288 -11.05 5.19 -25.45
CA TYR K 288 -10.81 3.75 -25.52
C TYR K 288 -9.38 3.44 -25.94
N VAL K 289 -8.84 4.20 -26.89
CA VAL K 289 -7.44 4.05 -27.28
C VAL K 289 -6.53 4.45 -26.13
N GLU K 290 -6.83 5.58 -25.48
CA GLU K 290 -5.97 6.09 -24.41
C GLU K 290 -5.92 5.13 -23.22
N SER K 291 -7.06 4.52 -22.88
CA SER K 291 -7.11 3.63 -21.73
C SER K 291 -6.25 2.38 -21.93
N HIS K 292 -6.15 1.89 -23.16
CA HIS K 292 -5.43 0.65 -23.42
C HIS K 292 -3.95 0.86 -23.74
N LEU K 293 -3.55 2.08 -24.07
CA LEU K 293 -2.13 2.34 -24.31
C LEU K 293 -1.38 2.48 -22.99
N SER K 294 -0.07 2.30 -23.06
CA SER K 294 0.78 2.29 -21.87
C SER K 294 1.97 3.21 -22.06
N ASN K 295 2.54 3.63 -20.92
CA ASN K 295 3.72 4.51 -20.88
C ASN K 295 3.44 5.86 -21.56
N LEU K 296 2.31 6.46 -21.20
CA LEU K 296 1.97 7.80 -21.70
C LEU K 296 2.45 8.91 -20.78
N SER K 297 2.94 8.56 -19.57
CA SER K 297 3.42 9.54 -18.59
C SER K 297 2.33 10.56 -18.23
N THR K 298 1.11 10.06 -18.02
CA THR K 298 0.00 10.93 -17.67
C THR K 298 -0.16 10.99 -16.15
N LYS K 299 -0.40 12.20 -15.64
CA LYS K 299 -0.67 12.36 -14.22
C LYS K 299 -2.02 11.76 -13.83
N PHE K 300 -3.01 11.86 -14.71
CA PHE K 300 -4.36 11.45 -14.39
C PHE K 300 -5.03 10.84 -15.62
N TYR K 301 -6.11 10.11 -15.37
CA TYR K 301 -6.82 9.40 -16.42
C TYR K 301 -7.47 10.37 -17.41
N GLY K 302 -7.38 10.04 -18.69
CA GLY K 302 -7.96 10.88 -19.71
C GLY K 302 -7.21 12.16 -19.99
N GLU K 303 -5.93 12.24 -19.61
CA GLU K 303 -5.18 13.47 -19.79
C GLU K 303 -4.92 13.78 -21.26
N VAL K 304 -4.62 12.74 -22.06
CA VAL K 304 -4.37 12.95 -23.48
C VAL K 304 -5.64 13.39 -24.18
N THR K 305 -6.76 12.73 -23.88
CA THR K 305 -8.04 13.10 -24.48
C THR K 305 -8.42 14.53 -24.12
N GLN K 306 -8.29 14.87 -22.83
CA GLN K 306 -8.60 16.23 -22.38
C GLN K 306 -7.74 17.27 -23.08
N GLN K 307 -6.45 16.96 -23.27
CA GLN K 307 -5.57 17.90 -23.95
C GLN K 307 -5.91 18.00 -25.43
N MET K 308 -6.29 16.89 -26.05
CA MET K 308 -6.71 16.93 -27.45
C MET K 308 -8.05 17.63 -27.62
N LEU K 309 -8.97 17.43 -26.66
CA LEU K 309 -10.31 18.01 -26.78
C LEU K 309 -10.28 19.53 -26.63
N LYS K 310 -9.29 20.07 -25.92
CA LYS K 310 -9.16 21.53 -25.85
C LYS K 310 -8.86 22.11 -27.22
N HIS K 311 -7.98 21.47 -27.98
CA HIS K 311 -7.68 21.88 -29.35
C HIS K 311 -8.55 21.11 -30.36
N ALA K 312 -9.86 21.09 -30.12
CA ALA K 312 -10.76 20.37 -31.03
C ALA K 312 -10.93 21.12 -32.34
N ASP K 313 -10.96 22.46 -32.28
CA ASP K 313 -11.09 23.26 -33.49
C ASP K 313 -9.85 23.15 -34.36
N PHE K 314 -8.67 22.98 -33.75
CA PHE K 314 -7.43 22.93 -34.50
C PHE K 314 -7.37 21.67 -35.37
N PRO K 315 -6.72 21.74 -36.52
CA PRO K 315 -6.70 20.57 -37.42
C PRO K 315 -5.79 19.47 -36.89
N GLY K 316 -6.11 18.25 -37.30
CA GLY K 316 -5.35 17.09 -36.91
C GLY K 316 -5.79 16.42 -35.62
N SER K 317 -6.60 17.11 -34.81
CA SER K 317 -7.07 16.55 -33.55
C SER K 317 -8.16 15.49 -33.73
N ASN K 318 -8.59 15.23 -34.96
CA ASN K 318 -9.57 14.20 -35.24
C ASN K 318 -8.95 12.92 -35.80
N ASN K 319 -7.63 12.91 -36.01
CA ASN K 319 -6.94 11.74 -36.52
C ASN K 319 -5.66 11.56 -35.72
N GLY K 320 -4.78 10.67 -36.20
CA GLY K 320 -3.54 10.40 -35.51
C GLY K 320 -2.55 11.55 -35.48
N THR K 321 -2.78 12.61 -36.26
CA THR K 321 -1.89 13.76 -36.23
C THR K 321 -1.87 14.38 -34.84
N GLY K 322 -3.05 14.67 -34.28
CA GLY K 322 -3.12 15.32 -32.99
C GLY K 322 -2.68 14.42 -31.84
N LEU K 323 -2.91 13.11 -31.96
CA LEU K 323 -2.62 12.21 -30.84
C LEU K 323 -1.13 12.12 -30.55
N PHE K 324 -0.31 11.91 -31.59
CA PHE K 324 1.11 11.71 -31.36
C PHE K 324 1.81 13.00 -30.96
N GLN K 325 1.37 14.14 -31.51
CA GLN K 325 1.92 15.41 -31.09
C GLN K 325 1.66 15.67 -29.61
N THR K 326 0.48 15.28 -29.12
CA THR K 326 0.21 15.40 -27.69
C THR K 326 0.99 14.36 -26.89
N ILE K 327 1.07 13.12 -27.40
CA ILE K 327 1.73 12.04 -26.68
C ILE K 327 3.21 12.36 -26.46
N VAL K 328 3.89 12.87 -27.49
CA VAL K 328 5.28 13.26 -27.36
C VAL K 328 5.42 14.37 -26.32
N GLY K 329 4.47 15.30 -26.29
CA GLY K 329 4.54 16.41 -25.35
C GLY K 329 4.53 15.96 -23.90
N LEU K 330 3.75 14.92 -23.60
CA LEU K 330 3.80 14.35 -22.25
C LEU K 330 5.13 13.64 -21.99
N LYS K 331 5.73 13.05 -23.03
CA LYS K 331 7.03 12.43 -22.87
C LYS K 331 8.12 13.48 -22.69
N ILE K 332 8.03 14.59 -23.42
CA ILE K 332 8.97 15.69 -23.22
C ILE K 332 8.81 16.28 -21.82
N ARG K 333 7.57 16.49 -21.39
CA ARG K 333 7.31 17.02 -20.05
C ARG K 333 7.84 16.08 -18.98
N ASP K 334 7.64 14.77 -19.16
CA ASP K 334 8.23 13.80 -18.24
C ASP K 334 9.74 13.81 -18.33
N LEU K 335 10.28 13.86 -19.56
CA LEU K 335 11.73 13.90 -19.75
C LEU K 335 12.33 15.10 -19.02
N TYR K 336 11.69 16.27 -19.15
CA TYR K 336 12.14 17.44 -18.40
C TYR K 336 11.93 17.26 -16.90
N GLU K 337 10.77 16.73 -16.51
CA GLU K 337 10.50 16.50 -15.09
C GLU K 337 11.47 15.49 -14.50
N GLN K 338 11.81 14.45 -15.27
CA GLN K 338 12.78 13.47 -14.80
C GLN K 338 14.21 14.02 -14.88
N LEU K 339 14.48 14.89 -15.85
CA LEU K 339 15.84 15.39 -16.01
C LEU K 339 16.26 16.27 -14.84
N ILE K 340 15.36 17.15 -14.38
CA ILE K 340 15.68 18.01 -13.24
C ILE K 340 15.66 17.26 -11.92
N ALA K 341 15.19 16.01 -11.90
CA ALA K 341 15.35 15.18 -10.71
C ALA K 341 16.81 14.94 -10.42
N ASN K 342 17.58 14.53 -11.43
CA ASN K 342 19.01 14.35 -11.25
C ASN K 342 19.76 15.68 -11.20
N LYS K 343 19.26 16.70 -11.89
CA LYS K 343 19.93 18.01 -11.85
C LYS K 343 19.86 18.63 -10.47
N ALA K 344 18.75 18.43 -9.76
CA ALA K 344 18.62 18.97 -8.41
C ALA K 344 19.42 18.16 -7.39
N THR K 345 19.54 16.85 -7.59
CA THR K 345 20.27 15.98 -6.67
C THR K 345 21.60 15.50 -7.24
N ALA K 346 22.13 16.18 -8.27
CA ALA K 346 23.44 15.85 -8.81
C ALA K 346 24.51 15.86 -7.73
N ARG K 347 24.31 16.64 -6.68
CA ARG K 347 25.04 16.56 -5.44
C ARG K 347 25.09 15.12 -4.92
N GLU L 6 -39.35 -14.46 18.14
CA GLU L 6 -38.01 -14.21 18.66
C GLU L 6 -38.01 -13.11 19.71
N THR L 7 -38.13 -13.50 20.98
CA THR L 7 -38.19 -12.57 22.09
C THR L 7 -37.17 -12.96 23.15
N ILE L 8 -36.45 -11.96 23.68
CA ILE L 8 -35.39 -12.17 24.65
C ILE L 8 -35.59 -11.18 25.78
N VAL L 9 -35.53 -11.67 27.02
CA VAL L 9 -35.69 -10.83 28.21
C VAL L 9 -34.31 -10.51 28.78
N ILE L 10 -34.11 -9.24 29.13
CA ILE L 10 -32.94 -8.80 29.88
C ILE L 10 -33.44 -8.00 31.08
N GLY L 11 -32.78 -8.14 32.21
CA GLY L 11 -33.25 -7.58 33.47
C GLY L 11 -32.31 -6.53 34.01
N LEU L 12 -32.88 -5.48 34.61
CA LEU L 12 -32.12 -4.47 35.33
C LEU L 12 -32.82 -4.16 36.64
N ALA L 13 -32.03 -4.02 37.70
CA ALA L 13 -32.52 -3.62 39.01
C ALA L 13 -31.93 -2.26 39.36
N ALA L 14 -32.80 -1.31 39.70
CA ALA L 14 -32.37 0.06 39.97
C ALA L 14 -33.31 0.68 40.99
N ASP L 15 -32.75 1.19 42.09
CA ASP L 15 -33.54 1.74 43.17
C ASP L 15 -34.43 2.90 42.71
N SER L 16 -34.03 3.60 41.65
CA SER L 16 -34.88 4.66 41.09
C SER L 16 -36.19 4.09 40.56
N GLY L 17 -36.18 2.87 40.05
CA GLY L 17 -37.40 2.25 39.57
C GLY L 17 -37.85 2.82 38.23
N CYS L 18 -39.07 2.43 37.85
CA CYS L 18 -39.60 2.85 36.57
C CYS L 18 -40.06 4.32 36.64
N GLY L 19 -40.34 4.86 35.45
CA GLY L 19 -40.66 6.27 35.30
C GLY L 19 -39.63 6.97 34.42
N LYS L 20 -39.46 8.27 34.66
CA LYS L 20 -38.44 9.06 33.97
C LYS L 20 -37.09 8.70 34.58
N SER L 21 -36.57 7.54 34.17
CA SER L 21 -35.25 7.08 34.55
C SER L 21 -34.36 7.16 33.31
N THR L 22 -33.34 8.02 33.36
CA THR L 22 -32.49 8.24 32.20
C THR L 22 -31.74 6.96 31.80
N PHE L 23 -31.38 6.14 32.79
CA PHE L 23 -30.80 4.83 32.52
C PHE L 23 -31.73 3.98 31.65
N MET L 24 -33.04 4.07 31.90
CA MET L 24 -33.99 3.29 31.14
C MET L 24 -34.13 3.80 29.71
N ARG L 25 -34.24 5.12 29.54
CA ARG L 25 -34.44 5.69 28.21
C ARG L 25 -33.23 5.46 27.31
N ARG L 26 -32.03 5.51 27.89
CA ARG L 26 -30.82 5.35 27.08
C ARG L 26 -30.73 3.94 26.50
N LEU L 27 -31.13 2.93 27.27
CA LEU L 27 -31.15 1.57 26.75
C LEU L 27 -32.20 1.41 25.67
N THR L 28 -33.39 1.97 25.89
CA THR L 28 -34.45 1.89 24.88
C THR L 28 -34.07 2.64 23.61
N SER L 29 -33.35 3.76 23.75
CA SER L 29 -32.96 4.54 22.59
C SER L 29 -31.90 3.84 21.76
N VAL L 30 -31.05 3.02 22.38
CA VAL L 30 -30.01 2.32 21.65
C VAL L 30 -30.60 1.26 20.74
N PHE L 31 -31.53 0.46 21.26
CA PHE L 31 -32.09 -0.63 20.47
C PHE L 31 -33.14 -0.13 19.49
N GLY L 32 -34.00 0.79 19.93
CA GLY L 32 -35.12 1.24 19.10
C GLY L 32 -35.09 2.71 18.77
N GLY L 33 -36.27 3.28 18.50
CA GLY L 33 -36.37 4.67 18.10
C GLY L 33 -36.68 5.64 19.21
N ALA L 34 -37.71 5.36 20.01
CA ALA L 34 -38.14 6.26 21.06
C ALA L 34 -38.88 5.46 22.12
N ALA L 35 -39.27 6.16 23.20
CA ALA L 35 -39.99 5.56 24.32
C ALA L 35 -41.37 6.20 24.41
N LYS L 36 -42.41 5.44 24.08
CA LYS L 36 -43.78 5.94 24.10
C LYS L 36 -44.70 4.91 24.74
N PRO L 37 -45.68 5.35 25.52
CA PRO L 37 -46.62 4.41 26.15
C PRO L 37 -47.63 3.89 25.14
N PRO L 38 -48.39 2.85 25.49
CA PRO L 38 -49.46 2.39 24.58
C PRO L 38 -50.66 3.33 24.62
N LYS L 39 -51.06 3.79 23.44
CA LYS L 39 -52.24 4.63 23.33
C LYS L 39 -53.49 3.82 23.65
N GLY L 40 -54.37 4.40 24.46
CA GLY L 40 -55.58 3.75 24.89
C GLY L 40 -55.53 3.17 26.29
N GLY L 41 -54.34 2.88 26.81
CA GLY L 41 -54.23 2.45 28.19
C GLY L 41 -54.49 3.59 29.16
N ASN L 42 -54.80 3.23 30.40
CA ASN L 42 -55.12 4.24 31.39
C ASN L 42 -53.88 5.09 31.69
N PRO L 43 -54.07 6.33 32.16
CA PRO L 43 -52.93 7.18 32.47
C PRO L 43 -51.98 6.56 33.49
N ASP L 44 -50.68 6.81 33.29
CA ASP L 44 -49.60 6.36 34.17
C ASP L 44 -49.46 4.84 34.17
N SER L 45 -49.80 4.19 33.06
CA SER L 45 -49.37 2.82 32.85
C SER L 45 -47.86 2.84 32.62
N ASN L 46 -47.09 2.34 33.59
CA ASN L 46 -45.64 2.46 33.56
C ASN L 46 -44.99 1.73 32.40
N THR L 47 -45.74 0.88 31.70
CA THR L 47 -45.20 0.14 30.56
C THR L 47 -44.91 1.09 29.40
N LEU L 48 -43.73 0.94 28.80
CA LEU L 48 -43.35 1.67 27.60
C LEU L 48 -43.13 0.70 26.45
N ILE L 49 -43.31 1.20 25.22
CA ILE L 49 -43.25 0.38 24.02
C ILE L 49 -42.41 1.08 22.97
N SER L 50 -41.63 0.28 22.22
CA SER L 50 -40.95 0.73 21.00
C SER L 50 -41.28 -0.26 19.89
N ASP L 51 -40.69 -0.02 18.71
CA ASP L 51 -40.92 -0.92 17.57
C ASP L 51 -40.37 -2.31 17.85
N THR L 52 -39.24 -2.40 18.54
CA THR L 52 -38.65 -3.66 18.93
C THR L 52 -38.71 -3.92 20.43
N THR L 53 -38.51 -2.89 21.25
CA THR L 53 -38.43 -3.05 22.69
C THR L 53 -39.74 -2.71 23.37
N THR L 54 -39.98 -3.37 24.49
CA THR L 54 -41.10 -3.05 25.38
C THR L 54 -40.58 -3.09 26.81
N VAL L 55 -40.82 -2.01 27.55
CA VAL L 55 -40.37 -1.86 28.93
C VAL L 55 -41.57 -2.07 29.84
N ILE L 56 -41.42 -2.98 30.81
CA ILE L 56 -42.45 -3.20 31.82
C ILE L 56 -41.83 -3.01 33.20
N CYS L 57 -42.57 -2.37 34.09
CA CYS L 57 -42.09 -2.16 35.44
C CYS L 57 -42.36 -3.39 36.29
N LEU L 58 -41.76 -3.41 37.48
CA LEU L 58 -42.12 -4.37 38.50
C LEU L 58 -43.10 -3.79 39.51
N ASP L 59 -43.60 -2.58 39.25
CA ASP L 59 -44.68 -2.04 40.07
C ASP L 59 -46.00 -2.72 39.75
N ASP L 60 -46.18 -3.17 38.51
CA ASP L 60 -47.39 -3.90 38.14
C ASP L 60 -47.44 -5.27 38.78
N TYR L 61 -46.28 -5.87 39.05
CA TYR L 61 -46.22 -7.17 39.70
C TYR L 61 -46.31 -7.08 41.21
N HIS L 62 -46.51 -5.89 41.77
CA HIS L 62 -46.78 -5.78 43.21
C HIS L 62 -48.09 -6.50 43.54
N SER L 63 -48.01 -7.49 44.42
CA SER L 63 -49.16 -8.30 44.82
C SER L 63 -49.98 -7.64 45.94
N LEU L 64 -49.32 -7.13 46.98
CA LEU L 64 -50.02 -6.44 48.05
C LEU L 64 -50.39 -5.04 47.60
N ASP L 65 -51.63 -4.63 47.90
CA ASP L 65 -52.12 -3.32 47.51
C ASP L 65 -51.32 -2.21 48.20
N ARG L 66 -51.57 -0.97 47.78
CA ARG L 66 -50.88 0.16 48.41
C ARG L 66 -51.31 0.32 49.87
N TYR L 67 -52.62 0.38 50.10
CA TYR L 67 -53.09 0.29 51.47
C TYR L 67 -52.83 -1.09 52.05
N GLY L 68 -52.76 -2.11 51.19
CA GLY L 68 -52.25 -3.41 51.63
C GLY L 68 -50.79 -3.35 52.01
N ARG L 69 -50.00 -2.51 51.33
CA ARG L 69 -48.64 -2.23 51.78
C ARG L 69 -48.66 -1.37 53.04
N LYS L 70 -49.70 -0.56 53.23
CA LYS L 70 -49.92 0.10 54.50
C LYS L 70 -50.57 -0.81 55.53
N GLU L 71 -51.24 -1.88 55.09
CA GLU L 71 -51.87 -2.81 56.01
C GLU L 71 -50.83 -3.49 56.90
N GLN L 72 -49.69 -3.84 56.33
CA GLN L 72 -48.63 -4.54 57.05
C GLN L 72 -47.32 -3.83 56.81
N LYS L 73 -46.45 -3.81 57.83
CA LYS L 73 -45.18 -3.10 57.82
C LYS L 73 -44.26 -3.53 56.68
N VAL L 74 -44.62 -4.64 56.01
CA VAL L 74 -43.98 -5.06 54.78
C VAL L 74 -43.86 -3.89 53.81
N THR L 75 -42.67 -3.77 53.20
CA THR L 75 -42.34 -2.66 52.33
C THR L 75 -42.44 -3.07 50.86
N ALA L 76 -42.15 -2.11 49.98
CA ALA L 76 -42.10 -2.43 48.56
C ALA L 76 -40.96 -3.39 48.25
N LEU L 77 -39.91 -3.39 49.06
CA LEU L 77 -38.78 -4.29 48.84
C LEU L 77 -39.08 -5.72 49.28
N ASP L 78 -40.04 -5.89 50.18
CA ASP L 78 -40.29 -7.20 50.78
C ASP L 78 -40.77 -8.18 49.73
N PRO L 79 -40.34 -9.44 49.80
CA PRO L 79 -40.72 -10.42 48.75
C PRO L 79 -42.20 -10.70 48.67
N ARG L 80 -42.97 -10.50 49.76
CA ARG L 80 -44.41 -10.67 49.68
C ARG L 80 -45.05 -9.66 48.76
N ALA L 81 -44.42 -8.48 48.62
CA ALA L 81 -44.97 -7.43 47.77
C ALA L 81 -45.15 -7.89 46.33
N ASN L 82 -44.21 -8.69 45.84
CA ASN L 82 -44.26 -9.20 44.48
C ASN L 82 -44.70 -10.66 44.45
N ASP L 83 -45.22 -11.08 43.31
CA ASP L 83 -45.76 -12.42 43.11
C ASP L 83 -44.91 -13.09 42.03
N PHE L 84 -43.79 -13.71 42.45
CA PHE L 84 -42.88 -14.32 41.49
C PHE L 84 -43.51 -15.54 40.81
N ASP L 85 -44.31 -16.30 41.55
CA ASP L 85 -45.01 -17.45 40.98
C ASP L 85 -45.90 -17.02 39.82
N LEU L 86 -46.50 -15.83 39.93
CA LEU L 86 -47.20 -15.24 38.80
C LEU L 86 -46.22 -14.54 37.86
N MET L 87 -45.23 -13.84 38.41
CA MET L 87 -44.27 -13.11 37.58
C MET L 87 -43.46 -14.06 36.70
N TYR L 88 -43.01 -15.19 37.24
CA TYR L 88 -42.23 -16.13 36.45
C TYR L 88 -43.07 -16.69 35.30
N GLU L 89 -44.33 -17.02 35.56
CA GLU L 89 -45.18 -17.55 34.49
C GLU L 89 -45.61 -16.46 33.51
N GLN L 90 -45.76 -15.21 33.99
CA GLN L 90 -46.09 -14.12 33.08
C GLN L 90 -44.99 -13.89 32.06
N VAL L 91 -43.74 -13.80 32.52
CA VAL L 91 -42.62 -13.63 31.60
C VAL L 91 -42.30 -14.93 30.86
N LYS L 92 -42.73 -16.08 31.39
CA LYS L 92 -42.54 -17.35 30.68
C LYS L 92 -43.41 -17.41 29.42
N ALA L 93 -44.67 -16.97 29.52
CA ALA L 93 -45.55 -16.97 28.37
C ALA L 93 -45.06 -16.02 27.29
N LEU L 94 -44.50 -14.88 27.69
CA LEU L 94 -43.98 -13.92 26.72
C LEU L 94 -42.72 -14.45 26.05
N LYS L 95 -41.79 -14.98 26.85
CA LYS L 95 -40.56 -15.55 26.31
C LYS L 95 -40.87 -16.75 25.41
N ASN L 96 -41.90 -17.52 25.75
CA ASN L 96 -42.33 -18.62 24.89
C ASN L 96 -42.88 -18.10 23.57
N GLY L 97 -43.55 -16.95 23.58
CA GLY L 97 -44.12 -16.39 22.37
C GLY L 97 -45.63 -16.28 22.43
N ILE L 98 -46.16 -16.06 23.63
CA ILE L 98 -47.60 -15.97 23.86
C ILE L 98 -47.89 -14.64 24.54
N ALA L 99 -48.96 -13.97 24.10
CA ALA L 99 -49.37 -12.69 24.66
C ALA L 99 -49.69 -12.82 26.15
N VAL L 100 -49.77 -11.67 26.81
CA VAL L 100 -49.85 -11.60 28.26
C VAL L 100 -50.87 -10.56 28.68
N GLU L 101 -51.72 -10.92 29.65
CA GLU L 101 -52.62 -9.98 30.31
C GLU L 101 -51.97 -9.58 31.64
N LYS L 102 -51.51 -8.34 31.73
CA LYS L 102 -50.67 -7.92 32.83
C LYS L 102 -51.36 -6.84 33.67
N PRO L 103 -51.26 -6.93 35.00
CA PRO L 103 -51.85 -5.89 35.86
C PRO L 103 -51.17 -4.54 35.70
N ILE L 104 -51.74 -3.52 36.35
CA ILE L 104 -51.22 -2.17 36.32
C ILE L 104 -51.19 -1.62 37.75
N TYR L 105 -50.30 -0.66 37.98
CA TYR L 105 -50.18 0.05 39.25
C TYR L 105 -50.21 1.54 38.96
N ASN L 106 -51.22 2.24 39.49
CA ASN L 106 -51.28 3.69 39.41
C ASN L 106 -50.72 4.26 40.72
N HIS L 107 -49.71 5.12 40.62
CA HIS L 107 -48.94 5.50 41.80
C HIS L 107 -49.70 6.47 42.70
N VAL L 108 -50.49 7.38 42.12
CA VAL L 108 -51.24 8.34 42.93
C VAL L 108 -52.26 7.63 43.79
N THR L 109 -53.09 6.78 43.18
CA THR L 109 -54.05 6.01 43.95
C THR L 109 -53.37 4.88 44.72
N GLY L 110 -52.40 4.21 44.10
CA GLY L 110 -51.84 3.00 44.65
C GLY L 110 -52.62 1.75 44.34
N LEU L 111 -53.75 1.87 43.65
CA LEU L 111 -54.64 0.77 43.37
C LEU L 111 -53.99 -0.25 42.43
N LEU L 112 -54.60 -1.42 42.36
CA LEU L 112 -54.39 -2.34 41.23
C LEU L 112 -55.48 -2.04 40.22
N ASP L 113 -55.08 -1.52 39.07
CA ASP L 113 -56.04 -1.15 38.04
C ASP L 113 -56.27 -2.31 37.09
N PRO L 114 -57.32 -2.27 36.26
CA PRO L 114 -57.60 -3.37 35.33
C PRO L 114 -56.41 -3.72 34.46
N PRO L 115 -56.33 -4.97 33.99
CA PRO L 115 -55.15 -5.43 33.26
C PRO L 115 -55.00 -4.71 31.91
N GLU L 116 -53.81 -4.87 31.33
CA GLU L 116 -53.49 -4.23 30.06
C GLU L 116 -52.83 -5.25 29.13
N LEU L 117 -52.73 -4.86 27.86
CA LEU L 117 -52.28 -5.74 26.80
C LEU L 117 -50.76 -5.65 26.64
N ILE L 118 -50.10 -6.80 26.64
CA ILE L 118 -48.68 -6.91 26.32
C ILE L 118 -48.54 -7.87 25.16
N GLN L 119 -47.87 -7.43 24.10
CA GLN L 119 -47.49 -8.09 22.86
C GLN L 119 -46.03 -8.50 22.92
N PRO L 120 -45.66 -9.65 22.36
CA PRO L 120 -44.27 -10.11 22.43
C PRO L 120 -43.35 -9.22 21.63
N PRO L 121 -42.43 -8.52 22.30
CA PRO L 121 -41.50 -7.63 21.59
C PRO L 121 -40.26 -8.39 21.15
N LYS L 122 -39.42 -7.71 20.37
CA LYS L 122 -38.17 -8.31 19.93
C LYS L 122 -37.22 -8.50 21.12
N ILE L 123 -37.19 -7.54 22.03
CA ILE L 123 -36.46 -7.66 23.28
C ILE L 123 -37.25 -6.93 24.36
N LEU L 124 -37.31 -7.51 25.56
CA LEU L 124 -38.07 -6.94 26.65
C LEU L 124 -37.19 -6.77 27.86
N VAL L 125 -37.34 -5.63 28.54
CA VAL L 125 -36.57 -5.31 29.74
C VAL L 125 -37.53 -5.02 30.88
N ILE L 126 -37.24 -5.60 32.04
CA ILE L 126 -38.02 -5.37 33.25
C ILE L 126 -37.28 -4.39 34.13
N GLU L 127 -37.95 -3.30 34.50
CA GLU L 127 -37.40 -2.32 35.42
C GLU L 127 -38.07 -2.50 36.77
N GLY L 128 -37.26 -2.79 37.79
CA GLY L 128 -37.83 -3.03 39.10
C GLY L 128 -36.73 -3.27 40.10
N LEU L 129 -37.12 -3.82 41.25
CA LEU L 129 -36.21 -3.96 42.37
C LEU L 129 -35.90 -5.42 42.71
N HIS L 130 -36.69 -6.37 42.21
CA HIS L 130 -36.46 -7.79 42.51
C HIS L 130 -36.50 -8.66 41.25
N PRO L 131 -35.73 -8.30 40.19
CA PRO L 131 -35.79 -9.13 38.97
C PRO L 131 -34.91 -10.38 39.06
N MET L 132 -33.76 -10.27 39.73
CA MET L 132 -32.83 -11.38 39.89
C MET L 132 -32.91 -12.03 41.26
N PHE L 133 -33.84 -11.60 42.11
CA PHE L 133 -33.98 -12.18 43.44
C PHE L 133 -34.38 -13.65 43.36
N ASP L 134 -35.35 -13.97 42.50
CA ASP L 134 -35.86 -15.32 42.41
C ASP L 134 -35.00 -16.17 41.48
N GLU L 135 -34.70 -17.39 41.91
CA GLU L 135 -33.88 -18.31 41.10
C GLU L 135 -34.60 -18.74 39.84
N ARG L 136 -35.93 -18.87 39.89
CA ARG L 136 -36.69 -19.39 38.75
C ARG L 136 -36.59 -18.47 37.54
N VAL L 137 -36.82 -17.16 37.76
CA VAL L 137 -36.73 -16.20 36.66
C VAL L 137 -35.28 -15.94 36.26
N ARG L 138 -34.33 -16.26 37.15
CA ARG L 138 -32.92 -15.97 36.91
C ARG L 138 -32.41 -16.67 35.66
N ASP L 139 -32.82 -17.92 35.43
CA ASP L 139 -32.40 -18.62 34.22
C ASP L 139 -33.12 -18.11 32.98
N LEU L 140 -34.32 -17.53 33.15
CA LEU L 140 -35.05 -16.95 32.04
C LEU L 140 -34.42 -15.65 31.53
N LEU L 141 -33.39 -15.15 32.20
CA LEU L 141 -32.71 -13.93 31.80
C LEU L 141 -31.44 -14.30 31.02
N ASP L 142 -31.34 -13.81 29.79
CA ASP L 142 -30.10 -13.97 29.04
C ASP L 142 -29.02 -13.01 29.52
N PHE L 143 -29.42 -11.82 29.96
CA PHE L 143 -28.48 -10.83 30.47
C PHE L 143 -29.04 -10.22 31.74
N SER L 144 -28.15 -9.79 32.63
CA SER L 144 -28.53 -9.23 33.92
C SER L 144 -27.75 -7.96 34.19
N ILE L 145 -28.45 -6.94 34.68
CA ILE L 145 -27.89 -5.62 34.96
C ILE L 145 -28.33 -5.21 36.37
N TYR L 146 -27.41 -4.61 37.12
CA TYR L 146 -27.75 -4.04 38.42
C TYR L 146 -27.13 -2.65 38.54
N LEU L 147 -27.97 -1.63 38.64
CA LEU L 147 -27.52 -0.27 38.90
C LEU L 147 -27.40 -0.06 40.40
N ASP L 148 -26.21 0.26 40.87
CA ASP L 148 -25.94 0.44 42.29
C ASP L 148 -25.47 1.87 42.53
N ILE L 149 -26.08 2.53 43.51
CA ILE L 149 -25.67 3.86 43.94
C ILE L 149 -25.32 3.78 45.41
N SER L 150 -24.20 4.38 45.79
CA SER L 150 -23.81 4.40 47.19
C SER L 150 -24.77 5.28 47.99
N ASN L 151 -24.70 5.14 49.31
CA ASN L 151 -25.58 5.93 50.18
C ASN L 151 -25.29 7.41 50.07
N GLU L 152 -24.04 7.79 49.77
CA GLU L 152 -23.67 9.20 49.69
C GLU L 152 -24.30 9.86 48.46
N VAL L 153 -24.24 9.18 47.32
CA VAL L 153 -24.73 9.79 46.08
C VAL L 153 -26.26 9.79 46.04
N LYS L 154 -26.87 8.71 46.54
CA LYS L 154 -28.34 8.68 46.67
C LYS L 154 -28.84 9.77 47.60
N PHE L 155 -28.13 9.97 48.71
CA PHE L 155 -28.48 11.03 49.66
C PHE L 155 -28.36 12.40 49.02
N ALA L 156 -27.36 12.58 48.15
CA ALA L 156 -27.13 13.88 47.52
C ALA L 156 -28.23 14.20 46.51
N TRP L 157 -28.74 13.19 45.79
CA TRP L 157 -29.69 13.43 44.72
C TRP L 157 -31.04 13.90 45.25
N LYS L 158 -31.47 13.40 46.41
CA LYS L 158 -32.73 13.85 46.98
C LYS L 158 -32.62 15.29 47.48
N ILE L 159 -31.47 15.65 48.03
CA ILE L 159 -31.24 17.03 48.45
C ILE L 159 -31.18 17.96 47.26
N GLN L 160 -30.41 17.58 46.24
CA GLN L 160 -29.99 18.54 45.22
C GLN L 160 -31.15 18.95 44.32
N ARG L 161 -32.04 18.02 43.96
CA ARG L 161 -33.16 18.40 43.10
C ARG L 161 -34.50 17.76 43.44
N ASP L 162 -34.59 16.83 44.39
CA ASP L 162 -35.84 16.10 44.57
C ASP L 162 -36.77 16.74 45.60
N MET L 163 -36.40 17.89 46.17
CA MET L 163 -37.29 18.59 47.09
C MET L 163 -38.10 19.60 46.27
N ALA L 164 -39.25 19.17 45.78
CA ALA L 164 -40.18 20.04 45.06
C ALA L 164 -41.49 20.05 45.86
N GLU L 165 -41.54 20.91 46.86
CA GLU L 165 -42.68 21.04 47.77
C GLU L 165 -42.45 22.30 48.61
N ARG L 166 -43.40 22.56 49.52
CA ARG L 166 -43.23 23.67 50.45
C ARG L 166 -42.05 23.42 51.38
N GLY L 167 -41.87 22.18 51.81
CA GLY L 167 -40.75 21.82 52.65
C GLY L 167 -40.52 20.32 52.71
N HIS L 168 -39.26 19.92 52.72
CA HIS L 168 -38.89 18.52 52.93
C HIS L 168 -37.59 18.55 53.71
N SER L 169 -37.68 18.32 55.03
CA SER L 169 -36.56 18.54 55.93
C SER L 169 -35.38 17.66 55.58
N LEU L 170 -34.18 18.16 55.90
CA LEU L 170 -32.96 17.39 55.67
C LEU L 170 -32.97 16.09 56.46
N GLU L 171 -33.39 16.17 57.73
CA GLU L 171 -33.51 14.95 58.54
C GLU L 171 -34.70 14.11 58.07
N SER L 172 -35.72 14.74 57.47
CA SER L 172 -36.83 13.98 56.91
C SER L 172 -36.37 13.12 55.75
N ILE L 173 -35.49 13.66 54.89
CA ILE L 173 -34.86 12.84 53.86
C ILE L 173 -33.96 11.79 54.51
N LYS L 174 -33.23 12.18 55.56
CA LYS L 174 -32.35 11.23 56.23
C LYS L 174 -33.14 10.16 56.98
N ALA L 175 -34.25 10.54 57.60
CA ALA L 175 -35.09 9.55 58.27
C ALA L 175 -35.73 8.59 57.28
N SER L 176 -35.96 9.04 56.04
CA SER L 176 -36.51 8.15 55.02
C SER L 176 -35.49 7.09 54.62
N ILE L 177 -34.28 7.52 54.25
CA ILE L 177 -33.27 6.60 53.74
C ILE L 177 -32.80 5.65 54.84
N GLU L 178 -32.65 6.16 56.07
CA GLU L 178 -32.15 5.32 57.16
C GLU L 178 -33.15 4.23 57.52
N ALA L 179 -34.45 4.51 57.41
CA ALA L 179 -35.46 3.51 57.71
C ALA L 179 -35.54 2.45 56.62
N ARG L 180 -35.16 2.79 55.39
CA ARG L 180 -35.24 1.84 54.29
C ARG L 180 -34.17 0.75 54.39
N LYS L 181 -33.03 1.08 54.99
CA LYS L 181 -31.85 0.20 54.94
C LYS L 181 -32.07 -1.23 55.44
N PRO L 182 -32.78 -1.50 56.54
CA PRO L 182 -32.93 -2.92 56.96
C PRO L 182 -33.56 -3.81 55.91
N ASP L 183 -34.60 -3.33 55.21
CA ASP L 183 -35.11 -4.09 54.07
C ASP L 183 -34.23 -3.91 52.83
N PHE L 184 -33.60 -2.75 52.70
CA PHE L 184 -32.78 -2.46 51.51
C PHE L 184 -31.51 -3.30 51.50
N ASP L 185 -30.83 -3.39 52.64
CA ASP L 185 -29.52 -4.04 52.68
C ASP L 185 -29.61 -5.53 52.43
N ALA L 186 -30.77 -6.15 52.73
CA ALA L 186 -30.90 -7.59 52.65
C ALA L 186 -31.74 -8.09 51.48
N PHE L 187 -32.63 -7.27 50.93
CA PHE L 187 -33.48 -7.71 49.83
C PHE L 187 -32.96 -7.32 48.45
N ILE L 188 -32.25 -6.19 48.34
CA ILE L 188 -31.87 -5.66 47.04
C ILE L 188 -30.39 -5.93 46.76
N ASP L 189 -29.53 -5.51 47.68
CA ASP L 189 -28.08 -5.68 47.53
C ASP L 189 -27.61 -7.09 47.20
N PRO L 190 -28.18 -8.17 47.73
CA PRO L 190 -27.70 -9.51 47.32
C PRO L 190 -27.86 -9.84 45.85
N GLN L 191 -28.69 -9.11 45.10
CA GLN L 191 -28.88 -9.42 43.69
C GLN L 191 -27.69 -9.08 42.80
N LYS L 192 -26.63 -8.50 43.36
CA LYS L 192 -25.47 -8.10 42.55
C LYS L 192 -24.75 -9.30 41.96
N GLN L 193 -24.72 -10.43 42.67
CA GLN L 193 -23.83 -11.53 42.30
C GLN L 193 -24.19 -12.13 40.95
N TYR L 194 -25.47 -12.17 40.60
CA TYR L 194 -25.90 -12.74 39.33
C TYR L 194 -25.92 -11.72 38.21
N ALA L 195 -25.75 -10.43 38.51
CA ALA L 195 -25.81 -9.40 37.49
C ALA L 195 -24.59 -9.46 36.59
N ASP L 196 -24.83 -9.53 35.27
CA ASP L 196 -23.73 -9.65 34.32
C ASP L 196 -22.89 -8.38 34.25
N ALA L 197 -23.48 -7.23 34.56
CA ALA L 197 -22.74 -5.97 34.57
C ALA L 197 -23.39 -5.04 35.58
N VAL L 198 -22.59 -4.54 36.52
CA VAL L 198 -23.07 -3.61 37.53
C VAL L 198 -22.33 -2.28 37.39
N ILE L 199 -23.02 -1.21 37.76
CA ILE L 199 -22.45 0.13 37.81
C ILE L 199 -22.64 0.63 39.23
N GLU L 200 -21.55 0.93 39.92
CA GLU L 200 -21.59 1.49 41.26
C GLU L 200 -21.10 2.93 41.22
N VAL L 201 -21.86 3.83 41.83
CA VAL L 201 -21.58 5.26 41.81
C VAL L 201 -21.05 5.66 43.18
N LEU L 202 -19.87 6.27 43.20
CA LEU L 202 -19.15 6.63 44.41
C LEU L 202 -18.75 8.10 44.33
N PRO L 203 -18.49 8.74 45.48
CA PRO L 203 -18.04 10.14 45.45
C PRO L 203 -16.66 10.27 44.83
N THR L 204 -16.38 11.49 44.36
CA THR L 204 -15.14 11.77 43.65
C THR L 204 -13.95 11.82 44.61
N THR L 205 -12.78 11.49 44.07
CA THR L 205 -11.52 11.64 44.79
C THR L 205 -10.70 12.82 44.30
N LEU L 206 -11.13 13.51 43.24
CA LEU L 206 -10.37 14.64 42.73
C LEU L 206 -10.54 15.88 43.60
N ILE L 207 -11.75 16.17 44.05
CA ILE L 207 -12.02 17.35 44.85
C ILE L 207 -12.38 16.93 46.26
N PRO L 208 -12.12 17.75 47.28
CA PRO L 208 -12.32 17.31 48.67
C PRO L 208 -13.78 17.40 49.09
N ASP L 209 -14.31 16.28 49.60
CA ASP L 209 -15.61 16.21 50.26
C ASP L 209 -16.73 16.75 49.38
N ASP L 210 -16.84 16.20 48.16
CA ASP L 210 -17.88 16.63 47.24
C ASP L 210 -19.24 16.12 47.73
N ASN L 211 -20.12 17.06 48.06
CA ASN L 211 -21.50 16.75 48.41
C ASN L 211 -22.47 17.07 47.30
N GLU L 212 -22.00 17.69 46.22
CA GLU L 212 -22.92 18.25 45.22
C GLU L 212 -23.46 17.17 44.29
N GLY L 213 -22.61 16.23 43.88
CA GLY L 213 -23.07 15.09 43.11
C GLY L 213 -23.20 15.30 41.63
N LYS L 214 -22.81 16.46 41.09
CA LYS L 214 -22.72 16.60 39.64
C LYS L 214 -21.52 15.85 39.09
N VAL L 215 -20.43 15.82 39.86
CA VAL L 215 -19.24 15.03 39.53
C VAL L 215 -19.30 13.74 40.33
N LEU L 216 -19.13 12.62 39.64
CA LEU L 216 -19.20 11.30 40.27
C LEU L 216 -17.97 10.48 39.90
N ARG L 217 -17.65 9.52 40.76
CA ARG L 217 -16.67 8.48 40.48
C ARG L 217 -17.44 7.17 40.35
N VAL L 218 -17.46 6.60 39.16
CA VAL L 218 -18.28 5.44 38.86
C VAL L 218 -17.39 4.27 38.49
N ARG L 219 -17.82 3.06 38.85
CA ARG L 219 -17.09 1.84 38.55
C ARG L 219 -18.04 0.88 37.85
N LEU L 220 -17.73 0.55 36.60
CA LEU L 220 -18.49 -0.41 35.81
C LEU L 220 -17.81 -1.76 35.90
N ILE L 221 -18.51 -2.77 36.40
CA ILE L 221 -17.96 -4.09 36.63
C ILE L 221 -18.59 -5.05 35.63
N MET L 222 -17.75 -5.68 34.81
CA MET L 222 -18.20 -6.62 33.78
C MET L 222 -17.77 -8.03 34.18
N LYS L 223 -18.71 -8.97 34.06
CA LYS L 223 -18.41 -10.36 34.37
C LYS L 223 -17.52 -10.99 33.31
N GLU L 224 -16.70 -11.94 33.73
CA GLU L 224 -15.87 -12.74 32.84
C GLU L 224 -16.35 -14.18 32.88
N GLY L 225 -16.72 -14.71 31.72
CA GLY L 225 -17.31 -16.03 31.65
C GLY L 225 -18.75 -15.97 31.17
N VAL L 226 -19.06 -14.97 30.37
CA VAL L 226 -20.39 -14.77 29.80
C VAL L 226 -20.27 -14.88 28.28
N LYS L 227 -21.18 -15.65 27.68
CA LYS L 227 -21.16 -15.85 26.24
C LYS L 227 -21.71 -14.63 25.52
N TYR L 228 -21.14 -14.34 24.35
CA TYR L 228 -21.50 -13.22 23.48
C TYR L 228 -21.25 -11.86 24.12
N PHE L 229 -20.51 -11.80 25.22
CA PHE L 229 -20.20 -10.56 25.90
C PHE L 229 -18.71 -10.28 25.76
N SER L 230 -18.38 -9.16 25.10
CA SER L 230 -16.99 -8.80 24.86
C SER L 230 -16.56 -7.76 25.87
N PRO L 231 -15.60 -8.05 26.75
CA PRO L 231 -15.24 -7.08 27.80
C PRO L 231 -14.60 -5.83 27.22
N VAL L 232 -14.95 -4.68 27.80
CA VAL L 232 -14.39 -3.40 27.39
C VAL L 232 -13.11 -3.14 28.18
N TYR L 233 -12.05 -2.79 27.47
CA TYR L 233 -10.76 -2.54 28.08
C TYR L 233 -10.13 -1.31 27.42
N LEU L 234 -9.03 -0.84 28.00
CA LEU L 234 -8.26 0.26 27.42
C LEU L 234 -6.78 -0.13 27.40
N PHE L 235 -6.26 -0.30 26.19
CA PHE L 235 -4.84 -0.43 25.86
C PHE L 235 -4.22 -1.78 26.25
N ASP L 236 -4.93 -2.58 27.07
CA ASP L 236 -4.49 -3.91 27.43
C ASP L 236 -5.59 -4.62 28.21
N GLU L 237 -5.96 -5.84 27.81
CA GLU L 237 -6.92 -6.62 28.58
C GLU L 237 -6.18 -7.35 29.70
N GLY L 238 -6.76 -7.30 30.90
CA GLY L 238 -6.17 -8.02 32.02
C GLY L 238 -4.91 -7.38 32.58
N SER L 239 -4.90 -6.05 32.69
CA SER L 239 -3.79 -5.34 33.32
C SER L 239 -4.34 -4.15 34.07
N THR L 240 -3.68 -3.79 35.17
CA THR L 240 -4.10 -2.67 36.00
C THR L 240 -3.44 -1.40 35.47
N ILE L 241 -4.27 -0.46 34.99
CA ILE L 241 -3.79 0.75 34.36
C ILE L 241 -4.64 1.93 34.81
N SER L 242 -3.99 3.02 35.22
CA SER L 242 -4.64 4.28 35.55
C SER L 242 -4.20 5.32 34.53
N TRP L 243 -5.17 5.95 33.87
CA TRP L 243 -4.90 6.87 32.78
C TRP L 243 -5.73 8.14 32.96
N ILE L 244 -5.07 9.28 33.03
CA ILE L 244 -5.72 10.58 33.01
C ILE L 244 -5.20 11.32 31.77
N PRO L 245 -6.07 11.71 30.84
CA PRO L 245 -5.63 12.17 29.52
C PRO L 245 -5.24 13.63 29.42
N CYS L 246 -5.40 14.41 30.49
CA CYS L 246 -5.11 15.83 30.46
C CYS L 246 -3.63 16.08 30.19
N GLY L 247 -3.31 16.59 29.01
CA GLY L 247 -1.93 16.81 28.62
C GLY L 247 -1.79 17.68 27.39
N ARG L 248 -0.83 17.35 26.53
CA ARG L 248 -0.54 18.19 25.38
C ARG L 248 -1.60 18.06 24.30
N LYS L 249 -2.08 16.84 24.03
CA LYS L 249 -3.08 16.66 22.99
C LYS L 249 -4.43 17.22 23.41
N LEU L 250 -4.84 17.00 24.65
CA LEU L 250 -6.13 17.45 25.16
C LEU L 250 -5.90 18.22 26.45
N THR L 251 -6.39 19.46 26.49
CA THR L 251 -6.35 20.28 27.69
C THR L 251 -7.72 20.21 28.38
N CYS L 252 -7.70 20.00 29.69
CA CYS L 252 -8.92 19.77 30.45
C CYS L 252 -9.33 21.04 31.20
N SER L 253 -10.55 21.01 31.74
CA SER L 253 -11.04 22.01 32.68
C SER L 253 -11.17 21.37 34.05
N TYR L 254 -11.05 22.20 35.08
CA TYR L 254 -11.20 21.73 36.45
C TYR L 254 -12.58 21.12 36.65
N PRO L 255 -12.69 19.97 37.34
CA PRO L 255 -11.64 19.21 38.03
C PRO L 255 -10.71 18.40 37.10
N GLY L 256 -11.26 17.84 36.04
CA GLY L 256 -10.50 17.04 35.11
C GLY L 256 -11.14 15.68 34.93
N ILE L 257 -10.35 14.74 34.38
CA ILE L 257 -10.79 13.37 34.14
C ILE L 257 -9.71 12.44 34.67
N LYS L 258 -10.12 11.22 35.02
CA LYS L 258 -9.20 10.18 35.45
C LYS L 258 -9.85 8.83 35.22
N PHE L 259 -9.08 7.86 34.73
CA PHE L 259 -9.58 6.53 34.42
C PHE L 259 -8.78 5.47 35.16
N ASN L 260 -9.42 4.31 35.32
CA ASN L 260 -8.81 3.14 35.95
C ASN L 260 -9.38 1.89 35.31
N TYR L 261 -8.50 1.04 34.79
CA TYR L 261 -8.88 -0.28 34.31
C TYR L 261 -8.02 -1.31 35.02
N GLU L 262 -8.66 -2.31 35.63
CA GLU L 262 -7.93 -3.32 36.39
C GLU L 262 -8.81 -4.55 36.51
N PRO L 263 -8.23 -5.75 36.49
CA PRO L 263 -9.00 -6.95 36.81
C PRO L 263 -9.11 -7.16 38.31
N ASP L 264 -10.22 -7.75 38.72
CA ASP L 264 -10.50 -7.98 40.13
C ASP L 264 -11.42 -9.19 40.25
N SER L 265 -11.96 -9.41 41.45
CA SER L 265 -12.88 -10.50 41.71
C SER L 265 -14.12 -9.94 42.39
N TYR L 266 -15.29 -10.38 41.93
CA TYR L 266 -16.57 -9.87 42.40
C TYR L 266 -17.41 -11.04 42.93
N PHE L 267 -17.53 -11.12 44.25
CA PHE L 267 -18.30 -12.17 44.93
C PHE L 267 -17.82 -13.56 44.52
N ASP L 268 -16.50 -13.75 44.54
CA ASP L 268 -15.84 -15.00 44.15
C ASP L 268 -16.15 -15.36 42.69
N HIS L 269 -16.16 -14.36 41.82
CA HIS L 269 -16.18 -14.53 40.38
C HIS L 269 -15.00 -13.79 39.78
N GLU L 270 -14.89 -13.80 38.46
CA GLU L 270 -13.84 -13.07 37.76
C GLU L 270 -14.46 -11.90 37.01
N VAL L 271 -13.90 -10.71 37.21
CA VAL L 271 -14.40 -9.48 36.60
C VAL L 271 -13.24 -8.59 36.18
N SER L 272 -13.53 -7.69 35.23
CA SER L 272 -12.60 -6.65 34.82
C SER L 272 -13.32 -5.31 34.97
N VAL L 273 -12.78 -4.45 35.82
CA VAL L 273 -13.46 -3.22 36.23
C VAL L 273 -13.01 -2.07 35.34
N LEU L 274 -13.89 -1.08 35.18
CA LEU L 274 -13.59 0.15 34.45
C LEU L 274 -14.13 1.32 35.25
N GLU L 275 -13.29 2.33 35.46
CA GLU L 275 -13.59 3.42 36.37
C GLU L 275 -13.42 4.76 35.68
N MET L 276 -14.10 5.78 36.20
CA MET L 276 -13.93 7.15 35.74
C MET L 276 -14.21 8.09 36.90
N ASP L 277 -13.27 9.00 37.17
CA ASP L 277 -13.45 10.06 38.15
C ASP L 277 -13.30 11.40 37.44
N GLY L 278 -14.21 12.32 37.74
CA GLY L 278 -14.21 13.62 37.09
C GLY L 278 -15.44 13.85 36.24
N GLN L 279 -15.35 14.78 35.30
CA GLN L 279 -16.51 15.12 34.48
C GLN L 279 -16.04 15.68 33.14
N PHE L 280 -16.96 15.67 32.18
CA PHE L 280 -16.73 16.29 30.88
C PHE L 280 -17.18 17.75 30.94
N ASP L 281 -16.26 18.67 30.68
CA ASP L 281 -16.60 20.08 30.63
C ASP L 281 -16.96 20.54 29.22
N ARG L 282 -16.43 19.86 28.21
CA ARG L 282 -16.81 20.12 26.82
C ARG L 282 -16.75 18.80 26.06
N LEU L 283 -17.44 18.78 24.91
CA LEU L 283 -17.59 17.54 24.15
C LEU L 283 -16.27 17.07 23.53
N ASP L 284 -15.27 17.93 23.44
CA ASP L 284 -13.99 17.54 22.88
C ASP L 284 -13.33 16.45 23.71
N GLU L 285 -13.51 16.50 25.04
CA GLU L 285 -12.90 15.49 25.91
C GLU L 285 -13.56 14.13 25.75
N LEU L 286 -14.84 14.10 25.39
CA LEU L 286 -15.55 12.82 25.28
C LEU L 286 -15.09 12.03 24.07
N ILE L 287 -14.96 12.69 22.92
CA ILE L 287 -14.55 11.98 21.70
C ILE L 287 -13.13 11.45 21.83
N TYR L 288 -12.31 12.08 22.68
CA TYR L 288 -10.97 11.59 22.91
C TYR L 288 -10.98 10.29 23.72
N VAL L 289 -12.01 10.11 24.55
CA VAL L 289 -12.12 8.89 25.34
C VAL L 289 -12.58 7.72 24.47
N GLU L 290 -13.58 7.96 23.61
CA GLU L 290 -14.05 6.90 22.71
C GLU L 290 -12.98 6.47 21.72
N SER L 291 -12.10 7.40 21.33
CA SER L 291 -11.05 7.08 20.36
C SER L 291 -10.07 6.04 20.91
N HIS L 292 -9.93 5.95 22.23
CA HIS L 292 -8.94 5.09 22.84
C HIS L 292 -9.54 3.87 23.54
N LEU L 293 -10.87 3.74 23.55
CA LEU L 293 -11.51 2.57 24.12
C LEU L 293 -11.65 1.48 23.07
N SER L 294 -11.68 0.23 23.53
CA SER L 294 -11.71 -0.93 22.65
C SER L 294 -12.87 -1.83 23.02
N ASN L 295 -13.31 -2.62 22.03
CA ASN L 295 -14.42 -3.57 22.17
C ASN L 295 -15.68 -2.88 22.68
N LEU L 296 -16.04 -1.77 22.03
CA LEU L 296 -17.24 -1.03 22.37
C LEU L 296 -18.49 -1.56 21.69
N SER L 297 -18.34 -2.53 20.77
CA SER L 297 -19.46 -3.12 20.04
C SER L 297 -20.26 -2.06 19.29
N THR L 298 -19.54 -1.20 18.57
CA THR L 298 -20.14 -0.13 17.78
C THR L 298 -20.06 -0.49 16.30
N LYS L 299 -21.17 -0.27 15.58
CA LYS L 299 -21.20 -0.64 14.17
C LYS L 299 -20.40 0.33 13.31
N PHE L 300 -20.38 1.61 13.66
CA PHE L 300 -19.62 2.59 12.91
C PHE L 300 -18.86 3.50 13.87
N TYR L 301 -17.80 4.10 13.36
CA TYR L 301 -16.97 5.00 14.15
C TYR L 301 -17.78 6.23 14.57
N GLY L 302 -17.68 6.58 15.84
CA GLY L 302 -18.35 7.76 16.35
C GLY L 302 -19.79 7.55 16.77
N GLU L 303 -20.16 6.32 17.12
CA GLU L 303 -21.53 6.05 17.52
C GLU L 303 -21.77 6.34 19.00
N VAL L 304 -20.76 6.13 19.84
CA VAL L 304 -20.91 6.38 21.27
C VAL L 304 -21.19 7.84 21.55
N THR L 305 -20.54 8.74 20.80
CA THR L 305 -20.82 10.16 20.96
C THR L 305 -22.16 10.54 20.36
N GLN L 306 -22.46 10.04 19.15
CA GLN L 306 -23.73 10.38 18.49
C GLN L 306 -24.93 9.91 19.31
N GLN L 307 -24.85 8.70 19.88
CA GLN L 307 -25.93 8.22 20.72
C GLN L 307 -26.04 9.02 22.00
N MET L 308 -24.92 9.51 22.53
CA MET L 308 -24.95 10.38 23.71
C MET L 308 -25.31 11.82 23.33
N LEU L 309 -24.85 12.28 22.17
CA LEU L 309 -25.22 13.61 21.71
C LEU L 309 -26.71 13.73 21.39
N LYS L 310 -27.36 12.61 21.06
CA LYS L 310 -28.80 12.63 20.84
C LYS L 310 -29.53 13.02 22.12
N HIS L 311 -29.10 12.48 23.26
CA HIS L 311 -29.61 12.90 24.56
C HIS L 311 -28.63 13.89 25.22
N ALA L 312 -28.48 15.04 24.56
CA ALA L 312 -27.49 16.01 25.01
C ALA L 312 -27.92 16.69 26.30
N ASP L 313 -29.20 17.01 26.43
CA ASP L 313 -29.71 17.76 27.57
C ASP L 313 -30.09 16.87 28.75
N PHE L 314 -29.79 15.58 28.68
CA PHE L 314 -30.12 14.66 29.76
C PHE L 314 -29.15 14.80 30.93
N PRO L 315 -29.57 14.46 32.14
CA PRO L 315 -28.65 14.46 33.28
C PRO L 315 -27.78 13.22 33.31
N GLY L 316 -26.55 13.41 33.79
CA GLY L 316 -25.57 12.35 33.83
C GLY L 316 -24.74 12.23 32.57
N SER L 317 -25.01 13.04 31.54
CA SER L 317 -24.22 13.01 30.32
C SER L 317 -22.85 13.67 30.49
N ASN L 318 -22.59 14.29 31.63
CA ASN L 318 -21.30 14.90 31.92
C ASN L 318 -20.51 14.13 32.97
N ASN L 319 -20.79 12.84 33.13
CA ASN L 319 -20.00 11.98 34.00
C ASN L 319 -20.05 10.56 33.46
N GLY L 320 -19.33 9.66 34.13
CA GLY L 320 -19.20 8.29 33.65
C GLY L 320 -20.50 7.51 33.61
N THR L 321 -21.54 7.99 34.29
CA THR L 321 -22.85 7.34 34.19
C THR L 321 -23.35 7.34 32.75
N GLY L 322 -23.52 8.54 32.17
CA GLY L 322 -24.05 8.65 30.82
C GLY L 322 -23.24 7.92 29.78
N LEU L 323 -21.93 7.80 30.00
CA LEU L 323 -21.10 7.00 29.10
C LEU L 323 -21.38 5.52 29.29
N PHE L 324 -21.31 5.04 30.54
CA PHE L 324 -21.44 3.61 30.80
C PHE L 324 -22.83 3.10 30.48
N GLN L 325 -23.87 3.92 30.74
CA GLN L 325 -25.23 3.53 30.39
C GLN L 325 -25.38 3.41 28.87
N THR L 326 -24.67 4.23 28.12
CA THR L 326 -24.69 4.14 26.66
C THR L 326 -23.82 2.98 26.17
N ILE L 327 -22.68 2.75 26.83
CA ILE L 327 -21.78 1.68 26.43
C ILE L 327 -22.46 0.33 26.58
N VAL L 328 -23.08 0.08 27.74
CA VAL L 328 -23.73 -1.21 28.00
C VAL L 328 -24.84 -1.46 26.99
N GLY L 329 -25.64 -0.43 26.69
CA GLY L 329 -26.67 -0.57 25.68
C GLY L 329 -26.12 -0.97 24.32
N LEU L 330 -24.96 -0.43 23.95
CA LEU L 330 -24.29 -0.89 22.74
C LEU L 330 -23.80 -2.33 22.88
N LYS L 331 -23.41 -2.73 24.10
CA LYS L 331 -22.98 -4.11 24.32
C LYS L 331 -24.16 -5.07 24.23
N ILE L 332 -25.33 -4.66 24.71
CA ILE L 332 -26.51 -5.51 24.63
C ILE L 332 -26.94 -5.69 23.18
N ARG L 333 -26.79 -4.64 22.36
CA ARG L 333 -27.16 -4.74 20.95
C ARG L 333 -26.32 -5.78 20.24
N ASP L 334 -25.02 -5.82 20.51
CA ASP L 334 -24.17 -6.84 19.93
C ASP L 334 -24.47 -8.22 20.50
N LEU L 335 -25.01 -8.28 21.72
CA LEU L 335 -25.33 -9.56 22.33
C LEU L 335 -26.44 -10.27 21.57
N TYR L 336 -27.59 -9.60 21.40
CA TYR L 336 -28.66 -10.25 20.64
C TYR L 336 -28.41 -10.25 19.15
N GLU L 337 -27.53 -9.36 18.65
CA GLU L 337 -27.13 -9.47 17.24
C GLU L 337 -26.38 -10.78 17.00
N GLN L 338 -25.60 -11.23 17.97
CA GLN L 338 -24.94 -12.52 17.87
C GLN L 338 -25.87 -13.67 18.24
N LEU L 339 -26.77 -13.45 19.19
CA LEU L 339 -27.59 -14.55 19.70
C LEU L 339 -28.63 -14.99 18.70
N ILE L 340 -29.39 -14.05 18.13
CA ILE L 340 -30.49 -14.43 17.24
C ILE L 340 -29.96 -15.07 15.96
N ALA L 341 -28.79 -14.63 15.49
CA ALA L 341 -28.19 -15.28 14.33
C ALA L 341 -27.65 -16.65 14.69
N ASN L 342 -27.12 -16.80 15.91
CA ASN L 342 -26.70 -18.11 16.38
C ASN L 342 -27.89 -19.02 16.64
N LYS L 343 -29.01 -18.46 17.09
CA LYS L 343 -30.22 -19.28 17.26
C LYS L 343 -30.90 -19.55 15.92
N ALA L 344 -30.69 -18.68 14.92
CA ALA L 344 -31.22 -18.94 13.59
C ALA L 344 -30.35 -19.92 12.82
N THR L 345 -29.03 -19.93 13.09
CA THR L 345 -28.17 -20.95 12.52
C THR L 345 -28.54 -22.34 13.03
N ALA L 346 -29.01 -22.42 14.28
CA ALA L 346 -29.55 -23.67 14.81
C ALA L 346 -30.87 -24.07 14.17
N ARG L 347 -31.48 -23.17 13.40
CA ARG L 347 -32.72 -23.43 12.65
C ARG L 347 -33.86 -23.85 13.58
N GLY M 8 -1.78 41.81 -49.48
CA GLY M 8 -1.81 40.43 -49.04
C GLY M 8 -1.90 39.45 -50.19
N ILE M 9 -3.14 39.09 -50.55
CA ILE M 9 -3.37 38.15 -51.64
C ILE M 9 -2.87 38.75 -52.96
N SER M 10 -3.18 40.02 -53.20
CA SER M 10 -2.86 40.66 -54.47
C SER M 10 -1.36 40.65 -54.72
N ASP M 11 -0.56 41.02 -53.71
CA ASP M 11 0.88 41.12 -53.93
C ASP M 11 1.51 39.74 -54.11
N VAL M 12 1.08 38.74 -53.34
CA VAL M 12 1.74 37.44 -53.39
C VAL M 12 1.47 36.77 -54.74
N VAL M 13 0.26 36.92 -55.29
CA VAL M 13 -0.03 36.28 -56.57
C VAL M 13 0.68 37.00 -57.70
N GLU M 14 0.87 38.32 -57.60
CA GLU M 14 1.59 39.06 -58.62
C GLU M 14 3.06 38.67 -58.65
N LYS M 15 3.69 38.66 -57.48
CA LYS M 15 5.07 38.18 -57.38
C LYS M 15 5.18 36.75 -57.87
N SER M 16 4.25 35.89 -57.45
CA SER M 16 4.34 34.46 -57.72
C SER M 16 4.41 34.16 -59.21
N ILE M 17 3.50 34.74 -60.00
CA ILE M 17 3.37 34.36 -61.40
C ILE M 17 4.61 34.79 -62.20
N LYS M 18 5.02 36.05 -62.06
CA LYS M 18 6.14 36.54 -62.84
C LYS M 18 7.44 35.88 -62.42
N GLU M 19 7.60 35.61 -61.12
CA GLU M 19 8.77 34.86 -60.68
C GLU M 19 8.74 33.43 -61.23
N ALA M 20 7.60 32.75 -61.06
CA ALA M 20 7.51 31.33 -61.44
C ALA M 20 7.81 31.13 -62.93
N GLN M 21 7.38 32.07 -63.77
CA GLN M 21 7.77 32.00 -65.18
C GLN M 21 9.24 32.34 -65.36
N GLU M 22 9.75 33.30 -64.58
CA GLU M 22 11.11 33.80 -64.77
C GLU M 22 12.16 32.75 -64.41
N THR M 23 11.86 31.84 -63.47
CA THR M 23 12.85 30.85 -63.06
C THR M 23 13.24 29.94 -64.22
N CYS M 24 12.25 29.41 -64.93
CA CYS M 24 12.49 28.36 -65.90
C CYS M 24 11.94 28.79 -67.25
N ALA M 25 12.83 28.83 -68.26
CA ALA M 25 12.47 29.12 -69.65
C ALA M 25 13.08 28.00 -70.50
N GLY M 26 12.35 26.89 -70.60
CA GLY M 26 12.77 25.71 -71.32
C GLY M 26 14.18 25.25 -71.02
N ASP M 27 14.50 25.06 -69.74
CA ASP M 27 15.88 24.78 -69.37
C ASP M 27 15.97 23.59 -68.44
N PRO M 28 17.04 22.80 -68.57
CA PRO M 28 17.53 22.04 -67.43
C PRO M 28 17.94 23.01 -66.33
N VAL M 29 17.74 22.59 -65.08
CA VAL M 29 17.66 23.53 -63.95
C VAL M 29 18.96 24.32 -63.81
N SER M 30 20.07 23.63 -63.55
CA SER M 30 21.40 24.24 -63.47
C SER M 30 21.45 25.37 -62.45
N GLY M 31 20.83 25.14 -61.29
CA GLY M 31 20.94 26.09 -60.19
C GLY M 31 20.08 27.33 -60.22
N GLU M 32 20.01 28.01 -61.36
CA GLU M 32 19.30 29.30 -61.42
C GLU M 32 17.79 29.13 -61.29
N CYS M 33 17.21 28.10 -61.91
CA CYS M 33 15.77 27.97 -61.84
C CYS M 33 15.31 27.57 -60.43
N VAL M 34 16.15 26.86 -59.67
CA VAL M 34 15.77 26.41 -58.32
C VAL M 34 15.44 27.59 -57.42
N ALA M 35 16.22 28.68 -57.53
CA ALA M 35 16.33 29.65 -56.43
C ALA M 35 15.01 30.34 -56.11
N ALA M 36 14.19 30.62 -57.12
CA ALA M 36 13.03 31.48 -56.90
C ALA M 36 11.71 30.73 -56.76
N TRP M 37 11.65 29.41 -57.00
CA TRP M 37 10.51 28.67 -56.48
C TRP M 37 10.56 28.59 -54.95
N ASP M 38 11.75 28.79 -54.38
CA ASP M 38 11.91 28.81 -52.93
C ASP M 38 11.24 30.05 -52.31
N GLU M 39 11.41 31.22 -52.94
CA GLU M 39 10.84 32.43 -52.38
C GLU M 39 9.33 32.52 -52.56
N VAL M 40 8.76 31.78 -53.52
CA VAL M 40 7.31 31.73 -53.66
C VAL M 40 6.69 31.03 -52.46
N GLU M 41 7.21 29.85 -52.11
CA GLU M 41 6.69 29.12 -50.97
C GLU M 41 6.94 29.86 -49.66
N GLU M 42 8.02 30.66 -49.60
CA GLU M 42 8.32 31.41 -48.39
C GLU M 42 7.24 32.45 -48.09
N LEU M 43 7.06 33.41 -48.99
CA LEU M 43 6.18 34.54 -48.69
C LEU M 43 4.71 34.12 -48.69
N SER M 44 4.37 33.06 -49.42
CA SER M 44 3.00 32.55 -49.37
C SER M 44 2.68 31.98 -47.99
N ALA M 45 3.62 31.26 -47.39
CA ALA M 45 3.38 30.67 -46.08
C ALA M 45 3.31 31.73 -44.99
N ALA M 46 4.17 32.74 -45.07
CA ALA M 46 4.16 33.81 -44.06
C ALA M 46 2.90 34.67 -44.18
N ALA M 47 2.42 34.90 -45.41
CA ALA M 47 1.22 35.70 -45.59
C ALA M 47 -0.02 34.97 -45.08
N SER M 48 -0.08 33.65 -45.32
CA SER M 48 -1.21 32.86 -44.82
C SER M 48 -1.22 32.81 -43.30
N HIS M 49 -0.04 32.90 -42.67
CA HIS M 49 0.04 32.87 -41.21
C HIS M 49 -0.57 34.12 -40.59
N ALA M 50 -0.18 35.30 -41.08
CA ALA M 50 -0.71 36.54 -40.53
C ALA M 50 -2.21 36.65 -40.72
N ARG M 51 -2.74 36.06 -41.79
CA ARG M 51 -4.20 36.02 -41.99
C ARG M 51 -4.88 35.21 -40.90
N ASP M 52 -4.32 34.06 -40.54
CA ASP M 52 -4.95 33.17 -39.57
C ASP M 52 -5.02 33.80 -38.19
N LYS M 53 -3.93 34.40 -37.74
CA LYS M 53 -3.94 35.07 -36.45
C LYS M 53 -4.81 36.33 -36.47
N LYS M 54 -4.88 37.00 -37.63
CA LYS M 54 -5.77 38.16 -37.76
C LYS M 54 -7.23 37.74 -37.61
N LYS M 55 -7.59 36.60 -38.16
CA LYS M 55 -8.96 36.09 -38.01
C LYS M 55 -9.22 35.63 -36.58
N ALA M 56 -8.21 35.05 -35.94
CA ALA M 56 -8.38 34.53 -34.58
C ALA M 56 -8.55 35.67 -33.58
N ASP M 57 -7.68 36.67 -33.64
CA ASP M 57 -7.75 37.81 -32.72
C ASP M 57 -8.89 38.76 -33.03
N GLY M 58 -9.46 38.68 -34.24
CA GLY M 58 -10.57 39.54 -34.60
C GLY M 58 -11.85 39.22 -33.86
N SER M 59 -12.00 37.97 -33.37
CA SER M 59 -13.21 37.60 -32.65
C SER M 59 -13.26 38.26 -31.28
N ASP M 60 -12.11 38.41 -30.63
CA ASP M 60 -12.03 38.96 -29.27
C ASP M 60 -11.00 40.08 -29.21
N PRO M 61 -11.33 41.24 -29.77
CA PRO M 61 -10.40 42.39 -29.67
C PRO M 61 -10.29 42.95 -28.27
N LEU M 62 -11.19 42.60 -27.35
CA LEU M 62 -11.11 43.10 -25.99
C LEU M 62 -9.89 42.55 -25.27
N GLU M 63 -9.59 41.26 -25.48
CA GLU M 63 -8.39 40.67 -24.88
C GLU M 63 -7.14 41.44 -25.26
N GLU M 64 -7.05 41.87 -26.52
CA GLU M 64 -5.97 42.76 -26.93
C GLU M 64 -6.16 44.16 -26.39
N TYR M 65 -7.42 44.61 -26.32
CA TYR M 65 -7.71 45.92 -25.73
C TYR M 65 -7.36 45.94 -24.25
N CYS M 66 -7.62 44.85 -23.53
CA CYS M 66 -7.40 44.81 -22.10
C CYS M 66 -5.92 44.83 -21.73
N LYS M 67 -5.04 44.42 -22.64
CA LYS M 67 -3.61 44.55 -22.38
C LYS M 67 -3.21 46.02 -22.26
N ASP M 68 -3.83 46.89 -23.04
CA ASP M 68 -3.54 48.32 -22.95
C ASP M 68 -4.26 48.97 -21.78
N ASN M 69 -5.50 48.57 -21.51
CA ASN M 69 -6.31 49.16 -20.44
C ASN M 69 -6.89 48.06 -19.56
N PRO M 70 -6.10 47.51 -18.64
CA PRO M 70 -6.58 46.40 -17.80
C PRO M 70 -7.48 46.81 -16.64
N GLU M 71 -7.80 48.09 -16.47
CA GLU M 71 -8.52 48.55 -15.29
C GLU M 71 -9.92 49.06 -15.59
N THR M 72 -10.33 49.14 -16.85
CA THR M 72 -11.64 49.67 -17.19
C THR M 72 -12.72 48.61 -16.97
N ASN M 73 -13.99 49.04 -17.11
CA ASN M 73 -15.13 48.24 -16.67
C ASN M 73 -15.19 46.85 -17.28
N GLU M 74 -14.72 46.70 -18.52
CA GLU M 74 -14.85 45.46 -19.26
C GLU M 74 -13.59 44.61 -19.26
N CYS M 75 -12.55 45.04 -18.53
CA CYS M 75 -11.30 44.31 -18.47
C CYS M 75 -10.96 43.77 -17.10
N ARG M 76 -11.67 44.21 -16.05
CA ARG M 76 -11.40 43.73 -14.72
C ARG M 76 -11.75 42.26 -14.61
N THR M 77 -10.76 41.44 -14.26
CA THR M 77 -10.98 40.03 -13.92
C THR M 77 -10.29 39.83 -12.58
N TYR M 78 -10.97 40.21 -11.50
CA TYR M 78 -10.46 39.94 -10.17
C TYR M 78 -10.62 38.47 -9.85
N ASP M 79 -9.53 37.82 -9.47
CA ASP M 79 -9.58 36.39 -9.15
C ASP M 79 -10.02 36.23 -7.71
N ASN M 80 -11.17 35.60 -7.51
CA ASN M 80 -11.75 35.43 -6.19
C ASN M 80 -12.93 34.48 -6.25
N GLY N 8 -52.36 22.05 45.45
CA GLY N 8 -53.01 20.87 45.98
C GLY N 8 -52.12 19.65 46.01
N ILE N 9 -51.27 19.51 44.99
CA ILE N 9 -50.36 18.38 44.92
C ILE N 9 -49.34 18.44 46.05
N SER N 10 -48.87 19.66 46.37
CA SER N 10 -47.94 19.81 47.48
C SER N 10 -48.59 19.47 48.81
N ASP N 11 -49.90 19.71 48.94
CA ASP N 11 -50.58 19.37 50.19
C ASP N 11 -50.76 17.86 50.34
N VAL N 12 -50.83 17.13 49.22
CA VAL N 12 -50.93 15.67 49.30
C VAL N 12 -49.65 15.09 49.86
N VAL N 13 -48.49 15.54 49.37
CA VAL N 13 -47.23 15.06 49.91
C VAL N 13 -46.95 15.66 51.28
N GLU N 14 -47.43 16.88 51.53
CA GLU N 14 -47.29 17.46 52.87
C GLU N 14 -48.17 16.73 53.88
N LYS N 15 -49.35 16.28 53.44
CA LYS N 15 -50.19 15.44 54.29
C LYS N 15 -49.46 14.14 54.64
N SER N 16 -48.71 13.59 53.67
CA SER N 16 -48.05 12.31 53.90
C SER N 16 -46.78 12.46 54.72
N ILE N 17 -46.00 13.54 54.51
CA ILE N 17 -44.78 13.71 55.30
C ILE N 17 -45.11 14.06 56.74
N LYS N 18 -46.15 14.88 56.97
CA LYS N 18 -46.59 15.13 58.34
C LYS N 18 -47.15 13.87 58.97
N GLU N 19 -47.90 13.08 58.19
CA GLU N 19 -48.31 11.75 58.63
C GLU N 19 -47.10 10.87 58.92
N ALA N 20 -46.06 10.98 58.09
CA ALA N 20 -44.84 10.19 58.30
C ALA N 20 -44.18 10.54 59.63
N GLN N 21 -44.20 11.83 60.00
CA GLN N 21 -43.65 12.23 61.29
C GLN N 21 -44.49 11.67 62.44
N GLU N 22 -45.82 11.80 62.34
CA GLU N 22 -46.69 11.35 63.42
C GLU N 22 -46.65 9.84 63.57
N THR N 23 -46.64 9.11 62.45
CA THR N 23 -46.52 7.65 62.52
C THR N 23 -45.17 7.22 63.09
N CYS N 24 -44.11 7.96 62.79
CA CYS N 24 -42.79 7.65 63.32
C CYS N 24 -42.41 8.56 64.47
N ALA N 25 -43.37 8.86 65.36
CA ALA N 25 -43.02 9.39 66.67
C ALA N 25 -42.06 8.45 67.39
N GLY N 26 -42.30 7.15 67.25
CA GLY N 26 -41.40 6.13 67.78
C GLY N 26 -40.61 5.51 66.63
N ASP N 27 -39.34 5.20 66.90
CA ASP N 27 -38.47 4.58 65.90
C ASP N 27 -38.90 3.19 65.40
N PRO N 28 -39.38 2.26 66.24
CA PRO N 28 -39.44 0.84 65.80
C PRO N 28 -40.22 0.56 64.54
N VAL N 29 -39.80 -0.52 63.86
CA VAL N 29 -40.51 -1.07 62.70
C VAL N 29 -41.89 -1.57 63.09
N SER N 30 -42.03 -2.10 64.31
CA SER N 30 -43.27 -2.75 64.72
C SER N 30 -44.41 -1.75 64.86
N GLY N 31 -44.11 -0.48 65.12
CA GLY N 31 -45.14 0.54 65.24
C GLY N 31 -45.50 1.19 63.92
N GLU N 32 -45.28 0.46 62.83
CA GLU N 32 -45.63 0.85 61.46
C GLU N 32 -44.89 2.10 60.98
N CYS N 33 -43.80 2.50 61.64
CA CYS N 33 -43.07 3.68 61.16
C CYS N 33 -42.41 3.41 59.81
N VAL N 34 -41.87 2.21 59.62
CA VAL N 34 -41.14 1.90 58.39
C VAL N 34 -42.07 1.95 57.19
N ALA N 35 -43.30 1.47 57.34
CA ALA N 35 -44.24 1.43 56.21
C ALA N 35 -44.65 2.84 55.78
N ALA N 36 -44.82 3.74 56.74
CA ALA N 36 -45.17 5.12 56.42
C ALA N 36 -44.05 5.81 55.64
N TRP N 37 -42.79 5.52 56.00
CA TRP N 37 -41.68 6.14 55.30
C TRP N 37 -41.52 5.59 53.89
N ASP N 38 -41.77 4.30 53.69
CA ASP N 38 -41.70 3.74 52.35
C ASP N 38 -42.84 4.23 51.48
N GLU N 39 -44.02 4.42 52.07
CA GLU N 39 -45.14 4.97 51.33
C GLU N 39 -44.88 6.42 50.92
N VAL N 40 -44.32 7.21 51.84
CA VAL N 40 -44.10 8.62 51.54
C VAL N 40 -42.89 8.82 50.63
N GLU N 41 -41.94 7.87 50.64
CA GLU N 41 -40.83 7.94 49.70
C GLU N 41 -41.32 7.75 48.27
N GLU N 42 -42.20 6.79 48.05
CA GLU N 42 -42.77 6.57 46.72
C GLU N 42 -43.63 7.75 46.28
N LEU N 43 -44.43 8.29 47.20
CA LEU N 43 -45.31 9.41 46.85
C LEU N 43 -44.50 10.64 46.49
N SER N 44 -43.42 10.92 47.23
CA SER N 44 -42.58 12.07 46.93
C SER N 44 -41.89 11.92 45.58
N ALA N 45 -41.39 10.71 45.29
CA ALA N 45 -40.74 10.46 44.01
C ALA N 45 -41.75 10.53 42.86
N ALA N 46 -42.94 9.97 43.06
CA ALA N 46 -43.96 10.01 42.02
C ALA N 46 -44.49 11.43 41.82
N ALA N 47 -44.55 12.22 42.89
CA ALA N 47 -45.00 13.60 42.77
C ALA N 47 -44.01 14.44 41.98
N SER N 48 -42.72 14.31 42.30
CA SER N 48 -41.69 15.05 41.56
C SER N 48 -41.57 14.56 40.13
N HIS N 49 -41.89 13.28 39.88
CA HIS N 49 -41.93 12.77 38.51
C HIS N 49 -42.96 13.52 37.69
N ALA N 50 -44.15 13.73 38.25
CA ALA N 50 -45.17 14.51 37.56
C ALA N 50 -44.75 15.97 37.41
N ARG N 51 -44.06 16.52 38.42
CA ARG N 51 -43.52 17.87 38.31
C ARG N 51 -42.53 17.98 37.15
N ASP N 52 -41.71 16.94 36.96
CA ASP N 52 -40.76 16.94 35.85
C ASP N 52 -41.47 16.92 34.51
N LYS N 53 -42.56 16.14 34.40
CA LYS N 53 -43.31 16.08 33.16
C LYS N 53 -43.93 17.43 32.81
N LYS N 54 -44.56 18.07 33.80
CA LYS N 54 -45.22 19.35 33.56
C LYS N 54 -44.20 20.43 33.20
N LYS N 55 -43.07 20.48 33.91
CA LYS N 55 -42.05 21.47 33.60
C LYS N 55 -41.45 21.22 32.22
N ALA N 56 -41.23 19.96 31.85
CA ALA N 56 -40.64 19.65 30.55
C ALA N 56 -41.61 19.82 29.41
N ASP N 57 -42.93 19.79 29.68
CA ASP N 57 -43.92 19.84 28.62
C ASP N 57 -43.88 21.17 27.89
N GLY N 58 -43.85 22.28 28.65
CA GLY N 58 -43.69 23.59 28.06
C GLY N 58 -42.25 24.01 27.96
N SER N 59 -41.43 23.22 27.27
CA SER N 59 -40.01 23.53 27.12
C SER N 59 -39.82 24.83 26.34
N ASP N 60 -40.58 25.00 25.25
CA ASP N 60 -40.57 26.24 24.51
C ASP N 60 -41.97 26.43 23.93
N PRO N 61 -42.52 27.63 24.00
CA PRO N 61 -43.90 27.84 23.55
C PRO N 61 -44.02 27.90 22.03
N LEU N 62 -42.93 28.30 21.37
CA LEU N 62 -42.96 28.43 19.91
C LEU N 62 -43.17 27.09 19.24
N GLU N 63 -42.49 26.05 19.72
CA GLU N 63 -42.68 24.71 19.17
C GLU N 63 -44.09 24.21 19.44
N GLU N 64 -44.62 24.49 20.63
CA GLU N 64 -46.02 24.17 20.91
C GLU N 64 -46.97 25.01 20.07
N TYR N 65 -46.53 26.23 19.72
CA TYR N 65 -47.36 27.10 18.89
C TYR N 65 -47.42 26.62 17.45
N CYS N 66 -46.36 25.99 16.96
CA CYS N 66 -46.38 25.45 15.60
C CYS N 66 -47.31 24.26 15.49
N LYS N 67 -47.55 23.55 16.59
CA LYS N 67 -48.48 22.43 16.59
C LYS N 67 -49.89 22.90 16.25
N ASP N 68 -50.34 23.97 16.90
CA ASP N 68 -51.67 24.52 16.60
C ASP N 68 -51.69 25.27 15.29
N ASN N 69 -50.67 26.09 15.02
CA ASN N 69 -50.59 26.90 13.82
C ASN N 69 -49.30 26.60 13.06
N PRO N 70 -49.33 25.73 12.05
CA PRO N 70 -48.17 25.60 11.16
C PRO N 70 -48.23 26.50 9.94
N GLU N 71 -49.37 27.15 9.69
CA GLU N 71 -49.50 28.07 8.56
C GLU N 71 -48.81 29.40 8.83
N THR N 72 -48.66 29.79 10.09
CA THR N 72 -48.23 31.13 10.46
C THR N 72 -46.75 31.34 10.16
N ASN N 73 -46.39 32.62 10.02
CA ASN N 73 -45.05 33.01 9.59
C ASN N 73 -43.97 32.54 10.55
N GLU N 74 -44.28 32.46 11.85
CA GLU N 74 -43.29 31.99 12.82
C GLU N 74 -43.00 30.50 12.71
N CYS N 75 -43.80 29.75 11.95
CA CYS N 75 -43.72 28.29 11.98
C CYS N 75 -43.53 27.62 10.63
N ARG N 76 -43.35 28.38 9.54
CA ARG N 76 -43.07 27.76 8.25
C ARG N 76 -41.76 27.01 8.30
N THR N 77 -41.78 25.76 7.85
CA THR N 77 -40.59 24.93 7.79
C THR N 77 -40.56 24.19 6.45
N TYR N 78 -40.74 24.95 5.37
CA TYR N 78 -40.65 24.39 4.03
C TYR N 78 -39.31 23.67 3.83
N ASP N 79 -39.38 22.48 3.25
CA ASP N 79 -38.16 21.71 3.00
C ASP N 79 -37.23 22.43 2.03
N ASN N 80 -37.79 23.30 1.19
CA ASN N 80 -36.99 24.11 0.28
C ASN N 80 -37.72 25.42 -0.06
N ILE O 9 -4.01 -57.86 -35.83
CA ILE O 9 -5.15 -58.04 -36.72
C ILE O 9 -4.83 -57.49 -38.11
N SER O 10 -3.55 -57.66 -38.51
CA SER O 10 -3.08 -57.10 -39.78
C SER O 10 -3.74 -57.74 -40.99
N ASP O 11 -4.26 -58.96 -40.86
CA ASP O 11 -4.86 -59.66 -41.99
C ASP O 11 -6.33 -59.31 -42.19
N VAL O 12 -7.06 -59.06 -41.11
CA VAL O 12 -8.50 -58.84 -41.23
C VAL O 12 -8.80 -57.47 -41.83
N VAL O 13 -7.90 -56.50 -41.67
CA VAL O 13 -8.11 -55.21 -42.32
C VAL O 13 -7.98 -55.36 -43.83
N GLU O 14 -7.05 -56.19 -44.29
CA GLU O 14 -6.90 -56.43 -45.73
C GLU O 14 -8.13 -57.10 -46.31
N LYS O 15 -8.70 -58.07 -45.58
CA LYS O 15 -9.90 -58.73 -46.04
C LYS O 15 -11.07 -57.76 -46.11
N SER O 16 -11.20 -56.88 -45.11
CA SER O 16 -12.29 -55.91 -45.12
C SER O 16 -12.09 -54.87 -46.21
N ILE O 17 -10.84 -54.41 -46.41
CA ILE O 17 -10.57 -53.44 -47.47
C ILE O 17 -10.84 -54.06 -48.84
N LYS O 18 -10.37 -55.28 -49.04
CA LYS O 18 -10.56 -55.95 -50.33
C LYS O 18 -12.04 -56.17 -50.62
N GLU O 19 -12.82 -56.54 -49.60
CA GLU O 19 -14.26 -56.66 -49.79
C GLU O 19 -14.89 -55.30 -50.00
N ALA O 20 -14.42 -54.27 -49.29
CA ALA O 20 -15.01 -52.94 -49.42
C ALA O 20 -14.74 -52.33 -50.79
N GLN O 21 -13.60 -52.65 -51.40
CA GLN O 21 -13.29 -52.07 -52.71
C GLN O 21 -14.23 -52.59 -53.78
N GLU O 22 -14.59 -53.88 -53.73
CA GLU O 22 -15.44 -54.45 -54.76
C GLU O 22 -16.89 -54.00 -54.62
N THR O 23 -17.36 -53.84 -53.38
CA THR O 23 -18.74 -53.39 -53.16
C THR O 23 -18.98 -52.02 -53.79
N CYS O 24 -18.18 -51.02 -53.38
CA CYS O 24 -18.29 -49.70 -53.96
C CYS O 24 -17.80 -49.64 -55.40
N ALA O 25 -17.10 -50.67 -55.88
CA ALA O 25 -16.86 -50.77 -57.31
C ALA O 25 -18.13 -51.11 -58.07
N GLY O 26 -19.04 -51.84 -57.43
CA GLY O 26 -20.29 -52.20 -58.09
C GLY O 26 -21.32 -51.10 -58.12
N ASP O 27 -21.34 -50.24 -57.10
CA ASP O 27 -22.35 -49.20 -56.99
C ASP O 27 -21.72 -47.94 -56.45
N PRO O 28 -22.23 -46.76 -56.85
CA PRO O 28 -21.69 -45.50 -56.32
C PRO O 28 -21.91 -45.33 -54.82
N VAL O 29 -23.16 -45.36 -54.38
CA VAL O 29 -23.50 -45.12 -52.97
C VAL O 29 -24.67 -46.01 -52.58
N SER O 30 -24.48 -46.78 -51.51
CA SER O 30 -25.57 -47.48 -50.84
C SER O 30 -25.08 -47.91 -49.47
N GLY O 31 -25.99 -48.50 -48.69
CA GLY O 31 -25.60 -49.06 -47.41
C GLY O 31 -24.57 -50.16 -47.56
N GLU O 32 -24.67 -50.94 -48.62
CA GLU O 32 -23.66 -51.95 -48.92
C GLU O 32 -22.29 -51.31 -49.13
N CYS O 33 -22.26 -50.12 -49.74
CA CYS O 33 -20.99 -49.45 -49.99
C CYS O 33 -20.51 -48.69 -48.75
N VAL O 34 -21.41 -48.07 -48.00
CA VAL O 34 -20.96 -47.22 -46.89
C VAL O 34 -20.67 -48.05 -45.63
N ALA O 35 -21.38 -49.16 -45.43
CA ALA O 35 -21.13 -49.96 -44.23
C ALA O 35 -19.82 -50.72 -44.32
N ALA O 36 -19.40 -51.06 -45.54
CA ALA O 36 -18.11 -51.73 -45.71
C ALA O 36 -16.95 -50.84 -45.27
N TRP O 37 -17.01 -49.55 -45.63
CA TRP O 37 -15.96 -48.63 -45.22
C TRP O 37 -16.05 -48.30 -43.73
N ASP O 38 -17.26 -48.24 -43.18
CA ASP O 38 -17.41 -48.04 -41.74
C ASP O 38 -16.83 -49.22 -40.97
N GLU O 39 -17.03 -50.44 -41.47
CA GLU O 39 -16.41 -51.61 -40.87
C GLU O 39 -14.89 -51.57 -41.02
N VAL O 40 -14.39 -50.99 -42.12
CA VAL O 40 -12.95 -50.88 -42.31
C VAL O 40 -12.34 -49.92 -41.28
N GLU O 41 -13.02 -48.81 -41.00
CA GLU O 41 -12.45 -47.81 -40.10
C GLU O 41 -12.37 -48.31 -38.66
N GLU O 42 -13.37 -49.08 -38.22
CA GLU O 42 -13.30 -49.70 -36.90
C GLU O 42 -12.09 -50.62 -36.78
N LEU O 43 -11.86 -51.45 -37.81
CA LEU O 43 -10.72 -52.36 -37.79
C LEU O 43 -9.40 -51.60 -37.86
N SER O 44 -9.33 -50.57 -38.71
CA SER O 44 -8.10 -49.77 -38.79
C SER O 44 -7.85 -49.01 -37.50
N ALA O 45 -8.91 -48.50 -36.86
CA ALA O 45 -8.74 -47.79 -35.60
C ALA O 45 -8.31 -48.75 -34.49
N ALA O 46 -8.89 -49.95 -34.45
CA ALA O 46 -8.51 -50.93 -33.44
C ALA O 46 -7.09 -51.43 -33.68
N ALA O 47 -6.67 -51.53 -34.95
CA ALA O 47 -5.33 -52.02 -35.26
C ALA O 47 -4.27 -51.04 -34.79
N SER O 48 -4.46 -49.74 -35.10
CA SER O 48 -3.45 -48.75 -34.77
C SER O 48 -3.43 -48.44 -33.27
N HIS O 49 -4.58 -48.52 -32.61
CA HIS O 49 -4.62 -48.37 -31.16
C HIS O 49 -3.76 -49.42 -30.48
N ALA O 50 -3.95 -50.69 -30.86
CA ALA O 50 -3.13 -51.76 -30.30
C ALA O 50 -1.67 -51.62 -30.71
N ARG O 51 -1.40 -51.04 -31.88
CA ARG O 51 -0.02 -50.88 -32.33
C ARG O 51 0.74 -49.87 -31.46
N ASP O 52 0.09 -48.75 -31.14
CA ASP O 52 0.77 -47.73 -30.33
C ASP O 52 0.99 -48.20 -28.91
N LYS O 53 -0.02 -48.87 -28.32
CA LYS O 53 0.10 -49.35 -26.95
C LYS O 53 1.18 -50.43 -26.83
N LYS O 54 1.26 -51.32 -27.82
CA LYS O 54 2.30 -52.35 -27.81
C LYS O 54 3.68 -51.74 -28.04
N LYS O 55 3.76 -50.72 -28.90
CA LYS O 55 5.02 -50.00 -29.08
C LYS O 55 5.41 -49.26 -27.81
N ALA O 56 4.43 -48.69 -27.11
CA ALA O 56 4.72 -47.93 -25.90
C ALA O 56 5.13 -48.81 -24.73
N ASP O 57 4.82 -50.11 -24.78
CA ASP O 57 5.20 -51.00 -23.70
C ASP O 57 6.72 -51.16 -23.63
N GLY O 58 7.35 -51.42 -24.77
CA GLY O 58 8.80 -51.51 -24.85
C GLY O 58 9.53 -50.19 -24.93
N SER O 59 8.84 -49.07 -24.68
CA SER O 59 9.49 -47.76 -24.75
C SER O 59 10.53 -47.61 -23.66
N ASP O 60 10.19 -47.98 -22.43
CA ASP O 60 11.14 -47.94 -21.32
C ASP O 60 11.54 -49.35 -20.96
N PRO O 61 12.78 -49.77 -21.25
CA PRO O 61 13.18 -51.14 -20.88
C PRO O 61 13.41 -51.31 -19.39
N LEU O 62 13.87 -50.27 -18.71
CA LEU O 62 14.16 -50.39 -17.28
C LEU O 62 12.88 -50.33 -16.45
N GLU O 63 11.95 -49.45 -16.80
CA GLU O 63 10.73 -49.27 -16.01
C GLU O 63 9.86 -50.53 -16.04
N GLU O 64 9.76 -51.17 -17.20
CA GLU O 64 9.02 -52.43 -17.30
C GLU O 64 9.64 -53.50 -16.40
N TYR O 65 10.96 -53.56 -16.36
CA TYR O 65 11.67 -54.50 -15.51
C TYR O 65 11.55 -54.13 -14.03
N CYS O 66 11.37 -52.84 -13.73
CA CYS O 66 11.32 -52.40 -12.34
C CYS O 66 10.04 -52.85 -11.65
N LYS O 67 8.93 -52.99 -12.38
CA LYS O 67 7.70 -53.49 -11.77
C LYS O 67 7.88 -54.94 -11.32
N ASP O 68 8.53 -55.76 -12.15
CA ASP O 68 8.69 -57.17 -11.80
C ASP O 68 9.73 -57.36 -10.70
N ASN O 69 10.81 -56.57 -10.73
CA ASN O 69 11.89 -56.69 -9.75
C ASN O 69 12.16 -55.33 -9.11
N PRO O 70 11.44 -54.99 -8.04
CA PRO O 70 11.69 -53.73 -7.33
C PRO O 70 12.62 -53.82 -6.13
N GLU O 71 13.21 -54.99 -5.86
CA GLU O 71 14.16 -55.13 -4.77
C GLU O 71 15.61 -55.05 -5.23
N THR O 72 15.85 -55.07 -6.54
CA THR O 72 17.19 -55.09 -7.09
C THR O 72 17.86 -53.72 -6.97
N ASN O 73 19.17 -53.69 -7.24
CA ASN O 73 19.93 -52.45 -7.12
C ASN O 73 19.52 -51.42 -8.16
N GLU O 74 19.14 -51.86 -9.36
CA GLU O 74 18.82 -50.93 -10.43
C GLU O 74 17.48 -50.25 -10.20
N CYS O 75 16.53 -50.93 -9.56
CA CYS O 75 15.16 -50.43 -9.46
C CYS O 75 14.77 -49.99 -8.06
N ARG O 76 15.69 -50.03 -7.09
CA ARG O 76 15.36 -49.64 -5.73
C ARG O 76 15.10 -48.14 -5.65
N THR O 77 13.96 -47.76 -5.10
CA THR O 77 13.60 -46.36 -4.89
C THR O 77 12.94 -46.22 -3.53
N TYR O 78 13.54 -45.44 -2.65
CA TYR O 78 12.99 -45.15 -1.34
C TYR O 78 12.60 -43.67 -1.28
N ASP O 79 11.43 -43.40 -0.70
CA ASP O 79 10.94 -42.03 -0.60
C ASP O 79 11.91 -41.18 0.22
N ASN O 80 12.16 -41.59 1.47
CA ASN O 80 13.23 -41.03 2.27
C ASN O 80 13.80 -42.09 3.21
N ILE P 9 49.34 -4.38 41.80
CA ILE P 9 47.98 -3.93 41.52
C ILE P 9 47.22 -3.64 42.82
N SER P 10 46.74 -4.69 43.48
CA SER P 10 46.04 -4.51 44.75
C SER P 10 46.97 -4.07 45.86
N ASP P 11 48.26 -4.43 45.77
CA ASP P 11 49.23 -3.95 46.75
C ASP P 11 49.44 -2.44 46.60
N VAL P 12 49.44 -1.92 45.38
CA VAL P 12 49.54 -0.49 45.18
C VAL P 12 48.23 0.21 45.52
N VAL P 13 47.10 -0.50 45.46
CA VAL P 13 45.85 0.04 45.96
C VAL P 13 45.91 0.18 47.47
N GLU P 14 46.48 -0.82 48.15
CA GLU P 14 46.59 -0.79 49.61
C GLU P 14 47.54 0.30 50.07
N LYS P 15 48.64 0.51 49.36
CA LYS P 15 49.55 1.60 49.71
C LYS P 15 48.91 2.96 49.49
N SER P 16 48.21 3.13 48.37
CA SER P 16 47.56 4.40 48.08
C SER P 16 46.47 4.71 49.09
N ILE P 17 45.69 3.70 49.49
CA ILE P 17 44.58 3.95 50.39
C ILE P 17 45.08 4.16 51.82
N LYS P 18 46.23 3.58 52.18
CA LYS P 18 46.80 3.85 53.50
C LYS P 18 47.32 5.28 53.57
N GLU P 19 48.06 5.71 52.55
CA GLU P 19 48.59 7.07 52.53
C GLU P 19 47.47 8.10 52.41
N ALA P 20 46.44 7.79 51.62
CA ALA P 20 45.29 8.70 51.51
C ALA P 20 44.58 8.85 52.85
N GLN P 21 44.50 7.75 53.62
CA GLN P 21 43.93 7.83 54.96
C GLN P 21 44.82 8.67 55.87
N GLU P 22 46.14 8.52 55.75
CA GLU P 22 47.06 9.29 56.59
C GLU P 22 47.12 10.75 56.18
N THR P 23 46.96 11.05 54.88
CA THR P 23 46.98 12.45 54.46
C THR P 23 45.78 13.20 54.98
N CYS P 24 44.63 12.54 55.13
CA CYS P 24 43.46 13.18 55.71
C CYS P 24 43.53 13.31 57.22
N ALA P 25 44.55 12.73 57.87
CA ALA P 25 44.71 12.90 59.30
C ALA P 25 45.13 14.32 59.65
N GLY P 26 45.98 14.92 58.80
CA GLY P 26 46.40 16.28 59.05
C GLY P 26 45.29 17.30 58.81
N ASP P 27 44.42 17.04 57.85
CA ASP P 27 43.37 17.98 57.48
C ASP P 27 42.00 17.30 57.49
N PRO P 28 41.11 17.67 58.41
CA PRO P 28 39.71 17.22 58.29
C PRO P 28 39.05 17.62 56.99
N VAL P 29 39.16 18.89 56.59
CA VAL P 29 38.62 19.39 55.34
C VAL P 29 39.70 20.24 54.67
N SER P 30 40.19 19.78 53.51
CA SER P 30 41.14 20.54 52.73
C SER P 30 41.17 19.99 51.31
N GLY P 31 41.91 20.68 50.44
CA GLY P 31 42.11 20.22 49.08
C GLY P 31 43.10 19.10 48.92
N GLU P 32 43.88 18.81 49.97
CA GLU P 32 44.76 17.65 49.92
C GLU P 32 44.00 16.35 50.10
N CYS P 33 42.91 16.36 50.87
CA CYS P 33 42.08 15.17 51.00
C CYS P 33 41.44 14.80 49.66
N VAL P 34 40.82 15.78 48.99
CA VAL P 34 40.16 15.50 47.71
C VAL P 34 41.18 15.09 46.66
N ALA P 35 42.44 15.51 46.82
CA ALA P 35 43.49 15.01 45.95
C ALA P 35 43.79 13.54 46.26
N ALA P 36 43.87 13.20 47.55
CA ALA P 36 44.18 11.84 47.94
C ALA P 36 43.05 10.88 47.59
N TRP P 37 41.80 11.30 47.78
CA TRP P 37 40.67 10.42 47.49
C TRP P 37 40.45 10.25 46.00
N ASP P 38 40.77 11.26 45.20
CA ASP P 38 40.61 11.15 43.75
C ASP P 38 41.52 10.07 43.18
N GLU P 39 42.75 9.98 43.68
CA GLU P 39 43.67 8.95 43.23
C GLU P 39 43.17 7.56 43.58
N VAL P 40 42.81 7.36 44.86
CA VAL P 40 42.30 6.06 45.33
C VAL P 40 41.10 5.62 44.51
N GLU P 41 40.23 6.57 44.14
CA GLU P 41 39.09 6.24 43.28
C GLU P 41 39.54 5.75 41.91
N GLU P 42 40.56 6.40 41.35
CA GLU P 42 41.05 6.00 40.02
C GLU P 42 41.78 4.67 40.08
N LEU P 43 42.54 4.42 41.14
CA LEU P 43 43.26 3.16 41.26
C LEU P 43 42.32 1.98 41.41
N SER P 44 41.23 2.16 42.17
CA SER P 44 40.27 1.08 42.38
C SER P 44 39.55 0.72 41.09
N ALA P 45 39.17 1.71 40.29
CA ALA P 45 38.59 1.44 38.98
C ALA P 45 39.62 0.80 38.05
N ALA P 46 40.89 1.17 38.19
CA ALA P 46 41.94 0.56 37.37
C ALA P 46 42.12 -0.91 37.72
N ALA P 47 42.09 -1.23 39.02
CA ALA P 47 42.17 -2.63 39.43
C ALA P 47 40.95 -3.42 38.98
N SER P 48 39.79 -2.76 38.87
CA SER P 48 38.58 -3.45 38.46
C SER P 48 38.66 -3.88 36.99
N HIS P 49 39.17 -3.02 36.12
CA HIS P 49 39.26 -3.41 34.71
C HIS P 49 40.35 -4.46 34.50
N ALA P 50 41.42 -4.42 35.29
CA ALA P 50 42.42 -5.48 35.22
C ALA P 50 41.86 -6.79 35.75
N ARG P 51 40.99 -6.73 36.76
CA ARG P 51 40.34 -7.92 37.28
C ARG P 51 39.40 -8.52 36.24
N ASP P 52 38.66 -7.68 35.53
CA ASP P 52 37.73 -8.17 34.51
C ASP P 52 38.47 -8.81 33.35
N LYS P 53 39.57 -8.20 32.91
CA LYS P 53 40.31 -8.75 31.78
C LYS P 53 41.02 -10.04 32.14
N LYS P 54 41.45 -10.19 33.39
CA LYS P 54 42.04 -11.45 33.83
C LYS P 54 41.00 -12.56 33.84
N LYS P 55 39.80 -12.26 34.35
CA LYS P 55 38.71 -13.25 34.35
C LYS P 55 38.28 -13.60 32.93
N ALA P 56 38.23 -12.60 32.05
CA ALA P 56 37.74 -12.83 30.68
C ALA P 56 38.68 -13.74 29.90
N ASP P 57 39.99 -13.68 30.16
CA ASP P 57 40.93 -14.53 29.44
C ASP P 57 40.90 -15.96 29.94
N GLY P 58 40.63 -16.16 31.23
CA GLY P 58 40.72 -17.49 31.82
C GLY P 58 39.73 -18.49 31.25
N SER P 59 38.56 -18.00 30.83
CA SER P 59 37.55 -18.91 30.27
C SER P 59 37.91 -19.32 28.85
N ASP P 60 38.48 -18.40 28.07
CA ASP P 60 38.81 -18.63 26.66
C ASP P 60 40.22 -18.16 26.40
N PRO P 61 41.23 -18.99 26.71
CA PRO P 61 42.60 -18.60 26.38
C PRO P 61 42.89 -18.60 24.89
N LEU P 62 42.14 -19.37 24.11
CA LEU P 62 42.50 -19.57 22.70
C LEU P 62 42.24 -18.32 21.87
N GLU P 63 41.16 -17.60 22.15
CA GLU P 63 40.88 -16.38 21.40
C GLU P 63 41.97 -15.34 21.62
N GLU P 64 42.61 -15.35 22.79
CA GLU P 64 43.80 -14.54 22.98
C GLU P 64 45.01 -15.16 22.31
N TYR P 65 45.08 -16.48 22.23
CA TYR P 65 46.14 -17.12 21.46
C TYR P 65 45.92 -16.93 19.96
N CYS P 66 44.67 -17.04 19.51
CA CYS P 66 44.36 -16.80 18.10
C CYS P 66 44.52 -15.33 17.71
N LYS P 67 44.57 -14.44 18.70
CA LYS P 67 44.85 -13.04 18.42
C LYS P 67 46.24 -12.86 17.81
N ASP P 68 47.23 -13.57 18.33
CA ASP P 68 48.59 -13.49 17.82
C ASP P 68 48.89 -14.52 16.74
N ASN P 69 48.30 -15.71 16.82
CA ASN P 69 48.53 -16.76 15.83
C ASN P 69 47.20 -17.18 15.23
N PRO P 70 46.81 -16.66 14.06
CA PRO P 70 45.59 -17.11 13.41
C PRO P 70 45.76 -18.20 12.36
N GLU P 71 46.99 -18.64 12.05
CA GLU P 71 47.19 -19.65 11.03
C GLU P 71 47.22 -21.08 11.56
N THR P 72 47.34 -21.25 12.88
CA THR P 72 47.44 -22.59 13.45
C THR P 72 46.11 -23.33 13.34
N ASN P 73 46.17 -24.65 13.53
CA ASN P 73 45.01 -25.50 13.32
C ASN P 73 43.85 -25.15 14.24
N GLU P 74 44.14 -24.69 15.46
CA GLU P 74 43.08 -24.32 16.38
C GLU P 74 42.39 -23.02 16.01
N CYS P 75 43.05 -22.16 15.23
CA CYS P 75 42.61 -20.77 15.09
C CYS P 75 41.97 -20.44 13.76
N ARG P 76 42.18 -21.27 12.72
CA ARG P 76 41.64 -20.95 11.40
C ARG P 76 40.12 -20.90 11.43
N THR P 77 39.56 -19.80 10.94
CA THR P 77 38.12 -19.64 10.76
C THR P 77 37.91 -19.08 9.37
N TYR P 78 37.82 -19.97 8.38
CA TYR P 78 37.41 -19.60 7.05
C TYR P 78 35.90 -19.64 6.98
N ASP P 79 35.31 -18.69 6.26
CA ASP P 79 33.91 -18.82 5.90
C ASP P 79 33.81 -19.63 4.61
N ASN P 80 32.60 -20.12 4.35
CA ASN P 80 32.24 -20.87 3.13
C ASN P 80 33.35 -21.77 2.54
PA NAD Q . 44.09 -23.02 3.15
O1A NAD Q . 43.90 -23.74 4.46
O2A NAD Q . 44.31 -23.80 1.88
O5B NAD Q . 45.28 -21.96 3.33
C5B NAD Q . 46.46 -22.30 4.06
C4B NAD Q . 47.67 -21.62 3.43
O4B NAD Q . 47.84 -20.29 3.92
C3B NAD Q . 48.95 -22.36 3.76
O3B NAD Q . 49.43 -23.05 2.61
C2B NAD Q . 49.94 -21.32 4.22
O2B NAD Q . 51.11 -21.37 3.39
C1B NAD Q . 49.24 -19.99 4.02
N9A NAD Q . 49.53 -19.07 5.15
C8A NAD Q . 48.99 -19.13 6.39
N7A NAD Q . 49.48 -18.13 7.18
C5A NAD Q . 50.36 -17.42 6.44
C6A NAD Q . 51.22 -16.24 6.66
N6A NAD Q . 51.24 -15.60 7.86
N1A NAD Q . 51.97 -15.80 5.63
C2A NAD Q . 51.94 -16.42 4.43
N3A NAD Q . 51.18 -17.49 4.16
C4A NAD Q . 50.38 -18.04 5.10
O3 NAD Q . 42.83 -22.04 2.94
PN NAD Q . 42.46 -21.45 1.49
O1N NAD Q . 41.34 -22.28 0.90
O2N NAD Q . 43.73 -21.24 0.72
O5D NAD Q . 41.87 -20.03 1.91
C5D NAD Q . 41.62 -18.98 0.97
C4D NAD Q . 40.82 -17.89 1.67
O4D NAD Q . 39.72 -17.50 0.84
C3D NAD Q . 40.24 -18.43 2.97
O3D NAD Q . 40.53 -17.53 4.04
C2D NAD Q . 38.74 -18.48 2.77
O2D NAD Q . 38.09 -17.78 3.84
C1D NAD Q . 38.46 -17.78 1.46
N1N NAD Q . 37.71 -18.65 0.56
C2N NAD Q . 37.99 -19.96 0.53
C3N NAD Q . 37.30 -20.81 -0.33
C7N NAD Q . 37.62 -22.27 -0.37
O7N NAD Q . 38.48 -22.72 0.38
N7N NAD Q . 36.96 -23.04 -1.23
C4N NAD Q . 36.32 -20.28 -1.17
C5N NAD Q . 36.06 -18.92 -1.11
C6N NAD Q . 36.79 -18.12 -0.24
PA NAD R . 28.96 -53.15 -12.54
O1A NAD R . 29.24 -51.67 -12.71
O2A NAD R . 28.02 -53.61 -11.45
O5B NAD R . 28.41 -53.73 -13.93
C5B NAD R . 27.08 -54.27 -13.97
C4B NAD R . 26.46 -54.00 -15.33
O4B NAD R . 26.24 -55.23 -16.02
C3B NAD R . 25.11 -53.33 -15.14
O3B NAD R . 25.06 -52.09 -15.86
C2B NAD R . 24.09 -54.30 -15.71
O2B NAD R . 23.14 -53.60 -16.48
C1B NAD R . 24.93 -55.24 -16.57
N9A NAD R . 24.35 -56.61 -16.60
C8A NAD R . 24.28 -57.47 -15.56
N7A NAD R . 23.69 -58.63 -15.93
C5A NAD R . 23.38 -58.53 -17.23
C6A NAD R . 22.74 -59.40 -18.24
N6A NAD R . 22.31 -60.64 -17.93
N1A NAD R . 22.60 -58.90 -19.50
C2A NAD R . 23.02 -57.68 -19.83
N3A NAD R . 23.62 -56.83 -18.95
C4A NAD R . 23.81 -57.20 -17.67
O3 NAD R . 30.35 -53.92 -12.39
PN NAD R . 31.69 -53.41 -13.12
O1N NAD R . 31.35 -52.97 -14.52
O2N NAD R . 32.44 -52.50 -12.18
O5D NAD R . 32.47 -54.81 -13.24
C5D NAD R . 32.10 -55.68 -14.30
C4D NAD R . 32.99 -56.92 -14.29
O4D NAD R . 34.31 -56.57 -14.71
C3D NAD R . 33.11 -57.51 -12.89
O3D NAD R . 32.24 -58.63 -12.74
C2D NAD R . 34.56 -57.93 -12.76
O2D NAD R . 34.64 -59.36 -12.84
C1D NAD R . 35.27 -57.32 -13.96
N1N NAD R . 36.34 -56.43 -13.52
C2N NAD R . 36.06 -55.38 -12.72
C3N NAD R . 37.07 -54.54 -12.31
C7N NAD R . 36.80 -53.35 -11.43
O7N NAD R . 35.64 -52.99 -11.26
N7N NAD R . 37.83 -52.72 -10.86
C4N NAD R . 38.37 -54.78 -12.71
C5N NAD R . 38.64 -55.87 -13.53
C6N NAD R . 37.59 -56.69 -13.92
PA NAD S . 16.75 -51.90 3.10
O1A NAD S . 17.71 -51.99 4.25
O2A NAD S . 17.22 -51.40 1.74
O5B NAD S . 16.02 -53.18 2.87
C5B NAD S . 16.64 -54.22 2.25
C4B NAD S . 16.08 -55.35 3.08
O4B NAD S . 14.89 -55.76 2.51
C3B NAD S . 17.05 -56.45 2.87
O3B NAD S . 17.00 -57.33 3.95
C2B NAD S . 16.37 -57.07 1.75
O2B NAD S . 17.09 -58.27 1.46
C1B NAD S . 14.95 -57.11 2.23
N9A NAD S . 14.03 -57.29 1.14
C8A NAD S . 14.07 -56.61 0.04
N7A NAD S . 13.12 -57.00 -0.78
C5A NAD S . 12.45 -57.94 -0.20
C6A NAD S . 11.34 -58.77 -0.52
N6A NAD S . 10.68 -58.71 -1.63
N1A NAD S . 10.96 -59.65 0.35
C2A NAD S . 11.57 -59.77 1.51
N3A NAD S . 12.58 -59.04 1.85
C4A NAD S . 13.06 -58.13 1.05
O3 NAD S . 15.49 -51.02 3.55
PN NAD S . 15.69 -49.79 4.57
O1N NAD S . 15.75 -50.41 5.78
O2N NAD S . 16.75 -49.14 4.01
O5D NAD S . 14.44 -49.02 4.41
C5D NAD S . 13.26 -49.68 4.56
C4D NAD S . 12.10 -48.75 4.34
O4D NAD S . 12.23 -47.71 5.19
C3D NAD S . 12.09 -48.01 3.11
O3D NAD S . 10.75 -48.18 2.99
C2D NAD S . 12.39 -46.59 3.43
O2D NAD S . 11.63 -45.69 2.72
C1D NAD S . 11.86 -46.47 4.75
N1N NAD S . 12.68 -45.72 5.59
C2N NAD S . 13.97 -45.66 5.41
C3N NAD S . 14.79 -44.99 6.29
C7N NAD S . 16.23 -44.86 6.10
O7N NAD S . 16.99 -45.37 6.81
N7N NAD S . 16.73 -44.20 5.13
C4N NAD S . 14.23 -44.38 7.32
C5N NAD S . 12.88 -44.47 7.51
C6N NAD S . 12.13 -45.18 6.63
PA NAD T . 45.93 -34.63 18.71
O1A NAD T . 47.16 -34.14 17.99
O2A NAD T . 44.60 -34.76 18.00
O5B NAD T . 45.74 -33.69 19.99
C5B NAD T . 46.87 -33.25 20.75
C4B NAD T . 46.39 -32.14 21.67
O4B NAD T . 47.49 -31.64 22.44
C3B NAD T . 45.83 -31.00 20.86
O3B NAD T . 44.45 -30.79 21.20
C2B NAD T . 46.66 -29.79 21.22
O2B NAD T . 45.81 -28.68 21.54
C1B NAD T . 47.46 -30.22 22.44
N9A NAD T . 48.85 -29.68 22.36
C8A NAD T . 49.64 -29.68 21.26
N7A NAD T . 50.84 -29.10 21.53
C5A NAD T . 50.83 -28.74 22.83
C6A NAD T . 51.78 -28.09 23.76
N6A NAD T . 53.01 -27.71 23.36
N1A NAD T . 51.37 -27.89 25.04
C2A NAD T . 50.14 -28.27 25.45
N3A NAD T . 49.24 -28.86 24.67
C4A NAD T . 49.51 -29.12 23.37
O3 NAD T . 46.23 -36.04 19.42
PN NAD T . 46.79 -37.28 18.57
O1N NAD T . 45.75 -38.37 18.48
O2N NAD T . 47.45 -36.79 17.29
O5D NAD T . 47.96 -37.82 19.50
C5D NAD T . 49.08 -38.32 18.80
C4D NAD T . 50.29 -38.24 19.69
O4D NAD T . 50.30 -39.39 20.53
C3D NAD T . 51.51 -38.33 18.79
O3D NAD T . 52.09 -37.05 18.54
C2D NAD T . 52.42 -39.25 19.57
O2D NAD T . 53.10 -38.50 20.58
C1D NAD T . 51.44 -40.19 20.25
N1N NAD T . 51.05 -41.27 19.34
C2N NAD T . 49.79 -41.75 19.41
C3N NAD T . 49.38 -42.76 18.54
C7N NAD T . 47.98 -43.29 18.63
O7N NAD T . 47.68 -44.00 19.58
N7N NAD T . 47.11 -42.97 17.67
C4N NAD T . 50.26 -43.26 17.59
C5N NAD T . 51.55 -42.74 17.54
C6N NAD T . 51.91 -41.74 18.42
PA NAD U . -24.61 51.11 -21.13
O1A NAD U . -23.70 51.68 -20.06
O2A NAD U . -25.57 50.00 -20.79
O5B NAD U . -23.70 50.60 -22.35
C5B NAD U . -22.64 51.42 -22.84
C4B NAD U . -21.98 50.69 -23.98
O4B NAD U . -21.37 51.63 -24.87
C3B NAD U . -20.89 49.75 -23.47
O3B NAD U . -21.28 48.39 -23.69
C2B NAD U . -19.66 50.09 -24.28
O2B NAD U . -19.13 48.91 -24.89
C1B NAD U . -20.14 51.08 -25.33
N9A NAD U . -19.12 52.13 -25.58
C8A NAD U . -18.39 52.76 -24.66
N7A NAD U . -17.55 53.66 -25.23
C5A NAD U . -17.75 53.61 -26.56
C6A NAD U . -17.19 54.29 -27.76
N6A NAD U . -16.24 55.24 -27.64
N1A NAD U . -17.68 53.93 -28.96
C2A NAD U . -18.64 52.99 -29.09
N3A NAD U . -19.18 52.33 -28.06
C4A NAD U . -18.78 52.59 -26.79
O3 NAD U . -25.39 52.31 -21.85
PN NAD U . -26.75 52.93 -21.24
O1N NAD U . -27.90 52.08 -21.66
O2N NAD U . -26.52 53.24 -19.78
O5D NAD U . -26.84 54.32 -22.06
C5D NAD U . -28.10 54.77 -22.53
C4D NAD U . -28.01 56.16 -23.13
O4D NAD U . -29.35 56.63 -23.28
C3D NAD U . -27.36 57.09 -22.12
O3D NAD U . -26.78 58.19 -22.83
C2D NAD U . -28.51 57.61 -21.29
O2D NAD U . -28.31 59.00 -21.02
C1D NAD U . -29.74 57.40 -22.15
N1N NAD U . -30.76 56.61 -21.46
C2N NAD U . -30.54 56.19 -20.21
C3N NAD U . -31.49 55.42 -19.55
C7N NAD U . -31.21 54.98 -18.15
O7N NAD U . -30.33 55.54 -17.53
N7N NAD U . -31.93 53.98 -17.63
C4N NAD U . -32.67 55.08 -20.18
C5N NAD U . -32.88 55.53 -21.48
C6N NAD U . -31.89 56.28 -22.11
PA NAD V . -46.34 29.38 0.00
O1A NAD V . -45.88 30.00 1.30
O2A NAD V . -46.24 30.15 -1.28
O5B NAD V . -47.85 28.87 0.23
C5B NAD V . -48.73 29.63 1.06
C4B NAD V . -50.13 29.48 0.49
O4B NAD V . -50.70 28.23 0.90
C3B NAD V . -51.06 30.56 0.99
O3B NAD V . -51.12 31.63 0.04
C2B NAD V . -52.40 29.87 1.11
O2B NAD V . -53.11 30.11 -0.10
C1B NAD V . -52.09 28.39 1.19
N9A NAD V . -52.35 27.87 2.56
C8A NAD V . -51.54 28.04 3.61
N7A NAD V . -52.06 27.46 4.73
C5A NAD V . -53.24 26.91 4.38
C6A NAD V . -54.30 26.14 5.08
N6A NAD V . -54.20 25.85 6.40
N1A NAD V . -55.37 25.76 4.35
C2A NAD V . -55.48 26.04 3.04
N3A NAD V . -54.56 26.73 2.35
C4A NAD V . -53.43 27.18 2.95
O3 NAD V . -45.58 27.98 -0.18
PN NAD V . -45.12 27.45 -1.63
O1N NAD V . -46.31 27.48 -2.56
O2N NAD V . -43.84 28.16 -2.01
O5D NAD V . -44.79 25.92 -1.29
C5D NAD V . -45.76 24.90 -1.48
C4D NAD V . -45.15 23.57 -1.07
O4D NAD V . -44.40 23.06 -2.16
C3D NAD V . -44.20 23.76 0.11
O3D NAD V . -44.59 22.93 1.20
C2D NAD V . -42.84 23.32 -0.38
O2D NAD V . -42.28 22.36 0.51
C1D NAD V . -43.09 22.68 -1.74
N1N NAD V . -42.10 23.14 -2.71
C2N NAD V . -41.89 24.46 -2.88
C3N NAD V . -40.96 24.90 -3.81
C7N NAD V . -40.70 26.38 -3.99
O7N NAD V . -41.60 27.17 -3.78
N7N NAD V . -39.48 26.77 -4.35
C4N NAD V . -40.25 23.98 -4.57
C5N NAD V . -40.51 22.63 -4.39
C6N NAD V . -41.45 22.24 -3.44
PA NAD W . -42.21 42.77 13.65
O1A NAD W . -43.08 42.24 12.53
O2A NAD W . -40.76 43.06 13.41
O5B NAD W . -42.35 41.76 14.89
C5B NAD W . -43.58 41.69 15.60
C4B NAD W . -43.35 40.83 16.85
O4B NAD W . -44.47 40.90 17.71
C3B NAD W . -43.14 39.37 16.47
O3B NAD W . -41.80 38.99 16.77
C2B NAD W . -44.12 38.60 17.31
O2B NAD W . -43.45 37.54 18.00
C1B NAD W . -44.69 39.60 18.29
N9A NAD W . -46.14 39.36 18.53
C8A NAD W . -47.10 39.31 17.60
N7A NAD W . -48.31 39.06 18.17
C5A NAD W . -48.12 38.95 19.49
C6A NAD W . -48.98 38.69 20.67
N6A NAD W . -50.31 38.50 20.55
N1A NAD W . -48.37 38.65 21.89
C2A NAD W . -47.05 38.84 22.03
N3A NAD W . -46.22 39.08 21.00
C4A NAD W . -46.68 39.14 19.73
O3 NAD W . -42.91 44.06 14.28
PN NAD W . -42.21 45.51 14.24
O1N NAD W . -40.99 45.46 15.12
O2N NAD W . -42.12 45.99 12.81
O5D NAD W . -43.34 46.37 15.00
C5D NAD W . -44.50 46.75 14.27
C4D NAD W . -45.25 47.84 15.02
O4D NAD W . -44.32 48.88 15.31
C3D NAD W . -46.29 48.40 14.07
O3D NAD W . -47.44 48.79 14.83
C2D NAD W . -45.64 49.61 13.46
O2D NAD W . -46.61 50.66 13.28
C1D NAD W . -44.60 50.03 14.50
N1N NAD W . -43.36 50.53 13.91
C2N NAD W . -42.84 49.98 12.81
C3N NAD W . -41.65 50.46 12.27
C7N NAD W . -41.06 49.87 11.03
O7N NAD W . -40.73 48.70 11.03
N7N NAD W . -40.91 50.66 9.96
C4N NAD W . -41.01 51.53 12.89
C5N NAD W . -41.57 52.07 14.02
C6N NAD W . -42.74 51.55 14.53
PA NAD X . -11.93 47.64 -6.79
O1A NAD X . -12.95 47.75 -5.70
O2A NAD X . -12.38 47.26 -8.17
O5B NAD X . -11.14 49.04 -6.88
C5B NAD X . -10.34 49.32 -8.01
C4B NAD X . -9.55 50.59 -7.71
O4B NAD X . -8.20 50.46 -8.15
C3B NAD X . -10.15 51.79 -8.41
O3B NAD X . -10.88 52.60 -7.47
C2B NAD X . -8.97 52.55 -8.98
O2B NAD X . -8.90 53.85 -8.38
C1B NAD X . -7.74 51.74 -8.59
N9A NAD X . -6.86 51.60 -9.79
C8A NAD X . -7.18 50.99 -10.94
N7A NAD X . -6.16 51.03 -11.82
C5A NAD X . -5.15 51.71 -11.23
C6A NAD X . -3.77 52.11 -11.60
N6A NAD X . -3.26 51.81 -12.81
N1A NAD X . -3.04 52.79 -10.68
C2A NAD X . -3.54 53.10 -9.48
N3A NAD X . -4.78 52.76 -9.07
C4A NAD X . -5.62 52.07 -9.88
O3 NAD X . -10.74 46.68 -6.32
PN NAD X . -10.91 45.55 -5.17
O1N NAD X . -10.57 46.16 -3.84
O2N NAD X . -12.24 44.86 -5.38
O5D NAD X . -9.72 44.54 -5.57
C5D NAD X . -8.37 44.92 -5.29
C4D NAD X . -7.42 43.73 -5.32
O4D NAD X . -7.73 42.84 -4.24
C3D NAD X . -7.55 42.91 -6.61
O3D NAD X . -6.25 42.65 -7.13
C2D NAD X . -8.16 41.59 -6.18
O2D NAD X . -7.63 40.52 -6.95
C1D NAD X . -7.74 41.50 -4.73
N1N NAD X . -8.67 40.70 -3.95
C2N NAD X . -9.69 41.29 -3.33
C3N NAD X . -10.58 40.55 -2.58
C7N NAD X . -11.72 41.22 -1.88
O7N NAD X . -12.30 42.14 -2.41
N7N NAD X . -12.05 40.79 -0.67
C4N NAD X . -10.39 39.18 -2.46
C5N NAD X . -9.33 38.58 -3.13
C6N NAD X . -8.47 39.37 -3.87
#